data_8GJE
#
_entry.id   8GJE
#
_cell.length_a   1.00
_cell.length_b   1.00
_cell.length_c   1.00
_cell.angle_alpha   90.00
_cell.angle_beta   90.00
_cell.angle_gamma   90.00
#
_symmetry.space_group_name_H-M   'P 1'
#
loop_
_entity.id
_entity.type
_entity.pdbx_description
1 polymer 'CZA97.12 SOSIP.664 Envelope glycoprotein gp120'
2 polymer 'CZA97.12 SOSIP.664 Envelope glycoprotein gp41'
3 polymer '3BNC117 Fab heavy chain'
4 polymer '3BNC117 kappa light chain'
5 branched 2-acetamido-2-deoxy-beta-D-glucopyranose-(1-4)-2-acetamido-2-deoxy-beta-D-glucopyranose
6 branched beta-D-mannopyranose-(1-4)-2-acetamido-2-deoxy-beta-D-glucopyranose-(1-4)-[alpha-L-fucopyranose-(1-6)]2-acetamido-2-deoxy-beta-D-glucopyranose
7 branched alpha-D-mannopyranose-(1-2)-alpha-D-mannopyranose-(1-2)-alpha-D-mannopyranose-(1-3)-[alpha-D-mannopyranose-(1-3)-[alpha-D-mannopyranose-(1-6)]alpha-D-mannopyranose-(1-6)]beta-D-mannopyranose-(1-4)-2-acetamido-2-deoxy-beta-D-glucopyranose-(1-4)-2-acetamido-2-deoxy-beta-D-glucopyranose
8 branched alpha-D-mannopyranose-(1-3)-[alpha-D-mannopyranose-(1-6)]alpha-D-mannopyranose-(1-6)-[alpha-D-mannopyranose-(1-3)]beta-D-mannopyranose-(1-4)-2-acetamido-2-deoxy-beta-D-glucopyranose-(1-4)-2-acetamido-2-deoxy-beta-D-glucopyranose
9 non-polymer 2-acetamido-2-deoxy-beta-D-glucopyranose
#
loop_
_entity_poly.entity_id
_entity_poly.type
_entity_poly.pdbx_seq_one_letter_code
_entity_poly.pdbx_strand_id
1 'polypeptide(L)'
;MDAMKRGLCCVLLLCGAVFVSPSQEIHARFRRGARVGNMWVTVYYGVPVWTDAKTTLFCASDTKAYDREVHNVWATHACV
PTDPNPQEIVLENVTENFNMWKNDMVDQMHEDIISLWDQSLKPCVKLTPLCVTLHCTNATFKNNVTNDMNKEIRNCSFNT
TTEIRDKKQQGYALFYRPDIVLLKENRNNSNNSEYILINCNASTITQACPKVNFDPIPIHYCAPAGYAILKCNNKTFSGK
GPCNNVSTVQCTHGIKPVVSTQLLLNGSLAEKEIIIRSENLTDNVKTIIVHLNKSVEIVCTRPNNNTRKSMRIGPGQTFY
ATGDIIGDIRQAYCNISGSKWNETLKRVKEKLQENYNNNKTIKFAPSSGGDLEITTHSFNCRGEFFYCNTTRLFNNNATE
DETITLPCRIKQIINMWQGVGRAMYAPPIAGNITCKSNITGLLLVRDGGEDNKTEEIFRPGGGNMKDNWRSELYKYKVIE
LKPLGIAPTGCKRRVVERRRRRR
;
A,C,D
2 'polypeptide(L)'
;AVGIGAVFLGFLGAAGSTMGAASMTLTVQARQLLSSIVQQQSNLLRAPEAQQHMLKLTVWGIKQLQTRVLAIERYLKDQQ
LLGIWGCSGKLICCTNVPWNSSWSNKSQTDIWNNMTWMEWDREISNYTDTIYRLLEDSQTQQEKNEKDLLALD
;
B,E,F
3 'polypeptide(L)'
;QVQLLQSGAAVTKPGASVRVSCEASGYNIRDYFIHWWRQAPGQGLQWVGWINPKTGQPNNPRQFQGRVSLTRHASWDFDT
YSFYMDLKALRSDDTAVYFCARQRSDYWDFDVWGSGTQVTVSSASTKGPSVFPLAPSSKSTSGGTAALGCLVKDYFPEPV
TVSWNSGALTSGVHTFPAVLQSSGLYSLSSVVTVPSSSLGTQTYICNVNHKPSNTKVDKKVEPKSC
;
H,G,I
4 'polypeptide(L)'
;DIQMTQSPSSLSASVGDTVTITCQANGYLNWYQQRRGKAPKLLIYDGSKLERGVPSRFSGRRWGQEYNLTINNLQPEDIA
TYFCQVYEFVVPGTRLDLKRTVAAPSVFIFPPSDEQLKSGTASVVCLLNNFYPREAKVQWKVDNALQSGNSQESVTEQDS
KDSTYSLSSTLTLSKADYEKHKVYACEVTHQGLSSPVTKSFNRGEC
;
L,J,K
#
loop_
_chem_comp.id
_chem_comp.type
_chem_comp.name
_chem_comp.formula
BMA D-saccharide, beta linking beta-D-mannopyranose 'C6 H12 O6'
FUC L-saccharide, alpha linking alpha-L-fucopyranose 'C6 H12 O5'
MAN D-saccharide, alpha linking alpha-D-mannopyranose 'C6 H12 O6'
NAG D-saccharide, beta linking 2-acetamido-2-deoxy-beta-D-glucopyranose 'C8 H15 N O6'
#
# COMPACT_ATOMS: atom_id res chain seq x y z
N ASN A 38 -2.67 -53.09 27.22
CA ASN A 38 -3.17 -51.88 27.86
C ASN A 38 -3.56 -50.87 26.78
N MET A 39 -4.08 -49.71 27.19
CA MET A 39 -4.51 -48.68 26.26
C MET A 39 -3.35 -47.74 25.92
N TRP A 40 -3.30 -47.30 24.67
CA TRP A 40 -2.26 -46.44 24.15
C TRP A 40 -2.89 -45.22 23.48
N VAL A 41 -2.15 -44.10 23.52
CA VAL A 41 -2.57 -42.86 22.86
C VAL A 41 -2.43 -43.02 21.35
N THR A 42 -3.47 -42.65 20.61
CA THR A 42 -3.44 -42.63 19.16
C THR A 42 -3.85 -41.25 18.68
N VAL A 43 -3.09 -40.70 17.72
CA VAL A 43 -3.31 -39.37 17.19
C VAL A 43 -4.08 -39.49 15.88
N TYR A 44 -5.13 -38.69 15.75
CA TYR A 44 -5.99 -38.64 14.57
C TYR A 44 -5.93 -37.23 14.02
N TYR A 45 -5.56 -37.11 12.74
CA TYR A 45 -5.46 -35.82 12.07
C TYR A 45 -6.55 -35.74 11.02
N GLY A 46 -7.35 -34.69 11.09
CA GLY A 46 -8.51 -34.51 10.25
C GLY A 46 -9.80 -34.71 11.02
N VAL A 47 -9.77 -34.54 12.33
CA VAL A 47 -10.93 -34.77 13.19
C VAL A 47 -11.98 -33.68 12.95
N PRO A 48 -13.27 -34.02 12.69
CA PRO A 48 -14.28 -32.99 12.40
C PRO A 48 -14.78 -32.23 13.63
N VAL A 49 -13.89 -31.45 14.27
CA VAL A 49 -14.24 -30.60 15.40
C VAL A 49 -13.80 -29.18 15.09
N TRP A 50 -14.38 -28.23 15.83
CA TRP A 50 -14.11 -26.82 15.59
C TRP A 50 -14.34 -26.01 16.84
N THR A 51 -13.84 -24.78 16.83
CA THR A 51 -14.10 -23.80 17.88
C THR A 51 -14.57 -22.48 17.26
N ASP A 52 -15.22 -21.66 18.09
CA ASP A 52 -15.60 -20.33 17.65
C ASP A 52 -14.35 -19.48 17.38
N ALA A 53 -14.34 -18.74 16.28
CA ALA A 53 -13.19 -17.92 15.95
C ALA A 53 -13.60 -16.70 15.12
N LYS A 54 -12.73 -15.71 15.13
CA LYS A 54 -12.89 -14.46 14.38
C LYS A 54 -11.83 -14.44 13.29
N THR A 55 -12.24 -14.19 12.04
CA THR A 55 -11.29 -14.15 10.93
C THR A 55 -11.80 -13.19 9.86
N THR A 56 -11.11 -13.17 8.73
CA THR A 56 -11.43 -12.32 7.59
C THR A 56 -11.99 -13.18 6.46
N LEU A 57 -13.12 -12.76 5.91
CA LEU A 57 -13.81 -13.47 4.84
C LEU A 57 -13.55 -12.84 3.48
N PHE A 58 -13.60 -13.68 2.44
CA PHE A 58 -13.43 -13.22 1.07
C PHE A 58 -14.76 -12.77 0.50
N CYS A 59 -14.74 -11.75 -0.36
CA CYS A 59 -15.92 -11.35 -1.12
C CYS A 59 -15.92 -12.07 -2.46
N ALA A 60 -17.11 -12.44 -2.93
CA ALA A 60 -17.27 -13.06 -4.23
C ALA A 60 -18.56 -12.56 -4.86
N SER A 61 -18.57 -12.47 -6.19
CA SER A 61 -19.78 -12.05 -6.89
C SER A 61 -19.76 -12.60 -8.31
N ASP A 62 -20.94 -12.64 -8.91
CA ASP A 62 -21.10 -13.08 -10.28
C ASP A 62 -20.78 -11.94 -11.26
N THR A 63 -20.47 -12.33 -12.50
CA THR A 63 -20.21 -11.38 -13.57
C THR A 63 -21.51 -11.15 -14.35
N VAL A 70 -17.56 1.36 -16.70
CA VAL A 70 -18.38 1.42 -15.50
C VAL A 70 -18.00 0.28 -14.57
N HIS A 71 -17.76 0.61 -13.30
CA HIS A 71 -17.34 -0.38 -12.31
C HIS A 71 -18.14 -0.12 -11.03
N ASN A 72 -19.02 -1.04 -10.67
CA ASN A 72 -19.86 -0.82 -9.50
C ASN A 72 -18.98 -0.75 -8.27
N VAL A 73 -19.34 0.15 -7.34
CA VAL A 73 -18.61 0.18 -6.07
C VAL A 73 -18.81 -1.20 -5.45
N TRP A 74 -17.75 -1.76 -4.86
CA TRP A 74 -17.75 -3.15 -4.35
C TRP A 74 -17.66 -4.07 -5.56
N ALA A 75 -18.00 -5.34 -5.35
CA ALA A 75 -18.21 -6.35 -6.40
C ALA A 75 -17.00 -6.60 -7.32
N THR A 76 -17.18 -6.52 -8.64
CA THR A 76 -16.18 -6.99 -9.61
C THR A 76 -14.86 -6.27 -9.45
N HIS A 77 -14.88 -4.97 -9.13
CA HIS A 77 -13.62 -4.25 -9.09
C HIS A 77 -12.66 -4.88 -8.08
N ALA A 78 -13.16 -5.29 -6.90
CA ALA A 78 -12.30 -6.02 -5.95
C ALA A 78 -13.03 -7.24 -5.37
N CYS A 79 -13.23 -8.28 -6.17
CA CYS A 79 -13.79 -9.55 -5.70
C CYS A 79 -13.38 -10.65 -6.66
N VAL A 80 -13.45 -11.90 -6.18
CA VAL A 80 -13.05 -13.06 -6.97
C VAL A 80 -14.30 -13.75 -7.50
N PRO A 81 -14.19 -14.77 -8.35
CA PRO A 81 -15.39 -15.51 -8.78
C PRO A 81 -16.00 -16.30 -7.64
N THR A 82 -17.32 -16.53 -7.74
CA THR A 82 -18.00 -17.33 -6.75
C THR A 82 -17.74 -18.80 -6.97
N ASP A 83 -18.06 -19.60 -5.96
CA ASP A 83 -17.92 -21.05 -6.05
C ASP A 83 -19.01 -21.59 -6.96
N PRO A 84 -18.70 -22.14 -8.14
CA PRO A 84 -19.77 -22.63 -9.00
C PRO A 84 -20.39 -23.88 -8.41
N ASN A 85 -21.71 -24.01 -8.58
CA ASN A 85 -22.48 -25.13 -8.06
C ASN A 85 -22.14 -25.42 -6.60
N PRO A 86 -22.33 -24.45 -5.70
CA PRO A 86 -21.95 -24.67 -4.31
C PRO A 86 -22.85 -25.71 -3.65
N GLN A 87 -22.26 -26.42 -2.68
CA GLN A 87 -22.96 -27.44 -1.92
C GLN A 87 -23.19 -26.99 -0.48
N GLU A 88 -24.23 -27.55 0.12
CA GLU A 88 -24.59 -27.36 1.52
C GLU A 88 -24.62 -28.75 2.15
N ILE A 89 -23.85 -28.94 3.22
CA ILE A 89 -23.72 -30.24 3.86
C ILE A 89 -24.46 -30.21 5.19
N VAL A 90 -25.50 -31.01 5.30
CA VAL A 90 -26.32 -31.07 6.50
C VAL A 90 -25.55 -31.87 7.55
N LEU A 91 -25.45 -31.33 8.76
CA LEU A 91 -24.77 -32.00 9.87
C LEU A 91 -25.84 -32.59 10.78
N GLU A 92 -26.01 -33.90 10.71
CA GLU A 92 -27.05 -34.54 11.51
C GLU A 92 -26.60 -34.68 12.96
N ASN A 93 -27.57 -34.62 13.86
CA ASN A 93 -27.33 -34.77 15.30
C ASN A 93 -26.31 -33.76 15.82
N VAL A 94 -26.39 -32.52 15.34
CA VAL A 94 -25.51 -31.44 15.78
C VAL A 94 -26.36 -30.27 16.24
N THR A 95 -26.07 -29.75 17.43
CA THR A 95 -26.72 -28.57 17.97
C THR A 95 -25.63 -27.52 18.16
N GLU A 96 -25.88 -26.30 17.70
CA GLU A 96 -24.90 -25.22 17.77
C GLU A 96 -25.58 -23.94 18.24
N ASN A 97 -24.93 -23.24 19.15
CA ASN A 97 -25.42 -21.98 19.71
C ASN A 97 -25.03 -20.82 18.79
N PHE A 98 -26.02 -20.16 18.19
CA PHE A 98 -25.75 -19.00 17.34
C PHE A 98 -26.32 -17.76 18.01
N ASN A 99 -25.51 -16.70 18.09
CA ASN A 99 -25.95 -15.39 18.54
C ASN A 99 -25.79 -14.45 17.36
N MET A 100 -26.89 -13.90 16.85
CA MET A 100 -26.78 -12.93 15.76
C MET A 100 -26.08 -11.65 16.22
N TRP A 101 -26.41 -11.21 17.42
CA TRP A 101 -25.98 -9.90 17.90
C TRP A 101 -24.47 -9.77 18.03
N LYS A 102 -23.81 -10.84 18.48
CA LYS A 102 -22.37 -10.81 18.75
C LYS A 102 -21.56 -11.34 17.58
N ASN A 103 -22.19 -11.59 16.44
CA ASN A 103 -21.50 -12.11 15.28
C ASN A 103 -20.44 -11.10 14.85
N ASP A 104 -19.28 -11.59 14.42
CA ASP A 104 -18.26 -10.68 13.94
C ASP A 104 -18.51 -10.25 12.51
N MET A 105 -19.15 -11.11 11.69
CA MET A 105 -19.36 -10.82 10.27
C MET A 105 -20.00 -9.46 10.04
N VAL A 106 -20.76 -8.96 11.02
CA VAL A 106 -21.43 -7.68 10.88
C VAL A 106 -20.43 -6.55 10.90
N ASP A 107 -19.48 -6.60 11.83
CA ASP A 107 -18.46 -5.56 11.91
C ASP A 107 -17.58 -5.59 10.67
N GLN A 108 -17.28 -6.79 10.16
CA GLN A 108 -16.45 -6.90 8.97
C GLN A 108 -17.18 -6.31 7.77
N MET A 109 -18.47 -6.62 7.64
CA MET A 109 -19.23 -6.07 6.53
C MET A 109 -19.34 -4.55 6.64
N HIS A 110 -19.52 -4.03 7.86
CA HIS A 110 -19.61 -2.60 8.05
C HIS A 110 -18.32 -1.92 7.63
N GLU A 111 -17.19 -2.49 8.04
CA GLU A 111 -15.91 -1.86 7.74
C GLU A 111 -15.66 -1.92 6.24
N ASP A 112 -15.92 -3.06 5.62
CA ASP A 112 -15.64 -3.20 4.20
C ASP A 112 -16.49 -2.24 3.40
N ILE A 113 -17.78 -2.11 3.75
CA ILE A 113 -18.65 -1.24 2.97
C ILE A 113 -18.18 0.20 3.09
N ILE A 114 -17.82 0.62 4.31
CA ILE A 114 -17.38 2.01 4.50
C ILE A 114 -16.13 2.25 3.68
N SER A 115 -15.18 1.31 3.74
CA SER A 115 -13.91 1.53 3.07
C SER A 115 -14.13 1.58 1.57
N LEU A 116 -14.94 0.67 1.04
CA LEU A 116 -15.13 0.60 -0.40
C LEU A 116 -15.79 1.89 -0.87
N TRP A 117 -16.75 2.39 -0.08
CA TRP A 117 -17.46 3.59 -0.49
C TRP A 117 -16.48 4.75 -0.55
N ASP A 118 -15.59 4.84 0.45
CA ASP A 118 -14.68 5.96 0.50
C ASP A 118 -13.77 5.91 -0.71
N GLN A 119 -13.28 4.71 -1.06
CA GLN A 119 -12.40 4.64 -2.21
C GLN A 119 -13.18 5.04 -3.45
N SER A 120 -14.42 4.55 -3.57
CA SER A 120 -15.26 4.83 -4.74
C SER A 120 -15.48 6.32 -4.92
N LEU A 121 -15.19 7.12 -3.87
CA LEU A 121 -15.31 8.57 -3.96
C LEU A 121 -13.94 9.25 -4.02
N LYS A 122 -12.86 8.52 -3.76
CA LYS A 122 -11.53 9.14 -3.69
C LYS A 122 -11.12 9.86 -4.98
N PRO A 123 -11.27 9.29 -6.17
CA PRO A 123 -10.84 10.00 -7.39
C PRO A 123 -11.86 10.95 -8.01
N CYS A 124 -12.97 11.24 -7.35
CA CYS A 124 -14.04 12.00 -7.98
C CYS A 124 -13.84 13.49 -7.73
N VAL A 125 -14.51 14.29 -8.57
CA VAL A 125 -14.36 15.74 -8.53
C VAL A 125 -14.81 16.28 -7.19
N LYS A 126 -13.96 17.10 -6.57
CA LYS A 126 -14.25 17.76 -5.31
C LYS A 126 -14.91 19.10 -5.60
N LEU A 127 -15.83 19.51 -4.72
CA LEU A 127 -16.58 20.74 -4.89
C LEU A 127 -16.06 21.88 -4.02
N THR A 128 -14.83 21.78 -3.52
CA THR A 128 -14.23 22.85 -2.73
C THR A 128 -14.35 24.22 -3.40
N PRO A 129 -14.08 24.40 -4.69
CA PRO A 129 -14.22 25.74 -5.28
C PRO A 129 -15.63 26.30 -5.27
N LEU A 130 -16.66 25.50 -5.00
CA LEU A 130 -18.04 25.97 -4.97
C LEU A 130 -18.50 26.41 -3.59
N CYS A 131 -17.66 26.32 -2.56
CA CYS A 131 -18.04 26.75 -1.22
C CYS A 131 -17.79 28.25 -1.14
N VAL A 132 -18.65 28.98 -1.85
CA VAL A 132 -18.56 30.42 -2.05
C VAL A 132 -19.90 31.04 -1.70
N THR A 133 -19.90 32.38 -1.60
CA THR A 133 -21.14 33.10 -1.37
C THR A 133 -22.11 32.80 -2.51
N LEU A 134 -23.35 32.45 -2.15
CA LEU A 134 -24.43 32.22 -3.09
C LEU A 134 -25.49 33.30 -2.88
N HIS A 135 -26.20 33.65 -3.95
CA HIS A 135 -27.39 34.49 -3.85
C HIS A 135 -28.57 33.67 -4.34
N CYS A 136 -29.41 33.21 -3.42
CA CYS A 136 -30.48 32.27 -3.70
C CYS A 136 -31.82 33.00 -3.65
N THR A 137 -32.54 32.99 -4.77
CA THR A 137 -33.84 33.64 -4.92
C THR A 137 -34.88 32.62 -5.35
N ASN A 138 -36.14 33.05 -5.37
CA ASN A 138 -37.20 32.16 -5.82
C ASN A 138 -36.98 31.78 -7.28
N ALA A 139 -37.04 30.48 -7.56
CA ALA A 139 -36.95 30.04 -8.94
C ALA A 139 -38.22 30.43 -9.66
N THR A 140 -38.09 30.83 -10.93
CA THR A 140 -39.24 31.27 -11.72
C THR A 140 -39.45 30.32 -12.88
N PHE A 141 -40.64 29.73 -12.93
CA PHE A 141 -41.05 28.79 -13.96
C PHE A 141 -42.33 29.33 -14.60
N LYS A 142 -42.61 28.88 -15.82
CA LYS A 142 -43.75 29.35 -16.59
C LYS A 142 -44.96 28.42 -16.56
N ASN A 143 -44.97 27.34 -15.75
CA ASN A 143 -46.08 26.38 -15.84
C ASN A 143 -46.53 25.78 -14.51
N ASN A 144 -47.55 26.40 -13.89
CA ASN A 144 -48.31 25.85 -12.76
C ASN A 144 -47.47 25.25 -11.62
N VAL A 145 -46.56 26.04 -11.07
CA VAL A 145 -45.78 25.54 -9.93
C VAL A 145 -46.58 25.73 -8.66
N THR A 146 -46.76 24.64 -7.91
CA THR A 146 -47.51 24.69 -6.66
C THR A 146 -46.79 25.58 -5.65
N ASN A 147 -47.59 26.22 -4.78
CA ASN A 147 -47.05 27.13 -3.78
C ASN A 147 -46.13 26.44 -2.77
N ASP A 148 -46.21 25.11 -2.64
CA ASP A 148 -45.33 24.42 -1.70
C ASP A 148 -43.91 24.30 -2.26
N MET A 149 -43.79 24.12 -3.57
CA MET A 149 -42.49 23.91 -4.20
C MET A 149 -41.73 25.21 -4.44
N ASN A 150 -42.42 26.35 -4.44
CA ASN A 150 -41.73 27.63 -4.58
C ASN A 150 -40.74 27.87 -3.44
N LYS A 151 -40.94 27.24 -2.29
CA LYS A 151 -40.06 27.41 -1.14
C LYS A 151 -38.97 26.34 -1.07
N GLU A 152 -39.01 25.32 -1.93
CA GLU A 152 -38.06 24.22 -1.90
C GLU A 152 -36.96 24.34 -2.94
N ILE A 153 -37.27 24.81 -4.14
CA ILE A 153 -36.32 24.92 -5.23
C ILE A 153 -35.86 26.37 -5.30
N ARG A 154 -34.57 26.59 -5.04
CA ARG A 154 -33.99 27.92 -4.99
C ARG A 154 -33.02 28.10 -6.15
N ASN A 155 -33.04 29.29 -6.74
CA ASN A 155 -32.19 29.69 -7.86
C ASN A 155 -30.99 30.40 -7.28
N CYS A 156 -29.85 29.71 -7.18
CA CYS A 156 -28.66 30.24 -6.52
C CYS A 156 -27.64 30.65 -7.58
N SER A 157 -27.26 31.93 -7.56
CA SER A 157 -26.25 32.51 -8.43
C SER A 157 -24.92 32.60 -7.69
N PHE A 158 -23.83 32.24 -8.36
CA PHE A 158 -22.53 32.26 -7.69
C PHE A 158 -21.40 32.49 -8.69
N ASN A 159 -20.26 32.96 -8.15
CA ASN A 159 -19.04 33.20 -8.90
C ASN A 159 -18.00 32.14 -8.53
N THR A 160 -17.66 31.28 -9.49
CA THR A 160 -16.71 30.19 -9.25
C THR A 160 -15.61 30.23 -10.31
N THR A 161 -14.72 29.25 -10.26
CA THR A 161 -13.58 29.19 -11.17
C THR A 161 -13.95 28.50 -12.49
N THR A 162 -13.08 28.68 -13.48
CA THR A 162 -13.11 27.99 -14.78
C THR A 162 -11.81 27.23 -14.96
N GLU A 163 -11.66 26.60 -16.12
CA GLU A 163 -10.46 25.83 -16.41
C GLU A 163 -9.27 26.70 -16.83
N ILE A 164 -8.99 27.75 -16.08
CA ILE A 164 -7.79 28.57 -16.23
C ILE A 164 -7.64 29.27 -14.90
N ARG A 165 -6.40 29.43 -14.45
CA ARG A 165 -6.18 29.95 -13.10
C ARG A 165 -6.58 31.40 -12.92
N ASP A 166 -6.53 32.21 -13.98
CA ASP A 166 -6.77 33.66 -13.88
C ASP A 166 -8.16 34.12 -14.29
N LYS A 167 -9.16 33.23 -14.43
CA LYS A 167 -10.50 33.66 -14.81
C LYS A 167 -11.58 33.05 -13.93
N LYS A 168 -12.67 33.81 -13.78
CA LYS A 168 -13.85 33.44 -13.02
C LYS A 168 -15.06 33.33 -13.94
N GLN A 169 -16.08 32.63 -13.46
CA GLN A 169 -17.36 32.48 -14.15
C GLN A 169 -18.47 32.90 -13.21
N GLN A 170 -19.49 33.54 -13.76
CA GLN A 170 -20.72 33.83 -13.05
C GLN A 170 -21.75 32.83 -13.56
N GLY A 171 -22.21 31.93 -12.68
CA GLY A 171 -23.14 30.91 -13.07
C GLY A 171 -24.30 30.80 -12.11
N TYR A 172 -25.10 29.75 -12.27
CA TYR A 172 -26.25 29.56 -11.41
C TYR A 172 -26.63 28.08 -11.42
N ALA A 173 -27.40 27.70 -10.41
CA ALA A 173 -27.95 26.35 -10.37
C ALA A 173 -29.19 26.36 -9.49
N LEU A 174 -30.04 25.35 -9.68
CA LEU A 174 -31.20 25.14 -8.82
C LEU A 174 -30.83 24.13 -7.75
N PHE A 175 -31.10 24.47 -6.50
CA PHE A 175 -30.82 23.60 -5.36
C PHE A 175 -32.06 23.42 -4.50
N TYR A 176 -32.12 22.29 -3.81
CA TYR A 176 -33.20 22.07 -2.87
C TYR A 176 -32.86 22.74 -1.55
N ARG A 177 -33.85 23.40 -0.96
CA ARG A 177 -33.72 24.17 0.28
C ARG A 177 -32.93 23.48 1.38
N PRO A 178 -33.09 22.17 1.63
CA PRO A 178 -32.32 21.54 2.73
C PRO A 178 -30.81 21.62 2.58
N ASP A 179 -30.29 21.88 1.38
CA ASP A 179 -28.86 21.95 1.12
C ASP A 179 -28.30 23.35 1.17
N ILE A 180 -29.10 24.35 1.53
CA ILE A 180 -28.69 25.76 1.54
C ILE A 180 -28.73 26.28 2.97
N VAL A 181 -27.64 26.92 3.40
CA VAL A 181 -27.50 27.49 4.73
C VAL A 181 -27.35 29.01 4.60
N LEU A 182 -28.15 29.75 5.36
CA LEU A 182 -28.17 31.21 5.34
C LEU A 182 -27.06 31.87 6.16
N LEU A 183 -26.45 32.91 5.58
CA LEU A 183 -25.49 33.79 6.23
C LEU A 183 -25.86 35.24 5.95
N LYS A 184 -25.69 36.08 6.97
CA LYS A 184 -25.74 37.55 6.88
C LYS A 184 -26.97 38.04 6.11
N GLU A 185 -28.16 37.65 6.59
CA GLU A 185 -29.40 38.03 5.93
C GLU A 185 -29.46 39.54 5.76
N ASN A 186 -29.74 39.98 4.54
CA ASN A 186 -29.78 41.40 4.19
C ASN A 186 -31.20 41.90 4.35
N ARG A 187 -31.42 42.79 5.32
CA ARG A 187 -32.76 43.27 5.64
C ARG A 187 -33.12 44.53 4.85
N ASN A 188 -32.20 45.03 4.02
CA ASN A 188 -32.42 46.19 3.16
C ASN A 188 -32.90 45.74 1.79
N ASN A 189 -32.35 44.61 1.33
CA ASN A 189 -32.70 44.02 0.03
C ASN A 189 -32.47 42.51 0.22
N SER A 190 -33.57 41.78 0.40
CA SER A 190 -33.49 40.37 0.76
C SER A 190 -32.83 39.52 -0.33
N ASN A 191 -32.71 40.03 -1.55
CA ASN A 191 -32.08 39.27 -2.62
C ASN A 191 -30.56 39.25 -2.52
N ASN A 192 -29.97 40.02 -1.60
CA ASN A 192 -28.53 40.06 -1.40
C ASN A 192 -28.07 39.24 -0.19
N SER A 193 -28.95 38.41 0.39
CA SER A 193 -28.55 37.54 1.48
C SER A 193 -27.54 36.52 0.97
N GLU A 194 -26.65 36.07 1.86
CA GLU A 194 -25.60 35.16 1.46
C GLU A 194 -26.00 33.74 1.85
N TYR A 195 -25.68 32.78 1.00
CA TYR A 195 -25.93 31.38 1.32
C TYR A 195 -24.72 30.53 0.94
N ILE A 196 -24.60 29.38 1.60
CA ILE A 196 -23.58 28.38 1.25
C ILE A 196 -24.21 27.01 1.15
N LEU A 197 -23.47 26.10 0.53
CA LEU A 197 -23.85 24.69 0.53
C LEU A 197 -23.72 24.17 1.96
N ILE A 198 -24.67 23.34 2.38
CA ILE A 198 -24.71 22.88 3.76
C ILE A 198 -23.43 22.13 4.13
N ASN A 199 -22.84 22.53 5.24
CA ASN A 199 -21.62 21.96 5.80
C ASN A 199 -20.40 22.06 4.90
N CYS A 200 -20.38 22.94 3.89
CA CYS A 200 -19.16 23.04 3.10
C CYS A 200 -18.07 23.77 3.89
N ASN A 201 -18.45 24.49 4.96
CA ASN A 201 -17.51 25.17 5.84
C ASN A 201 -16.90 24.24 6.88
N ALA A 202 -17.45 23.03 7.04
CA ALA A 202 -17.00 22.07 8.03
C ALA A 202 -16.09 21.00 7.45
N SER A 203 -16.37 20.55 6.23
CA SER A 203 -15.60 19.50 5.60
C SER A 203 -15.64 19.71 4.09
N THR A 204 -15.11 18.74 3.34
CA THR A 204 -15.03 18.81 1.88
C THR A 204 -16.15 17.97 1.28
N ILE A 205 -16.91 18.56 0.36
CA ILE A 205 -17.99 17.88 -0.33
C ILE A 205 -17.42 17.38 -1.65
N THR A 206 -17.62 16.09 -1.92
CA THR A 206 -17.10 15.44 -3.13
C THR A 206 -18.28 15.01 -4.00
N GLN A 207 -18.21 15.34 -5.28
CA GLN A 207 -19.25 14.95 -6.21
C GLN A 207 -19.07 13.50 -6.58
N ALA A 208 -20.15 12.74 -6.59
CA ALA A 208 -20.06 11.35 -7.01
C ALA A 208 -19.68 11.28 -8.48
N CYS A 209 -18.84 10.32 -8.83
CA CYS A 209 -18.49 10.13 -10.22
C CYS A 209 -19.71 9.60 -10.99
N PRO A 210 -20.03 10.15 -12.16
CA PRO A 210 -21.24 9.68 -12.87
C PRO A 210 -21.15 8.24 -13.36
N LYS A 211 -19.97 7.61 -13.34
CA LYS A 211 -19.79 6.26 -13.84
C LYS A 211 -19.82 5.19 -12.75
N VAL A 212 -20.21 5.54 -11.52
CA VAL A 212 -20.32 4.56 -10.45
C VAL A 212 -21.72 4.00 -10.41
N ASN A 213 -21.82 2.68 -10.37
CA ASN A 213 -23.08 1.95 -10.33
C ASN A 213 -23.46 1.73 -8.87
N PHE A 214 -24.54 2.37 -8.42
CA PHE A 214 -24.98 2.34 -7.03
C PHE A 214 -26.04 1.26 -6.79
N ASP A 215 -26.17 0.32 -7.71
CA ASP A 215 -27.10 -0.79 -7.52
C ASP A 215 -26.59 -1.72 -6.40
N PRO A 216 -27.45 -2.12 -5.44
CA PRO A 216 -26.98 -3.02 -4.36
C PRO A 216 -26.80 -4.46 -4.83
N ILE A 217 -25.75 -4.68 -5.60
CA ILE A 217 -25.47 -6.01 -6.17
C ILE A 217 -25.11 -6.96 -5.03
N PRO A 218 -25.73 -8.14 -4.95
CA PRO A 218 -25.45 -9.04 -3.81
C PRO A 218 -24.00 -9.51 -3.79
N ILE A 219 -23.41 -9.51 -2.60
CA ILE A 219 -22.03 -9.94 -2.39
C ILE A 219 -22.05 -11.18 -1.51
N HIS A 220 -21.32 -12.21 -1.94
CA HIS A 220 -21.20 -13.48 -1.22
C HIS A 220 -19.96 -13.42 -0.35
N TYR A 221 -20.03 -14.03 0.83
CA TYR A 221 -18.89 -14.13 1.73
C TYR A 221 -18.42 -15.59 1.83
N CYS A 222 -17.15 -15.80 1.49
CA CYS A 222 -16.54 -17.12 1.45
C CYS A 222 -15.55 -17.24 2.59
N ALA A 223 -15.60 -18.37 3.30
CA ALA A 223 -14.67 -18.59 4.40
C ALA A 223 -13.28 -18.93 3.87
N PRO A 224 -12.23 -18.50 4.57
CA PRO A 224 -10.87 -18.88 4.16
C PRO A 224 -10.58 -20.34 4.50
N ALA A 225 -9.50 -20.85 3.91
CA ALA A 225 -9.08 -22.22 4.19
C ALA A 225 -8.85 -22.40 5.68
N GLY A 226 -9.29 -23.54 6.22
CA GLY A 226 -9.19 -23.82 7.63
C GLY A 226 -10.40 -23.38 8.42
N TYR A 227 -11.30 -22.61 7.81
CA TYR A 227 -12.50 -22.08 8.45
C TYR A 227 -13.70 -22.48 7.62
N ALA A 228 -14.87 -22.51 8.25
CA ALA A 228 -16.10 -22.79 7.52
C ALA A 228 -17.25 -22.06 8.21
N ILE A 229 -18.33 -21.85 7.47
CA ILE A 229 -19.48 -21.13 8.00
C ILE A 229 -20.59 -22.14 8.29
N LEU A 230 -21.13 -22.09 9.50
CA LEU A 230 -22.26 -22.93 9.89
C LEU A 230 -23.51 -22.10 9.75
N LYS A 231 -24.54 -22.69 9.14
CA LYS A 231 -25.82 -22.05 8.91
C LYS A 231 -26.90 -22.80 9.67
N CYS A 232 -27.83 -22.02 10.23
CA CYS A 232 -29.00 -22.53 10.93
C CYS A 232 -30.18 -22.63 9.97
N ASN A 233 -30.73 -23.83 9.83
CA ASN A 233 -31.85 -24.11 8.94
C ASN A 233 -33.15 -24.30 9.70
N ASN A 234 -33.21 -23.81 10.94
CA ASN A 234 -34.39 -23.88 11.78
C ASN A 234 -35.26 -22.67 11.44
N LYS A 235 -36.35 -22.92 10.71
CA LYS A 235 -37.14 -21.86 10.10
C LYS A 235 -37.75 -20.87 11.09
N THR A 236 -37.83 -21.23 12.38
CA THR A 236 -38.41 -20.38 13.41
C THR A 236 -37.37 -19.90 14.41
N PHE A 237 -36.08 -19.96 14.06
CA PHE A 237 -35.03 -19.56 14.98
C PHE A 237 -35.14 -18.08 15.30
N SER A 238 -35.09 -17.77 16.61
CA SER A 238 -35.26 -16.41 17.11
C SER A 238 -34.07 -15.51 16.80
N GLY A 239 -32.96 -16.05 16.34
CA GLY A 239 -31.75 -15.30 16.11
C GLY A 239 -30.72 -15.44 17.19
N LYS A 240 -31.08 -16.01 18.33
CA LYS A 240 -30.18 -16.25 19.44
C LYS A 240 -30.61 -17.55 20.11
N GLY A 241 -29.67 -18.48 20.27
CA GLY A 241 -29.97 -19.74 20.90
C GLY A 241 -29.42 -20.99 20.22
N PRO A 242 -29.70 -22.17 20.82
CA PRO A 242 -29.21 -23.49 20.38
C PRO A 242 -29.90 -24.11 19.15
N CYS A 243 -29.52 -23.67 17.97
CA CYS A 243 -30.12 -24.19 16.74
C CYS A 243 -29.77 -25.67 16.59
N ASN A 244 -30.81 -26.50 16.46
CA ASN A 244 -30.65 -27.96 16.40
C ASN A 244 -30.73 -28.52 14.99
N ASN A 245 -30.67 -27.68 13.96
CA ASN A 245 -30.66 -28.14 12.57
C ASN A 245 -29.70 -27.21 11.83
N VAL A 246 -28.47 -27.68 11.63
CA VAL A 246 -27.39 -26.88 11.08
C VAL A 246 -26.75 -27.57 9.88
N SER A 247 -26.05 -26.77 9.09
CA SER A 247 -25.34 -27.26 7.91
C SER A 247 -24.05 -26.49 7.75
N THR A 248 -23.10 -27.08 7.03
CA THR A 248 -21.81 -26.45 6.77
C THR A 248 -21.78 -25.90 5.35
N VAL A 249 -21.41 -24.62 5.24
CA VAL A 249 -21.35 -23.88 4.00
C VAL A 249 -19.92 -23.35 3.84
N GLN A 250 -19.29 -23.68 2.71
CA GLN A 250 -17.96 -23.13 2.45
C GLN A 250 -18.04 -21.65 2.09
N CYS A 251 -19.08 -21.26 1.34
CA CYS A 251 -19.28 -19.86 0.94
C CYS A 251 -20.78 -19.58 0.93
N THR A 252 -21.16 -18.45 1.50
CA THR A 252 -22.56 -18.12 1.68
C THR A 252 -23.19 -17.54 0.42
N HIS A 253 -24.50 -17.37 0.48
CA HIS A 253 -25.22 -16.71 -0.59
C HIS A 253 -24.94 -15.21 -0.54
N GLY A 254 -25.44 -14.49 -1.53
CA GLY A 254 -25.20 -13.07 -1.58
C GLY A 254 -26.19 -12.28 -0.76
N ILE A 255 -25.71 -11.17 -0.19
CA ILE A 255 -26.50 -10.23 0.58
C ILE A 255 -26.44 -8.90 -0.14
N LYS A 256 -27.60 -8.31 -0.41
CA LYS A 256 -27.62 -7.03 -1.09
C LYS A 256 -27.31 -5.92 -0.09
N PRO A 257 -26.27 -5.08 -0.30
CA PRO A 257 -25.99 -4.02 0.69
C PRO A 257 -26.94 -2.85 0.53
N VAL A 258 -28.21 -3.09 0.82
CA VAL A 258 -29.25 -2.08 0.69
C VAL A 258 -29.21 -1.17 1.90
N VAL A 259 -29.24 0.15 1.65
CA VAL A 259 -29.23 1.16 2.69
C VAL A 259 -30.62 1.77 2.76
N SER A 260 -31.23 1.69 3.94
CA SER A 260 -32.55 2.24 4.18
C SER A 260 -32.71 2.43 5.68
N THR A 261 -33.72 3.21 6.06
CA THR A 261 -34.08 3.36 7.47
C THR A 261 -35.57 3.09 7.65
N GLN A 262 -35.92 2.77 8.89
CA GLN A 262 -37.28 2.48 9.36
C GLN A 262 -37.84 1.18 8.81
N LEU A 263 -37.80 1.01 7.49
CA LEU A 263 -38.24 -0.21 6.82
C LEU A 263 -37.05 -0.89 6.16
N LEU A 264 -37.11 -2.21 6.06
CA LEU A 264 -36.09 -2.97 5.36
C LEU A 264 -36.59 -3.24 3.95
N LEU A 265 -35.72 -3.06 2.95
CA LEU A 265 -36.09 -3.28 1.57
C LEU A 265 -35.31 -4.45 0.98
N ASN A 266 -35.91 -5.07 -0.04
CA ASN A 266 -35.33 -6.18 -0.80
C ASN A 266 -34.87 -7.26 0.20
N GLY A 267 -33.65 -7.79 0.08
CA GLY A 267 -33.21 -8.85 0.96
C GLY A 267 -33.95 -10.15 0.74
N SER A 268 -34.57 -10.69 1.80
CA SER A 268 -35.30 -11.94 1.68
C SER A 268 -36.46 -11.95 2.67
N LEU A 269 -37.40 -12.86 2.41
CA LEU A 269 -38.57 -13.07 3.25
C LEU A 269 -38.40 -14.29 4.16
N ALA A 270 -39.10 -14.25 5.29
CA ALA A 270 -39.09 -15.39 6.20
C ALA A 270 -39.76 -16.58 5.53
N GLU A 271 -39.20 -17.78 5.76
CA GLU A 271 -39.72 -18.97 5.11
C GLU A 271 -41.10 -19.36 5.59
N LYS A 272 -41.38 -19.24 6.90
CA LYS A 272 -42.63 -19.76 7.48
C LYS A 272 -43.52 -18.71 8.12
N GLU A 273 -42.96 -17.76 8.88
CA GLU A 273 -43.77 -16.82 9.63
C GLU A 273 -42.99 -15.53 9.86
N ILE A 274 -43.70 -14.50 10.33
CA ILE A 274 -43.04 -13.25 10.68
C ILE A 274 -42.26 -13.49 11.97
N ILE A 275 -40.97 -13.12 11.96
CA ILE A 275 -40.08 -13.38 13.11
C ILE A 275 -39.66 -12.05 13.73
N ILE A 276 -39.71 -12.02 15.08
CA ILE A 276 -39.30 -10.80 15.84
C ILE A 276 -37.98 -11.10 16.56
N ARG A 277 -36.91 -10.35 16.25
CA ARG A 277 -35.59 -10.54 16.93
C ARG A 277 -35.21 -9.25 17.66
N SER A 278 -34.81 -9.33 18.93
CA SER A 278 -34.54 -8.06 19.68
C SER A 278 -33.67 -8.24 20.93
N GLU A 279 -32.52 -8.95 20.86
CA GLU A 279 -31.62 -8.97 22.04
C GLU A 279 -32.47 -9.38 23.24
N ASN A 280 -32.46 -8.63 24.35
CA ASN A 280 -33.13 -9.04 25.58
C ASN A 280 -34.65 -8.94 25.44
N LEU A 281 -35.16 -8.23 24.43
CA LEU A 281 -36.58 -7.98 24.15
C LEU A 281 -37.17 -6.96 25.13
N THR A 282 -36.97 -7.11 26.45
CA THR A 282 -37.50 -6.19 27.44
C THR A 282 -36.65 -4.95 27.65
N ASP A 283 -35.45 -4.90 27.04
CA ASP A 283 -34.54 -3.76 27.17
C ASP A 283 -34.93 -2.71 26.13
N ASN A 284 -35.39 -1.56 26.58
CA ASN A 284 -35.98 -0.54 25.72
C ASN A 284 -34.98 0.22 24.84
N VAL A 285 -33.67 -0.06 24.87
CA VAL A 285 -32.73 0.57 23.95
C VAL A 285 -32.26 -0.40 22.87
N LYS A 286 -32.99 -1.49 22.65
CA LYS A 286 -32.60 -2.52 21.71
C LYS A 286 -33.64 -2.57 20.60
N THR A 287 -33.18 -2.56 19.36
CA THR A 287 -34.07 -2.51 18.22
C THR A 287 -34.84 -3.82 18.12
N ILE A 288 -36.06 -3.73 17.61
CA ILE A 288 -36.88 -4.89 17.31
C ILE A 288 -36.88 -5.02 15.80
N ILE A 289 -36.49 -6.19 15.30
CA ILE A 289 -36.38 -6.39 13.86
C ILE A 289 -37.50 -7.34 13.47
N VAL A 290 -38.36 -6.89 12.58
CA VAL A 290 -39.54 -7.64 12.16
C VAL A 290 -39.18 -8.19 10.79
N HIS A 291 -39.07 -9.51 10.67
CA HIS A 291 -38.70 -10.15 9.41
C HIS A 291 -39.98 -10.73 8.84
N LEU A 292 -40.44 -10.18 7.71
CA LEU A 292 -41.72 -10.58 7.14
C LEU A 292 -41.57 -11.81 6.26
N ASN A 293 -42.66 -12.58 6.16
CA ASN A 293 -42.75 -13.71 5.26
C ASN A 293 -43.45 -13.34 3.95
N LYS A 294 -43.92 -12.10 3.82
CA LYS A 294 -44.61 -11.62 2.64
C LYS A 294 -44.18 -10.17 2.44
N SER A 295 -43.85 -9.81 1.20
CA SER A 295 -43.41 -8.46 0.90
C SER A 295 -44.57 -7.54 0.57
N VAL A 296 -44.32 -6.24 0.68
CA VAL A 296 -45.26 -5.20 0.27
C VAL A 296 -44.58 -4.37 -0.81
N GLU A 297 -45.23 -4.21 -1.96
CA GLU A 297 -44.61 -3.49 -3.06
C GLU A 297 -44.78 -1.99 -2.86
N ILE A 298 -43.68 -1.24 -3.04
CA ILE A 298 -43.67 0.21 -2.90
C ILE A 298 -43.09 0.80 -4.17
N VAL A 299 -43.77 1.80 -4.73
CA VAL A 299 -43.30 2.49 -5.94
C VAL A 299 -43.04 3.95 -5.59
N CYS A 300 -41.83 4.44 -5.87
CA CYS A 300 -41.42 5.80 -5.53
C CYS A 300 -41.03 6.53 -6.80
N THR A 301 -41.25 7.85 -6.81
CA THR A 301 -40.93 8.62 -8.01
C THR A 301 -40.63 10.09 -7.74
N ARG A 302 -39.84 10.63 -8.67
CA ARG A 302 -39.54 12.06 -8.84
C ARG A 302 -40.13 12.43 -10.20
N PRO A 303 -41.34 13.00 -10.27
CA PRO A 303 -41.99 13.18 -11.57
C PRO A 303 -41.40 14.28 -12.43
N ASN A 304 -40.48 15.10 -11.93
CA ASN A 304 -40.01 16.26 -12.69
C ASN A 304 -38.90 15.88 -13.66
N ASN A 305 -38.78 16.69 -14.72
CA ASN A 305 -37.77 16.44 -15.75
C ASN A 305 -36.38 16.84 -15.29
N ASN A 306 -36.26 17.95 -14.56
CA ASN A 306 -34.99 18.44 -14.00
C ASN A 306 -33.85 18.45 -15.03
N THR A 307 -34.06 19.23 -16.09
CA THR A 307 -33.06 19.33 -17.15
C THR A 307 -31.74 19.79 -16.54
N ARG A 308 -30.69 19.02 -16.84
CA ARG A 308 -29.35 19.19 -16.28
C ARG A 308 -28.45 20.12 -17.07
N LYS A 309 -27.64 20.89 -16.35
CA LYS A 309 -26.61 21.77 -16.90
C LYS A 309 -25.26 21.30 -16.35
N SER A 310 -24.23 21.36 -17.20
CA SER A 310 -22.88 20.98 -16.82
C SER A 310 -21.97 22.21 -16.89
N MET A 311 -21.33 22.53 -15.77
CA MET A 311 -20.43 23.68 -15.65
C MET A 311 -19.03 23.20 -15.28
N ARG A 312 -18.03 23.68 -16.01
CA ARG A 312 -16.64 23.33 -15.73
C ARG A 312 -16.08 24.20 -14.61
N ILE A 313 -15.35 23.57 -13.68
CA ILE A 313 -14.69 24.28 -12.61
C ILE A 313 -13.18 24.42 -12.86
N GLY A 314 -12.52 23.35 -13.29
CA GLY A 314 -11.08 23.36 -13.45
C GLY A 314 -10.56 22.46 -14.55
N PRO A 315 -9.25 22.17 -14.54
CA PRO A 315 -8.65 21.42 -15.65
C PRO A 315 -9.06 19.95 -15.63
N GLY A 316 -10.26 19.68 -16.11
CA GLY A 316 -10.83 18.35 -16.12
C GLY A 316 -11.73 18.05 -14.94
N GLN A 317 -12.08 19.07 -14.16
CA GLN A 317 -12.94 18.96 -12.99
C GLN A 317 -14.25 19.61 -13.35
N THR A 318 -15.32 18.82 -13.47
CA THR A 318 -16.62 19.32 -13.91
C THR A 318 -17.66 19.08 -12.83
N PHE A 319 -18.66 19.96 -12.82
CA PHE A 319 -19.74 19.94 -11.86
C PHE A 319 -21.08 19.87 -12.57
N TYR A 320 -21.98 19.02 -12.07
CA TYR A 320 -23.30 18.84 -12.63
C TYR A 320 -24.35 19.35 -11.66
N ALA A 321 -25.33 20.08 -12.20
CA ALA A 321 -26.41 20.61 -11.38
C ALA A 321 -27.63 20.80 -12.27
N THR A 322 -28.79 20.90 -11.62
CA THR A 322 -30.02 21.10 -12.36
C THR A 322 -29.96 22.47 -13.05
N GLY A 323 -30.29 22.47 -14.34
CA GLY A 323 -30.30 23.68 -15.13
C GLY A 323 -31.64 24.36 -15.03
N ASP A 324 -32.69 23.67 -15.51
CA ASP A 324 -34.03 24.20 -15.50
C ASP A 324 -35.00 23.03 -15.47
N ILE A 325 -36.29 23.31 -15.40
CA ILE A 325 -37.32 22.27 -15.36
C ILE A 325 -38.32 22.55 -16.47
N ILE A 326 -38.56 21.56 -17.32
CA ILE A 326 -39.54 21.64 -18.40
C ILE A 326 -40.85 21.07 -17.86
N GLY A 327 -41.94 21.80 -18.08
CA GLY A 327 -43.22 21.33 -17.60
C GLY A 327 -43.50 21.88 -16.20
N ASP A 328 -44.42 21.23 -15.50
CA ASP A 328 -44.84 21.71 -14.19
C ASP A 328 -43.97 21.02 -13.13
N ILE A 329 -44.20 21.38 -11.86
CA ILE A 329 -43.39 20.88 -10.75
C ILE A 329 -44.31 20.27 -9.70
N ARG A 330 -43.99 19.03 -9.30
CA ARG A 330 -44.75 18.29 -8.32
C ARG A 330 -43.78 17.73 -7.29
N GLN A 331 -44.31 17.41 -6.11
CA GLN A 331 -43.49 16.77 -5.08
C GLN A 331 -43.21 15.32 -5.45
N ALA A 332 -42.07 14.82 -4.96
CA ALA A 332 -41.78 13.40 -5.09
C ALA A 332 -42.66 12.62 -4.12
N TYR A 333 -42.92 11.36 -4.44
CA TYR A 333 -43.79 10.60 -3.53
C TYR A 333 -43.59 9.11 -3.69
N CYS A 334 -44.08 8.36 -2.70
CA CYS A 334 -44.14 6.90 -2.75
C CYS A 334 -45.56 6.41 -2.59
N ASN A 335 -45.86 5.28 -3.25
CA ASN A 335 -47.17 4.64 -3.27
C ASN A 335 -47.07 3.23 -2.68
N ILE A 336 -47.78 3.01 -1.57
CA ILE A 336 -47.84 1.72 -0.89
C ILE A 336 -49.28 1.23 -0.94
N SER A 337 -49.48 -0.01 -1.37
CA SER A 337 -50.84 -0.56 -1.44
C SER A 337 -51.49 -0.54 -0.06
N GLY A 338 -52.71 -0.03 0.01
CA GLY A 338 -53.40 0.09 1.29
C GLY A 338 -53.72 -1.24 1.96
N SER A 339 -54.35 -2.16 1.22
CA SER A 339 -54.78 -3.40 1.83
C SER A 339 -53.61 -4.31 2.20
N LYS A 340 -52.52 -4.27 1.44
CA LYS A 340 -51.39 -5.13 1.78
C LYS A 340 -50.73 -4.63 3.05
N TRP A 341 -50.61 -3.30 3.17
CA TRP A 341 -50.03 -2.72 4.37
C TRP A 341 -50.90 -3.02 5.58
N ASN A 342 -52.22 -2.88 5.43
CA ASN A 342 -53.13 -3.13 6.55
C ASN A 342 -53.04 -4.58 7.01
N GLU A 343 -52.96 -5.52 6.06
CA GLU A 343 -52.81 -6.92 6.43
C GLU A 343 -51.47 -7.16 7.12
N THR A 344 -50.42 -6.54 6.60
CA THR A 344 -49.08 -6.72 7.16
C THR A 344 -49.06 -6.23 8.60
N LEU A 345 -49.64 -5.05 8.86
CA LEU A 345 -49.62 -4.55 10.22
C LEU A 345 -50.47 -5.39 11.14
N LYS A 346 -51.61 -5.92 10.65
CA LYS A 346 -52.40 -6.82 11.49
C LYS A 346 -51.57 -8.02 11.93
N ARG A 347 -50.85 -8.63 10.99
CA ARG A 347 -50.05 -9.81 11.33
C ARG A 347 -48.89 -9.46 12.25
N VAL A 348 -48.27 -8.29 12.04
CA VAL A 348 -47.18 -7.86 12.91
C VAL A 348 -47.70 -7.64 14.32
N LYS A 349 -48.86 -7.00 14.46
CA LYS A 349 -49.42 -6.79 15.78
C LYS A 349 -49.70 -8.11 16.48
N GLU A 350 -50.22 -9.10 15.73
CA GLU A 350 -50.49 -10.39 16.35
C GLU A 350 -49.20 -11.06 16.83
N LYS A 351 -48.15 -11.01 16.02
CA LYS A 351 -46.91 -11.68 16.43
C LYS A 351 -46.21 -10.91 17.54
N LEU A 352 -46.31 -9.59 17.56
CA LEU A 352 -45.72 -8.85 18.66
C LEU A 352 -46.48 -9.16 19.95
N GLN A 353 -47.81 -9.27 19.86
CA GLN A 353 -48.61 -9.57 21.05
C GLN A 353 -48.23 -10.95 21.60
N GLU A 354 -47.92 -11.89 20.71
CA GLU A 354 -47.53 -13.22 21.18
C GLU A 354 -46.23 -13.24 21.98
N ASN A 355 -45.39 -12.21 21.87
CA ASN A 355 -44.09 -12.17 22.53
C ASN A 355 -44.09 -11.37 23.82
N TYR A 356 -45.25 -10.93 24.31
CA TYR A 356 -45.37 -10.14 25.53
C TYR A 356 -46.57 -10.63 26.32
N ASN A 357 -46.81 -10.00 27.47
CA ASN A 357 -47.95 -10.32 28.30
C ASN A 357 -49.24 -10.23 27.47
N ASN A 358 -50.12 -11.20 27.66
CA ASN A 358 -51.34 -11.25 26.85
C ASN A 358 -52.27 -10.07 27.13
N ASN A 359 -52.18 -9.44 28.30
CA ASN A 359 -53.06 -8.32 28.63
C ASN A 359 -52.45 -6.99 28.20
N LYS A 360 -52.11 -6.91 26.90
CA LYS A 360 -51.56 -5.69 26.33
C LYS A 360 -52.01 -5.53 24.89
N THR A 361 -52.45 -4.33 24.55
CA THR A 361 -52.81 -3.99 23.18
C THR A 361 -51.55 -3.49 22.48
N ILE A 362 -51.37 -3.90 21.23
CA ILE A 362 -50.23 -3.47 20.43
C ILE A 362 -50.71 -2.39 19.47
N LYS A 363 -50.05 -1.23 19.52
CA LYS A 363 -50.36 -0.09 18.67
C LYS A 363 -49.06 0.48 18.12
N PHE A 364 -49.18 1.18 17.00
CA PHE A 364 -48.08 1.89 16.38
C PHE A 364 -48.30 3.39 16.55
N ALA A 365 -47.21 4.14 16.50
CA ALA A 365 -47.27 5.60 16.57
C ALA A 365 -46.20 6.19 15.65
N PRO A 366 -46.38 7.45 15.23
CA PRO A 366 -45.37 8.08 14.38
C PRO A 366 -44.02 8.17 15.07
N SER A 367 -42.97 8.29 14.26
CA SER A 367 -41.62 8.41 14.77
C SER A 367 -41.51 9.60 15.73
N SER A 368 -40.75 9.40 16.80
CA SER A 368 -40.56 10.43 17.83
C SER A 368 -39.70 11.60 17.37
N GLY A 369 -39.00 11.48 16.25
CA GLY A 369 -38.16 12.55 15.73
C GLY A 369 -36.68 12.19 15.83
N GLY A 370 -35.86 13.20 15.58
CA GLY A 370 -34.42 13.04 15.50
C GLY A 370 -33.92 13.56 14.17
N ASP A 371 -32.75 13.10 13.72
CA ASP A 371 -32.24 13.58 12.46
C ASP A 371 -33.15 13.13 11.31
N LEU A 372 -33.08 13.88 10.21
CA LEU A 372 -33.90 13.58 9.04
C LEU A 372 -33.72 12.13 8.57
N GLU A 373 -32.49 11.62 8.66
CA GLU A 373 -32.21 10.27 8.18
C GLU A 373 -33.02 9.19 8.90
N ILE A 374 -33.49 9.45 10.12
CA ILE A 374 -34.31 8.50 10.86
C ILE A 374 -35.75 8.96 11.05
N THR A 375 -36.02 10.26 10.94
CA THR A 375 -37.40 10.73 11.04
C THR A 375 -38.21 10.20 9.87
N THR A 376 -37.62 10.22 8.68
CA THR A 376 -38.20 9.77 7.44
C THR A 376 -37.49 8.53 6.93
N HIS A 377 -38.15 7.87 5.98
CA HIS A 377 -37.61 6.67 5.35
C HIS A 377 -36.59 7.07 4.29
N SER A 378 -35.41 6.46 4.32
CA SER A 378 -34.35 6.77 3.36
C SER A 378 -34.28 5.71 2.26
N PHE A 379 -34.23 6.17 1.01
CA PHE A 379 -34.13 5.36 -0.19
C PHE A 379 -32.80 5.66 -0.88
N ASN A 380 -32.48 4.87 -1.91
CA ASN A 380 -31.51 5.31 -2.91
C ASN A 380 -31.95 4.73 -4.25
N CYS A 381 -32.58 5.56 -5.08
CA CYS A 381 -33.07 5.17 -6.41
C CYS A 381 -32.28 5.93 -7.47
N ARG A 382 -31.35 5.23 -8.12
CA ARG A 382 -30.48 5.80 -9.15
C ARG A 382 -29.72 7.04 -8.67
N GLY A 383 -29.27 7.00 -7.41
CA GLY A 383 -28.50 8.09 -6.85
C GLY A 383 -29.29 9.19 -6.18
N GLU A 384 -30.62 9.18 -6.28
CA GLU A 384 -31.46 10.18 -5.66
C GLU A 384 -31.83 9.70 -4.27
N PHE A 385 -31.59 10.55 -3.27
CA PHE A 385 -31.83 10.22 -1.87
C PHE A 385 -33.14 10.87 -1.42
N PHE A 386 -34.12 10.01 -1.14
CA PHE A 386 -35.47 10.38 -0.78
C PHE A 386 -35.64 10.27 0.73
N TYR A 387 -36.34 11.23 1.31
CA TYR A 387 -36.67 11.29 2.73
C TYR A 387 -38.20 11.41 2.83
N CYS A 388 -38.85 10.24 2.94
CA CYS A 388 -40.30 10.14 2.83
C CYS A 388 -40.98 10.15 4.20
N ASN A 389 -42.07 10.89 4.29
CA ASN A 389 -42.83 11.06 5.52
C ASN A 389 -43.73 9.85 5.70
N THR A 390 -43.45 9.04 6.74
CA THR A 390 -44.14 7.78 7.00
C THR A 390 -45.17 7.89 8.11
N THR A 391 -45.60 9.10 8.47
CA THR A 391 -46.56 9.23 9.56
C THR A 391 -47.95 8.75 9.18
N ARG A 392 -48.21 8.48 7.90
CA ARG A 392 -49.49 7.94 7.47
C ARG A 392 -49.54 6.43 7.53
N LEU A 393 -48.41 5.77 7.82
CA LEU A 393 -48.34 4.32 7.91
C LEU A 393 -48.38 3.81 9.34
N PHE A 394 -47.80 4.55 10.28
CA PHE A 394 -47.65 4.13 11.67
C PHE A 394 -48.51 4.93 12.63
N ASN A 395 -49.57 5.57 12.16
CA ASN A 395 -50.47 6.33 13.03
C ASN A 395 -51.66 5.50 13.51
N ASN A 396 -51.69 4.20 13.21
CA ASN A 396 -52.78 3.32 13.62
C ASN A 396 -54.12 3.78 13.06
N ASN A 397 -54.09 4.50 11.94
CA ASN A 397 -55.28 4.97 11.24
C ASN A 397 -55.57 4.01 10.09
N ALA A 398 -56.63 3.23 10.21
CA ALA A 398 -56.96 2.23 9.19
C ALA A 398 -57.66 2.96 8.04
N THR A 399 -56.85 3.71 7.31
CA THR A 399 -57.36 4.60 6.27
C THR A 399 -57.94 3.77 5.13
N GLU A 400 -59.14 4.13 4.68
CA GLU A 400 -59.84 3.40 3.64
C GLU A 400 -59.19 3.52 2.25
N ASP A 401 -58.15 4.33 2.10
CA ASP A 401 -57.57 4.59 0.78
C ASP A 401 -57.02 3.30 0.19
N GLU A 402 -57.29 3.08 -1.09
CA GLU A 402 -56.72 1.91 -1.75
C GLU A 402 -55.20 1.99 -1.81
N THR A 403 -54.66 3.17 -2.11
CA THR A 403 -53.20 3.37 -2.17
C THR A 403 -52.81 4.51 -1.24
N ILE A 404 -51.96 4.21 -0.26
CA ILE A 404 -51.40 5.28 0.57
C ILE A 404 -50.32 5.97 -0.26
N THR A 405 -50.32 7.30 -0.25
CA THR A 405 -49.28 8.08 -0.91
C THR A 405 -48.57 8.92 0.13
N LEU A 406 -47.23 8.83 0.13
CA LEU A 406 -46.41 9.51 1.13
C LEU A 406 -45.56 10.59 0.48
N PRO A 407 -45.66 11.86 0.89
CA PRO A 407 -44.81 12.90 0.28
C PRO A 407 -43.35 12.61 0.62
N CYS A 408 -42.44 13.02 -0.25
CA CYS A 408 -41.02 12.81 -0.02
C CYS A 408 -40.23 14.07 -0.34
N ARG A 409 -39.12 14.23 0.38
CA ARG A 409 -38.13 15.27 0.10
C ARG A 409 -36.97 14.58 -0.61
N ILE A 410 -36.28 15.31 -1.46
CA ILE A 410 -35.07 14.81 -2.11
C ILE A 410 -33.92 15.72 -1.72
N LYS A 411 -32.81 15.12 -1.27
CA LYS A 411 -31.66 15.90 -0.81
C LYS A 411 -30.45 15.45 -1.60
N GLN A 412 -29.55 16.41 -1.90
CA GLN A 412 -28.36 16.11 -2.70
C GLN A 412 -27.05 15.99 -1.93
N ILE A 413 -26.90 16.62 -0.77
CA ILE A 413 -25.66 16.56 -0.01
C ILE A 413 -25.88 15.58 1.14
N ILE A 414 -25.31 14.39 1.02
CA ILE A 414 -25.61 13.27 1.90
C ILE A 414 -24.35 12.86 2.66
N ASN A 415 -24.47 12.77 3.99
CA ASN A 415 -23.41 12.24 4.85
C ASN A 415 -24.04 10.94 5.40
N MET A 416 -23.76 9.84 4.72
CA MET A 416 -24.53 8.61 4.94
C MET A 416 -24.25 7.94 6.28
N TRP A 417 -22.99 7.87 6.71
CA TRP A 417 -22.65 6.97 7.82
C TRP A 417 -22.65 7.71 9.16
N GLN A 418 -23.85 8.17 9.53
CA GLN A 418 -24.11 8.89 10.78
C GLN A 418 -23.10 10.02 11.03
N GLY A 419 -22.79 10.78 9.97
CA GLY A 419 -21.85 11.88 10.10
C GLY A 419 -20.41 11.54 9.78
N VAL A 420 -20.08 10.25 9.68
CA VAL A 420 -18.72 9.81 9.41
C VAL A 420 -18.55 9.64 7.90
N GLY A 421 -17.44 10.15 7.37
CA GLY A 421 -17.12 10.03 5.96
C GLY A 421 -17.18 11.37 5.26
N ARG A 422 -16.83 11.33 3.98
CA ARG A 422 -16.86 12.52 3.17
C ARG A 422 -18.30 12.83 2.77
N ALA A 423 -18.67 14.10 2.81
CA ALA A 423 -19.98 14.48 2.30
C ALA A 423 -20.01 14.25 0.80
N MET A 424 -21.08 13.63 0.31
CA MET A 424 -21.23 13.35 -1.11
C MET A 424 -22.30 14.24 -1.71
N TYR A 425 -22.02 14.77 -2.90
CA TYR A 425 -22.99 15.51 -3.68
C TYR A 425 -23.52 14.58 -4.76
N ALA A 426 -24.83 14.36 -4.77
CA ALA A 426 -25.46 13.48 -5.75
C ALA A 426 -25.84 14.30 -6.98
N PRO A 427 -25.24 14.09 -8.16
CA PRO A 427 -25.60 14.91 -9.31
C PRO A 427 -27.00 14.56 -9.78
N PRO A 428 -27.69 15.50 -10.43
CA PRO A 428 -29.02 15.18 -10.96
C PRO A 428 -28.96 14.31 -12.21
N ILE A 429 -30.10 13.68 -12.49
CA ILE A 429 -30.32 12.93 -13.71
C ILE A 429 -31.49 13.59 -14.43
N ALA A 430 -31.31 13.94 -15.70
CA ALA A 430 -32.39 14.56 -16.44
C ALA A 430 -33.47 13.52 -16.72
N GLY A 431 -34.73 13.96 -16.63
CA GLY A 431 -35.87 13.10 -16.83
C GLY A 431 -36.47 12.70 -15.49
N ASN A 432 -37.71 12.21 -15.53
CA ASN A 432 -38.36 11.79 -14.29
C ASN A 432 -37.83 10.40 -13.93
N ILE A 433 -37.81 10.12 -12.63
CA ILE A 433 -37.31 8.85 -12.12
C ILE A 433 -38.42 8.10 -11.40
N THR A 434 -38.56 6.82 -11.73
CA THR A 434 -39.46 5.92 -11.03
C THR A 434 -38.63 4.73 -10.57
N CYS A 435 -39.04 4.13 -9.46
CA CYS A 435 -38.40 2.92 -8.97
C CYS A 435 -39.43 2.13 -8.19
N LYS A 436 -39.17 0.84 -8.05
CA LYS A 436 -40.04 -0.06 -7.30
C LYS A 436 -39.17 -0.97 -6.45
N SER A 437 -39.66 -1.28 -5.25
CA SER A 437 -38.94 -2.15 -4.33
C SER A 437 -39.93 -2.91 -3.48
N ASN A 438 -39.42 -3.93 -2.80
CA ASN A 438 -40.20 -4.75 -1.89
C ASN A 438 -39.82 -4.40 -0.46
N ILE A 439 -40.84 -4.16 0.36
CA ILE A 439 -40.68 -3.95 1.80
C ILE A 439 -40.77 -5.33 2.43
N THR A 440 -39.67 -5.76 3.07
CA THR A 440 -39.56 -7.10 3.62
C THR A 440 -39.36 -7.13 5.12
N GLY A 441 -39.41 -6.00 5.81
CA GLY A 441 -39.21 -6.01 7.25
C GLY A 441 -39.31 -4.60 7.80
N LEU A 442 -39.34 -4.54 9.13
CA LEU A 442 -39.46 -3.28 9.86
C LEU A 442 -38.46 -3.22 11.01
N LEU A 443 -38.04 -1.99 11.34
CA LEU A 443 -37.24 -1.70 12.52
C LEU A 443 -38.11 -0.90 13.48
N LEU A 444 -38.45 -1.50 14.62
CA LEU A 444 -39.35 -0.89 15.60
C LEU A 444 -38.58 -0.66 16.89
N VAL A 445 -38.99 0.38 17.62
CA VAL A 445 -38.44 0.70 18.93
C VAL A 445 -39.61 0.81 19.90
N ARG A 446 -39.48 0.20 21.07
CA ARG A 446 -40.52 0.28 22.08
C ARG A 446 -40.56 1.67 22.69
N ASP A 447 -41.77 2.18 22.90
CA ASP A 447 -41.97 3.53 23.41
C ASP A 447 -41.81 3.55 24.93
N GLY A 448 -40.56 3.35 25.35
CA GLY A 448 -40.25 3.40 26.78
C GLY A 448 -41.02 2.36 27.56
N GLY A 449 -41.54 2.78 28.71
CA GLY A 449 -42.29 1.88 29.56
C GLY A 449 -42.72 2.49 30.88
N GLU A 450 -43.82 1.98 31.44
CA GLU A 450 -44.40 2.47 32.69
C GLU A 450 -45.26 1.36 33.25
N ASP A 451 -45.83 1.62 34.43
CA ASP A 451 -46.82 0.74 35.04
C ASP A 451 -48.20 1.35 34.79
N ASN A 452 -49.24 0.66 35.23
CA ASN A 452 -50.63 1.12 35.08
C ASN A 452 -50.92 1.46 33.62
N LYS A 453 -50.42 0.61 32.72
CA LYS A 453 -50.57 0.78 31.28
C LYS A 453 -51.02 -0.55 30.68
N THR A 454 -51.99 -0.48 29.77
CA THR A 454 -52.57 -1.66 29.14
C THR A 454 -52.25 -1.77 27.66
N GLU A 455 -51.34 -0.94 27.14
CA GLU A 455 -50.98 -0.96 25.72
C GLU A 455 -49.49 -0.73 25.60
N GLU A 456 -48.92 -1.23 24.50
CA GLU A 456 -47.50 -1.06 24.19
C GLU A 456 -47.42 -0.35 22.84
N ILE A 457 -46.65 0.74 22.78
CA ILE A 457 -46.54 1.56 21.59
C ILE A 457 -45.17 1.32 20.97
N PHE A 458 -45.15 1.02 19.67
CA PHE A 458 -43.94 0.83 18.90
C PHE A 458 -43.84 1.96 17.90
N ARG A 459 -42.61 2.44 17.67
CA ARG A 459 -42.38 3.51 16.70
C ARG A 459 -41.29 3.10 15.71
N PRO A 460 -41.30 3.68 14.50
CA PRO A 460 -40.18 3.43 13.58
C PRO A 460 -38.85 3.89 14.18
N GLY A 461 -37.82 3.09 13.93
CA GLY A 461 -36.48 3.42 14.40
C GLY A 461 -35.44 3.16 13.32
N GLY A 462 -34.32 2.58 13.71
CA GLY A 462 -33.23 2.33 12.78
C GLY A 462 -32.22 3.46 12.78
N GLY A 463 -31.48 3.54 11.68
CA GLY A 463 -30.39 4.47 11.51
C GLY A 463 -29.02 3.85 11.73
N ASN A 464 -28.97 2.69 12.37
CA ASN A 464 -27.73 1.95 12.60
C ASN A 464 -27.67 0.89 11.52
N MET A 465 -26.77 1.08 10.55
CA MET A 465 -26.75 0.22 9.37
C MET A 465 -26.43 -1.23 9.71
N LYS A 466 -25.88 -1.47 10.91
CA LYS A 466 -25.49 -2.82 11.23
C LYS A 466 -26.74 -3.65 11.41
N ASP A 467 -27.83 -3.04 11.91
CA ASP A 467 -29.02 -3.84 12.18
C ASP A 467 -29.55 -4.39 10.85
N ASN A 468 -29.54 -3.57 9.80
CA ASN A 468 -30.07 -4.05 8.52
C ASN A 468 -29.22 -5.20 8.04
N TRP A 469 -27.90 -5.09 8.22
CA TRP A 469 -26.99 -6.18 7.77
C TRP A 469 -27.21 -7.43 8.62
N ARG A 470 -27.55 -7.25 9.90
CA ARG A 470 -27.84 -8.42 10.79
C ARG A 470 -29.08 -9.16 10.27
N SER A 471 -30.10 -8.42 9.81
CA SER A 471 -31.37 -9.05 9.36
C SER A 471 -31.13 -10.09 8.28
N GLU A 472 -29.88 -10.26 7.82
CA GLU A 472 -29.57 -11.25 6.82
C GLU A 472 -28.45 -12.15 7.30
N LEU A 473 -27.44 -11.58 7.98
CA LEU A 473 -26.30 -12.37 8.42
C LEU A 473 -26.63 -13.27 9.60
N TYR A 474 -27.76 -13.03 10.29
CA TYR A 474 -28.17 -13.84 11.44
C TYR A 474 -28.21 -15.34 11.19
N LYS A 475 -28.36 -15.77 9.94
CA LYS A 475 -28.48 -17.20 9.66
C LYS A 475 -27.21 -18.00 9.93
N TYR A 476 -26.04 -17.37 10.04
CA TYR A 476 -24.83 -18.17 10.14
C TYR A 476 -23.69 -17.48 10.87
N LYS A 477 -22.74 -18.32 11.28
CA LYS A 477 -21.56 -17.94 12.06
C LYS A 477 -20.35 -18.65 11.46
N VAL A 478 -19.15 -18.18 11.80
CA VAL A 478 -17.90 -18.76 11.28
C VAL A 478 -17.21 -19.54 12.39
N ILE A 479 -16.70 -20.73 12.02
CA ILE A 479 -16.00 -21.65 12.90
C ILE A 479 -14.60 -21.93 12.36
N GLU A 480 -13.69 -22.25 13.28
CA GLU A 480 -12.30 -22.60 12.98
C GLU A 480 -12.12 -24.09 13.17
N LEU A 481 -11.67 -24.77 12.12
CA LEU A 481 -11.43 -26.20 12.14
C LEU A 481 -10.22 -26.51 13.04
N LYS A 482 -10.36 -27.55 13.86
CA LYS A 482 -9.28 -28.00 14.75
C LYS A 482 -9.08 -29.48 14.50
N PRO A 483 -8.37 -29.84 13.41
CA PRO A 483 -8.38 -31.23 12.92
C PRO A 483 -7.59 -32.22 13.76
N LEU A 484 -6.77 -31.78 14.71
CA LEU A 484 -5.88 -32.68 15.45
C LEU A 484 -6.52 -33.10 16.76
N GLY A 485 -6.74 -34.41 16.91
CA GLY A 485 -7.35 -34.96 18.11
C GLY A 485 -6.61 -36.21 18.52
N ILE A 486 -6.84 -36.62 19.77
CA ILE A 486 -6.22 -37.83 20.31
C ILE A 486 -7.30 -38.69 20.97
N ALA A 487 -7.02 -39.99 21.06
CA ALA A 487 -7.95 -40.88 21.75
C ALA A 487 -7.23 -42.16 22.12
N PRO A 488 -7.67 -42.87 23.16
CA PRO A 488 -7.08 -44.17 23.46
C PRO A 488 -7.59 -45.26 22.53
N THR A 489 -6.70 -46.20 22.24
CA THR A 489 -7.05 -47.44 21.56
C THR A 489 -5.94 -48.46 21.82
N GLY A 490 -5.96 -49.57 21.08
CA GLY A 490 -4.98 -50.63 21.24
C GLY A 490 -3.78 -50.53 20.33
N CYS A 491 -3.56 -49.37 19.72
CA CYS A 491 -2.53 -49.16 18.72
C CYS A 491 -1.19 -48.92 19.41
N LYS A 492 -0.25 -49.86 19.25
CA LYS A 492 1.08 -49.77 19.83
C LYS A 492 2.09 -49.83 18.71
N ARG A 493 3.18 -49.07 18.83
CA ARG A 493 4.24 -49.13 17.84
C ARG A 493 5.04 -50.41 17.97
N ARG A 494 5.51 -50.92 16.82
CA ARG A 494 6.33 -52.13 16.82
C ARG A 494 7.71 -51.87 17.41
N VAL A 495 8.25 -50.66 17.20
CA VAL A 495 9.60 -50.22 17.63
C VAL A 495 10.12 -50.87 18.92
N LEU B 9 -19.31 -37.50 1.68
CA LEU B 9 -20.24 -36.64 2.40
C LEU B 9 -19.86 -35.16 2.31
N GLY B 10 -18.56 -34.91 2.13
CA GLY B 10 -18.04 -33.55 2.04
C GLY B 10 -17.46 -33.11 3.37
N PHE B 11 -17.05 -31.83 3.38
CA PHE B 11 -16.33 -31.28 4.53
C PHE B 11 -17.13 -31.44 5.81
N LEU B 12 -16.49 -32.02 6.82
CA LEU B 12 -17.03 -32.36 8.14
C LEU B 12 -17.97 -33.57 8.05
N GLY B 13 -18.88 -33.56 7.07
CA GLY B 13 -19.70 -34.74 6.80
C GLY B 13 -20.52 -35.13 8.01
N ALA B 14 -20.27 -36.35 8.47
CA ALA B 14 -20.99 -36.93 9.60
C ALA B 14 -20.42 -36.40 10.92
N ALA B 15 -20.56 -35.09 11.13
CA ALA B 15 -20.01 -34.46 12.32
C ALA B 15 -20.64 -35.00 13.60
N GLY B 16 -21.91 -35.37 13.56
CA GLY B 16 -22.60 -35.88 14.72
C GLY B 16 -22.54 -37.38 14.92
N SER B 17 -21.82 -38.09 14.06
CA SER B 17 -21.72 -39.53 14.16
C SER B 17 -20.67 -39.91 15.21
N THR B 18 -20.59 -41.21 15.48
CA THR B 18 -19.70 -41.67 16.52
C THR B 18 -18.24 -41.51 16.11
N MET B 19 -17.37 -41.56 17.11
CA MET B 19 -15.93 -41.39 16.87
C MET B 19 -15.39 -42.44 15.90
N GLY B 20 -15.90 -43.67 15.98
CA GLY B 20 -15.42 -44.70 15.08
C GLY B 20 -15.75 -44.41 13.62
N ALA B 21 -17.02 -44.12 13.35
CA ALA B 21 -17.45 -43.87 11.97
C ALA B 21 -16.73 -42.67 11.36
N ALA B 22 -16.51 -41.63 12.16
CA ALA B 22 -15.89 -40.41 11.63
C ALA B 22 -14.45 -40.60 11.20
N SER B 23 -13.79 -41.69 11.63
CA SER B 23 -12.39 -41.89 11.27
C SER B 23 -12.21 -42.18 9.79
N MET B 24 -13.28 -42.55 9.07
CA MET B 24 -13.19 -42.88 7.66
C MET B 24 -13.24 -41.67 6.73
N THR B 25 -13.39 -40.46 7.27
CA THR B 25 -13.44 -39.23 6.47
C THR B 25 -12.30 -38.27 6.79
N LEU B 26 -11.23 -38.74 7.43
CA LEU B 26 -10.14 -37.84 7.82
C LEU B 26 -9.51 -37.15 6.63
N THR B 27 -9.50 -37.79 5.46
CA THR B 27 -8.90 -37.14 4.29
C THR B 27 -9.80 -36.02 3.78
N VAL B 28 -11.10 -36.13 4.03
CA VAL B 28 -12.03 -35.14 3.51
C VAL B 28 -11.77 -33.81 4.19
N GLN B 29 -11.56 -33.83 5.50
CA GLN B 29 -11.25 -32.61 6.22
C GLN B 29 -9.81 -32.18 5.95
N ALA B 30 -8.89 -33.15 5.84
CA ALA B 30 -7.49 -32.82 5.62
C ALA B 30 -7.28 -32.04 4.33
N ARG B 31 -8.04 -32.37 3.28
CA ARG B 31 -7.86 -31.68 2.01
C ARG B 31 -8.36 -30.24 2.00
N GLN B 32 -9.11 -29.80 3.02
CA GLN B 32 -9.66 -28.45 3.07
C GLN B 32 -8.80 -27.48 3.85
N LEU B 33 -7.63 -27.90 4.34
CA LEU B 33 -6.78 -27.00 5.09
C LEU B 33 -5.99 -26.06 4.19
N LEU B 34 -5.71 -26.47 2.95
CA LEU B 34 -4.97 -25.68 1.99
C LEU B 34 -5.88 -25.33 0.83
N SER B 35 -6.05 -24.03 0.59
CA SER B 35 -6.93 -23.49 -0.48
C SER B 35 -8.27 -24.21 -0.58
N THR B 58 -6.97 -2.78 -3.69
CA THR B 58 -5.59 -3.21 -3.50
C THR B 58 -5.37 -3.60 -2.03
N VAL B 59 -5.99 -2.86 -1.13
CA VAL B 59 -5.90 -3.18 0.30
C VAL B 59 -6.52 -4.55 0.56
N TRP B 60 -7.62 -4.85 -0.14
CA TRP B 60 -8.31 -6.12 0.05
C TRP B 60 -7.38 -7.27 -0.29
N GLY B 61 -6.55 -7.09 -1.33
CA GLY B 61 -5.56 -8.09 -1.64
C GLY B 61 -4.62 -8.31 -0.47
N ILE B 62 -4.25 -7.22 0.22
CA ILE B 62 -3.33 -7.36 1.34
C ILE B 62 -4.01 -8.22 2.42
N LYS B 63 -5.31 -7.97 2.67
CA LYS B 63 -6.00 -8.75 3.69
C LYS B 63 -6.02 -10.22 3.28
N GLN B 64 -6.30 -10.48 2.01
CA GLN B 64 -6.38 -11.87 1.56
C GLN B 64 -5.03 -12.52 1.73
N LEU B 65 -3.97 -11.79 1.38
CA LEU B 65 -2.62 -12.32 1.53
C LEU B 65 -2.44 -12.78 2.97
N GLN B 66 -2.63 -11.84 3.91
CA GLN B 66 -2.51 -12.10 5.34
C GLN B 66 -3.23 -13.39 5.74
N THR B 67 -4.42 -13.56 5.14
CA THR B 67 -5.22 -14.75 5.40
C THR B 67 -4.51 -16.01 4.91
N ARG B 68 -3.96 -15.93 3.70
CA ARG B 68 -3.26 -17.08 3.13
C ARG B 68 -2.05 -17.43 3.98
N VAL B 69 -1.34 -16.41 4.44
CA VAL B 69 -0.15 -16.64 5.26
C VAL B 69 -0.54 -17.30 6.57
N LEU B 70 -1.63 -16.84 7.20
CA LEU B 70 -2.03 -17.45 8.46
C LEU B 70 -2.46 -18.90 8.25
N ALA B 71 -3.16 -19.19 7.15
CA ALA B 71 -3.56 -20.57 6.88
C ALA B 71 -2.33 -21.45 6.67
N ILE B 72 -1.32 -20.92 5.98
CA ILE B 72 -0.10 -21.69 5.75
C ILE B 72 0.60 -21.94 7.08
N GLU B 73 0.69 -20.91 7.93
CA GLU B 73 1.36 -21.09 9.21
C GLU B 73 0.64 -22.13 10.07
N ARG B 74 -0.69 -22.12 10.08
CA ARG B 74 -1.39 -23.11 10.90
C ARG B 74 -1.14 -24.52 10.36
N TYR B 75 -1.18 -24.68 9.04
CA TYR B 75 -0.90 -25.99 8.44
C TYR B 75 0.49 -26.47 8.80
N LEU B 76 1.48 -25.58 8.65
CA LEU B 76 2.86 -25.96 8.93
C LEU B 76 3.07 -26.28 10.41
N LYS B 77 2.40 -25.54 11.30
CA LYS B 77 2.54 -25.85 12.72
C LYS B 77 1.97 -27.22 13.03
N ASP B 78 0.83 -27.57 12.41
CA ASP B 78 0.27 -28.90 12.65
C ASP B 78 1.18 -29.99 12.08
N GLN B 79 1.77 -29.75 10.91
CA GLN B 79 2.64 -30.75 10.32
C GLN B 79 3.93 -30.90 11.13
N GLN B 80 4.45 -29.79 11.64
CA GLN B 80 5.66 -29.85 12.45
C GLN B 80 5.37 -30.61 13.75
N LEU B 81 4.19 -30.39 14.33
CA LEU B 81 3.86 -31.06 15.57
C LEU B 81 3.74 -32.56 15.33
N LEU B 82 3.10 -32.96 14.22
CA LEU B 82 3.01 -34.38 13.92
C LEU B 82 4.39 -34.97 13.65
N GLY B 83 5.26 -34.19 12.99
CA GLY B 83 6.61 -34.67 12.75
C GLY B 83 7.37 -34.93 14.03
N ILE B 84 7.27 -33.99 14.98
CA ILE B 84 7.96 -34.14 16.27
C ILE B 84 7.49 -35.40 16.98
N TRP B 85 6.20 -35.71 16.87
CA TRP B 85 5.67 -36.91 17.51
C TRP B 85 6.03 -38.18 16.76
N GLY B 86 6.67 -38.08 15.60
CA GLY B 86 7.01 -39.25 14.81
C GLY B 86 5.88 -39.79 13.97
N CYS B 87 4.89 -38.97 13.63
CA CYS B 87 3.72 -39.37 12.85
C CYS B 87 3.67 -38.69 11.48
N SER B 88 4.80 -38.20 10.98
CA SER B 88 4.80 -37.49 9.71
C SER B 88 4.35 -38.39 8.57
N GLY B 89 3.48 -37.84 7.73
CA GLY B 89 3.01 -38.54 6.54
C GLY B 89 1.87 -39.50 6.79
N LYS B 90 1.39 -39.62 8.02
CA LYS B 90 0.32 -40.54 8.38
C LYS B 90 -0.84 -39.78 9.02
N LEU B 91 -2.03 -40.36 8.89
CA LEU B 91 -3.22 -39.88 9.56
C LEU B 91 -3.52 -40.65 10.84
N ILE B 92 -3.12 -41.92 10.88
CA ILE B 92 -3.29 -42.78 12.04
C ILE B 92 -1.89 -43.22 12.44
N CYS B 93 -1.55 -43.05 13.72
CA CYS B 93 -0.26 -43.54 14.19
C CYS B 93 -0.34 -43.99 15.64
N CYS B 94 0.38 -45.05 15.95
CA CYS B 94 0.53 -45.50 17.33
C CYS B 94 1.61 -44.61 17.94
N THR B 95 1.45 -44.24 19.22
CA THR B 95 2.46 -43.40 19.87
C THR B 95 3.23 -44.09 20.99
N ASN B 96 2.91 -45.32 21.36
CA ASN B 96 3.66 -46.03 22.39
C ASN B 96 3.66 -45.28 23.73
N VAL B 97 2.56 -44.63 24.07
CA VAL B 97 2.39 -43.96 25.35
C VAL B 97 1.17 -44.56 26.06
N PRO B 98 1.31 -45.17 27.24
CA PRO B 98 0.14 -45.74 27.91
C PRO B 98 -0.88 -44.66 28.27
N TRP B 99 -2.16 -45.06 28.26
CA TRP B 99 -3.23 -44.16 28.64
C TRP B 99 -3.38 -44.14 30.16
N ASN B 100 -3.49 -42.95 30.73
CA ASN B 100 -3.65 -42.78 32.16
C ASN B 100 -5.13 -42.78 32.52
N SER B 101 -5.46 -43.47 33.63
CA SER B 101 -6.82 -43.51 34.12
C SER B 101 -7.30 -42.15 34.64
N SER B 102 -6.39 -41.21 34.87
CA SER B 102 -6.77 -39.89 35.34
C SER B 102 -7.27 -39.01 34.20
N TRP B 103 -6.99 -39.37 32.94
CA TRP B 103 -7.44 -38.56 31.81
C TRP B 103 -8.89 -38.88 31.47
N SER B 104 -9.24 -40.16 31.44
CA SER B 104 -10.60 -40.62 31.22
C SER B 104 -10.69 -42.04 31.75
N ASN B 105 -11.92 -42.50 31.98
CA ASN B 105 -12.15 -43.88 32.42
C ASN B 105 -13.41 -44.41 31.72
N LYS B 106 -13.24 -44.78 30.45
CA LYS B 106 -14.34 -45.27 29.63
C LYS B 106 -13.84 -46.48 28.84
N SER B 107 -14.77 -47.37 28.52
CA SER B 107 -14.44 -48.52 27.68
C SER B 107 -14.26 -48.08 26.24
N GLN B 108 -13.67 -48.95 25.43
CA GLN B 108 -13.50 -48.63 24.01
C GLN B 108 -14.85 -48.53 23.32
N THR B 109 -15.81 -49.35 23.72
CA THR B 109 -17.14 -49.31 23.12
C THR B 109 -17.79 -47.96 23.38
N ASP B 110 -17.70 -47.48 24.63
CA ASP B 110 -18.34 -46.22 24.98
C ASP B 110 -17.74 -45.06 24.19
N ILE B 111 -16.41 -45.04 24.04
CA ILE B 111 -15.76 -43.93 23.36
C ILE B 111 -16.04 -43.98 21.86
N TRP B 112 -15.88 -45.15 21.24
CA TRP B 112 -15.96 -45.21 19.79
C TRP B 112 -17.38 -45.31 19.25
N ASN B 113 -18.33 -45.85 20.02
CA ASN B 113 -19.72 -46.01 19.56
C ASN B 113 -20.73 -45.14 20.29
N ASN B 114 -20.39 -44.56 21.44
CA ASN B 114 -21.35 -43.78 22.23
C ASN B 114 -20.96 -42.32 22.41
N MET B 115 -19.96 -41.82 21.69
CA MET B 115 -19.54 -40.43 21.80
C MET B 115 -19.18 -39.88 20.42
N THR B 116 -19.32 -38.56 20.28
CA THR B 116 -18.88 -37.84 19.11
C THR B 116 -17.51 -37.22 19.40
N TRP B 117 -16.86 -36.72 18.35
CA TRP B 117 -15.55 -36.12 18.56
C TRP B 117 -15.62 -34.80 19.34
N MET B 118 -16.73 -34.06 19.21
CA MET B 118 -16.86 -32.82 19.99
C MET B 118 -16.91 -33.13 21.48
N GLU B 119 -17.68 -34.16 21.85
CA GLU B 119 -17.82 -34.51 23.25
C GLU B 119 -16.50 -35.01 23.80
N TRP B 120 -15.76 -35.80 23.01
CA TRP B 120 -14.46 -36.28 23.47
C TRP B 120 -13.50 -35.12 23.63
N ASP B 121 -13.50 -34.19 22.66
CA ASP B 121 -12.61 -33.04 22.73
C ASP B 121 -12.83 -32.25 24.01
N ARG B 122 -14.10 -32.07 24.38
CA ARG B 122 -14.37 -31.39 25.65
C ARG B 122 -13.94 -32.26 26.83
N GLU B 123 -14.19 -33.57 26.73
CA GLU B 123 -13.94 -34.49 27.84
C GLU B 123 -12.49 -34.45 28.34
N ILE B 124 -11.51 -34.32 27.44
CA ILE B 124 -10.10 -34.31 27.81
C ILE B 124 -9.41 -32.99 27.48
N SER B 125 -10.17 -31.90 27.37
CA SER B 125 -9.58 -30.62 26.98
C SER B 125 -8.43 -30.20 27.90
N ASN B 126 -8.60 -30.38 29.22
CA ASN B 126 -7.61 -29.86 30.15
C ASN B 126 -6.33 -30.65 30.18
N TYR B 127 -6.25 -31.76 29.45
CA TYR B 127 -5.05 -32.58 29.38
C TYR B 127 -4.38 -32.45 28.03
N THR B 128 -4.89 -31.57 27.16
CA THR B 128 -4.39 -31.48 25.79
C THR B 128 -2.89 -31.24 25.74
N ASP B 129 -2.38 -30.34 26.58
CA ASP B 129 -0.95 -30.06 26.50
C ASP B 129 -0.13 -31.09 27.24
N THR B 130 -0.67 -31.66 28.33
CA THR B 130 0.09 -32.62 29.11
C THR B 130 0.46 -33.83 28.25
N ILE B 131 -0.52 -34.33 27.52
CA ILE B 131 -0.32 -35.53 26.72
C ILE B 131 0.70 -35.21 25.64
N TYR B 132 0.60 -34.01 25.06
CA TYR B 132 1.52 -33.65 23.99
C TYR B 132 2.96 -33.70 24.48
N ARG B 133 3.21 -33.25 25.72
CA ARG B 133 4.57 -33.31 26.23
C ARG B 133 5.07 -34.73 26.31
N LEU B 134 4.19 -35.65 26.75
CA LEU B 134 4.60 -37.04 26.83
C LEU B 134 4.91 -37.59 25.45
N LEU B 135 4.13 -37.17 24.45
CA LEU B 135 4.38 -37.66 23.10
C LEU B 135 5.75 -37.21 22.63
N GLU B 136 6.12 -35.97 22.95
CA GLU B 136 7.44 -35.49 22.53
C GLU B 136 8.51 -36.30 23.22
N ASP B 137 8.29 -36.61 24.50
CA ASP B 137 9.28 -37.35 25.24
C ASP B 137 9.41 -38.75 24.67
N SER B 138 8.29 -39.33 24.22
CA SER B 138 8.36 -40.66 23.65
C SER B 138 9.27 -40.64 22.42
N GLN B 139 9.09 -39.63 21.56
CA GLN B 139 9.93 -39.59 20.37
C GLN B 139 11.37 -39.33 20.78
N THR B 140 11.57 -38.58 21.87
CA THR B 140 12.93 -38.34 22.34
C THR B 140 13.55 -39.66 22.80
N GLN B 141 12.77 -40.49 23.49
CA GLN B 141 13.31 -41.77 23.92
C GLN B 141 13.58 -42.68 22.74
N GLN B 142 12.68 -42.68 21.75
CA GLN B 142 12.90 -43.42 20.53
C GLN B 142 13.79 -42.61 19.58
N GLU B 143 14.07 -43.19 18.42
CA GLU B 143 14.87 -42.60 17.35
C GLU B 143 16.35 -42.43 17.68
N LYS B 144 16.67 -41.85 18.85
CA LYS B 144 18.06 -41.72 19.27
C LYS B 144 18.43 -42.74 20.34
N ASN B 145 17.85 -42.60 21.53
CA ASN B 145 18.32 -43.39 22.67
C ASN B 145 18.04 -44.88 22.49
N GLU B 146 16.90 -45.24 21.89
CA GLU B 146 16.55 -46.63 21.71
C GLU B 146 16.85 -47.18 20.32
N LYS B 147 17.30 -46.36 19.38
CA LYS B 147 17.58 -46.80 18.01
C LYS B 147 19.01 -46.55 17.58
N ASP B 148 19.64 -45.48 18.05
CA ASP B 148 21.00 -45.19 17.62
C ASP B 148 21.96 -46.27 18.09
N LEU B 149 21.67 -46.86 19.25
CA LEU B 149 22.52 -47.89 19.82
C LEU B 149 22.44 -49.20 19.04
N LEU B 150 21.40 -49.38 18.22
CA LEU B 150 21.24 -50.59 17.44
C LEU B 150 21.90 -50.46 16.08
N ALA B 151 21.88 -49.27 15.50
CA ALA B 151 22.58 -49.04 14.23
C ALA B 151 24.07 -49.31 14.38
N LEU B 152 24.63 -49.03 15.55
CA LEU B 152 26.04 -49.28 15.82
C LEU B 152 26.37 -50.76 15.63
N GLN C 1 -11.26 11.71 31.16
CA GLN C 1 -12.10 11.87 32.38
C GLN C 1 -13.53 12.19 31.96
N VAL C 2 -14.45 11.31 32.31
CA VAL C 2 -15.86 11.50 31.96
C VAL C 2 -16.41 12.65 32.77
N GLN C 3 -17.05 13.62 32.09
CA GLN C 3 -17.63 14.76 32.80
C GLN C 3 -18.94 15.17 32.16
N LEU C 4 -19.94 15.40 33.01
CA LEU C 4 -21.24 15.92 32.63
C LEU C 4 -21.54 17.19 33.43
N LEU C 5 -21.67 18.31 32.75
CA LEU C 5 -21.94 19.61 33.38
C LEU C 5 -23.40 19.97 33.11
N GLN C 6 -24.06 20.64 34.05
CA GLN C 6 -25.44 21.06 33.85
C GLN C 6 -25.63 22.53 34.17
N SER C 7 -26.67 23.10 33.56
CA SER C 7 -27.06 24.47 33.80
C SER C 7 -27.66 24.63 35.20
N GLY C 8 -27.75 25.87 35.66
CA GLY C 8 -28.28 26.17 36.97
C GLY C 8 -29.80 26.15 36.98
N ALA C 9 -30.34 26.39 38.18
CA ALA C 9 -31.78 26.32 38.38
C ALA C 9 -32.50 27.40 37.57
N ALA C 10 -33.74 27.09 37.18
CA ALA C 10 -34.60 28.01 36.45
C ALA C 10 -35.96 28.05 37.13
N VAL C 11 -36.57 29.24 37.15
CA VAL C 11 -37.90 29.45 37.71
C VAL C 11 -38.74 30.13 36.65
N THR C 12 -39.91 29.57 36.37
CA THR C 12 -40.82 30.09 35.36
C THR C 12 -42.25 29.90 35.85
N LYS C 13 -43.21 30.07 34.94
CA LYS C 13 -44.64 29.99 35.20
C LYS C 13 -45.28 28.89 34.35
N PRO C 14 -46.41 28.31 34.79
CA PRO C 14 -47.07 27.27 34.00
C PRO C 14 -47.34 27.69 32.56
N GLY C 15 -47.08 26.77 31.63
CA GLY C 15 -47.28 27.00 30.22
C GLY C 15 -46.08 27.54 29.48
N ALA C 16 -45.05 27.99 30.19
CA ALA C 16 -43.84 28.53 29.58
C ALA C 16 -42.84 27.41 29.38
N SER C 17 -42.41 27.21 28.13
CA SER C 17 -41.46 26.14 27.85
C SER C 17 -40.16 26.41 28.59
N VAL C 18 -39.54 25.34 29.10
CA VAL C 18 -38.27 25.44 29.82
C VAL C 18 -37.27 24.47 29.21
N ARG C 19 -36.04 24.94 29.04
CA ARG C 19 -34.95 24.14 28.50
C ARG C 19 -33.95 23.84 29.61
N VAL C 20 -33.57 22.56 29.75
CA VAL C 20 -32.55 22.10 30.67
C VAL C 20 -31.44 21.48 29.82
N SER C 21 -30.20 21.93 29.99
CA SER C 21 -29.10 21.41 29.21
C SER C 21 -28.13 20.60 30.06
N CYS C 22 -27.41 19.73 29.38
CA CYS C 22 -26.35 18.90 29.94
C CYS C 22 -25.25 18.83 28.89
N GLU C 23 -24.02 19.11 29.28
CA GLU C 23 -22.88 19.09 28.36
C GLU C 23 -21.95 17.95 28.75
N ALA C 24 -21.72 17.05 27.80
CA ALA C 24 -20.87 15.89 27.98
C ALA C 24 -19.50 16.17 27.36
N SER C 25 -18.46 15.77 28.07
CA SER C 25 -17.09 15.94 27.58
C SER C 25 -16.16 14.93 28.23
N GLY C 26 -15.00 14.77 27.60
CA GLY C 26 -13.90 13.98 28.12
C GLY C 26 -13.92 12.50 27.79
N TYR C 27 -14.82 12.05 26.91
CA TYR C 27 -14.90 10.65 26.55
C TYR C 27 -15.55 10.56 25.18
N ASN C 28 -15.59 9.34 24.64
CA ASN C 28 -16.20 9.14 23.32
C ASN C 28 -17.71 9.09 23.53
N ILE C 29 -18.35 10.24 23.30
CA ILE C 29 -19.78 10.41 23.56
C ILE C 29 -20.62 9.52 22.65
N ARG C 30 -20.21 9.38 21.40
CA ARG C 30 -20.99 8.65 20.40
C ARG C 30 -21.23 7.19 20.74
N ASP C 31 -20.47 6.60 21.67
CA ASP C 31 -20.63 5.18 22.00
C ASP C 31 -21.60 4.88 23.13
N TYR C 32 -22.18 5.89 23.80
CA TYR C 32 -23.05 5.64 24.95
C TYR C 32 -24.33 6.45 24.86
N PHE C 33 -25.44 5.84 25.27
CA PHE C 33 -26.73 6.53 25.31
C PHE C 33 -26.76 7.49 26.48
N ILE C 34 -27.45 8.62 26.31
CA ILE C 34 -27.66 9.57 27.40
C ILE C 34 -29.11 9.50 27.84
N HIS C 35 -29.33 9.31 29.14
CA HIS C 35 -30.67 9.21 29.71
C HIS C 35 -30.96 10.43 30.55
N TRP C 36 -32.24 10.80 30.61
CA TRP C 36 -32.74 11.85 31.47
C TRP C 36 -33.69 11.24 32.50
N TRP C 37 -33.58 11.75 33.73
CA TRP C 37 -34.38 11.35 34.89
C TRP C 37 -34.96 12.57 35.59
N ARG C 38 -36.15 12.41 36.17
CA ARG C 38 -36.83 13.47 36.93
C ARG C 38 -37.05 13.00 38.35
N GLN C 39 -36.52 13.75 39.32
CA GLN C 39 -36.65 13.45 40.75
C GLN C 39 -37.49 14.53 41.43
N ALA C 40 -38.77 14.22 41.67
CA ALA C 40 -39.61 15.16 42.38
C ALA C 40 -39.20 15.18 43.86
N PRO C 41 -39.39 16.30 44.56
CA PRO C 41 -38.98 16.34 45.98
C PRO C 41 -39.63 15.25 46.81
N GLY C 42 -38.81 14.54 47.57
CA GLY C 42 -39.29 13.50 48.47
C GLY C 42 -39.64 12.19 47.80
N GLN C 43 -39.51 12.09 46.49
CA GLN C 43 -39.89 10.94 45.69
C GLN C 43 -38.65 10.22 45.18
N GLY C 44 -38.89 9.14 44.45
CA GLY C 44 -37.83 8.40 43.79
C GLY C 44 -37.55 9.04 42.45
N LEU C 45 -36.82 8.31 41.60
CA LEU C 45 -36.43 8.84 40.31
C LEU C 45 -37.38 8.32 39.24
N GLN C 46 -38.01 9.23 38.51
CA GLN C 46 -38.84 8.89 37.38
C GLN C 46 -37.98 8.91 36.13
N TRP C 47 -38.20 7.94 35.25
CA TRP C 47 -37.49 7.92 33.98
C TRP C 47 -38.13 8.94 33.05
N VAL C 48 -37.30 9.77 32.42
CA VAL C 48 -37.77 10.76 31.46
C VAL C 48 -37.54 10.31 30.03
N GLY C 49 -36.38 9.72 29.75
CA GLY C 49 -36.15 9.26 28.39
C GLY C 49 -34.70 9.02 28.09
N TRP C 50 -34.44 8.51 26.89
CA TRP C 50 -33.07 8.33 26.42
C TRP C 50 -32.93 8.98 25.06
N ILE C 51 -31.70 9.42 24.77
CA ILE C 51 -31.32 9.95 23.47
C ILE C 51 -30.04 9.26 23.01
N ASN C 52 -30.06 8.85 21.74
CA ASN C 52 -28.90 8.26 21.08
C ASN C 52 -28.00 9.39 20.57
N PRO C 53 -26.76 9.53 21.05
CA PRO C 53 -25.97 10.71 20.64
C PRO C 53 -25.58 10.72 19.18
N LYS C 54 -25.72 9.61 18.45
CA LYS C 54 -25.29 9.54 17.06
C LYS C 54 -26.42 9.76 16.07
N THR C 55 -27.63 9.29 16.40
CA THR C 55 -28.76 9.41 15.50
C THR C 55 -29.77 10.46 15.94
N GLY C 56 -29.74 10.86 17.21
CA GLY C 56 -30.68 11.85 17.71
C GLY C 56 -32.05 11.33 18.08
N GLN C 57 -32.27 10.02 17.99
CA GLN C 57 -33.60 9.47 18.24
C GLN C 57 -34.00 9.62 19.71
N PRO C 58 -35.06 10.35 20.04
CA PRO C 58 -35.52 10.37 21.43
C PRO C 58 -36.42 9.19 21.72
N ASN C 59 -36.48 8.82 22.99
CA ASN C 59 -37.46 7.83 23.45
C ASN C 59 -37.94 8.25 24.83
N ASN C 60 -39.20 8.63 24.92
CA ASN C 60 -39.84 9.11 26.14
C ASN C 60 -40.97 8.17 26.55
N PRO C 61 -41.30 8.06 27.83
CA PRO C 61 -42.47 7.29 28.23
C PRO C 61 -43.76 8.04 27.95
N ARG C 62 -44.86 7.28 27.95
CA ARG C 62 -46.20 7.79 27.66
C ARG C 62 -46.51 9.12 28.35
N GLN C 63 -46.18 9.25 29.63
CA GLN C 63 -46.56 10.44 30.37
C GLN C 63 -45.88 11.71 29.87
N PHE C 64 -44.79 11.60 29.11
CA PHE C 64 -44.06 12.76 28.60
C PHE C 64 -44.20 12.93 27.08
N GLN C 65 -45.08 12.18 26.42
CA GLN C 65 -45.21 12.33 24.98
C GLN C 65 -45.93 13.62 24.65
N GLY C 66 -45.38 14.39 23.71
CA GLY C 66 -45.95 15.65 23.32
C GLY C 66 -45.57 16.80 24.21
N ARG C 67 -44.84 16.54 25.30
CA ARG C 67 -44.44 17.54 26.28
C ARG C 67 -42.93 17.69 26.38
N VAL C 68 -42.17 16.60 26.24
CA VAL C 68 -40.72 16.61 26.39
C VAL C 68 -40.10 16.30 25.04
N SER C 69 -39.24 17.21 24.57
CA SER C 69 -38.47 17.05 23.35
C SER C 69 -37.00 16.99 23.72
N LEU C 70 -36.37 15.85 23.47
CA LEU C 70 -34.96 15.67 23.76
C LEU C 70 -34.18 15.84 22.47
N THR C 71 -33.11 16.62 22.52
CA THR C 71 -32.27 16.82 21.34
C THR C 71 -30.80 16.84 21.74
N ARG C 72 -29.94 16.87 20.73
CA ARG C 72 -28.49 16.93 20.94
C ARG C 72 -27.87 17.76 19.83
N HIS C 73 -26.80 18.46 20.18
CA HIS C 73 -26.00 19.26 19.27
C HIS C 73 -24.54 18.89 19.42
N ALA C 74 -23.95 18.33 18.37
CA ALA C 74 -22.55 17.96 18.41
C ALA C 74 -21.67 19.19 18.17
N SER C 75 -20.58 19.29 18.92
CA SER C 75 -19.61 20.34 18.74
C SER C 75 -18.56 19.91 17.71
N TRP C 76 -17.69 20.87 17.36
CA TRP C 76 -16.63 20.62 16.39
C TRP C 76 -15.74 19.46 16.81
N ASP C 77 -15.47 18.56 15.86
CA ASP C 77 -14.65 17.36 16.01
C ASP C 77 -15.25 16.34 16.99
N PHE C 78 -16.50 16.54 17.40
CA PHE C 78 -17.20 15.61 18.30
C PHE C 78 -16.48 15.48 19.64
N ASP C 79 -15.74 16.51 20.06
CA ASP C 79 -15.07 16.46 21.35
C ASP C 79 -16.05 16.60 22.50
N THR C 80 -17.12 17.38 22.32
CA THR C 80 -18.14 17.57 23.34
C THR C 80 -19.50 17.54 22.67
N TYR C 81 -20.54 17.26 23.47
CA TYR C 81 -21.92 17.33 23.01
C TYR C 81 -22.77 18.11 24.00
N SER C 82 -23.69 18.92 23.46
CA SER C 82 -24.67 19.63 24.27
C SER C 82 -26.01 18.93 24.07
N PHE C 83 -26.58 18.39 25.15
CA PHE C 83 -27.85 17.70 25.13
C PHE C 83 -28.88 18.62 25.77
N TYR C 84 -30.10 18.60 25.26
CA TYR C 84 -31.15 19.47 25.77
C TYR C 84 -32.45 18.70 25.97
N MET C 85 -33.16 19.11 27.02
CA MET C 85 -34.51 18.67 27.34
C MET C 85 -35.41 19.89 27.32
N ASP C 86 -36.31 19.96 26.34
CA ASP C 86 -37.25 21.08 26.20
C ASP C 86 -38.62 20.58 26.66
N LEU C 87 -39.08 21.10 27.79
CA LEU C 87 -40.38 20.72 28.36
C LEU C 87 -41.36 21.83 28.02
N LYS C 88 -42.40 21.48 27.25
CA LYS C 88 -43.32 22.47 26.68
C LYS C 88 -44.52 22.80 27.57
N ALA C 89 -45.44 21.84 27.74
CA ALA C 89 -46.66 22.09 28.50
C ALA C 89 -46.37 21.96 29.99
N LEU C 90 -45.62 22.94 30.48
CA LEU C 90 -45.14 22.92 31.86
C LEU C 90 -46.28 23.17 32.83
N ARG C 91 -46.29 22.41 33.94
CA ARG C 91 -47.28 22.53 34.98
C ARG C 91 -46.58 22.61 36.34
N SER C 92 -47.35 23.01 37.36
CA SER C 92 -46.79 23.07 38.71
C SER C 92 -46.40 21.70 39.24
N ASP C 93 -46.97 20.63 38.68
CA ASP C 93 -46.65 19.26 39.10
C ASP C 93 -45.26 18.82 38.66
N ASP C 94 -44.59 19.58 37.78
CA ASP C 94 -43.30 19.22 37.24
C ASP C 94 -42.12 19.80 38.02
N THR C 95 -42.35 20.37 39.19
CA THR C 95 -41.24 20.84 40.01
C THR C 95 -40.39 19.64 40.40
N ALA C 96 -39.10 19.68 40.04
CA ALA C 96 -38.26 18.52 40.27
C ALA C 96 -36.82 18.86 39.90
N VAL C 97 -35.90 17.96 40.29
CA VAL C 97 -34.51 18.01 39.83
C VAL C 97 -34.38 17.09 38.63
N TYR C 98 -33.86 17.62 37.53
CA TYR C 98 -33.69 16.89 36.28
C TYR C 98 -32.22 16.51 36.09
N PHE C 99 -31.95 15.21 35.99
CA PHE C 99 -30.59 14.69 35.90
C PHE C 99 -30.35 14.08 34.52
N CYS C 100 -29.10 14.18 34.07
CA CYS C 100 -28.59 13.48 32.90
C CYS C 100 -27.63 12.40 33.38
N ALA C 101 -27.59 11.27 32.67
CA ALA C 101 -26.66 10.20 33.03
C ALA C 101 -26.27 9.37 31.81
N ARG C 102 -25.07 8.79 31.89
CA ARG C 102 -24.54 7.89 30.86
C ARG C 102 -24.89 6.44 31.11
N GLN C 103 -25.33 5.75 30.07
CA GLN C 103 -25.56 4.31 30.11
C GLN C 103 -24.30 3.62 29.59
N ARG C 104 -23.54 2.97 30.47
CA ARG C 104 -22.28 2.36 30.09
C ARG C 104 -22.36 0.86 29.83
N SER C 105 -23.53 0.23 29.97
CA SER C 105 -23.61 -1.22 29.87
C SER C 105 -25.01 -1.64 29.45
N ASP C 106 -25.17 -2.94 29.23
CA ASP C 106 -26.45 -3.52 28.85
C ASP C 106 -27.37 -3.74 30.04
N TYR C 107 -26.95 -3.33 31.25
CA TYR C 107 -27.74 -3.46 32.47
C TYR C 107 -28.31 -2.11 32.90
N TRP C 108 -28.14 -1.07 32.09
CA TRP C 108 -28.57 0.29 32.42
C TRP C 108 -27.85 0.77 33.68
N ASP C 109 -26.55 0.52 33.73
CA ASP C 109 -25.70 0.96 34.83
C ASP C 109 -25.28 2.40 34.57
N PHE C 110 -25.65 3.32 35.45
CA PHE C 110 -25.34 4.73 35.29
C PHE C 110 -24.20 5.11 36.23
N ASP C 111 -23.01 5.28 35.65
CA ASP C 111 -21.82 5.54 36.46
C ASP C 111 -21.68 7.02 36.79
N VAL C 112 -21.78 7.89 35.78
CA VAL C 112 -21.59 9.32 35.94
C VAL C 112 -22.94 10.02 35.76
N TRP C 113 -23.28 10.86 36.73
CA TRP C 113 -24.51 11.64 36.77
C TRP C 113 -24.15 13.12 36.76
N GLY C 114 -25.03 13.94 36.22
CA GLY C 114 -24.83 15.36 36.28
C GLY C 114 -25.20 15.90 37.65
N SER C 115 -24.98 17.20 37.84
CA SER C 115 -25.25 17.79 39.14
C SER C 115 -26.73 17.93 39.44
N GLY C 116 -27.58 17.94 38.41
CA GLY C 116 -29.01 18.07 38.62
C GLY C 116 -29.46 19.50 38.46
N THR C 117 -30.48 19.75 37.63
CA THR C 117 -31.01 21.08 37.42
C THR C 117 -32.35 21.18 38.13
N GLN C 118 -32.48 22.13 39.04
CA GLN C 118 -33.73 22.33 39.77
C GLN C 118 -34.67 23.17 38.92
N VAL C 119 -35.88 22.66 38.70
CA VAL C 119 -36.94 23.38 37.98
C VAL C 119 -38.08 23.57 38.97
N THR C 120 -38.47 24.84 39.17
CA THR C 120 -39.55 25.23 40.05
C THR C 120 -40.65 25.87 39.21
N VAL C 121 -41.90 25.49 39.47
CA VAL C 121 -43.03 25.99 38.69
C VAL C 121 -44.16 26.34 39.65
N ASP D 1 -43.85 -7.49 31.71
CA ASP D 1 -43.49 -6.46 32.73
C ASP D 1 -42.61 -7.06 33.83
N ILE D 2 -41.82 -6.19 34.46
CA ILE D 2 -40.92 -6.57 35.54
C ILE D 2 -41.53 -6.09 36.85
N GLN D 3 -41.74 -7.02 37.78
CA GLN D 3 -42.33 -6.72 39.08
C GLN D 3 -41.20 -6.53 40.07
N MET D 4 -41.41 -5.62 41.04
CA MET D 4 -40.42 -5.39 42.07
C MET D 4 -41.02 -5.16 43.44
N THR D 5 -40.26 -5.52 44.47
CA THR D 5 -40.57 -5.18 45.85
C THR D 5 -39.30 -4.61 46.49
N GLN D 6 -39.50 -3.90 47.59
CA GLN D 6 -38.40 -3.32 48.35
C GLN D 6 -38.77 -3.29 49.82
N SER D 7 -37.86 -3.77 50.68
CA SER D 7 -38.11 -3.82 52.11
C SER D 7 -36.77 -3.82 52.84
N PRO D 8 -36.65 -3.14 54.00
CA PRO D 8 -37.65 -2.37 54.76
C PRO D 8 -37.86 -0.97 54.18
N SER D 9 -38.86 -0.22 54.65
CA SER D 9 -39.00 1.17 54.23
C SER D 9 -37.97 2.07 54.90
N SER D 10 -37.50 1.69 56.09
CA SER D 10 -36.49 2.45 56.81
C SER D 10 -35.64 1.50 57.63
N LEU D 11 -34.41 1.90 57.91
CA LEU D 11 -33.46 1.09 58.67
C LEU D 11 -32.73 1.97 59.66
N SER D 12 -32.50 1.43 60.86
CA SER D 12 -31.77 2.11 61.92
C SER D 12 -30.73 1.14 62.49
N ALA D 13 -29.49 1.59 62.58
CA ALA D 13 -28.39 0.73 63.00
C ALA D 13 -27.38 1.54 63.79
N SER D 14 -26.44 0.83 64.41
CA SER D 14 -25.32 1.42 65.14
C SER D 14 -24.06 1.35 64.28
N VAL D 15 -23.06 2.15 64.64
CA VAL D 15 -21.82 2.18 63.88
C VAL D 15 -21.08 0.87 64.10
N GLY D 16 -20.65 0.25 62.99
CA GLY D 16 -19.95 -1.02 63.01
C GLY D 16 -20.84 -2.22 62.76
N ASP D 17 -22.15 -2.04 62.79
CA ASP D 17 -23.09 -3.12 62.54
C ASP D 17 -23.04 -3.57 61.10
N THR D 18 -23.42 -4.82 60.87
CA THR D 18 -23.63 -5.36 59.53
C THR D 18 -25.14 -5.38 59.30
N VAL D 19 -25.58 -4.75 58.21
CA VAL D 19 -27.00 -4.62 57.88
C VAL D 19 -27.23 -5.08 56.44
N THR D 20 -28.48 -5.43 56.16
CA THR D 20 -28.91 -5.78 54.81
C THR D 20 -30.19 -5.05 54.46
N ILE D 21 -30.35 -4.81 53.16
CA ILE D 21 -31.53 -4.18 52.57
C ILE D 21 -31.98 -5.12 51.46
N THR D 22 -33.26 -5.49 51.44
CA THR D 22 -33.74 -6.48 50.48
C THR D 22 -34.57 -5.84 49.39
N CYS D 23 -34.25 -6.19 48.15
CA CYS D 23 -34.96 -5.80 46.94
C CYS D 23 -35.22 -7.08 46.17
N GLN D 24 -36.42 -7.21 45.59
CA GLN D 24 -36.77 -8.37 44.79
C GLN D 24 -37.15 -7.90 43.40
N ALA D 25 -36.61 -8.56 42.37
CA ALA D 25 -36.94 -8.23 41.00
C ALA D 25 -36.59 -9.39 40.08
N ASN D 26 -37.42 -9.59 39.05
CA ASN D 26 -37.18 -10.57 37.98
C ASN D 26 -36.45 -9.92 36.80
N GLY D 27 -35.21 -9.51 37.05
CA GLY D 27 -34.45 -8.84 36.00
C GLY D 27 -33.11 -8.36 36.51
N TYR D 28 -32.35 -7.74 35.61
CA TYR D 28 -31.04 -7.21 35.98
C TYR D 28 -31.24 -6.07 36.96
N LEU D 29 -30.47 -6.09 38.05
CA LEU D 29 -30.49 -5.02 39.03
C LEU D 29 -29.18 -4.30 39.19
N ASN D 30 -29.30 -3.04 39.61
CA ASN D 30 -28.15 -2.35 40.16
C ASN D 30 -28.65 -1.58 41.39
N TRP D 31 -27.68 -1.09 42.17
CA TRP D 31 -27.93 -0.35 43.40
C TRP D 31 -27.15 0.95 43.39
N TYR D 32 -27.79 2.00 43.92
CA TYR D 32 -27.21 3.34 44.02
C TYR D 32 -27.34 3.91 45.43
N GLN D 33 -26.36 4.72 45.81
CA GLN D 33 -26.36 5.45 47.07
C GLN D 33 -26.81 6.88 46.78
N GLN D 34 -28.02 7.23 47.22
CA GLN D 34 -28.58 8.56 46.98
C GLN D 34 -28.48 9.37 48.26
N ARG D 35 -27.81 10.50 48.16
CA ARG D 35 -27.61 11.45 49.24
C ARG D 35 -28.44 12.69 48.94
N ARG D 36 -28.63 13.52 49.96
CA ARG D 36 -29.30 14.80 49.74
C ARG D 36 -28.24 15.72 49.14
N GLY D 37 -28.01 15.53 47.85
CA GLY D 37 -26.90 16.19 47.20
C GLY D 37 -26.95 16.09 45.69
N LYS D 38 -25.78 16.33 45.08
CA LYS D 38 -25.70 16.50 43.63
C LYS D 38 -26.21 15.31 42.83
N ALA D 39 -25.95 14.09 43.27
CA ALA D 39 -26.35 12.95 42.44
C ALA D 39 -26.26 11.67 43.27
N PRO D 40 -27.02 10.62 42.89
CA PRO D 40 -26.76 9.29 43.44
C PRO D 40 -25.46 8.71 42.90
N LYS D 41 -24.77 7.97 43.77
CA LYS D 41 -23.55 7.26 43.40
C LYS D 41 -23.85 5.78 43.23
N LEU D 42 -23.45 5.24 42.08
CA LEU D 42 -23.64 3.83 41.79
C LEU D 42 -22.74 2.98 42.68
N LEU D 43 -23.34 1.99 43.34
CA LEU D 43 -22.60 1.09 44.22
C LEU D 43 -22.42 -0.28 43.61
N ILE D 44 -23.51 -0.96 43.23
CA ILE D 44 -23.46 -2.35 42.78
C ILE D 44 -24.11 -2.47 41.41
N TYR D 45 -23.48 -3.22 40.52
CA TYR D 45 -24.01 -3.49 39.20
C TYR D 45 -23.86 -4.97 38.93
N ASP D 46 -24.67 -5.49 37.99
CA ASP D 46 -24.66 -6.91 37.66
C ASP D 46 -25.16 -7.65 38.89
N GLY D 47 -25.13 -8.98 38.88
CA GLY D 47 -25.57 -9.76 40.02
C GLY D 47 -24.92 -9.28 41.31
N SER D 48 -23.59 -9.25 41.32
CA SER D 48 -22.86 -8.73 42.48
C SER D 48 -21.45 -8.29 42.09
N LYS D 49 -21.32 -7.07 41.56
CA LYS D 49 -20.04 -6.48 41.21
C LYS D 49 -19.96 -5.09 41.81
N LEU D 50 -18.77 -4.68 42.24
CA LEU D 50 -18.54 -3.35 42.78
C LEU D 50 -17.93 -2.43 41.73
N GLU D 51 -18.27 -1.16 41.82
CA GLU D 51 -17.67 -0.11 41.00
C GLU D 51 -16.31 0.31 41.55
N ARG D 52 -15.49 0.89 40.66
CA ARG D 52 -14.22 1.46 41.07
C ARG D 52 -14.46 2.67 41.96
N GLY D 53 -13.71 2.74 43.06
CA GLY D 53 -13.85 3.85 43.99
C GLY D 53 -14.79 3.61 45.14
N VAL D 54 -15.43 2.44 45.20
CA VAL D 54 -16.37 2.11 46.26
C VAL D 54 -15.59 1.42 47.37
N PRO D 55 -15.63 1.92 48.62
CA PRO D 55 -14.91 1.24 49.71
C PRO D 55 -15.38 -0.19 49.85
N SER D 56 -14.47 -1.07 50.27
CA SER D 56 -14.78 -2.49 50.40
C SER D 56 -15.55 -2.79 51.70
N ARG D 57 -16.73 -2.16 51.78
CA ARG D 57 -17.72 -2.38 52.82
C ARG D 57 -19.04 -2.85 52.24
N PHE D 58 -19.32 -2.49 50.99
CA PHE D 58 -20.56 -2.81 50.32
C PHE D 58 -20.39 -4.10 49.56
N SER D 59 -21.39 -4.98 49.64
CA SER D 59 -21.33 -6.26 48.95
C SER D 59 -22.76 -6.71 48.67
N GLY D 60 -22.89 -7.85 48.04
CA GLY D 60 -24.21 -8.38 47.77
C GLY D 60 -24.15 -9.82 47.33
N ARG D 61 -25.32 -10.45 47.37
CA ARG D 61 -25.52 -11.83 47.01
C ARG D 61 -26.92 -11.94 46.45
N ARG D 62 -27.13 -12.88 45.54
CA ARG D 62 -28.46 -13.15 45.01
C ARG D 62 -28.80 -14.63 45.15
N TRP D 63 -30.08 -14.88 45.41
CA TRP D 63 -30.61 -16.23 45.53
C TRP D 63 -32.05 -16.13 45.06
N GLY D 64 -32.39 -16.84 44.01
CA GLY D 64 -33.71 -16.66 43.43
C GLY D 64 -33.84 -15.22 42.94
N GLN D 65 -34.90 -14.55 43.35
CA GLN D 65 -35.16 -13.18 42.96
C GLN D 65 -34.73 -12.15 44.01
N GLU D 66 -34.17 -12.56 45.15
CA GLU D 66 -33.82 -11.63 46.22
C GLU D 66 -32.34 -11.25 46.20
N TYR D 67 -32.07 -10.00 46.54
CA TYR D 67 -30.73 -9.42 46.67
C TYR D 67 -30.67 -8.74 48.03
N ASN D 68 -29.54 -8.87 48.75
CA ASN D 68 -29.48 -8.38 50.12
C ASN D 68 -28.66 -7.12 50.38
N LEU D 69 -27.77 -6.70 49.47
CA LEU D 69 -26.93 -5.50 49.68
C LEU D 69 -26.24 -5.51 51.04
N THR D 70 -25.56 -6.61 51.36
CA THR D 70 -24.94 -6.67 52.68
C THR D 70 -23.91 -5.53 52.81
N ILE D 71 -24.03 -4.75 53.89
CA ILE D 71 -23.12 -3.65 54.19
C ILE D 71 -22.36 -3.97 55.47
N ASN D 72 -21.08 -4.27 55.35
CA ASN D 72 -20.26 -4.63 56.50
C ASN D 72 -19.63 -3.38 57.09
N ASN D 73 -19.39 -3.41 58.41
CA ASN D 73 -18.68 -2.36 59.13
C ASN D 73 -19.24 -0.96 58.83
N LEU D 74 -20.56 -0.82 59.00
CA LEU D 74 -21.25 0.42 58.67
C LEU D 74 -20.63 1.63 59.36
N GLN D 75 -20.32 2.66 58.57
CA GLN D 75 -19.66 3.88 59.03
C GLN D 75 -20.60 5.08 58.93
N PRO D 76 -20.32 6.18 59.68
CA PRO D 76 -21.14 7.40 59.56
C PRO D 76 -21.32 7.91 58.14
N GLU D 77 -20.33 7.71 57.27
CA GLU D 77 -20.41 8.17 55.88
C GLU D 77 -21.46 7.44 55.05
N ASP D 78 -21.99 6.32 55.54
CA ASP D 78 -22.94 5.50 54.80
C ASP D 78 -24.41 5.89 55.03
N ILE D 79 -24.68 7.01 55.70
CA ILE D 79 -26.07 7.43 55.87
C ILE D 79 -26.56 7.95 54.52
N ALA D 80 -27.49 7.21 53.91
CA ALA D 80 -27.98 7.52 52.58
C ALA D 80 -29.23 6.67 52.34
N THR D 81 -29.95 6.99 51.28
CA THR D 81 -31.06 6.16 50.81
C THR D 81 -30.53 5.27 49.70
N TYR D 82 -30.76 3.96 49.79
CA TYR D 82 -30.21 3.02 48.81
C TYR D 82 -31.29 2.62 47.82
N PHE D 83 -31.10 3.01 46.56
CA PHE D 83 -32.07 2.78 45.49
C PHE D 83 -31.75 1.49 44.76
N CYS D 84 -32.81 0.87 44.22
CA CYS D 84 -32.74 -0.38 43.48
C CYS D 84 -33.42 -0.15 42.13
N GLN D 85 -32.74 -0.57 41.04
CA GLN D 85 -33.23 -0.32 39.67
C GLN D 85 -33.19 -1.54 38.76
N VAL D 86 -34.26 -1.68 37.95
CA VAL D 86 -34.33 -2.59 36.80
C VAL D 86 -34.63 -1.69 35.60
N TYR D 87 -33.66 -1.54 34.70
CA TYR D 87 -33.83 -0.72 33.50
C TYR D 87 -34.40 0.67 33.83
N GLU D 88 -35.59 1.02 33.31
CA GLU D 88 -36.17 2.34 33.54
C GLU D 88 -36.91 2.46 34.87
N PHE D 89 -37.09 1.38 35.62
CA PHE D 89 -37.86 1.38 36.85
C PHE D 89 -36.94 1.49 38.06
N VAL D 90 -37.11 2.54 38.85
CA VAL D 90 -36.35 2.79 40.07
C VAL D 90 -37.35 2.76 41.22
N VAL D 91 -37.08 1.93 42.22
CA VAL D 91 -37.97 1.76 43.36
C VAL D 91 -37.44 2.62 44.51
N PRO D 92 -38.29 3.42 45.17
CA PRO D 92 -37.80 4.23 46.30
C PRO D 92 -37.05 3.36 47.30
N GLY D 93 -35.92 3.89 47.79
CA GLY D 93 -35.02 3.10 48.61
C GLY D 93 -35.35 3.11 50.08
N THR D 94 -34.47 2.44 50.83
CA THR D 94 -34.57 2.34 52.27
C THR D 94 -33.75 3.48 52.89
N ARG D 95 -34.39 4.23 53.78
CA ARG D 95 -33.73 5.35 54.44
C ARG D 95 -33.01 4.80 55.67
N LEU D 96 -31.68 4.93 55.67
CA LEU D 96 -30.84 4.40 56.74
C LEU D 96 -30.57 5.49 57.76
N ASP D 97 -30.79 5.16 59.04
CA ASP D 97 -30.50 6.03 60.17
C ASP D 97 -29.32 5.47 60.95
N LEU D 98 -28.64 6.35 61.67
CA LEU D 98 -27.40 5.99 62.35
C LEU D 98 -26.96 7.08 63.30
N ASN E 38 32.88 -48.84 9.99
CA ASN E 38 33.50 -47.56 9.63
C ASN E 38 32.57 -46.42 10.05
N MET E 39 33.00 -45.18 9.82
CA MET E 39 32.22 -44.01 10.20
C MET E 39 31.28 -43.61 9.07
N TRP E 40 30.08 -43.16 9.45
CA TRP E 40 29.04 -42.77 8.53
C TRP E 40 28.55 -41.37 8.86
N VAL E 41 28.09 -40.65 7.83
CA VAL E 41 27.52 -39.31 7.99
C VAL E 41 26.14 -39.43 8.64
N THR E 42 25.90 -38.62 9.67
CA THR E 42 24.60 -38.53 10.32
C THR E 42 24.17 -37.07 10.33
N VAL E 43 22.91 -36.83 9.96
CA VAL E 43 22.34 -35.50 9.86
C VAL E 43 21.55 -35.22 11.13
N TYR E 44 21.78 -34.05 11.72
CA TYR E 44 21.12 -33.59 12.93
C TYR E 44 20.38 -32.30 12.60
N TYR E 45 19.08 -32.27 12.86
CA TYR E 45 18.26 -31.09 12.58
C TYR E 45 17.81 -30.52 13.91
N GLY E 46 18.08 -29.24 14.11
CA GLY E 46 17.81 -28.55 15.35
C GLY E 46 19.11 -28.25 16.10
N VAL E 47 20.23 -28.18 15.40
CA VAL E 47 21.54 -27.96 16.02
C VAL E 47 21.63 -26.53 16.54
N PRO E 48 22.03 -26.30 17.82
CA PRO E 48 22.07 -24.93 18.36
C PRO E 48 23.27 -24.11 17.89
N VAL E 49 23.33 -23.80 16.59
CA VAL E 49 24.36 -22.94 16.01
C VAL E 49 23.69 -21.81 15.26
N TRP E 50 24.46 -20.75 15.01
CA TRP E 50 23.92 -19.57 14.36
C TRP E 50 25.03 -18.80 13.65
N THR E 51 24.60 -17.89 12.78
CA THR E 51 25.51 -16.95 12.12
C THR E 51 24.99 -15.52 12.27
N ASP E 52 25.89 -14.55 12.08
CA ASP E 52 25.47 -13.16 12.08
C ASP E 52 24.56 -12.89 10.87
N ALA E 53 23.47 -12.15 11.10
CA ALA E 53 22.55 -11.85 10.02
C ALA E 53 21.83 -10.53 10.27
N LYS E 54 21.31 -9.98 9.17
CA LYS E 54 20.53 -8.74 9.17
C LYS E 54 19.09 -9.08 8.82
N THR E 55 18.14 -8.62 9.63
CA THR E 55 16.74 -8.90 9.37
C THR E 55 15.88 -7.76 9.91
N THR E 56 14.56 -7.96 9.89
CA THR E 56 13.57 -6.99 10.33
C THR E 56 12.96 -7.48 11.64
N LEU E 57 12.91 -6.60 12.63
CA LEU E 57 12.38 -6.91 13.95
C LEU E 57 10.97 -6.36 14.14
N PHE E 58 10.20 -7.04 14.98
CA PHE E 58 8.84 -6.62 15.31
C PHE E 58 8.87 -5.63 16.46
N CYS E 59 7.95 -4.66 16.45
CA CYS E 59 7.75 -3.77 17.59
C CYS E 59 6.67 -4.35 18.48
N ALA E 60 6.83 -4.17 19.80
CA ALA E 60 5.84 -4.60 20.77
C ALA E 60 5.79 -3.58 21.89
N SER E 61 4.61 -3.42 22.49
CA SER E 61 4.47 -2.50 23.61
C SER E 61 3.28 -2.92 24.47
N ASP E 62 3.29 -2.45 25.71
CA ASP E 62 2.20 -2.70 26.64
C ASP E 62 1.04 -1.74 26.41
N THR E 63 -0.13 -2.15 26.88
CA THR E 63 -1.34 -1.32 26.81
C THR E 63 -1.48 -0.54 28.11
N VAL E 70 -7.11 9.38 21.23
CA VAL E 70 -5.70 9.70 21.30
C VAL E 70 -4.89 8.45 20.99
N HIS E 71 -3.91 8.58 20.10
CA HIS E 71 -3.08 7.45 19.68
C HIS E 71 -1.64 7.94 19.62
N ASN E 72 -0.80 7.44 20.51
CA ASN E 72 0.59 7.91 20.56
C ASN E 72 1.28 7.55 19.24
N VAL E 73 2.13 8.46 18.76
CA VAL E 73 2.91 8.12 17.57
C VAL E 73 3.76 6.91 17.98
N TRP E 74 3.88 5.93 17.08
CA TRP E 74 4.52 4.64 17.38
C TRP E 74 3.55 3.83 18.23
N ALA E 75 4.07 2.80 18.89
CA ALA E 75 3.38 2.02 19.94
C ALA E 75 2.07 1.36 19.50
N THR E 76 0.97 1.58 20.23
CA THR E 76 -0.27 0.80 20.07
C THR E 76 -0.83 0.90 18.65
N HIS E 77 -0.71 2.08 18.02
CA HIS E 77 -1.35 2.22 16.72
C HIS E 77 -0.79 1.19 15.73
N ALA E 78 0.53 0.96 15.73
CA ALA E 78 1.11 -0.11 14.89
C ALA E 78 2.11 -0.96 15.68
N CYS E 79 1.64 -1.78 16.61
CA CYS E 79 2.50 -2.74 17.32
C CYS E 79 1.62 -3.85 17.87
N VAL E 80 2.25 -4.99 18.18
CA VAL E 80 1.54 -6.17 18.68
C VAL E 80 1.74 -6.25 20.20
N PRO E 81 1.08 -7.18 20.89
CA PRO E 81 1.33 -7.33 22.33
C PRO E 81 2.74 -7.87 22.61
N THR E 82 3.26 -7.53 23.78
CA THR E 82 4.57 -8.04 24.18
C THR E 82 4.46 -9.48 24.63
N ASP E 83 5.61 -10.13 24.73
CA ASP E 83 5.69 -11.50 25.23
C ASP E 83 5.44 -11.50 26.73
N PRO E 84 4.33 -12.06 27.23
CA PRO E 84 4.13 -12.01 28.68
C PRO E 84 5.11 -12.94 29.39
N ASN E 85 5.56 -12.51 30.56
CA ASN E 85 6.52 -13.25 31.37
C ASN E 85 7.70 -13.73 30.53
N PRO E 86 8.44 -12.82 29.89
CA PRO E 86 9.54 -13.25 29.02
C PRO E 86 10.67 -13.87 29.83
N GLN E 87 11.36 -14.82 29.19
CA GLN E 87 12.49 -15.50 29.78
C GLN E 87 13.80 -15.08 29.12
N GLU E 88 14.88 -15.20 29.90
CA GLU E 88 16.24 -14.96 29.45
C GLU E 88 17.02 -16.25 29.73
N ILE E 89 17.65 -16.80 28.70
CA ILE E 89 18.34 -18.08 28.79
C ILE E 89 19.84 -17.82 28.75
N VAL E 90 20.52 -18.14 29.84
CA VAL E 90 21.96 -17.92 29.94
C VAL E 90 22.66 -19.02 29.15
N LEU E 91 23.61 -18.64 28.31
CA LEU E 91 24.37 -19.60 27.51
C LEU E 91 25.73 -19.75 28.17
N GLU E 92 25.95 -20.87 28.84
CA GLU E 92 27.20 -21.07 29.55
C GLU E 92 28.30 -21.46 28.57
N ASN E 93 29.53 -21.07 28.90
CA ASN E 93 30.71 -21.39 28.10
C ASN E 93 30.57 -20.92 26.65
N VAL E 94 30.01 -19.72 26.45
CA VAL E 94 29.85 -19.12 25.14
C VAL E 94 30.46 -17.73 25.15
N THR E 95 31.30 -17.45 24.16
CA THR E 95 31.90 -16.14 23.97
C THR E 95 31.44 -15.64 22.60
N GLU E 96 30.97 -14.40 22.55
CA GLU E 96 30.44 -13.82 21.32
C GLU E 96 30.96 -12.41 21.15
N ASN E 97 31.39 -12.08 19.93
CA ASN E 97 31.91 -10.77 19.58
C ASN E 97 30.76 -9.82 19.24
N PHE E 98 30.57 -8.78 20.05
CA PHE E 98 29.54 -7.78 19.79
C PHE E 98 30.21 -6.46 19.45
N ASN E 99 29.77 -5.83 18.37
CA ASN E 99 30.18 -4.48 18.00
C ASN E 99 28.91 -3.62 18.06
N MET E 100 28.88 -2.64 18.95
CA MET E 100 27.72 -1.75 19.00
C MET E 100 27.63 -0.89 17.74
N TRP E 101 28.79 -0.42 17.26
CA TRP E 101 28.83 0.57 16.19
C TRP E 101 28.25 0.06 14.88
N LYS E 102 28.50 -1.21 14.55
CA LYS E 102 28.10 -1.78 13.28
C LYS E 102 26.78 -2.53 13.37
N ASN E 103 26.09 -2.44 14.51
CA ASN E 103 24.82 -3.13 14.69
C ASN E 103 23.83 -2.62 13.67
N ASP E 104 23.01 -3.52 13.13
CA ASP E 104 21.99 -3.07 12.19
C ASP E 104 20.78 -2.49 12.89
N MET E 105 20.47 -2.97 14.11
CA MET E 105 19.27 -2.54 14.82
C MET E 105 19.15 -1.02 14.92
N VAL E 106 20.28 -0.31 14.87
CA VAL E 106 20.27 1.14 14.98
C VAL E 106 19.69 1.76 13.73
N ASP E 107 20.08 1.27 12.55
CA ASP E 107 19.55 1.79 11.31
C ASP E 107 18.06 1.47 11.20
N GLN E 108 17.66 0.29 11.66
CA GLN E 108 16.25 -0.08 11.60
C GLN E 108 15.43 0.82 12.51
N MET E 109 15.94 1.08 13.72
CA MET E 109 15.22 1.95 14.63
C MET E 109 15.14 3.37 14.08
N HIS E 110 16.22 3.85 13.45
CA HIS E 110 16.24 5.18 12.88
C HIS E 110 15.18 5.30 11.79
N GLU E 111 15.13 4.30 10.92
CA GLU E 111 14.19 4.36 9.79
C GLU E 111 12.77 4.30 10.31
N ASP E 112 12.50 3.39 11.26
CA ASP E 112 11.15 3.23 11.74
C ASP E 112 10.69 4.51 12.42
N ILE E 113 11.55 5.12 13.23
CA ILE E 113 11.11 6.32 13.95
C ILE E 113 10.82 7.43 12.96
N ILE E 114 11.67 7.60 11.95
CA ILE E 114 11.43 8.68 10.98
C ILE E 114 10.11 8.43 10.26
N SER E 115 9.89 7.18 9.83
CA SER E 115 8.70 6.90 9.05
C SER E 115 7.45 7.12 9.90
N LEU E 116 7.49 6.65 11.16
CA LEU E 116 6.31 6.75 12.01
C LEU E 116 6.00 8.22 12.24
N TRP E 117 7.05 9.03 12.45
CA TRP E 117 6.84 10.44 12.75
C TRP E 117 6.18 11.10 11.54
N ASP E 118 6.65 10.75 10.35
CA ASP E 118 6.13 11.40 9.16
C ASP E 118 4.66 11.05 9.01
N GLN E 119 4.31 9.78 9.25
CA GLN E 119 2.90 9.42 9.11
C GLN E 119 2.10 10.17 10.15
N SER E 120 2.61 10.24 11.39
CA SER E 120 1.93 10.91 12.49
C SER E 120 1.65 12.37 12.17
N LEU E 121 2.32 12.92 11.15
CA LEU E 121 2.08 14.29 10.72
C LEU E 121 1.34 14.36 9.40
N LYS E 122 1.18 13.23 8.69
CA LYS E 122 0.56 13.25 7.37
C LYS E 122 -0.86 13.81 7.36
N PRO E 123 -1.76 13.43 8.26
CA PRO E 123 -3.13 13.96 8.21
C PRO E 123 -3.37 15.28 8.94
N CYS E 124 -2.33 15.96 9.40
CA CYS E 124 -2.51 17.13 10.25
C CYS E 124 -2.61 18.39 9.40
N VAL E 125 -3.16 19.44 10.02
CA VAL E 125 -3.40 20.70 9.31
C VAL E 125 -2.08 21.30 8.84
N LYS E 126 -2.04 21.66 7.56
CA LYS E 126 -0.90 22.31 6.95
C LYS E 126 -1.05 23.82 7.10
N LEU E 127 0.07 24.51 7.26
CA LEU E 127 0.09 25.94 7.46
C LEU E 127 0.46 26.73 6.20
N THR E 128 0.36 26.10 5.02
CA THR E 128 0.63 26.79 3.77
C THR E 128 -0.09 28.12 3.64
N PRO E 129 -1.39 28.25 3.96
CA PRO E 129 -2.04 29.56 3.82
C PRO E 129 -1.48 30.65 4.73
N LEU E 130 -0.67 30.32 5.73
CA LEU E 130 -0.09 31.31 6.63
C LEU E 130 1.28 31.82 6.19
N CYS E 131 1.81 31.34 5.08
CA CYS E 131 3.12 31.81 4.60
C CYS E 131 2.85 33.07 3.77
N VAL E 132 2.50 34.13 4.51
CA VAL E 132 2.08 35.41 3.97
C VAL E 132 2.90 36.51 4.64
N THR E 133 2.79 37.72 4.08
CA THR E 133 3.44 38.87 4.68
C THR E 133 2.91 39.06 6.09
N LEU E 134 3.83 39.22 7.04
CA LEU E 134 3.52 39.51 8.43
C LEU E 134 4.02 40.91 8.76
N HIS E 135 3.34 41.58 9.69
CA HIS E 135 3.85 42.83 10.27
C HIS E 135 4.05 42.60 11.76
N CYS E 136 5.31 42.46 12.17
CA CYS E 136 5.67 42.07 13.52
C CYS E 136 6.21 43.27 14.29
N THR E 137 5.54 43.62 15.38
CA THR E 137 5.89 44.75 16.22
C THR E 137 6.13 44.27 17.65
N ASN E 138 6.60 45.18 18.50
CA ASN E 138 6.81 44.83 19.90
C ASN E 138 5.48 44.47 20.55
N ALA E 139 5.44 43.34 21.22
CA ALA E 139 4.24 42.97 21.96
C ALA E 139 4.12 43.89 23.17
N THR E 140 2.89 44.28 23.49
CA THR E 140 2.64 45.20 24.60
C THR E 140 1.84 44.48 25.68
N PHE E 141 2.41 44.43 26.88
CA PHE E 141 1.83 43.81 28.06
C PHE E 141 1.76 44.85 29.16
N LYS E 142 0.86 44.62 30.11
CA LYS E 142 0.63 45.56 31.20
C LYS E 142 1.31 45.21 32.51
N ASN E 143 2.20 44.19 32.56
CA ASN E 143 2.76 43.77 33.86
C ASN E 143 4.22 43.33 33.84
N ASN E 144 5.12 44.27 34.12
CA ASN E 144 6.54 44.02 34.42
C ASN E 144 7.26 43.07 33.45
N VAL E 145 7.23 43.38 32.15
CA VAL E 145 7.95 42.54 31.20
C VAL E 145 9.42 42.97 31.18
N THR E 146 10.31 42.00 31.39
CA THR E 146 11.74 42.28 31.38
C THR E 146 12.19 42.74 30.00
N ASN E 147 13.22 43.60 29.98
CA ASN E 147 13.73 44.15 28.73
C ASN E 147 14.31 43.09 27.81
N ASP E 148 14.66 41.91 28.32
CA ASP E 148 15.19 40.86 27.45
C ASP E 148 14.08 40.21 26.63
N MET E 149 12.89 40.07 27.21
CA MET E 149 11.78 39.39 26.55
C MET E 149 11.06 40.27 25.56
N ASN E 150 11.20 41.59 25.65
CA ASN E 150 10.57 42.48 24.67
C ASN E 150 11.10 42.23 23.27
N LYS E 151 12.31 41.67 23.14
CA LYS E 151 12.90 41.40 21.83
C LYS E 151 12.64 39.98 21.35
N GLU E 152 12.04 39.12 22.17
CA GLU E 152 11.80 37.72 21.83
C GLU E 152 10.37 37.44 21.39
N ILE E 153 9.39 38.07 22.02
CA ILE E 153 7.98 37.84 21.72
C ILE E 153 7.50 38.98 20.83
N ARG E 154 7.13 38.64 19.59
CA ARG E 154 6.72 39.61 18.59
C ARG E 154 5.25 39.44 18.28
N ASN E 155 4.55 40.57 18.12
CA ASN E 155 3.13 40.65 17.81
C ASN E 155 3.01 40.78 16.30
N CYS E 156 2.69 39.67 15.63
CA CYS E 156 2.66 39.63 14.17
C CYS E 156 1.21 39.65 13.69
N SER E 157 0.88 40.65 12.87
CA SER E 157 -0.43 40.83 12.26
C SER E 157 -0.37 40.32 10.82
N PHE E 158 -1.41 39.59 10.40
CA PHE E 158 -1.40 39.04 9.05
C PHE E 158 -2.82 38.84 8.51
N ASN E 159 -2.91 38.77 7.18
CA ASN E 159 -4.16 38.53 6.46
C ASN E 159 -4.14 37.13 5.88
N THR E 160 -5.01 36.25 6.38
CA THR E 160 -5.07 34.86 5.94
C THR E 160 -6.50 34.51 5.53
N THR E 161 -6.72 33.24 5.18
CA THR E 161 -8.02 32.78 4.73
C THR E 161 -8.92 32.38 5.90
N THR E 162 -10.21 32.24 5.60
CA THR E 162 -11.24 31.71 6.49
C THR E 162 -11.88 30.49 5.83
N GLU E 163 -12.88 29.92 6.50
CA GLU E 163 -13.56 28.75 5.97
C GLU E 163 -14.58 29.08 4.89
N ILE E 164 -14.19 29.88 3.90
CA ILE E 164 -14.99 30.14 2.71
C ILE E 164 -13.97 30.64 1.69
N ARG E 165 -14.15 30.25 0.43
CA ARG E 165 -13.14 30.55 -0.57
C ARG E 165 -13.01 32.03 -0.89
N ASP E 166 -14.08 32.82 -0.75
CA ASP E 166 -14.09 34.22 -1.17
C ASP E 166 -13.91 35.24 -0.04
N LYS E 167 -13.45 34.85 1.15
CA LYS E 167 -13.26 35.81 2.24
C LYS E 167 -11.90 35.65 2.92
N LYS E 168 -11.39 36.77 3.42
CA LYS E 168 -10.14 36.88 4.16
C LYS E 168 -10.41 37.32 5.59
N GLN E 169 -9.42 37.07 6.45
CA GLN E 169 -9.44 37.49 7.85
C GLN E 169 -8.18 38.28 8.12
N GLN E 170 -8.31 39.31 8.96
CA GLN E 170 -7.17 40.03 9.49
C GLN E 170 -7.02 39.58 10.94
N GLY E 171 -5.91 38.89 11.23
CA GLY E 171 -5.68 38.36 12.56
C GLY E 171 -4.29 38.68 13.07
N TYR E 172 -3.93 38.06 14.19
CA TYR E 172 -2.63 38.31 14.79
C TYR E 172 -2.26 37.12 15.66
N ALA E 173 -0.97 37.02 15.96
CA ALA E 173 -0.49 36.02 16.89
C ALA E 173 0.85 36.48 17.46
N LEU E 174 1.19 35.93 18.62
CA LEU E 174 2.49 36.16 19.23
C LEU E 174 3.42 35.03 18.82
N PHE E 175 4.60 35.38 18.32
CA PHE E 175 5.60 34.40 17.90
C PHE E 175 6.94 34.70 18.57
N TYR E 176 7.74 33.65 18.74
CA TYR E 176 9.08 33.83 19.24
C TYR E 176 10.00 34.23 18.09
N ARG E 177 10.87 35.20 18.35
CA ARG E 177 11.81 35.78 17.39
C ARG E 177 12.52 34.76 16.50
N PRO E 178 13.00 33.62 17.03
CA PRO E 178 13.72 32.67 16.14
C PRO E 178 12.90 32.13 14.98
N ASP E 179 11.57 32.23 15.03
CA ASP E 179 10.70 31.72 13.98
C ASP E 179 10.29 32.77 12.96
N ILE E 180 10.81 33.99 13.05
CA ILE E 180 10.44 35.10 12.18
C ILE E 180 11.64 35.51 11.34
N VAL E 181 11.44 35.61 10.02
CA VAL E 181 12.48 36.01 9.07
C VAL E 181 12.07 37.33 8.43
N LEU E 182 13.00 38.30 8.43
CA LEU E 182 12.77 39.63 7.88
C LEU E 182 12.92 39.73 6.37
N LEU E 183 11.97 40.46 5.74
CA LEU E 183 12.01 40.84 4.34
C LEU E 183 11.71 42.33 4.21
N LYS E 184 12.41 42.96 3.26
CA LYS E 184 12.14 44.32 2.79
C LYS E 184 11.94 45.32 3.93
N GLU E 185 12.95 45.42 4.80
CA GLU E 185 12.86 46.31 5.95
C GLU E 185 12.53 47.72 5.48
N ASN E 186 11.50 48.30 6.12
CA ASN E 186 11.02 49.63 5.76
C ASN E 186 11.72 50.66 6.62
N ARG E 187 12.54 51.51 6.00
CA ARG E 187 13.35 52.47 6.74
C ARG E 187 12.63 53.81 6.91
N ASN E 188 11.42 53.94 6.36
CA ASN E 188 10.59 55.14 6.50
C ASN E 188 9.65 55.00 7.68
N ASN E 189 9.17 53.78 7.90
CA ASN E 189 8.26 53.45 9.00
C ASN E 189 8.55 51.98 9.33
N SER E 190 9.31 51.75 10.40
CA SER E 190 9.78 50.41 10.71
C SER E 190 8.65 49.43 11.02
N ASN E 191 7.45 49.92 11.29
CA ASN E 191 6.33 49.02 11.58
C ASN E 191 5.75 48.38 10.33
N ASN E 192 6.19 48.79 9.14
CA ASN E 192 5.72 48.23 7.88
C ASN E 192 6.69 47.22 7.28
N SER E 193 7.71 46.80 8.02
CA SER E 193 8.63 45.77 7.53
C SER E 193 7.87 44.46 7.36
N GLU E 194 8.33 43.64 6.42
CA GLU E 194 7.64 42.40 6.12
C GLU E 194 8.37 41.25 6.80
N TYR E 195 7.61 40.29 7.31
CA TYR E 195 8.20 39.10 7.91
C TYR E 195 7.45 37.86 7.44
N ILE E 196 8.14 36.72 7.49
CA ILE E 196 7.53 35.42 7.22
C ILE E 196 7.92 34.43 8.30
N LEU E 197 7.17 33.33 8.35
CA LEU E 197 7.55 32.20 9.20
C LEU E 197 8.83 31.59 8.63
N ILE E 198 9.74 31.20 9.52
CA ILE E 198 11.04 30.72 9.08
C ILE E 198 10.90 29.50 8.19
N ASN E 199 11.56 29.55 7.04
CA ASN E 199 11.60 28.50 6.03
C ASN E 199 10.24 28.15 5.44
N CYS E 200 9.22 29.00 5.55
CA CYS E 200 7.96 28.64 4.91
C CYS E 200 8.06 28.81 3.39
N ASN E 201 9.07 29.56 2.92
CA ASN E 201 9.33 29.74 1.49
C ASN E 201 10.12 28.59 0.89
N ALA E 202 10.68 27.70 1.71
CA ALA E 202 11.50 26.59 1.27
C ALA E 202 10.73 25.28 1.24
N SER E 203 9.84 25.05 2.20
CA SER E 203 9.08 23.81 2.28
C SER E 203 7.75 24.11 2.93
N THR E 204 6.99 23.05 3.24
CA THR E 204 5.66 23.17 3.82
C THR E 204 5.74 22.89 5.31
N ILE E 205 5.19 23.79 6.12
CA ILE E 205 5.16 23.65 7.57
C ILE E 205 3.81 23.04 7.93
N THR E 206 3.84 21.97 8.70
CA THR E 206 2.64 21.24 9.10
C THR E 206 2.46 21.37 10.61
N GLN E 207 1.25 21.72 11.03
CA GLN E 207 0.95 21.84 12.45
C GLN E 207 0.74 20.46 13.03
N ALA E 208 1.33 20.21 14.19
CA ALA E 208 1.12 18.94 14.86
C ALA E 208 -0.34 18.81 15.25
N CYS E 209 -0.89 17.61 15.12
CA CYS E 209 -2.25 17.37 15.56
C CYS E 209 -2.30 17.43 17.08
N PRO E 210 -3.27 18.13 17.69
CA PRO E 210 -3.29 18.23 19.15
C PRO E 210 -3.55 16.91 19.87
N LYS E 211 -3.98 15.86 19.17
CA LYS E 211 -4.31 14.59 19.78
C LYS E 211 -3.18 13.56 19.70
N VAL E 212 -1.97 13.97 19.32
CA VAL E 212 -0.82 13.05 19.27
C VAL E 212 -0.08 13.12 20.60
N ASN E 213 0.19 11.95 21.16
CA ASN E 213 0.89 11.81 22.43
C ASN E 213 2.38 11.67 22.14
N PHE E 214 3.16 12.67 22.54
CA PHE E 214 4.59 12.74 22.26
C PHE E 214 5.43 12.18 23.40
N ASP E 215 4.81 11.43 24.31
CA ASP E 215 5.55 10.78 25.39
C ASP E 215 6.44 9.67 24.82
N PRO E 216 7.74 9.59 25.21
CA PRO E 216 8.62 8.53 24.68
C PRO E 216 8.32 7.17 25.32
N ILE E 217 7.21 6.58 24.91
CA ILE E 217 6.78 5.29 25.47
C ILE E 217 7.76 4.21 25.02
N PRO E 218 8.28 3.38 25.94
CA PRO E 218 9.28 2.38 25.53
C PRO E 218 8.71 1.36 24.56
N ILE E 219 9.50 1.06 23.53
CA ILE E 219 9.14 0.08 22.51
C ILE E 219 10.11 -1.09 22.59
N HIS E 220 9.55 -2.30 22.60
CA HIS E 220 10.31 -3.54 22.66
C HIS E 220 10.52 -4.05 21.25
N TYR E 221 11.69 -4.64 20.99
CA TYR E 221 11.99 -5.26 19.70
C TYR E 221 12.07 -6.77 19.85
N CYS E 222 11.25 -7.47 19.08
CA CYS E 222 11.12 -8.92 19.12
C CYS E 222 11.71 -9.50 17.84
N ALA E 223 12.53 -10.55 17.99
CA ALA E 223 13.11 -11.19 16.83
C ALA E 223 12.07 -12.04 16.10
N PRO E 224 12.15 -12.12 14.76
CA PRO E 224 11.24 -13.00 14.03
C PRO E 224 11.63 -14.46 14.20
N ALA E 225 10.70 -15.34 13.81
CA ALA E 225 10.96 -16.77 13.88
C ALA E 225 12.20 -17.12 13.06
N GLY E 226 13.02 -18.01 13.61
CA GLY E 226 14.27 -18.39 12.98
C GLY E 226 15.45 -17.53 13.40
N TYR E 227 15.20 -16.43 14.11
CA TYR E 227 16.22 -15.50 14.56
C TYR E 227 16.08 -15.32 16.06
N ALA E 228 17.16 -14.90 16.70
CA ALA E 228 17.11 -14.62 18.13
C ALA E 228 18.11 -13.53 18.44
N ILE E 229 17.92 -12.84 19.57
CA ILE E 229 18.80 -11.75 19.97
C ILE E 229 19.70 -12.23 21.10
N LEU E 230 21.00 -12.04 20.95
CA LEU E 230 21.96 -12.37 22.00
C LEU E 230 22.28 -11.08 22.74
N LYS E 231 22.28 -11.17 24.07
CA LYS E 231 22.56 -10.05 24.94
C LYS E 231 23.83 -10.33 25.75
N CYS E 232 24.62 -9.28 25.92
CA CYS E 232 25.83 -9.31 26.73
C CYS E 232 25.52 -8.86 28.14
N ASN E 233 25.82 -9.72 29.12
CA ASN E 233 25.57 -9.46 30.52
C ASN E 233 26.86 -9.15 31.28
N ASN E 234 27.90 -8.75 30.56
CA ASN E 234 29.18 -8.38 31.15
C ASN E 234 29.10 -6.90 31.52
N LYS E 235 28.97 -6.64 32.83
CA LYS E 235 28.63 -5.32 33.34
C LYS E 235 29.64 -4.23 32.97
N THR E 236 30.86 -4.60 32.58
CA THR E 236 31.90 -3.64 32.23
C THR E 236 32.26 -3.69 30.75
N PHE E 237 31.38 -4.25 29.93
CA PHE E 237 31.67 -4.37 28.50
C PHE E 237 31.79 -2.99 27.86
N SER E 238 32.87 -2.81 27.10
CA SER E 238 33.20 -1.53 26.47
C SER E 238 32.28 -1.17 25.32
N GLY E 239 31.45 -2.10 24.86
CA GLY E 239 30.58 -1.89 23.71
C GLY E 239 31.11 -2.51 22.43
N LYS E 240 32.36 -2.94 22.42
CA LYS E 240 32.97 -3.59 21.27
C LYS E 240 33.94 -4.64 21.82
N GLY E 241 33.80 -5.88 21.35
CA GLY E 241 34.68 -6.94 21.78
C GLY E 241 34.00 -8.26 22.14
N PRO E 242 34.83 -9.25 22.55
CA PRO E 242 34.40 -10.64 22.87
C PRO E 242 33.73 -10.84 24.23
N CYS E 243 32.44 -10.54 24.31
CA CYS E 243 31.71 -10.69 25.56
C CYS E 243 31.64 -12.17 25.92
N ASN E 244 32.10 -12.50 27.13
CA ASN E 244 32.19 -13.88 27.60
C ASN E 244 31.05 -14.29 28.53
N ASN E 245 29.99 -13.49 28.64
CA ASN E 245 28.82 -13.83 29.45
C ASN E 245 27.62 -13.33 28.66
N VAL E 246 26.95 -14.25 27.97
CA VAL E 246 25.87 -13.93 27.05
C VAL E 246 24.63 -14.75 27.38
N SER E 247 23.50 -14.27 26.87
CA SER E 247 22.22 -14.93 27.05
C SER E 247 21.39 -14.75 25.79
N THR E 248 20.40 -15.63 25.60
CA THR E 248 19.51 -15.58 24.45
C THR E 248 18.17 -15.00 24.87
N VAL E 249 17.72 -13.99 24.13
CA VAL E 249 16.49 -13.26 24.37
C VAL E 249 15.64 -13.35 23.10
N GLN E 250 14.41 -13.84 23.25
CA GLN E 250 13.51 -13.87 22.11
C GLN E 250 13.01 -12.46 21.77
N CYS E 251 12.76 -11.64 22.79
CA CYS E 251 12.29 -10.27 22.59
C CYS E 251 12.90 -9.40 23.69
N THR E 252 13.42 -8.25 23.28
CA THR E 252 14.16 -7.38 24.19
C THR E 252 13.24 -6.53 25.05
N HIS E 253 13.85 -5.84 26.00
CA HIS E 253 13.13 -4.88 26.83
C HIS E 253 12.84 -3.63 26.00
N GLY E 254 12.08 -2.71 26.58
CA GLY E 254 11.72 -1.51 25.86
C GLY E 254 12.78 -0.44 25.96
N ILE E 255 12.90 0.33 24.88
CA ILE E 255 13.80 1.48 24.79
C ILE E 255 12.94 2.71 24.56
N LYS E 256 13.14 3.73 25.38
CA LYS E 256 12.36 4.94 25.22
C LYS E 256 12.95 5.77 24.08
N PRO E 257 12.18 6.12 23.03
CA PRO E 257 12.76 6.92 21.94
C PRO E 257 12.88 8.38 22.31
N VAL E 258 13.75 8.66 23.28
CA VAL E 258 13.94 10.02 23.79
C VAL E 258 14.87 10.76 22.83
N VAL E 259 14.47 11.99 22.47
CA VAL E 259 15.24 12.84 21.58
C VAL E 259 15.83 13.97 22.42
N SER E 260 17.16 14.07 22.39
CA SER E 260 17.89 15.10 23.12
C SER E 260 19.25 15.25 22.46
N THR E 261 19.93 16.35 22.79
CA THR E 261 21.31 16.56 22.37
C THR E 261 22.17 16.91 23.58
N GLN E 262 23.47 16.69 23.41
CA GLN E 262 24.54 16.95 24.37
C GLN E 262 24.48 16.03 25.59
N LEU E 263 23.32 15.93 26.23
CA LEU E 263 23.10 15.04 27.37
C LEU E 263 22.09 13.97 26.98
N LEU E 264 22.22 12.79 27.59
CA LEU E 264 21.25 11.73 27.39
C LEU E 264 20.27 11.77 28.56
N LEU E 265 18.99 11.64 28.26
CA LEU E 265 17.95 11.67 29.28
C LEU E 265 17.26 10.32 29.38
N ASN E 266 16.71 10.06 30.58
CA ASN E 266 15.95 8.85 30.90
C ASN E 266 16.76 7.62 30.48
N GLY E 267 16.19 6.65 29.78
CA GLY E 267 16.92 5.45 29.42
C GLY E 267 17.26 4.59 30.61
N SER E 268 18.53 4.28 30.82
CA SER E 268 18.94 3.45 31.95
C SER E 268 20.33 3.85 32.41
N LEU E 269 20.66 3.43 33.64
CA LEU E 269 21.96 3.67 34.26
C LEU E 269 22.85 2.44 34.18
N ALA E 270 24.16 2.69 34.18
CA ALA E 270 25.13 1.60 34.20
C ALA E 270 24.99 0.82 35.50
N GLU E 271 25.13 -0.51 35.41
CA GLU E 271 24.95 -1.35 36.59
C GLU E 271 26.06 -1.16 37.62
N LYS E 272 27.32 -1.02 37.18
CA LYS E 272 28.46 -1.01 38.12
C LYS E 272 29.28 0.28 38.11
N GLU E 273 29.56 0.86 36.94
CA GLU E 273 30.45 2.01 36.88
C GLU E 273 30.11 2.85 35.65
N ILE E 274 30.69 4.04 35.60
CA ILE E 274 30.54 4.90 34.43
C ILE E 274 31.35 4.29 33.30
N ILE E 275 30.73 4.10 32.13
CA ILE E 275 31.37 3.43 31.00
C ILE E 275 31.55 4.43 29.86
N ILE E 276 32.75 4.41 29.27
CA ILE E 276 33.07 5.31 28.11
C ILE E 276 33.16 4.46 26.84
N ARG E 277 32.30 4.72 25.84
CA ARG E 277 32.34 3.97 24.55
C ARG E 277 32.63 4.95 23.41
N SER E 278 33.59 4.63 22.52
CA SER E 278 33.95 5.63 21.48
C SER E 278 34.69 5.04 20.26
N GLU E 279 34.22 3.94 19.66
CA GLU E 279 34.85 3.48 18.40
C GLU E 279 36.36 3.39 18.67
N ASN E 280 37.23 4.00 17.87
CA ASN E 280 38.67 3.83 17.99
C ASN E 280 39.21 4.55 19.22
N LEU E 281 38.45 5.46 19.83
CA LEU E 281 38.80 6.29 20.98
C LEU E 281 39.78 7.40 20.60
N THR E 282 40.87 7.10 19.89
CA THR E 282 41.86 8.10 19.50
C THR E 282 41.47 8.87 18.24
N ASP E 283 40.40 8.47 17.56
CA ASP E 283 39.95 9.12 16.33
C ASP E 283 39.04 10.29 16.72
N ASN E 284 39.49 11.51 16.43
CA ASN E 284 38.84 12.73 16.90
C ASN E 284 37.50 13.06 16.22
N VAL E 285 37.00 12.27 15.28
CA VAL E 285 35.67 12.51 14.71
C VAL E 285 34.65 11.50 15.20
N LYS E 286 34.94 10.82 16.31
CA LYS E 286 34.07 9.77 16.85
C LYS E 286 33.57 10.22 18.21
N THR E 287 32.26 10.11 18.40
CA THR E 287 31.64 10.58 19.63
C THR E 287 32.09 9.71 20.79
N ILE E 288 32.17 10.32 21.97
CA ILE E 288 32.45 9.61 23.22
C ILE E 288 31.13 9.59 23.96
N ILE E 289 30.67 8.39 24.34
CA ILE E 289 29.39 8.24 25.00
C ILE E 289 29.67 7.86 26.44
N VAL E 290 29.21 8.68 27.38
CA VAL E 290 29.48 8.50 28.79
C VAL E 290 28.18 7.93 29.35
N HIS E 291 28.21 6.68 29.83
CA HIS E 291 27.03 6.03 30.37
C HIS E 291 27.18 6.05 31.89
N LEU E 292 26.32 6.81 32.55
CA LEU E 292 26.43 7.00 33.99
C LEU E 292 25.77 5.87 34.76
N ASN E 293 26.28 5.62 35.97
CA ASN E 293 25.67 4.68 36.91
C ASN E 293 24.79 5.38 37.92
N LYS E 294 24.69 6.70 37.88
CA LYS E 294 23.89 7.49 38.79
C LYS E 294 23.31 8.64 37.99
N SER E 295 22.02 8.91 38.16
CA SER E 295 21.37 9.98 37.41
C SER E 295 21.46 11.31 38.15
N VAL E 296 21.27 12.39 37.38
CA VAL E 296 21.16 13.74 37.93
C VAL E 296 19.79 14.28 37.57
N GLU E 297 19.05 14.76 38.56
CA GLU E 297 17.69 15.22 38.29
C GLU E 297 17.73 16.65 37.75
N ILE E 298 16.97 16.89 36.68
CA ILE E 298 16.88 18.21 36.04
C ILE E 298 15.41 18.57 35.95
N VAL E 299 15.07 19.80 36.36
CA VAL E 299 13.70 20.30 36.28
C VAL E 299 13.68 21.50 35.35
N CYS E 300 12.83 21.47 34.32
CA CYS E 300 12.75 22.52 33.32
C CYS E 300 11.34 23.10 33.31
N THR E 301 11.25 24.40 32.99
CA THR E 301 9.93 25.04 32.99
C THR E 301 9.83 26.24 32.06
N ARG E 302 8.58 26.47 31.65
CA ARG E 302 8.08 27.65 30.94
C ARG E 302 7.09 28.31 31.90
N PRO E 303 7.48 29.32 32.67
CA PRO E 303 6.60 29.83 33.73
C PRO E 303 5.41 30.64 33.23
N ASN E 304 5.34 30.98 31.95
CA ASN E 304 4.30 31.89 31.48
C ASN E 304 2.99 31.15 31.20
N ASN E 305 1.88 31.90 31.27
CA ASN E 305 0.56 31.32 31.05
C ASN E 305 0.28 31.08 29.57
N ASN E 306 0.72 32.00 28.71
CA ASN E 306 0.58 31.90 27.25
C ASN E 306 -0.83 31.50 26.81
N THR E 307 -1.80 32.36 27.17
CA THR E 307 -3.20 32.10 26.83
C THR E 307 -3.31 31.94 25.31
N ARG E 308 -3.93 30.83 24.91
CA ARG E 308 -4.06 30.41 23.53
C ARG E 308 -5.30 30.94 22.82
N LYS E 309 -5.12 31.26 21.54
CA LYS E 309 -6.20 31.67 20.64
C LYS E 309 -6.25 30.67 19.49
N SER E 310 -7.47 30.35 19.04
CA SER E 310 -7.69 29.43 17.93
C SER E 310 -8.32 30.18 16.75
N MET E 311 -7.66 30.14 15.60
CA MET E 311 -8.13 30.82 14.40
C MET E 311 -8.35 29.79 13.30
N ARG E 312 -9.52 29.86 12.64
CA ARG E 312 -9.84 28.95 11.55
C ARG E 312 -9.23 29.46 10.25
N ILE E 313 -8.64 28.53 9.48
CA ILE E 313 -8.09 28.85 8.17
C ILE E 313 -9.00 28.38 7.03
N GLY E 314 -9.53 27.15 7.12
CA GLY E 314 -10.30 26.58 6.04
C GLY E 314 -11.38 25.61 6.49
N PRO E 315 -11.91 24.81 5.56
CA PRO E 315 -13.06 23.95 5.89
C PRO E 315 -12.64 22.77 6.76
N GLY E 316 -12.49 23.05 8.06
CA GLY E 316 -12.05 22.07 9.03
C GLY E 316 -10.57 22.10 9.30
N GLN E 317 -9.87 23.13 8.83
CA GLN E 317 -8.44 23.30 9.02
C GLN E 317 -8.26 24.46 9.99
N THR E 318 -7.78 24.18 11.20
CA THR E 318 -7.66 25.19 12.23
C THR E 318 -6.21 25.33 12.65
N PHE E 319 -5.88 26.54 13.11
CA PHE E 319 -4.54 26.91 13.53
C PHE E 319 -4.57 27.44 14.95
N TYR E 320 -3.61 27.00 15.75
CA TYR E 320 -3.49 27.41 17.15
C TYR E 320 -2.24 28.25 17.33
N ALA E 321 -2.37 29.34 18.07
CA ALA E 321 -1.25 30.22 18.35
C ALA E 321 -1.51 30.94 19.66
N THR E 322 -0.43 31.47 20.25
CA THR E 322 -0.58 32.20 21.50
C THR E 322 -1.40 33.46 21.25
N GLY E 323 -2.41 33.67 22.10
CA GLY E 323 -3.27 34.83 22.01
C GLY E 323 -2.68 35.99 22.77
N ASP E 324 -2.54 35.81 24.08
CA ASP E 324 -2.01 36.85 24.95
C ASP E 324 -1.38 36.17 26.15
N ILE E 325 -0.78 36.95 27.05
CA ILE E 325 -0.15 36.42 28.25
C ILE E 325 -0.71 37.15 29.46
N ILE E 326 -1.21 36.39 30.42
CA ILE E 326 -1.74 36.93 31.68
C ILE E 326 -0.61 36.91 32.69
N GLY E 327 -0.41 38.03 33.38
CA GLY E 327 0.66 38.11 34.36
C GLY E 327 1.93 38.63 33.71
N ASP E 328 3.06 38.38 34.38
CA ASP E 328 4.33 38.91 33.92
C ASP E 328 4.98 37.87 33.00
N ILE E 329 6.15 38.22 32.45
CA ILE E 329 6.84 37.37 31.48
C ILE E 329 8.26 37.13 31.96
N ARG E 330 8.66 35.85 31.99
CA ARG E 330 9.97 35.42 32.44
C ARG E 330 10.53 34.46 31.39
N GLN E 331 11.85 34.31 31.39
CA GLN E 331 12.48 33.34 30.51
C GLN E 331 12.24 31.92 31.02
N ALA E 332 12.24 30.98 30.08
CA ALA E 332 12.20 29.57 30.46
C ALA E 332 13.56 29.17 31.01
N TYR E 333 13.58 28.14 31.86
CA TYR E 333 14.88 27.75 32.41
C TYR E 333 14.86 26.32 32.91
N CYS E 334 16.07 25.79 33.13
CA CYS E 334 16.26 24.48 33.76
C CYS E 334 17.11 24.61 35.02
N ASN E 335 16.83 23.73 35.99
CA ASN E 335 17.47 23.68 37.30
C ASN E 335 18.15 22.33 37.48
N ILE E 336 19.48 22.35 37.62
CA ILE E 336 20.30 21.17 37.84
C ILE E 336 20.97 21.31 39.21
N SER E 337 20.85 20.28 40.05
CA SER E 337 21.48 20.35 41.37
C SER E 337 22.99 20.55 41.24
N GLY E 338 23.52 21.51 41.98
CA GLY E 338 24.94 21.83 41.89
C GLY E 338 25.86 20.71 42.35
N SER E 339 25.62 20.17 43.55
CA SER E 339 26.54 19.18 44.09
C SER E 339 26.47 17.85 43.33
N LYS E 340 25.30 17.49 42.81
CA LYS E 340 25.22 16.22 42.08
C LYS E 340 25.98 16.34 40.77
N TRP E 341 25.84 17.49 40.10
CA TRP E 341 26.55 17.71 38.86
C TRP E 341 28.07 17.72 39.11
N ASN E 342 28.49 18.40 40.18
CA ASN E 342 29.92 18.48 40.47
C ASN E 342 30.50 17.10 40.75
N GLU E 343 29.76 16.27 41.50
CA GLU E 343 30.22 14.90 41.74
C GLU E 343 30.28 14.10 40.45
N THR E 344 29.25 14.26 39.61
CA THR E 344 29.18 13.52 38.36
C THR E 344 30.37 13.88 37.48
N LEU E 345 30.69 15.17 37.37
CA LEU E 345 31.81 15.54 36.52
C LEU E 345 33.13 15.07 37.10
N LYS E 346 33.27 15.08 38.44
CA LYS E 346 34.49 14.54 39.03
C LYS E 346 34.69 13.08 38.62
N ARG E 347 33.61 12.28 38.71
CA ARG E 347 33.73 10.86 38.39
C ARG E 347 33.98 10.66 36.89
N VAL E 348 33.35 11.48 36.05
CA VAL E 348 33.57 11.37 34.61
C VAL E 348 35.02 11.71 34.27
N LYS E 349 35.57 12.75 34.89
CA LYS E 349 36.96 13.10 34.65
C LYS E 349 37.88 11.96 35.06
N GLU E 350 37.60 11.33 36.19
CA GLU E 350 38.45 10.22 36.62
C GLU E 350 38.40 9.05 35.64
N LYS E 351 37.20 8.72 35.15
CA LYS E 351 37.11 7.58 34.24
C LYS E 351 37.67 7.93 32.87
N LEU E 352 37.54 9.17 32.42
CA LEU E 352 38.16 9.55 31.16
C LEU E 352 39.67 9.49 31.28
N GLN E 353 40.20 9.94 32.42
CA GLN E 353 41.64 9.93 32.62
C GLN E 353 42.16 8.49 32.59
N GLU E 354 41.38 7.55 33.12
CA GLU E 354 41.81 6.16 33.12
C GLU E 354 41.94 5.56 31.72
N ASN E 355 41.31 6.17 30.71
CA ASN E 355 41.32 5.63 29.34
C ASN E 355 42.34 6.29 28.42
N TYR E 356 43.23 7.13 28.96
CA TYR E 356 44.25 7.83 28.17
C TYR E 356 45.55 7.83 28.96
N ASN E 357 46.58 8.43 28.36
CA ASN E 357 47.87 8.56 29.02
C ASN E 357 47.70 9.22 30.39
N ASN E 358 48.40 8.68 31.39
CA ASN E 358 48.24 9.19 32.74
C ASN E 358 48.72 10.62 32.91
N ASN E 359 49.62 11.09 32.04
CA ASN E 359 50.15 12.45 32.16
C ASN E 359 49.30 13.44 31.37
N LYS E 360 48.01 13.45 31.67
CA LYS E 360 47.08 14.37 31.02
C LYS E 360 45.97 14.78 31.98
N THR E 361 45.70 16.07 32.04
CA THR E 361 44.60 16.61 32.82
C THR E 361 43.35 16.59 31.94
N ILE E 362 42.22 16.22 32.55
CA ILE E 362 40.94 16.18 31.85
C ILE E 362 40.15 17.42 32.25
N LYS E 363 39.74 18.21 31.26
CA LYS E 363 38.96 19.42 31.46
C LYS E 363 37.81 19.43 30.46
N PHE E 364 36.77 20.18 30.80
CA PHE E 364 35.63 20.42 29.95
C PHE E 364 35.67 21.87 29.46
N ALA E 365 35.02 22.11 28.32
CA ALA E 365 34.90 23.45 27.78
C ALA E 365 33.54 23.62 27.12
N PRO E 366 33.06 24.85 26.98
CA PRO E 366 31.76 25.07 26.33
C PRO E 366 31.76 24.56 24.89
N SER E 367 30.56 24.29 24.39
CA SER E 367 30.40 23.81 23.01
C SER E 367 31.02 24.80 22.03
N SER E 368 31.66 24.25 20.99
CA SER E 368 32.33 25.04 19.98
C SER E 368 31.38 25.78 19.06
N GLY E 369 30.10 25.46 19.07
CA GLY E 369 29.11 26.12 18.22
C GLY E 369 28.58 25.18 17.15
N GLY E 370 27.85 25.78 16.20
CA GLY E 370 27.16 25.05 15.17
C GLY E 370 25.68 25.40 15.19
N ASP E 371 24.84 24.53 14.64
CA ASP E 371 23.42 24.83 14.64
C ASP E 371 22.88 24.85 16.06
N LEU E 372 21.76 25.57 16.23
CA LEU E 372 21.14 25.70 17.55
C LEU E 372 20.86 24.34 18.18
N GLU E 373 20.47 23.36 17.36
CA GLU E 373 20.12 22.04 17.88
C GLU E 373 21.26 21.35 18.60
N ILE E 374 22.52 21.71 18.31
CA ILE E 374 23.66 21.14 18.99
C ILE E 374 24.40 22.13 19.87
N THR E 375 24.24 23.44 19.63
CA THR E 375 24.88 24.42 20.49
C THR E 375 24.29 24.34 21.90
N THR E 376 22.97 24.18 21.96
CA THR E 376 22.20 24.08 23.18
C THR E 376 21.61 22.69 23.34
N HIS E 377 21.15 22.41 24.56
CA HIS E 377 20.53 21.13 24.89
C HIS E 377 19.08 21.15 24.41
N SER E 378 18.67 20.11 23.69
CA SER E 378 17.31 20.01 23.18
C SER E 378 16.46 19.08 24.05
N PHE E 379 15.27 19.55 24.41
CA PHE E 379 14.27 18.83 25.20
C PHE E 379 13.03 18.61 24.35
N ASN E 380 12.09 17.82 24.87
CA ASN E 380 10.72 17.88 24.39
C ASN E 380 9.81 17.61 25.59
N CYS E 381 9.24 18.67 26.16
CA CYS E 381 8.33 18.59 27.32
C CYS E 381 6.93 19.02 26.88
N ARG E 382 6.05 18.04 26.71
CA ARG E 382 4.67 18.27 26.28
C ARG E 382 4.58 19.05 24.98
N GLY E 383 5.50 18.77 24.05
CA GLY E 383 5.48 19.41 22.75
C GLY E 383 6.27 20.70 22.65
N GLU E 384 6.77 21.23 23.75
CA GLU E 384 7.56 22.45 23.74
C GLU E 384 9.03 22.09 23.58
N PHE E 385 9.68 22.71 22.60
CA PHE E 385 11.06 22.42 22.27
C PHE E 385 11.95 23.52 22.84
N PHE E 386 12.77 23.13 23.82
CA PHE E 386 13.63 24.00 24.60
C PHE E 386 15.06 23.87 24.08
N TYR E 387 15.74 25.00 23.99
CA TYR E 387 17.14 25.11 23.58
C TYR E 387 17.89 25.83 24.69
N CYS E 388 18.45 25.03 25.61
CA CYS E 388 19.01 25.54 26.86
C CYS E 388 20.51 25.74 26.75
N ASN E 389 20.97 26.86 27.31
CA ASN E 389 22.38 27.25 27.27
C ASN E 389 23.13 26.51 28.36
N THR E 390 24.02 25.60 27.97
CA THR E 390 24.74 24.72 28.88
C THR E 390 26.17 25.18 29.15
N THR E 391 26.51 26.43 28.86
CA THR E 391 27.88 26.88 29.06
C THR E 391 28.23 27.04 30.53
N ARG E 392 27.25 26.97 31.44
CA ARG E 392 27.52 27.03 32.87
C ARG E 392 27.81 25.66 33.47
N LEU E 393 27.66 24.58 32.70
CA LEU E 393 27.93 23.23 33.16
C LEU E 393 29.27 22.69 32.71
N PHE E 394 29.74 23.09 31.53
CA PHE E 394 30.96 22.56 30.92
C PHE E 394 32.08 23.58 30.85
N ASN E 395 32.04 24.63 31.67
CA ASN E 395 33.10 25.64 31.69
C ASN E 395 34.17 25.34 32.73
N ASN E 396 34.11 24.18 33.40
CA ASN E 396 35.09 23.81 34.42
C ASN E 396 35.12 24.81 35.57
N ASN E 397 34.01 25.51 35.78
CA ASN E 397 33.86 26.47 36.87
C ASN E 397 33.11 25.78 38.01
N ALA E 398 33.81 25.49 39.11
CA ALA E 398 33.20 24.77 40.23
C ALA E 398 32.39 25.79 41.03
N THR E 399 31.27 26.19 40.44
CA THR E 399 30.45 27.26 40.98
C THR E 399 29.82 26.81 42.30
N GLU E 400 29.91 27.66 43.32
CA GLU E 400 29.40 27.33 44.66
C GLU E 400 27.88 27.26 44.73
N ASP E 401 27.15 27.58 43.67
CA ASP E 401 25.70 27.66 43.71
C ASP E 401 25.12 26.30 44.05
N GLU E 402 24.14 26.28 44.94
CA GLU E 402 23.47 25.02 45.25
C GLU E 402 22.73 24.47 44.03
N THR E 403 22.05 25.34 43.28
CA THR E 403 21.32 24.93 42.08
C THR E 403 21.80 25.76 40.90
N ILE E 404 22.33 25.08 39.88
CA ILE E 404 22.66 25.77 38.62
C ILE E 404 21.35 26.01 37.88
N THR E 405 21.16 27.22 37.37
CA THR E 405 20.01 27.55 36.54
C THR E 405 20.48 27.96 35.17
N LEU E 406 19.90 27.33 34.14
CA LEU E 406 20.32 27.56 32.76
C LEU E 406 19.22 28.24 31.96
N PRO E 407 19.43 29.41 31.37
CA PRO E 407 18.37 30.04 30.57
C PRO E 407 18.06 29.16 29.36
N CYS E 408 16.83 29.21 28.88
CA CYS E 408 16.43 28.43 27.73
C CYS E 408 15.61 29.27 26.76
N ARG E 409 15.72 28.93 25.48
CA ARG E 409 14.89 29.48 24.42
C ARG E 409 13.84 28.42 24.09
N ILE E 410 12.67 28.85 23.64
CA ILE E 410 11.64 27.94 23.18
C ILE E 410 11.33 28.28 21.73
N LYS E 411 11.33 27.26 20.87
CA LYS E 411 11.11 27.47 19.45
C LYS E 411 9.93 26.61 19.02
N GLN E 412 9.14 27.13 18.07
CA GLN E 412 7.94 26.42 17.62
C GLN E 412 8.04 25.73 16.26
N ILE E 413 8.92 26.18 15.36
CA ILE E 413 9.05 25.57 14.03
C ILE E 413 10.30 24.71 14.06
N ILE E 414 10.12 23.39 14.12
CA ILE E 414 11.19 22.44 14.38
C ILE E 414 11.36 21.52 13.19
N ASN E 415 12.60 21.40 12.70
CA ASN E 415 12.97 20.44 11.66
C ASN E 415 13.91 19.48 12.40
N MET E 416 13.34 18.40 12.94
CA MET E 416 14.06 17.58 13.90
C MET E 416 15.22 16.78 13.32
N TRP E 417 15.04 16.18 12.14
CA TRP E 417 16.00 15.15 11.70
C TRP E 417 17.08 15.75 10.80
N GLN E 418 17.87 16.63 11.41
CA GLN E 418 18.99 17.33 10.74
C GLN E 418 18.59 17.93 9.39
N GLY E 419 17.42 18.56 9.34
CA GLY E 419 16.95 19.17 8.12
C GLY E 419 16.08 18.29 7.25
N VAL E 420 16.03 16.98 7.52
CA VAL E 420 15.24 16.04 6.73
C VAL E 420 13.86 15.90 7.37
N GLY E 421 12.83 15.95 6.55
CA GLY E 421 11.46 15.78 6.98
C GLY E 421 10.66 17.07 6.84
N ARG E 422 9.38 16.97 7.19
CA ARG E 422 8.51 18.11 7.11
C ARG E 422 8.76 19.00 8.32
N ALA E 423 8.76 20.31 8.11
CA ALA E 423 8.86 21.22 9.25
C ALA E 423 7.58 21.11 10.05
N MET E 424 7.71 21.01 11.37
CA MET E 424 6.56 20.89 12.26
C MET E 424 6.38 22.18 13.04
N TYR E 425 5.13 22.61 13.17
CA TYR E 425 4.76 23.74 14.02
C TYR E 425 4.17 23.16 15.31
N ALA E 426 4.78 23.50 16.44
CA ALA E 426 4.32 23.01 17.73
C ALA E 426 3.30 23.99 18.29
N PRO E 427 2.02 23.62 18.45
CA PRO E 427 1.05 24.58 18.95
C PRO E 427 1.29 24.86 20.42
N PRO E 428 0.89 26.03 20.92
CA PRO E 428 1.07 26.31 22.34
C PRO E 428 0.06 25.57 23.20
N ILE E 429 0.41 25.48 24.48
CA ILE E 429 -0.47 24.96 25.53
C ILE E 429 -0.66 26.08 26.54
N ALA E 430 -1.92 26.40 26.85
CA ALA E 430 -2.18 27.45 27.81
C ALA E 430 -1.79 26.96 29.20
N GLY E 431 -1.22 27.86 29.99
CA GLY E 431 -0.76 27.56 31.32
C GLY E 431 0.76 27.36 31.34
N ASN E 432 1.34 27.42 32.53
CA ASN E 432 2.77 27.24 32.64
C ASN E 432 3.06 25.74 32.59
N ILE E 433 4.24 25.40 32.08
CA ILE E 433 4.66 24.00 31.93
C ILE E 433 5.88 23.73 32.76
N THR E 434 5.84 22.65 33.53
CA THR E 434 7.00 22.15 34.26
C THR E 434 7.20 20.70 33.86
N CYS E 435 8.46 20.26 33.90
CA CYS E 435 8.78 18.87 33.63
C CYS E 435 10.05 18.52 34.39
N LYS E 436 10.24 17.24 34.61
CA LYS E 436 11.41 16.73 35.30
C LYS E 436 11.91 15.49 34.57
N SER E 437 13.24 15.34 34.52
CA SER E 437 13.84 14.20 33.85
C SER E 437 15.15 13.87 34.54
N ASN E 438 15.66 12.69 34.22
CA ASN E 438 16.93 12.20 34.73
C ASN E 438 17.99 12.29 33.63
N ILE E 439 19.13 12.87 33.96
CA ILE E 439 20.29 12.92 33.08
C ILE E 439 21.10 11.66 33.40
N THR E 440 21.23 10.79 32.39
CA THR E 440 21.86 9.49 32.57
C THR E 440 23.10 9.29 31.71
N GLY E 441 23.57 10.30 31.00
CA GLY E 441 24.75 10.13 30.18
C GLY E 441 25.09 11.42 29.46
N LEU E 442 26.27 11.41 28.83
CA LEU E 442 26.78 12.56 28.11
C LEU E 442 27.34 12.15 26.76
N LEU E 443 27.27 13.08 25.80
CA LEU E 443 27.90 12.95 24.49
C LEU E 443 29.03 13.97 24.42
N LEU E 444 30.27 13.50 24.41
CA LEU E 444 31.45 14.36 24.43
C LEU E 444 32.23 14.19 23.13
N VAL E 445 32.89 15.26 22.70
CA VAL E 445 33.77 15.26 21.54
C VAL E 445 35.12 15.78 21.98
N ARG E 446 36.18 15.10 21.57
CA ARG E 446 37.53 15.54 21.90
C ARG E 446 37.89 16.78 21.10
N ASP E 447 38.53 17.74 21.77
CA ASP E 447 38.88 19.02 21.18
C ASP E 447 40.15 18.88 20.33
N GLY E 448 40.01 18.17 19.21
CA GLY E 448 41.11 18.00 18.29
C GLY E 448 42.30 17.33 18.94
N GLY E 449 43.49 17.85 18.65
CA GLY E 449 44.70 17.29 19.20
C GLY E 449 45.97 17.95 18.70
N GLU E 450 47.02 17.90 19.52
CA GLU E 450 48.31 18.50 19.21
C GLU E 450 49.37 17.81 20.06
N ASP E 451 50.62 18.21 19.86
CA ASP E 451 51.73 17.79 20.71
C ASP E 451 52.03 18.92 21.68
N ASN E 452 52.99 18.69 22.58
CA ASN E 452 53.41 19.68 23.57
C ASN E 452 52.19 20.20 24.35
N LYS E 453 51.30 19.27 24.70
CA LYS E 453 50.08 19.57 25.42
C LYS E 453 49.93 18.58 26.57
N THR E 454 49.55 19.09 27.74
CA THR E 454 49.42 18.29 28.96
C THR E 454 47.98 18.14 29.43
N GLU E 455 47.00 18.56 28.63
CA GLU E 455 45.59 18.47 29.01
C GLU E 455 44.78 18.08 27.79
N GLU E 456 43.63 17.45 28.03
CA GLU E 456 42.70 17.05 26.99
C GLU E 456 41.37 17.74 27.28
N ILE E 457 40.83 18.42 26.27
CA ILE E 457 39.60 19.19 26.42
C ILE E 457 38.47 18.45 25.71
N PHE E 458 37.36 18.25 26.42
CA PHE E 458 36.17 17.62 25.89
C PHE E 458 35.07 18.66 25.84
N ARG E 459 34.25 18.62 24.78
CA ARG E 459 33.14 19.55 24.62
C ARG E 459 31.84 18.80 24.39
N PRO E 460 30.69 19.39 24.72
CA PRO E 460 29.42 18.76 24.36
C PRO E 460 29.29 18.60 22.85
N GLY E 461 28.72 17.46 22.44
CA GLY E 461 28.49 17.19 21.04
C GLY E 461 27.12 16.59 20.81
N GLY E 462 27.04 15.58 19.96
CA GLY E 462 25.77 14.97 19.62
C GLY E 462 25.16 15.58 18.37
N GLY E 463 23.85 15.41 18.27
CA GLY E 463 23.07 15.82 17.12
C GLY E 463 22.74 14.69 16.17
N ASN E 464 23.46 13.58 16.28
CA ASN E 464 23.22 12.38 15.47
C ASN E 464 22.39 11.45 16.33
N MET E 465 21.10 11.32 16.00
CA MET E 465 20.17 10.59 16.87
C MET E 465 20.54 9.12 17.01
N LYS E 466 21.38 8.61 16.12
CA LYS E 466 21.70 7.20 16.17
C LYS E 466 22.53 6.94 17.41
N ASP E 467 23.37 7.91 17.80
CA ASP E 467 24.25 7.65 18.93
C ASP E 467 23.40 7.45 20.18
N ASN E 468 22.34 8.25 20.35
CA ASN E 468 21.51 8.11 21.55
C ASN E 468 20.88 6.73 21.54
N TRP E 469 20.44 6.29 20.37
CA TRP E 469 19.78 4.95 20.28
C TRP E 469 20.82 3.85 20.53
N ARG E 470 22.08 4.08 20.13
CA ARG E 470 23.16 3.09 20.42
C ARG E 470 23.35 2.95 21.93
N SER E 471 23.30 4.06 22.66
CA SER E 471 23.57 4.04 24.13
C SER E 471 22.64 3.05 24.85
N GLU E 472 21.72 2.42 24.13
CA GLU E 472 20.83 1.44 24.73
C GLU E 472 20.89 0.14 23.95
N LEU E 473 20.95 0.21 22.62
CA LEU E 473 20.94 -1.01 21.81
C LEU E 473 22.27 -1.76 21.87
N TYR E 474 23.34 -1.12 22.36
CA TYR E 474 24.66 -1.75 22.46
C TYR E 474 24.67 -3.09 23.19
N LYS E 475 23.70 -3.35 24.05
CA LYS E 475 23.70 -4.59 24.83
C LYS E 475 23.49 -5.85 24.01
N TYR E 476 22.98 -5.76 22.79
CA TYR E 476 22.64 -6.99 22.09
C TYR E 476 22.68 -6.87 20.58
N LYS E 477 22.74 -8.05 19.95
CA LYS E 477 22.85 -8.23 18.50
C LYS E 477 21.89 -9.33 18.09
N VAL E 478 21.58 -9.41 16.80
CA VAL E 478 20.65 -10.42 16.26
C VAL E 478 21.42 -11.48 15.50
N ILE E 479 21.06 -12.75 15.73
CA ILE E 479 21.65 -13.92 15.12
C ILE E 479 20.59 -14.72 14.36
N GLU E 480 21.04 -15.44 13.33
CA GLU E 480 20.21 -16.31 12.50
C GLU E 480 20.51 -17.75 12.85
N LEU E 481 19.48 -18.49 13.23
CA LEU E 481 19.60 -19.90 13.58
C LEU E 481 19.89 -20.72 12.33
N LYS E 482 20.84 -21.66 12.45
CA LYS E 482 21.21 -22.56 11.36
C LYS E 482 21.10 -23.98 11.88
N PRO E 483 19.88 -24.53 11.97
CA PRO E 483 19.65 -25.76 12.74
C PRO E 483 20.18 -27.04 12.11
N LEU E 484 20.59 -27.03 10.83
CA LEU E 484 20.98 -28.25 10.14
C LEU E 484 22.49 -28.45 10.20
N GLY E 485 22.91 -29.57 10.80
CA GLY E 485 24.31 -29.89 10.95
C GLY E 485 24.52 -31.35 10.66
N ILE E 486 25.79 -31.70 10.40
CA ILE E 486 26.17 -33.08 10.13
C ILE E 486 27.36 -33.46 11.02
N ALA E 487 27.50 -34.77 11.26
CA ALA E 487 28.64 -35.24 12.03
C ALA E 487 28.85 -36.72 11.77
N PRO E 488 30.07 -37.25 11.92
CA PRO E 488 30.25 -38.69 11.81
C PRO E 488 29.81 -39.43 13.07
N THR E 489 29.29 -40.63 12.85
CA THR E 489 29.02 -41.58 13.94
C THR E 489 28.91 -42.97 13.33
N GLY E 490 28.43 -43.93 14.11
CA GLY E 490 28.28 -45.31 13.67
C GLY E 490 26.92 -45.66 13.10
N CYS E 491 26.12 -44.65 12.75
CA CYS E 491 24.74 -44.83 12.31
C CYS E 491 24.74 -45.19 10.83
N LYS E 492 24.31 -46.42 10.53
CA LYS E 492 24.21 -46.92 9.17
C LYS E 492 22.76 -47.33 8.90
N ARG E 493 22.29 -47.09 7.69
CA ARG E 493 20.95 -47.51 7.32
C ARG E 493 20.89 -49.02 7.13
N ARG E 494 19.74 -49.60 7.48
CA ARG E 494 19.55 -51.04 7.29
C ARG E 494 19.42 -51.40 5.82
N VAL E 495 18.82 -50.51 5.02
CA VAL E 495 18.53 -50.69 3.58
C VAL E 495 19.53 -51.56 2.81
N LEU F 9 15.50 -26.36 29.10
CA LEU F 9 16.43 -25.24 29.17
C LEU F 9 15.96 -24.05 28.34
N GLY F 10 15.18 -24.34 27.29
CA GLY F 10 14.68 -23.31 26.39
C GLY F 10 15.53 -23.22 25.14
N PHE F 11 15.17 -22.22 24.31
CA PHE F 11 15.79 -22.08 22.99
C PHE F 11 17.30 -21.97 23.10
N LEU F 12 17.99 -22.82 22.34
CA LEU F 12 19.45 -22.99 22.30
C LEU F 12 19.95 -23.70 23.55
N GLY F 13 19.50 -23.27 24.72
CA GLY F 13 19.80 -23.98 25.95
C GLY F 13 21.29 -24.08 26.20
N ALA F 14 21.76 -25.32 26.26
CA ALA F 14 23.16 -25.62 26.53
C ALA F 14 24.00 -25.45 25.25
N ALA F 15 24.05 -24.20 24.77
CA ALA F 15 24.78 -23.93 23.53
C ALA F 15 26.25 -24.24 23.65
N GLY F 16 26.85 -24.05 24.83
CA GLY F 16 28.26 -24.30 25.03
C GLY F 16 28.61 -25.70 25.46
N SER F 17 27.64 -26.59 25.57
CA SER F 17 27.88 -27.95 25.99
C SER F 17 28.40 -28.79 24.83
N THR F 18 28.80 -30.01 25.14
CA THR F 18 29.39 -30.86 24.12
C THR F 18 28.35 -31.29 23.09
N MET F 19 28.85 -31.75 21.94
CA MET F 19 27.98 -32.17 20.86
C MET F 19 27.03 -33.29 21.27
N GLY F 20 27.50 -34.21 22.11
CA GLY F 20 26.64 -35.28 22.55
C GLY F 20 25.46 -34.80 23.38
N ALA F 21 25.74 -34.00 24.40
CA ALA F 21 24.68 -33.52 25.29
C ALA F 21 23.64 -32.69 24.54
N ALA F 22 24.10 -31.88 23.58
CA ALA F 22 23.18 -30.98 22.87
C ALA F 22 22.18 -31.73 22.00
N SER F 23 22.43 -33.01 21.69
CA SER F 23 21.52 -33.74 20.83
C SER F 23 20.17 -34.00 21.48
N MET F 24 20.06 -33.85 22.80
CA MET F 24 18.82 -34.12 23.53
C MET F 24 17.85 -32.93 23.52
N THR F 25 18.22 -31.80 22.93
CA THR F 25 17.36 -30.62 22.86
C THR F 25 17.00 -30.22 21.43
N LEU F 26 17.15 -31.13 20.46
CA LEU F 26 16.88 -30.77 19.07
C LEU F 26 15.45 -30.33 18.86
N THR F 27 14.50 -30.86 19.64
CA THR F 27 13.12 -30.44 19.46
C THR F 27 12.90 -29.03 19.98
N VAL F 28 13.72 -28.60 20.94
CA VAL F 28 13.53 -27.30 21.54
C VAL F 28 13.82 -26.23 20.50
N GLN F 29 14.89 -26.41 19.72
CA GLN F 29 15.21 -25.46 18.68
C GLN F 29 14.26 -25.65 17.48
N ALA F 30 13.90 -26.90 17.18
CA ALA F 30 13.03 -27.16 16.03
C ALA F 30 11.68 -26.46 16.17
N ARG F 31 11.15 -26.39 17.39
CA ARG F 31 9.84 -25.76 17.57
C ARG F 31 9.86 -24.24 17.42
N GLN F 32 11.02 -23.60 17.39
CA GLN F 32 11.11 -22.14 17.27
C GLN F 32 11.29 -21.65 15.84
N LEU F 33 11.25 -22.55 14.85
CA LEU F 33 11.42 -22.12 13.47
C LEU F 33 10.13 -21.53 12.90
N LEU F 34 8.97 -21.94 13.42
CA LEU F 34 7.67 -21.48 12.96
C LEU F 34 7.00 -20.72 14.10
N SER F 35 6.67 -19.45 13.84
CA SER F 35 6.06 -18.54 14.82
C SER F 35 6.66 -18.64 16.21
N THR F 58 0.25 0.53 8.34
CA THR F 58 -0.13 -0.43 7.32
C THR F 58 1.11 -0.97 6.62
N VAL F 59 2.09 -0.09 6.41
CA VAL F 59 3.36 -0.51 5.78
C VAL F 59 4.05 -1.52 6.70
N TRP F 60 3.96 -1.30 8.01
CA TRP F 60 4.63 -2.18 8.97
C TRP F 60 4.08 -3.59 8.83
N GLY F 61 2.78 -3.70 8.58
CA GLY F 61 2.20 -5.01 8.32
C GLY F 61 2.85 -5.65 7.11
N ILE F 62 3.12 -4.85 6.07
CA ILE F 62 3.74 -5.42 4.88
C ILE F 62 5.11 -5.98 5.25
N LYS F 63 5.87 -5.24 6.07
CA LYS F 63 7.20 -5.74 6.44
C LYS F 63 7.06 -7.03 7.22
N GLN F 64 6.09 -7.09 8.13
CA GLN F 64 5.93 -8.29 8.95
C GLN F 64 5.58 -9.45 8.04
N LEU F 65 4.68 -9.20 7.07
CA LEU F 65 4.29 -10.24 6.14
C LEU F 65 5.55 -10.82 5.50
N GLN F 66 6.34 -9.94 4.86
CA GLN F 66 7.59 -10.30 4.19
C GLN F 66 8.44 -11.20 5.08
N THR F 67 8.46 -10.84 6.37
CA THR F 67 9.22 -11.61 7.35
C THR F 67 8.65 -13.02 7.49
N ARG F 68 7.33 -13.11 7.58
CA ARG F 68 6.68 -14.41 7.74
C ARG F 68 6.94 -15.27 6.52
N VAL F 69 6.89 -14.66 5.34
CA VAL F 69 7.10 -15.40 4.11
C VAL F 69 8.53 -15.92 4.06
N LEU F 70 9.51 -15.09 4.46
CA LEU F 70 10.90 -15.56 4.43
C LEU F 70 11.11 -16.69 5.43
N ALA F 71 10.49 -16.60 6.60
CA ALA F 71 10.63 -17.68 7.58
C ALA F 71 10.03 -18.98 7.05
N ILE F 72 8.89 -18.86 6.37
CA ILE F 72 8.25 -20.05 5.79
C ILE F 72 9.15 -20.64 4.71
N GLU F 73 9.72 -19.79 3.85
CA GLU F 73 10.57 -20.29 2.79
C GLU F 73 11.79 -21.00 3.36
N ARG F 74 12.39 -20.45 4.42
CA ARG F 74 13.57 -21.11 4.99
C ARG F 74 13.20 -22.46 5.57
N TYR F 75 12.06 -22.53 6.27
CA TYR F 75 11.60 -23.79 6.85
C TYR F 75 11.37 -24.82 5.74
N LEU F 76 10.66 -24.41 4.68
CA LEU F 76 10.35 -25.33 3.60
C LEU F 76 11.61 -25.79 2.88
N LYS F 77 12.59 -24.90 2.71
CA LYS F 77 13.83 -25.32 2.06
C LYS F 77 14.56 -26.35 2.90
N ASP F 78 14.56 -26.17 4.23
CA ASP F 78 15.22 -27.17 5.07
C ASP F 78 14.47 -28.49 5.04
N GLN F 79 13.14 -28.45 5.02
CA GLN F 79 12.37 -29.69 4.99
C GLN F 79 12.53 -30.39 3.65
N GLN F 80 12.59 -29.63 2.55
CA GLN F 80 12.79 -30.22 1.24
C GLN F 80 14.16 -30.87 1.16
N LEU F 81 15.17 -30.22 1.74
CA LEU F 81 16.51 -30.77 1.69
C LEU F 81 16.57 -32.08 2.48
N LEU F 82 15.94 -32.11 3.66
CA LEU F 82 15.91 -33.35 4.43
C LEU F 82 15.14 -34.43 3.69
N GLY F 83 14.06 -34.04 3.00
CA GLY F 83 13.32 -35.01 2.21
C GLY F 83 14.14 -35.63 1.11
N ILE F 84 14.89 -34.80 0.38
CA ILE F 84 15.73 -35.29 -0.70
C ILE F 84 16.75 -36.28 -0.18
N TRP F 85 17.29 -36.03 1.02
CA TRP F 85 18.26 -36.94 1.62
C TRP F 85 17.62 -38.21 2.16
N GLY F 86 16.29 -38.32 2.16
CA GLY F 86 15.61 -39.47 2.71
C GLY F 86 15.45 -39.46 4.21
N CYS F 87 15.47 -38.28 4.84
CA CYS F 87 15.37 -38.12 6.29
C CYS F 87 14.09 -37.40 6.70
N SER F 88 13.07 -37.39 5.84
CA SER F 88 11.84 -36.67 6.16
C SER F 88 11.17 -37.24 7.39
N GLY F 89 10.72 -36.34 8.27
CA GLY F 89 9.99 -36.71 9.46
C GLY F 89 10.86 -37.14 10.63
N LYS F 90 12.18 -37.12 10.48
CA LYS F 90 13.11 -37.54 11.51
C LYS F 90 14.06 -36.41 11.86
N LEU F 91 14.57 -36.45 13.09
CA LEU F 91 15.64 -35.56 13.54
C LEU F 91 17.00 -36.22 13.48
N ILE F 92 17.04 -37.54 13.63
CA ILE F 92 18.27 -38.32 13.57
C ILE F 92 18.06 -39.31 12.43
N CYS F 93 19.02 -39.37 11.50
CA CYS F 93 18.93 -40.37 10.44
C CYS F 93 20.31 -40.83 10.00
N CYS F 94 20.42 -42.12 9.69
CA CYS F 94 21.63 -42.66 9.11
C CYS F 94 21.56 -42.33 7.63
N THR F 95 22.70 -42.00 7.02
CA THR F 95 22.71 -41.68 5.58
C THR F 95 23.46 -42.69 4.71
N ASN F 96 24.10 -43.70 5.27
CA ASN F 96 24.79 -44.71 4.47
C ASN F 96 25.86 -44.11 3.56
N VAL F 97 26.55 -43.09 4.03
CA VAL F 97 27.66 -42.48 3.31
C VAL F 97 28.91 -42.57 4.18
N PRO F 98 29.98 -43.25 3.75
CA PRO F 98 31.19 -43.33 4.59
C PRO F 98 31.80 -41.95 4.83
N TRP F 99 32.42 -41.79 5.99
CA TRP F 99 33.11 -40.55 6.33
C TRP F 99 34.51 -40.57 5.74
N ASN F 100 34.89 -39.47 5.10
CA ASN F 100 36.21 -39.33 4.49
C ASN F 100 37.19 -38.75 5.50
N SER F 101 38.40 -39.30 5.52
CA SER F 101 39.46 -38.81 6.39
C SER F 101 39.93 -37.41 6.01
N SER F 102 39.60 -36.94 4.81
CA SER F 102 39.98 -35.60 4.38
C SER F 102 39.07 -34.53 4.97
N TRP F 103 37.90 -34.90 5.47
CA TRP F 103 36.98 -33.92 6.04
C TRP F 103 37.36 -33.60 7.48
N SER F 104 37.68 -34.62 8.27
CA SER F 104 38.16 -34.46 9.63
C SER F 104 38.87 -35.75 10.00
N ASN F 105 39.69 -35.68 11.05
CA ASN F 105 40.38 -36.87 11.57
C ASN F 105 40.40 -36.80 13.09
N LYS F 106 39.26 -37.13 13.70
CA LYS F 106 39.08 -37.09 15.15
C LYS F 106 38.35 -38.35 15.59
N SER F 107 38.60 -38.76 16.83
CA SER F 107 37.89 -39.89 17.39
C SER F 107 36.47 -39.48 17.75
N GLN F 108 35.61 -40.47 17.99
CA GLN F 108 34.25 -40.16 18.39
C GLN F 108 34.21 -39.48 19.75
N THR F 109 35.12 -39.86 20.64
CA THR F 109 35.16 -39.25 21.96
C THR F 109 35.50 -37.76 21.84
N ASP F 110 36.49 -37.43 21.01
CA ASP F 110 36.90 -36.05 20.86
C ASP F 110 35.77 -35.19 20.31
N ILE F 111 35.04 -35.70 19.32
CA ILE F 111 34.00 -34.92 18.68
C ILE F 111 32.80 -34.77 19.61
N TRP F 112 32.35 -35.86 20.23
CA TRP F 112 31.11 -35.80 20.99
C TRP F 112 31.28 -35.28 22.42
N ASN F 113 32.47 -35.43 23.03
CA ASN F 113 32.70 -34.98 24.39
C ASN F 113 33.67 -33.81 24.53
N ASN F 114 34.45 -33.49 23.50
CA ASN F 114 35.47 -32.44 23.59
C ASN F 114 35.24 -31.28 22.63
N MET F 115 34.08 -31.18 21.98
CA MET F 115 33.79 -30.10 21.06
C MET F 115 32.34 -29.67 21.19
N THR F 116 32.09 -28.40 20.86
CA THR F 116 30.75 -27.85 20.78
C THR F 116 30.31 -27.87 19.32
N TRP F 117 29.02 -27.62 19.09
CA TRP F 117 28.54 -27.62 17.72
C TRP F 117 29.07 -26.43 16.91
N MET F 118 29.35 -25.29 17.56
CA MET F 118 29.91 -24.16 16.82
C MET F 118 31.29 -24.50 16.29
N GLU F 119 32.11 -25.15 17.13
CA GLU F 119 33.46 -25.49 16.72
C GLU F 119 33.42 -26.52 15.61
N TRP F 120 32.52 -27.50 15.69
CA TRP F 120 32.41 -28.49 14.63
C TRP F 120 31.95 -27.84 13.34
N ASP F 121 30.96 -26.93 13.43
CA ASP F 121 30.45 -26.25 12.25
C ASP F 121 31.57 -25.51 11.53
N ARG F 122 32.45 -24.85 12.29
CA ARG F 122 33.59 -24.20 11.66
C ARG F 122 34.57 -25.23 11.10
N GLU F 123 34.78 -26.32 11.84
CA GLU F 123 35.77 -27.33 11.49
C GLU F 123 35.57 -27.91 10.09
N ILE F 124 34.32 -28.14 9.67
CA ILE F 124 34.02 -28.73 8.37
C ILE F 124 33.23 -27.79 7.47
N SER F 125 33.31 -26.48 7.70
CA SER F 125 32.51 -25.53 6.92
C SER F 125 32.76 -25.67 5.42
N ASN F 126 34.01 -25.85 5.01
CA ASN F 126 34.34 -25.82 3.59
C ASN F 126 33.91 -27.07 2.85
N TYR F 127 33.38 -28.08 3.56
CA TYR F 127 32.91 -29.31 2.95
C TYR F 127 31.39 -29.39 3.00
N THR F 128 30.72 -28.32 3.46
CA THR F 128 29.28 -28.37 3.68
C THR F 128 28.54 -28.76 2.41
N ASP F 129 28.91 -28.20 1.27
CA ASP F 129 28.17 -28.51 0.06
C ASP F 129 28.61 -29.83 -0.55
N THR F 130 29.89 -30.20 -0.40
CA THR F 130 30.38 -31.44 -1.00
C THR F 130 29.64 -32.63 -0.42
N ILE F 131 29.49 -32.64 0.89
CA ILE F 131 28.87 -33.77 1.56
C ILE F 131 27.41 -33.83 1.13
N TYR F 132 26.76 -32.67 1.02
CA TYR F 132 25.37 -32.65 0.63
C TYR F 132 25.16 -33.32 -0.71
N ARG F 133 26.08 -33.08 -1.66
CA ARG F 133 25.93 -33.72 -2.96
C ARG F 133 25.99 -35.22 -2.84
N LEU F 134 26.90 -35.73 -1.99
CA LEU F 134 26.99 -37.17 -1.82
C LEU F 134 25.72 -37.71 -1.22
N LEU F 135 25.11 -36.95 -0.29
CA LEU F 135 23.88 -37.43 0.33
C LEU F 135 22.79 -37.55 -0.72
N GLU F 136 22.72 -36.59 -1.64
CA GLU F 136 21.70 -36.67 -2.66
C GLU F 136 21.95 -37.88 -3.55
N ASP F 137 23.22 -38.15 -3.84
CA ASP F 137 23.53 -39.27 -4.69
C ASP F 137 23.18 -40.56 -3.98
N SER F 138 23.36 -40.61 -2.65
CA SER F 138 23.01 -41.82 -1.93
C SER F 138 21.53 -42.09 -2.09
N GLN F 139 20.70 -41.06 -1.94
CA GLN F 139 19.28 -41.30 -2.08
C GLN F 139 18.95 -41.67 -3.51
N THR F 140 19.72 -41.13 -4.46
CA THR F 140 19.50 -41.50 -5.85
C THR F 140 19.81 -42.97 -6.06
N GLN F 141 20.89 -43.46 -5.43
CA GLN F 141 21.23 -44.87 -5.58
C GLN F 141 20.18 -45.74 -4.88
N GLN F 142 19.71 -45.31 -3.72
CA GLN F 142 18.64 -46.00 -3.03
C GLN F 142 17.30 -45.57 -3.61
N GLU F 143 16.22 -46.15 -3.07
CA GLU F 143 14.83 -45.87 -3.43
C GLU F 143 14.45 -46.35 -4.84
N LYS F 144 15.25 -46.02 -5.86
CA LYS F 144 14.98 -46.49 -7.21
C LYS F 144 15.91 -47.63 -7.62
N ASN F 145 17.20 -47.34 -7.76
CA ASN F 145 18.11 -48.32 -8.35
C ASN F 145 18.29 -49.55 -7.48
N GLU F 146 18.32 -49.37 -6.16
CA GLU F 146 18.52 -50.49 -5.24
C GLU F 146 17.23 -51.04 -4.63
N LYS F 147 16.08 -50.41 -4.86
CA LYS F 147 14.82 -50.85 -4.27
C LYS F 147 13.76 -51.19 -5.31
N ASP F 148 13.74 -50.49 -6.45
CA ASP F 148 12.71 -50.76 -7.45
C ASP F 148 12.86 -52.16 -8.00
N LEU F 149 14.11 -52.65 -8.09
CA LEU F 149 14.37 -53.97 -8.64
C LEU F 149 13.91 -55.08 -7.70
N LEU F 150 13.68 -54.77 -6.43
CA LEU F 150 13.22 -55.77 -5.46
C LEU F 150 11.71 -55.84 -5.41
N ALA F 151 11.03 -54.71 -5.59
CA ALA F 151 9.57 -54.72 -5.64
C ALA F 151 9.08 -55.58 -6.79
N LEU F 152 9.82 -55.62 -7.89
CA LEU F 152 9.47 -56.44 -9.04
C LEU F 152 9.37 -57.91 -8.64
N GLN G 1 30.86 13.47 -10.06
CA GLN G 1 32.28 13.89 -10.01
C GLN G 1 32.51 14.79 -8.81
N VAL G 2 33.36 14.34 -7.88
CA VAL G 2 33.65 15.11 -6.68
C VAL G 2 34.45 16.35 -7.06
N GLN G 3 33.99 17.52 -6.62
CA GLN G 3 34.70 18.76 -6.92
C GLN G 3 34.67 19.70 -5.74
N LEU G 4 35.84 20.28 -5.43
CA LEU G 4 36.00 21.30 -4.41
C LEU G 4 36.66 22.53 -5.04
N LEU G 5 35.96 23.65 -5.06
CA LEU G 5 36.45 24.90 -5.62
C LEU G 5 36.79 25.84 -4.48
N GLN G 6 37.83 26.66 -4.66
CA GLN G 6 38.21 27.62 -3.62
C GLN G 6 38.37 29.03 -4.19
N SER G 7 38.21 30.01 -3.30
CA SER G 7 38.40 31.40 -3.63
C SER G 7 39.88 31.71 -3.86
N GLY G 8 40.15 32.85 -4.49
CA GLY G 8 41.50 33.26 -4.78
C GLY G 8 42.19 33.86 -3.58
N ALA G 9 43.45 34.23 -3.79
CA ALA G 9 44.29 34.75 -2.71
C ALA G 9 43.74 36.07 -2.18
N ALA G 10 43.99 36.32 -0.90
CA ALA G 10 43.60 37.56 -0.22
C ALA G 10 44.79 38.10 0.53
N VAL G 11 44.92 39.44 0.53
CA VAL G 11 45.97 40.14 1.25
C VAL G 11 45.31 41.16 2.16
N THR G 12 45.67 41.15 3.44
CA THR G 12 45.10 42.05 4.43
C THR G 12 46.20 42.43 5.42
N LYS G 13 45.80 43.03 6.54
CA LYS G 13 46.67 43.53 7.58
C LYS G 13 46.37 42.84 8.92
N PRO G 14 47.34 42.75 9.84
CA PRO G 14 47.09 42.11 11.14
C PRO G 14 45.89 42.69 11.86
N GLY G 15 45.08 41.80 12.44
CA GLY G 15 43.88 42.17 13.16
C GLY G 15 42.62 42.22 12.34
N ALA G 16 42.72 42.16 11.02
CA ALA G 16 41.57 42.20 10.14
C ALA G 16 41.11 40.78 9.85
N SER G 17 39.84 40.49 10.18
CA SER G 17 39.32 39.15 9.96
C SER G 17 39.35 38.82 8.47
N VAL G 18 39.69 37.56 8.16
CA VAL G 18 39.74 37.09 6.77
C VAL G 18 38.90 35.83 6.64
N ARG G 19 38.12 35.76 5.56
CA ARG G 19 37.29 34.62 5.24
C ARG G 19 37.86 33.88 4.04
N VAL G 20 38.00 32.56 4.19
CA VAL G 20 38.42 31.66 3.10
C VAL G 20 37.27 30.70 2.87
N SER G 21 36.81 30.59 1.63
CA SER G 21 35.69 29.71 1.31
C SER G 21 36.13 28.53 0.45
N CYS G 22 35.33 27.48 0.55
CA CYS G 22 35.47 26.26 -0.25
C CYS G 22 34.07 25.80 -0.61
N GLU G 23 33.82 25.53 -1.88
CA GLU G 23 32.51 25.10 -2.36
C GLU G 23 32.60 23.66 -2.82
N ALA G 24 31.78 22.80 -2.21
CA ALA G 24 31.74 21.39 -2.54
C ALA G 24 30.54 21.12 -3.44
N SER G 25 30.76 20.29 -4.46
CA SER G 25 29.69 19.92 -5.38
C SER G 25 29.99 18.57 -6.03
N GLY G 26 28.94 17.99 -6.61
CA GLY G 26 29.03 16.79 -7.41
C GLY G 26 28.95 15.47 -6.67
N TYR G 27 28.64 15.48 -5.38
CA TYR G 27 28.57 14.26 -4.60
C TYR G 27 27.66 14.52 -3.40
N ASN G 28 27.37 13.45 -2.66
CA ASN G 28 26.51 13.61 -1.47
C ASN G 28 27.37 14.16 -0.35
N ILE G 29 27.29 15.48 -0.18
CA ILE G 29 28.13 16.20 0.77
C ILE G 29 27.84 15.79 2.20
N ARG G 30 26.56 15.56 2.52
CA ARG G 30 26.13 15.28 3.89
C ARG G 30 26.76 14.03 4.49
N ASP G 31 27.32 13.13 3.68
CA ASP G 31 27.88 11.88 4.20
C ASP G 31 29.36 11.94 4.56
N TYR G 32 30.06 13.05 4.32
CA TYR G 32 31.51 13.11 4.57
C TYR G 32 31.89 14.39 5.32
N PHE G 33 32.83 14.26 6.24
CA PHE G 33 33.33 15.41 6.98
C PHE G 33 34.25 16.23 6.09
N ILE G 34 34.25 17.55 6.29
CA ILE G 34 35.16 18.44 5.58
C ILE G 34 36.21 18.95 6.56
N HIS G 35 37.47 18.79 6.21
CA HIS G 35 38.59 19.21 7.04
C HIS G 35 39.29 20.39 6.41
N TRP G 36 39.85 21.25 7.26
CA TRP G 36 40.69 22.36 6.85
C TRP G 36 42.10 22.13 7.38
N TRP G 37 43.08 22.48 6.52
CA TRP G 37 44.52 22.37 6.77
C TRP G 37 45.21 23.68 6.43
N ARG G 38 46.29 23.99 7.18
CA ARG G 38 47.10 25.18 6.95
C ARG G 38 48.52 24.77 6.65
N GLN G 39 49.03 25.18 5.49
CA GLN G 39 50.40 24.88 5.04
C GLN G 39 51.23 26.17 4.98
N ALA G 40 52.05 26.39 5.99
CA ALA G 40 52.92 27.55 5.98
C ALA G 40 54.03 27.32 4.95
N PRO G 41 54.58 28.37 4.34
CA PRO G 41 55.65 28.17 3.35
C PRO G 41 56.82 27.39 3.90
N GLY G 42 57.24 26.36 3.16
CA GLY G 42 58.39 25.56 3.53
C GLY G 42 58.15 24.55 4.63
N GLN G 43 56.94 24.48 5.17
CA GLN G 43 56.57 23.64 6.30
C GLN G 43 55.67 22.50 5.82
N GLY G 44 55.28 21.65 6.76
CA GLY G 44 54.35 20.58 6.51
C GLY G 44 52.94 21.13 6.66
N LEU G 45 51.98 20.21 6.76
CA LEU G 45 50.58 20.61 6.85
C LEU G 45 50.13 20.59 8.30
N GLN G 46 49.64 21.72 8.79
CA GLN G 46 49.06 21.82 10.11
C GLN G 46 47.57 21.55 9.99
N TRP G 47 47.04 20.81 10.96
CA TRP G 47 45.60 20.58 10.99
C TRP G 47 44.91 21.82 11.54
N VAL G 48 43.86 22.28 10.86
CA VAL G 48 43.09 23.42 11.29
C VAL G 48 41.78 23.00 11.94
N GLY G 49 41.10 22.00 11.38
CA GLY G 49 39.87 21.57 12.01
C GLY G 49 38.99 20.77 11.08
N TRP G 50 37.88 20.27 11.64
CA TRP G 50 36.89 19.58 10.83
C TRP G 50 35.52 20.19 11.09
N ILE G 51 34.66 20.10 10.08
CA ILE G 51 33.27 20.51 10.18
C ILE G 51 32.38 19.39 9.65
N ASN G 52 31.32 19.09 10.40
CA ASN G 52 30.32 18.12 10.02
C ASN G 52 29.30 18.81 9.10
N PRO G 53 29.15 18.41 7.84
CA PRO G 53 28.27 19.17 6.94
C PRO G 53 26.81 19.11 7.31
N LYS G 54 26.39 18.20 8.19
CA LYS G 54 24.98 18.04 8.51
C LYS G 54 24.57 18.75 9.79
N THR G 55 25.46 18.81 10.78
CA THR G 55 25.16 19.43 12.06
C THR G 55 25.86 20.77 12.25
N GLY G 56 26.91 21.05 11.48
CA GLY G 56 27.61 22.31 11.61
C GLY G 56 28.62 22.37 12.74
N GLN G 57 28.84 21.28 13.45
CA GLN G 57 29.73 21.31 14.61
C GLN G 57 31.19 21.52 14.20
N PRO G 58 31.84 22.60 14.61
CA PRO G 58 33.27 22.73 14.32
C PRO G 58 34.10 22.00 15.36
N ASN G 59 35.32 21.62 14.96
CA ASN G 59 36.30 21.08 15.90
C ASN G 59 37.66 21.58 15.48
N ASN G 60 38.26 22.45 16.30
CA ASN G 60 39.54 23.07 16.05
C ASN G 60 40.54 22.65 17.12
N PRO G 61 41.84 22.62 16.83
CA PRO G 61 42.82 22.36 17.88
C PRO G 61 43.05 23.60 18.75
N ARG G 62 43.64 23.35 19.91
CA ARG G 62 43.91 24.37 20.91
C ARG G 62 44.47 25.68 20.34
N GLN G 63 45.44 25.58 19.42
CA GLN G 63 46.09 26.79 18.92
C GLN G 63 45.16 27.70 18.12
N PHE G 64 44.02 27.19 17.65
CA PHE G 64 43.07 27.98 16.86
C PHE G 64 41.77 28.28 17.61
N GLN G 65 41.69 28.00 18.90
CA GLN G 65 40.44 28.27 19.62
C GLN G 65 40.29 29.76 19.86
N GLY G 66 39.10 30.28 19.55
CA GLY G 66 38.83 31.69 19.70
C GLY G 66 39.29 32.53 18.54
N ARG G 67 39.96 31.93 17.55
CA ARG G 67 40.50 32.61 16.39
C ARG G 67 39.90 32.14 15.08
N VAL G 68 39.59 30.84 14.96
CA VAL G 68 39.08 30.25 13.74
C VAL G 68 37.65 29.79 13.98
N SER G 69 36.72 30.30 13.17
CA SER G 69 35.33 29.90 13.19
C SER G 69 35.00 29.23 11.86
N LEU G 70 34.67 27.94 11.92
CA LEU G 70 34.33 27.19 10.73
C LEU G 70 32.81 27.10 10.65
N THR G 71 32.25 27.36 9.46
CA THR G 71 30.81 27.28 9.26
C THR G 71 30.51 26.67 7.90
N ARG G 72 29.23 26.41 7.67
CA ARG G 72 28.77 25.86 6.41
C ARG G 72 27.39 26.43 6.11
N HIS G 73 27.12 26.60 4.82
CA HIS G 73 25.84 27.06 4.30
C HIS G 73 25.39 26.11 3.20
N ALA G 74 24.27 25.43 3.44
CA ALA G 74 23.72 24.51 2.45
C ALA G 74 22.95 25.29 1.39
N SER G 75 23.11 24.89 0.14
CA SER G 75 22.36 25.45 -0.96
C SER G 75 21.04 24.70 -1.16
N TRP G 76 20.22 25.23 -2.06
CA TRP G 76 18.92 24.63 -2.35
C TRP G 76 19.06 23.19 -2.80
N ASP G 77 18.24 22.31 -2.23
CA ASP G 77 18.17 20.88 -2.49
C ASP G 77 19.44 20.14 -2.07
N PHE G 78 20.35 20.80 -1.35
CA PHE G 78 21.58 20.19 -0.85
C PHE G 78 22.47 19.70 -1.99
N ASP G 79 22.36 20.31 -3.17
CA ASP G 79 23.20 19.92 -4.29
C ASP G 79 24.65 20.39 -4.10
N THR G 80 24.84 21.53 -3.47
CA THR G 80 26.17 22.07 -3.20
C THR G 80 26.20 22.64 -1.78
N TYR G 81 27.41 22.76 -1.24
CA TYR G 81 27.61 23.42 0.05
C TYR G 81 28.74 24.42 -0.02
N SER G 82 28.56 25.56 0.65
CA SER G 82 29.61 26.56 0.78
C SER G 82 30.14 26.49 2.20
N PHE G 83 31.42 26.16 2.36
CA PHE G 83 32.07 26.05 3.65
C PHE G 83 32.96 27.27 3.82
N TYR G 84 33.05 27.79 5.03
CA TYR G 84 33.85 28.98 5.29
C TYR G 84 34.72 28.80 6.53
N MET G 85 35.90 29.40 6.45
CA MET G 85 36.85 29.53 7.56
C MET G 85 37.06 31.01 7.81
N ASP G 86 36.59 31.50 8.95
CA ASP G 86 36.72 32.91 9.33
C ASP G 86 37.80 32.99 10.39
N LEU G 87 38.94 33.59 10.05
CA LEU G 87 40.07 33.74 10.95
C LEU G 87 40.06 35.17 11.47
N LYS G 88 39.89 35.32 12.79
CA LYS G 88 39.65 36.63 13.41
C LYS G 88 40.92 37.37 13.82
N ALA G 89 41.62 36.86 14.84
CA ALA G 89 42.80 37.55 15.37
C ALA G 89 44.00 37.22 14.50
N LEU G 90 43.97 37.78 13.29
CA LEU G 90 44.96 37.48 12.28
C LEU G 90 46.31 38.12 12.63
N ARG G 91 47.38 37.37 12.42
CA ARG G 91 48.74 37.82 12.68
C ARG G 91 49.61 37.53 11.47
N SER G 92 50.80 38.15 11.43
CA SER G 92 51.73 37.90 10.34
C SER G 92 52.23 36.46 10.31
N ASP G 93 52.14 35.76 11.44
CA ASP G 93 52.56 34.35 11.51
C ASP G 93 51.62 33.41 10.79
N ASP G 94 50.44 33.88 10.37
CA ASP G 94 49.43 33.05 9.74
C ASP G 94 49.51 33.05 8.21
N THR G 95 50.57 33.60 7.63
CA THR G 95 50.72 33.53 6.18
C THR G 95 50.87 32.07 5.78
N ALA G 96 49.97 31.60 4.91
CA ALA G 96 49.96 30.18 4.58
C ALA G 96 48.95 29.93 3.47
N VAL G 97 49.01 28.71 2.92
CA VAL G 97 47.99 28.22 2.00
C VAL G 97 46.99 27.39 2.81
N TYR G 98 45.71 27.72 2.71
CA TYR G 98 44.64 27.06 3.43
C TYR G 98 43.87 26.13 2.49
N PHE G 99 43.84 24.83 2.82
CA PHE G 99 43.24 23.81 1.99
C PHE G 99 42.00 23.23 2.67
N CYS G 100 41.03 22.84 1.85
CA CYS G 100 39.87 22.07 2.26
C CYS G 100 40.02 20.66 1.69
N ALA G 101 39.53 19.66 2.42
CA ALA G 101 39.59 18.28 1.93
C ALA G 101 38.47 17.43 2.50
N ARG G 102 38.09 16.41 1.74
CA ARG G 102 37.07 15.44 2.14
C ARG G 102 37.65 14.24 2.86
N GLN G 103 37.02 13.85 3.96
CA GLN G 103 37.38 12.63 4.68
C GLN G 103 36.45 11.52 4.19
N ARG G 104 37.00 10.57 3.43
CA ARG G 104 36.18 9.52 2.83
C ARG G 104 36.20 8.20 3.60
N SER G 105 36.93 8.09 4.71
CA SER G 105 37.08 6.82 5.38
C SER G 105 37.41 7.03 6.85
N ASP G 106 37.47 5.92 7.59
CA ASP G 106 37.79 5.94 9.01
C ASP G 106 39.29 6.05 9.27
N TYR G 107 40.10 6.18 8.22
CA TYR G 107 41.55 6.31 8.32
C TYR G 107 41.99 7.75 8.06
N TRP G 108 41.06 8.67 7.91
CA TRP G 108 41.34 10.07 7.56
C TRP G 108 42.06 10.14 6.22
N ASP G 109 41.57 9.38 5.25
CA ASP G 109 42.10 9.37 3.90
C ASP G 109 41.46 10.53 3.14
N PHE G 110 42.28 11.46 2.66
CA PHE G 110 41.79 12.63 1.94
C PHE G 110 42.05 12.45 0.46
N ASP G 111 41.00 12.16 -0.29
CA ASP G 111 41.14 11.86 -1.72
C ASP G 111 41.16 13.13 -2.56
N VAL G 112 40.18 14.02 -2.35
CA VAL G 112 40.04 15.24 -3.12
C VAL G 112 40.37 16.44 -2.23
N TRP G 113 41.26 17.29 -2.73
CA TRP G 113 41.74 18.49 -2.08
C TRP G 113 41.35 19.70 -2.93
N GLY G 114 41.14 20.84 -2.29
CA GLY G 114 40.91 22.05 -3.04
C GLY G 114 42.20 22.61 -3.58
N SER G 115 42.09 23.69 -4.35
CA SER G 115 43.26 24.27 -4.97
C SER G 115 44.17 24.98 -3.99
N GLY G 116 43.65 25.40 -2.83
CA GLY G 116 44.45 26.09 -1.84
C GLY G 116 44.30 27.58 -1.96
N THR G 117 43.98 28.27 -0.86
CA THR G 117 43.85 29.72 -0.85
C THR G 117 45.05 30.32 -0.15
N GLN G 118 45.78 31.18 -0.85
CA GLN G 118 46.95 31.83 -0.26
C GLN G 118 46.51 33.03 0.56
N VAL G 119 46.92 33.08 1.82
CA VAL G 119 46.65 34.20 2.71
C VAL G 119 48.00 34.79 3.10
N THR G 120 48.17 36.08 2.82
CA THR G 120 49.38 36.83 3.12
C THR G 120 49.03 37.91 4.14
N VAL G 121 49.88 38.07 5.16
CA VAL G 121 49.62 39.03 6.22
C VAL G 121 50.92 39.75 6.54
N ASP H 1 48.64 9.27 23.06
CA ASP H 1 49.24 10.00 21.91
C ASP H 1 49.89 9.03 20.93
N ILE H 2 49.99 9.46 19.67
CA ILE H 2 50.59 8.69 18.60
C ILE H 2 51.95 9.30 18.30
N GLN H 3 53.00 8.49 18.39
CA GLN H 3 54.36 8.92 18.14
C GLN H 3 54.71 8.58 16.70
N MET H 4 55.53 9.43 16.07
CA MET H 4 55.96 9.18 14.71
C MET H 4 57.41 9.56 14.47
N THR H 5 58.02 8.86 13.51
CA THR H 5 59.34 9.22 12.99
C THR H 5 59.26 9.18 11.47
N GLN H 6 60.22 9.85 10.83
CA GLN H 6 60.32 9.88 9.38
C GLN H 6 61.78 9.97 8.98
N SER H 7 62.20 9.11 8.04
CA SER H 7 63.58 9.09 7.59
C SER H 7 63.63 8.50 6.19
N PRO H 8 64.50 9.00 5.28
CA PRO H 8 65.50 10.07 5.43
C PRO H 8 64.88 11.46 5.33
N SER H 9 65.64 12.53 5.62
CA SER H 9 65.12 13.88 5.39
C SER H 9 65.13 14.23 3.91
N SER H 10 66.03 13.63 3.13
CA SER H 10 66.11 13.87 1.69
C SER H 10 66.59 12.61 1.01
N LEU H 11 66.22 12.45 -0.26
CA LEU H 11 66.59 11.29 -1.05
C LEU H 11 67.02 11.73 -2.44
N SER H 12 68.06 11.07 -2.97
CA SER H 12 68.56 11.33 -4.31
C SER H 12 68.75 10.00 -5.02
N ALA H 13 68.20 9.89 -6.23
CA ALA H 13 68.21 8.64 -6.97
C ALA H 13 68.33 8.91 -8.46
N SER H 14 68.58 7.85 -9.22
CA SER H 14 68.63 7.88 -10.67
C SER H 14 67.31 7.36 -11.25
N VAL H 15 67.08 7.66 -12.52
CA VAL H 15 65.85 7.22 -13.17
C VAL H 15 65.90 5.71 -13.35
N GLY H 16 64.83 5.04 -12.95
CA GLY H 16 64.71 3.59 -13.01
C GLY H 16 65.05 2.88 -11.73
N ASP H 17 65.65 3.58 -10.76
CA ASP H 17 66.00 2.98 -9.49
C ASP H 17 64.77 2.64 -8.67
N THR H 18 64.90 1.67 -7.78
CA THR H 18 63.90 1.35 -6.79
C THR H 18 64.37 1.96 -5.47
N VAL H 19 63.51 2.77 -4.86
CA VAL H 19 63.83 3.48 -3.62
C VAL H 19 62.73 3.24 -2.59
N THR H 20 63.09 3.45 -1.33
CA THR H 20 62.15 3.39 -0.23
C THR H 20 62.30 4.60 0.67
N ILE H 21 61.19 4.96 1.31
CA ILE H 21 61.11 6.04 2.28
C ILE H 21 60.46 5.44 3.52
N THR H 22 61.06 5.62 4.68
CA THR H 22 60.57 4.97 5.89
C THR H 22 59.89 5.97 6.83
N CYS H 23 58.70 5.58 7.28
CA CYS H 23 57.90 6.29 8.26
C CYS H 23 57.51 5.28 9.33
N GLN H 24 57.55 5.69 10.59
CA GLN H 24 57.17 4.82 11.70
C GLN H 24 56.04 5.48 12.46
N ALA H 25 54.99 4.72 12.75
CA ALA H 25 53.87 5.23 13.53
C ALA H 25 53.07 4.09 14.14
N ASN H 26 52.57 4.31 15.35
CA ASN H 26 51.66 3.38 16.04
C ASN H 26 50.19 3.74 15.75
N GLY H 27 49.79 3.59 14.49
CA GLY H 27 48.43 3.95 14.12
C GLY H 27 48.22 3.81 12.62
N TYR H 28 47.00 4.12 12.20
CA TYR H 28 46.67 4.04 10.78
C TYR H 28 47.46 5.11 10.04
N LEU H 29 48.07 4.71 8.93
CA LEU H 29 48.80 5.64 8.08
C LEU H 29 48.24 5.74 6.67
N ASN H 30 48.50 6.92 6.09
CA ASN H 30 48.38 7.05 4.65
C ASN H 30 49.56 7.88 4.18
N TRP H 31 49.75 7.89 2.86
CA TRP H 31 50.84 8.59 2.20
C TRP H 31 50.30 9.46 1.08
N TYR H 32 50.90 10.65 0.93
CA TYR H 32 50.54 11.62 -0.10
C TYR H 32 51.76 12.11 -0.86
N GLN H 33 51.54 12.43 -2.13
CA GLN H 33 52.55 13.02 -3.01
C GLN H 33 52.29 14.53 -3.07
N GLN H 34 53.16 15.31 -2.44
CA GLN H 34 53.02 16.77 -2.39
C GLN H 34 53.98 17.39 -3.38
N ARG H 35 53.43 18.16 -4.31
CA ARG H 35 54.17 18.87 -5.34
C ARG H 35 54.09 20.36 -5.01
N ARG H 36 54.95 21.14 -5.66
CA ARG H 36 54.88 22.59 -5.52
C ARG H 36 53.73 23.02 -6.44
N GLY H 37 52.52 22.83 -5.94
CA GLY H 37 51.35 23.02 -6.79
C GLY H 37 50.06 23.03 -6.00
N LYS H 38 48.97 22.81 -6.75
CA LYS H 38 47.63 23.02 -6.21
C LYS H 38 47.32 22.19 -4.96
N ALA H 39 47.76 20.94 -4.90
CA ALA H 39 47.38 20.12 -3.75
C ALA H 39 48.25 18.86 -3.72
N PRO H 40 48.41 18.24 -2.54
CA PRO H 40 48.96 16.89 -2.47
C PRO H 40 48.00 15.87 -3.04
N LYS H 41 48.55 14.86 -3.71
CA LYS H 41 47.80 13.73 -4.24
C LYS H 41 47.99 12.52 -3.34
N LEU H 42 46.87 11.93 -2.92
CA LEU H 42 46.91 10.74 -2.08
C LEU H 42 47.41 9.55 -2.89
N LEU H 43 48.41 8.85 -2.33
CA LEU H 43 48.99 7.68 -2.98
C LEU H 43 48.56 6.39 -2.31
N ILE H 44 48.82 6.24 -1.01
CA ILE H 44 48.60 4.98 -0.30
C ILE H 44 47.70 5.22 0.89
N TYR H 45 46.73 4.32 1.10
CA TYR H 45 45.84 4.38 2.24
C TYR H 45 45.75 2.98 2.82
N ASP H 46 45.35 2.89 4.10
CA ASP H 46 45.26 1.61 4.79
C ASP H 46 46.68 1.08 4.92
N GLY H 47 46.85 -0.15 5.41
CA GLY H 47 48.16 -0.74 5.53
C GLY H 47 48.94 -0.65 4.23
N SER H 48 48.36 -1.17 3.14
CA SER H 48 48.98 -1.06 1.82
C SER H 48 47.94 -1.22 0.71
N LYS H 49 47.24 -0.13 0.40
CA LYS H 49 46.27 -0.09 -0.70
C LYS H 49 46.56 1.11 -1.58
N LEU H 50 46.35 0.97 -2.88
CA LEU H 50 46.55 2.05 -3.83
C LEU H 50 45.21 2.71 -4.19
N GLU H 51 45.26 4.00 -4.45
CA GLU H 51 44.12 4.75 -4.96
C GLU H 51 43.93 4.55 -6.46
N ARG H 52 42.71 4.80 -6.91
CA ARG H 52 42.41 4.77 -8.34
C ARG H 52 43.14 5.92 -9.03
N GLY H 53 43.76 5.62 -10.17
CA GLY H 53 44.47 6.63 -10.92
C GLY H 53 45.95 6.73 -10.61
N VAL H 54 46.46 5.92 -9.68
CA VAL H 54 47.86 5.95 -9.29
C VAL H 54 48.60 4.93 -10.17
N PRO H 55 49.65 5.33 -10.90
CA PRO H 55 50.38 4.36 -11.72
C PRO H 55 50.93 3.24 -10.86
N SER H 56 51.01 2.04 -11.44
CA SER H 56 51.48 0.87 -10.70
C SER H 56 53.01 0.84 -10.58
N ARG H 57 53.51 1.88 -9.92
CA ARG H 57 54.90 2.03 -9.53
C ARG H 57 55.05 2.17 -8.03
N PHE H 58 54.02 2.68 -7.36
CA PHE H 58 54.03 2.94 -5.94
C PHE H 58 53.46 1.74 -5.21
N SER H 59 54.10 1.34 -4.12
CA SER H 59 53.67 0.19 -3.36
C SER H 59 54.11 0.38 -1.92
N GLY H 60 53.77 -0.57 -1.07
CA GLY H 60 54.20 -0.50 0.32
C GLY H 60 53.99 -1.81 1.02
N ARG H 61 54.64 -1.90 2.18
CA ARG H 61 54.60 -3.06 3.04
C ARG H 61 54.76 -2.55 4.46
N ARG H 62 54.18 -3.27 5.41
CA ARG H 62 54.35 -2.95 6.82
C ARG H 62 54.84 -4.16 7.59
N TRP H 63 55.67 -3.89 8.58
CA TRP H 63 56.20 -4.90 9.48
C TRP H 63 56.43 -4.19 10.80
N GLY H 64 55.75 -4.64 11.85
CA GLY H 64 55.79 -3.90 13.09
C GLY H 64 55.20 -2.52 12.86
N GLN H 65 55.96 -1.49 13.27
CA GLN H 65 55.54 -0.12 13.12
C GLN H 65 56.12 0.59 11.89
N GLU H 66 56.93 -0.08 11.08
CA GLU H 66 57.59 0.56 9.93
C GLU H 66 56.85 0.30 8.63
N TYR H 67 56.86 1.31 7.76
CA TYR H 67 56.29 1.29 6.42
C TYR H 67 57.36 1.80 5.47
N ASN H 68 57.51 1.18 4.29
CA ASN H 68 58.64 1.52 3.40
C ASN H 68 58.31 2.32 2.14
N LEU H 69 57.04 2.39 1.70
CA LEU H 69 56.68 3.13 0.48
C LEU H 69 57.59 2.76 -0.71
N THR H 70 57.72 1.46 -0.98
CA THR H 70 58.62 1.08 -2.07
C THR H 70 58.11 1.69 -3.37
N ILE H 71 59.01 2.38 -4.09
CA ILE H 71 58.70 3.00 -5.38
C ILE H 71 59.54 2.32 -6.45
N ASN H 72 58.91 1.53 -7.30
CA ASN H 72 59.61 0.80 -8.35
C ASN H 72 59.67 1.65 -9.62
N ASN H 73 60.75 1.45 -10.39
CA ASN H 73 60.91 2.08 -11.70
C ASN H 73 60.69 3.59 -11.67
N LEU H 74 61.41 4.26 -10.75
CA LEU H 74 61.25 5.69 -10.52
C LEU H 74 61.41 6.49 -11.81
N GLN H 75 60.42 7.35 -12.09
CA GLN H 75 60.35 8.17 -13.28
C GLN H 75 60.52 9.65 -12.96
N PRO H 76 60.89 10.49 -13.95
CA PRO H 76 60.98 11.94 -13.72
C PRO H 76 59.73 12.57 -13.12
N GLU H 77 58.54 12.03 -13.42
CA GLU H 77 57.29 12.56 -12.89
C GLU H 77 57.13 12.37 -11.39
N ASP H 78 57.97 11.54 -10.76
CA ASP H 78 57.85 11.23 -9.34
C ASP H 78 58.64 12.16 -8.44
N ILE H 79 59.19 13.26 -8.96
CA ILE H 79 59.90 14.20 -8.09
C ILE H 79 58.86 14.95 -7.27
N ALA H 80 58.84 14.69 -5.97
CA ALA H 80 57.84 15.25 -5.07
C ALA H 80 58.31 15.00 -3.64
N THR H 81 57.65 15.65 -2.69
CA THR H 81 57.85 15.37 -1.27
C THR H 81 56.75 14.41 -0.84
N TYR H 82 57.13 13.31 -0.19
CA TYR H 82 56.17 12.28 0.19
C TYR H 82 55.83 12.42 1.67
N PHE H 83 54.56 12.76 1.95
CA PHE H 83 54.09 13.02 3.31
C PHE H 83 53.48 11.75 3.89
N CYS H 84 53.57 11.65 5.23
CA CYS H 84 53.06 10.53 6.00
C CYS H 84 52.14 11.08 7.08
N GLN H 85 50.94 10.49 7.22
CA GLN H 85 49.91 11.00 8.14
C GLN H 85 49.27 9.93 9.00
N VAL H 86 49.05 10.28 10.28
CA VAL H 86 48.19 9.55 11.23
C VAL H 86 47.13 10.56 11.67
N TYR H 87 45.88 10.35 11.27
CA TYR H 87 44.78 11.24 11.64
C TYR H 87 45.13 12.71 11.41
N GLU H 88 45.15 13.55 12.45
CA GLU H 88 45.42 14.97 12.30
C GLU H 88 46.91 15.31 12.22
N PHE H 89 47.80 14.36 12.44
CA PHE H 89 49.24 14.61 12.48
C PHE H 89 49.88 14.25 11.14
N VAL H 90 50.50 15.24 10.50
CA VAL H 90 51.20 15.09 9.23
C VAL H 90 52.66 15.40 9.51
N VAL H 91 53.55 14.47 9.15
CA VAL H 91 54.99 14.62 9.39
C VAL H 91 55.63 15.12 8.11
N PRO H 92 56.49 16.16 8.17
CA PRO H 92 57.15 16.63 6.94
C PRO H 92 57.83 15.47 6.20
N GLY H 93 57.67 15.46 4.89
CA GLY H 93 58.11 14.33 4.09
C GLY H 93 59.56 14.39 3.66
N THR H 94 59.92 13.38 2.87
CA THR H 94 61.25 13.24 2.31
C THR H 94 61.28 13.91 0.94
N ARG H 95 62.24 14.81 0.74
CA ARG H 95 62.36 15.52 -0.53
C ARG H 95 63.20 14.65 -1.46
N LEU H 96 62.60 14.22 -2.56
CA LEU H 96 63.24 13.34 -3.53
C LEU H 96 63.86 14.17 -4.64
N ASP H 97 65.14 13.87 -4.93
CA ASP H 97 65.88 14.49 -6.01
C ASP H 97 66.13 13.45 -7.11
N LEU H 98 66.33 13.94 -8.32
CA LEU H 98 66.44 13.06 -9.48
C LEU H 98 66.93 13.82 -10.71
N ASN I 38 1.20 -58.49 -11.95
CA ASN I 38 0.42 -57.57 -12.77
C ASN I 38 1.05 -56.17 -12.67
N MET I 39 0.47 -55.20 -13.38
CA MET I 39 0.99 -53.85 -13.39
C MET I 39 0.35 -53.03 -12.26
N TRP I 40 1.16 -52.15 -11.67
CA TRP I 40 0.75 -51.31 -10.55
C TRP I 40 1.06 -49.85 -10.86
N VAL I 41 0.25 -48.96 -10.30
CA VAL I 41 0.46 -47.51 -10.43
C VAL I 41 1.66 -47.09 -9.59
N THR I 42 2.56 -46.32 -10.20
CA THR I 42 3.69 -45.74 -9.49
C THR I 42 3.69 -44.24 -9.71
N VAL I 43 3.90 -43.48 -8.63
CA VAL I 43 3.87 -42.03 -8.65
C VAL I 43 5.30 -41.53 -8.72
N TYR I 44 5.55 -40.59 -9.63
CA TYR I 44 6.85 -39.97 -9.83
C TYR I 44 6.70 -38.48 -9.61
N TYR I 45 7.50 -37.93 -8.70
CA TYR I 45 7.45 -36.51 -8.37
C TYR I 45 8.75 -35.88 -8.86
N GLY I 46 8.62 -34.83 -9.65
CA GLY I 46 9.73 -34.17 -10.29
C GLY I 46 9.77 -34.47 -11.78
N VAL I 47 8.64 -34.82 -12.37
CA VAL I 47 8.57 -35.19 -13.78
C VAL I 47 8.79 -33.96 -14.66
N PRO I 48 9.70 -33.99 -15.66
CA PRO I 48 9.97 -32.79 -16.48
C PRO I 48 8.91 -32.50 -17.53
N VAL I 49 7.69 -32.16 -17.09
CA VAL I 49 6.59 -31.77 -17.97
C VAL I 49 6.06 -30.43 -17.53
N TRP I 50 5.35 -29.76 -18.44
CA TRP I 50 4.84 -28.43 -18.17
C TRP I 50 3.60 -28.14 -19.01
N THR I 51 2.90 -27.09 -18.63
CA THR I 51 1.78 -26.56 -19.40
C THR I 51 1.94 -25.06 -19.61
N ASP I 52 1.23 -24.53 -20.60
CA ASP I 52 1.20 -23.09 -20.81
C ASP I 52 0.51 -22.40 -19.63
N ALA I 53 1.09 -21.30 -19.16
CA ALA I 53 0.50 -20.58 -18.04
C ALA I 53 0.85 -19.10 -18.08
N LYS I 54 0.04 -18.32 -17.38
CA LYS I 54 0.21 -16.88 -17.24
C LYS I 54 0.59 -16.59 -15.80
N THR I 55 1.66 -15.82 -15.59
CA THR I 55 2.10 -15.49 -14.24
C THR I 55 2.80 -14.13 -14.25
N THR I 56 3.38 -13.77 -13.11
CA THR I 56 4.09 -12.51 -12.92
C THR I 56 5.58 -12.78 -12.84
N LEU I 57 6.36 -12.01 -13.60
CA LEU I 57 7.81 -12.16 -13.67
C LEU I 57 8.52 -11.09 -12.85
N PHE I 58 9.71 -11.44 -12.37
CA PHE I 58 10.54 -10.52 -11.60
C PHE I 58 11.41 -9.69 -12.53
N CYS I 59 11.65 -8.44 -12.17
CA CYS I 59 12.63 -7.61 -12.89
C CYS I 59 13.99 -7.75 -12.22
N ALA I 60 15.04 -7.73 -13.03
CA ALA I 60 16.41 -7.78 -12.53
C ALA I 60 17.28 -6.89 -13.41
N SER I 61 18.31 -6.29 -12.80
CA SER I 61 19.23 -5.46 -13.57
C SER I 61 20.58 -5.41 -12.87
N ASP I 62 21.60 -5.06 -13.63
CA ASP I 62 22.94 -4.90 -13.11
C ASP I 62 23.11 -3.53 -12.43
N THR I 63 24.12 -3.45 -11.57
CA THR I 63 24.47 -2.21 -10.89
C THR I 63 25.57 -1.51 -11.68
N VAL I 70 20.57 10.23 -7.83
CA VAL I 70 19.96 9.93 -9.12
C VAL I 70 19.51 8.48 -9.14
N HIS I 71 18.26 8.26 -9.54
CA HIS I 71 17.68 6.91 -9.59
C HIS I 71 16.92 6.77 -10.89
N ASN I 72 17.41 5.92 -11.79
CA ASN I 72 16.75 5.78 -13.09
C ASN I 72 15.35 5.25 -12.89
N VAL I 73 14.40 5.76 -13.68
CA VAL I 73 13.06 5.19 -13.63
C VAL I 73 13.22 3.73 -14.02
N TRP I 74 12.50 2.83 -13.31
CA TRP I 74 12.67 1.38 -13.48
C TRP I 74 13.97 0.99 -12.78
N ALA I 75 14.47 -0.20 -13.10
CA ALA I 75 15.81 -0.69 -12.75
C ALA I 75 16.11 -0.73 -11.24
N THR I 76 17.21 -0.13 -10.78
CA THR I 76 17.72 -0.32 -9.43
C THR I 76 16.72 0.09 -8.37
N HIS I 77 15.94 1.14 -8.62
CA HIS I 77 15.05 1.61 -7.56
C HIS I 77 14.08 0.50 -7.14
N ALA I 78 13.52 -0.25 -8.11
CA ALA I 78 12.67 -1.42 -7.76
C ALA I 78 13.04 -2.64 -8.60
N CYS I 79 14.21 -3.25 -8.35
CA CYS I 79 14.58 -4.51 -8.98
C CYS I 79 15.62 -5.20 -8.11
N VAL I 80 15.78 -6.51 -8.33
CA VAL I 80 16.70 -7.32 -7.54
C VAL I 80 17.96 -7.57 -8.36
N PRO I 81 19.01 -8.18 -7.80
CA PRO I 81 20.19 -8.51 -8.61
C PRO I 81 19.88 -9.59 -9.64
N THR I 82 20.64 -9.56 -10.74
CA THR I 82 20.49 -10.58 -11.77
C THR I 82 21.15 -11.88 -11.34
N ASP I 83 20.81 -12.94 -12.06
CA ASP I 83 21.41 -14.25 -11.81
C ASP I 83 22.84 -14.23 -12.31
N PRO I 84 23.86 -14.32 -11.46
CA PRO I 84 25.23 -14.28 -11.98
C PRO I 84 25.55 -15.56 -12.73
N ASN I 85 26.33 -15.43 -13.81
CA ASN I 85 26.72 -16.54 -14.66
C ASN I 85 25.51 -17.42 -15.03
N PRO I 86 24.49 -16.85 -15.67
CA PRO I 86 23.29 -17.64 -15.97
C PRO I 86 23.59 -18.71 -17.00
N GLN I 87 22.85 -19.82 -16.89
CA GLN I 87 22.97 -20.94 -17.81
C GLN I 87 21.75 -21.06 -18.71
N GLU I 88 21.97 -21.65 -19.87
CA GLU I 88 20.93 -21.97 -20.85
C GLU I 88 21.02 -23.47 -21.08
N ILE I 89 19.90 -24.17 -20.90
CA ILE I 89 19.86 -25.62 -21.00
C ILE I 89 19.12 -26.00 -22.28
N VAL I 90 19.82 -26.63 -23.21
CA VAL I 90 19.25 -27.02 -24.48
C VAL I 90 18.39 -28.27 -24.25
N LEU I 91 17.17 -28.25 -24.75
CA LEU I 91 16.26 -29.39 -24.63
C LEU I 91 16.25 -30.13 -25.96
N GLU I 92 16.92 -31.27 -26.01
CA GLU I 92 17.01 -32.01 -27.25
C GLU I 92 15.71 -32.76 -27.53
N ASN I 93 15.40 -32.92 -28.81
CA ASN I 93 14.21 -33.65 -29.26
C ASN I 93 12.93 -33.08 -28.65
N VAL I 94 12.84 -31.75 -28.58
CA VAL I 94 11.65 -31.06 -28.06
C VAL I 94 11.19 -30.05 -29.09
N THR I 95 9.90 -30.08 -29.42
CA THR I 95 9.27 -29.12 -30.32
C THR I 95 8.21 -28.40 -29.51
N GLU I 96 8.19 -27.07 -29.58
CA GLU I 96 7.26 -26.26 -28.81
C GLU I 96 6.67 -25.17 -29.70
N ASN I 97 5.36 -24.98 -29.58
CA ASN I 97 4.63 -23.97 -30.36
C ASN I 97 4.70 -22.62 -29.64
N PHE I 98 5.35 -21.64 -30.28
CA PHE I 98 5.44 -20.30 -29.72
C PHE I 98 4.65 -19.35 -30.61
N ASN I 99 3.79 -18.53 -29.99
CA ASN I 99 3.10 -17.44 -30.66
C ASN I 99 3.58 -16.16 -30.02
N MET I 100 4.24 -15.30 -30.79
CA MET I 100 4.68 -14.02 -30.23
C MET I 100 3.48 -13.13 -29.91
N TRP I 101 2.47 -13.14 -30.79
CA TRP I 101 1.37 -12.19 -30.71
C TRP I 101 0.54 -12.35 -29.44
N LYS I 102 0.33 -13.59 -29.00
CA LYS I 102 -0.54 -13.87 -27.87
C LYS I 102 0.24 -14.02 -26.57
N ASN I 103 1.54 -13.72 -26.59
CA ASN I 103 2.36 -13.84 -25.39
C ASN I 103 1.82 -12.91 -24.32
N ASP I 104 1.85 -13.36 -23.07
CA ASP I 104 1.41 -12.48 -22.00
C ASP I 104 2.48 -11.51 -21.59
N MET I 105 3.77 -11.88 -21.71
CA MET I 105 4.87 -11.04 -21.25
C MET I 105 4.79 -9.61 -21.80
N VAL I 106 4.14 -9.43 -22.94
CA VAL I 106 4.03 -8.11 -23.56
C VAL I 106 3.10 -7.24 -22.73
N ASP I 107 1.96 -7.78 -22.33
CA ASP I 107 1.02 -7.01 -21.52
C ASP I 107 1.63 -6.69 -20.16
N GLN I 108 2.38 -7.62 -19.59
CA GLN I 108 3.02 -7.38 -18.31
C GLN I 108 4.05 -6.28 -18.43
N MET I 109 4.85 -6.32 -19.49
CA MET I 109 5.86 -5.29 -19.68
C MET I 109 5.20 -3.92 -19.90
N HIS I 110 4.10 -3.90 -20.66
CA HIS I 110 3.40 -2.66 -20.93
C HIS I 110 2.88 -2.06 -19.63
N GLU I 111 2.28 -2.90 -18.78
CA GLU I 111 1.69 -2.39 -17.54
C GLU I 111 2.80 -1.90 -16.63
N ASP I 112 3.88 -2.67 -16.51
CA ASP I 112 4.93 -2.29 -15.59
C ASP I 112 5.55 -0.98 -16.02
N ILE I 113 5.81 -0.81 -17.33
CA ILE I 113 6.47 0.41 -17.78
C ILE I 113 5.56 1.61 -17.51
N ILE I 114 4.26 1.46 -17.79
CA ILE I 114 3.35 2.60 -17.57
C ILE I 114 3.33 2.95 -16.08
N SER I 115 3.24 1.94 -15.23
CA SER I 115 3.13 2.21 -13.80
C SER I 115 4.41 2.87 -13.30
N LEU I 116 5.56 2.36 -13.73
CA LEU I 116 6.82 2.88 -13.22
C LEU I 116 6.95 4.33 -13.65
N TRP I 117 6.56 4.63 -14.90
CA TRP I 117 6.71 5.98 -15.41
C TRP I 117 5.85 6.92 -14.58
N ASP I 118 4.62 6.48 -14.27
CA ASP I 118 3.71 7.35 -13.55
C ASP I 118 4.29 7.64 -12.17
N GLN I 119 4.84 6.62 -11.51
CA GLN I 119 5.39 6.87 -10.19
C GLN I 119 6.56 7.82 -10.33
N SER I 120 7.42 7.60 -11.35
CA SER I 120 8.60 8.43 -11.56
C SER I 120 8.23 9.89 -11.75
N LEU I 121 6.95 10.18 -12.04
CA LEU I 121 6.49 11.55 -12.17
C LEU I 121 5.63 11.99 -10.99
N LYS I 122 5.25 11.06 -10.10
CA LYS I 122 4.35 11.41 -9.00
C LYS I 122 4.89 12.51 -8.08
N PRO I 123 6.14 12.47 -7.63
CA PRO I 123 6.64 13.53 -6.72
C PRO I 123 7.19 14.78 -7.38
N CYS I 124 7.05 14.95 -8.69
CA CYS I 124 7.71 16.04 -9.39
C CYS I 124 6.82 17.28 -9.41
N VAL I 125 7.46 18.42 -9.66
CA VAL I 125 6.76 19.70 -9.62
C VAL I 125 5.67 19.75 -10.68
N LYS I 126 4.47 20.13 -10.26
CA LYS I 126 3.32 20.29 -11.14
C LYS I 126 3.30 21.72 -11.67
N LEU I 127 2.85 21.87 -12.91
CA LEU I 127 2.82 23.17 -13.57
C LEU I 127 1.42 23.80 -13.59
N THR I 128 0.52 23.34 -12.71
CA THR I 128 -0.82 23.93 -12.62
C THR I 128 -0.80 25.44 -12.50
N PRO I 129 0.05 26.07 -11.66
CA PRO I 129 0.03 27.54 -11.59
C PRO I 129 0.42 28.25 -12.88
N LEU I 130 0.99 27.56 -13.86
CA LEU I 130 1.39 28.18 -15.11
C LEU I 130 0.32 28.11 -16.20
N CYS I 131 -0.84 27.51 -15.92
CA CYS I 131 -1.92 27.44 -16.92
C CYS I 131 -2.70 28.74 -16.81
N VAL I 132 -2.05 29.81 -17.28
CA VAL I 132 -2.53 31.18 -17.20
C VAL I 132 -2.47 31.80 -18.58
N THR I 133 -3.08 32.98 -18.70
CA THR I 133 -3.00 33.73 -19.95
C THR I 133 -1.54 34.04 -20.26
N LEU I 134 -1.14 33.76 -21.49
CA LEU I 134 0.19 34.07 -22.00
C LEU I 134 0.05 35.12 -23.10
N HIS I 135 1.08 35.95 -23.25
CA HIS I 135 1.18 36.85 -24.39
C HIS I 135 2.44 36.47 -25.16
N CYS I 136 2.26 35.81 -26.30
CA CYS I 136 3.35 35.22 -27.07
C CYS I 136 3.61 36.05 -28.32
N THR I 137 4.83 36.59 -28.42
CA THR I 137 5.26 37.42 -29.54
C THR I 137 6.48 36.80 -30.21
N ASN I 138 6.89 37.39 -31.33
CA ASN I 138 8.09 36.91 -32.01
C ASN I 138 9.31 37.09 -31.12
N ALA I 139 10.08 36.03 -30.96
CA ALA I 139 11.32 36.14 -30.21
C ALA I 139 12.31 36.96 -31.03
N THR I 140 13.08 37.80 -30.35
CA THR I 140 14.05 38.68 -31.01
C THR I 140 15.46 38.28 -30.61
N PHE I 141 16.27 37.93 -31.60
CA PHE I 141 17.66 37.54 -31.44
C PHE I 141 18.51 38.46 -32.30
N LYS I 142 19.79 38.56 -31.95
CA LYS I 142 20.72 39.45 -32.63
C LYS I 142 21.62 38.77 -33.65
N ASN I 143 21.42 37.48 -33.98
CA ASN I 143 22.38 36.79 -34.86
C ASN I 143 21.77 35.80 -35.85
N ASN I 144 21.47 36.27 -37.07
CA ASN I 144 21.14 35.44 -38.24
C ASN I 144 20.10 34.34 -37.99
N VAL I 145 18.94 34.71 -37.48
CA VAL I 145 17.89 33.71 -37.29
C VAL I 145 17.16 33.50 -38.61
N THR I 146 17.09 32.24 -39.05
CA THR I 146 16.39 31.91 -40.29
C THR I 146 14.91 32.22 -40.18
N ASN I 147 14.31 32.59 -41.33
CA ASN I 147 12.90 32.95 -41.37
C ASN I 147 11.97 31.80 -40.99
N ASP I 148 12.44 30.55 -41.04
CA ASP I 148 11.59 29.44 -40.66
C ASP I 148 11.45 29.34 -39.14
N MET I 149 12.52 29.66 -38.41
CA MET I 149 12.53 29.53 -36.97
C MET I 149 11.85 30.69 -36.26
N ASN I 150 11.68 31.83 -36.93
CA ASN I 150 10.96 32.96 -36.32
C ASN I 150 9.52 32.59 -35.99
N LYS I 151 8.94 31.60 -36.68
CA LYS I 151 7.57 31.18 -36.45
C LYS I 151 7.46 30.02 -35.46
N GLU I 152 8.58 29.44 -35.02
CA GLU I 152 8.58 28.28 -34.13
C GLU I 152 8.88 28.63 -32.69
N ILE I 153 9.77 29.57 -32.44
CA ILE I 153 10.17 29.95 -31.08
C ILE I 153 9.44 31.24 -30.73
N ARG I 154 8.57 31.15 -29.73
CA ARG I 154 7.72 32.26 -29.31
C ARG I 154 8.13 32.73 -27.92
N ASN I 155 8.13 34.05 -27.74
CA ASN I 155 8.48 34.72 -26.49
C ASN I 155 7.18 34.97 -25.75
N CYS I 156 6.89 34.13 -24.75
CA CYS I 156 5.62 34.20 -24.03
C CYS I 156 5.84 34.83 -22.66
N SER I 157 5.13 35.93 -22.41
CA SER I 157 5.14 36.66 -21.15
C SER I 157 3.91 36.26 -20.33
N PHE I 158 4.11 36.04 -19.03
CA PHE I 158 3.00 35.61 -18.19
C PHE I 158 3.18 36.04 -16.73
N ASN I 159 2.05 36.09 -16.01
CA ASN I 159 2.01 36.43 -14.59
C ASN I 159 1.69 35.17 -13.80
N THR I 160 2.65 34.70 -12.99
CA THR I 160 2.48 33.48 -12.21
C THR I 160 2.82 33.77 -10.74
N THR I 161 2.79 32.73 -9.92
CA THR I 161 3.03 32.87 -8.49
C THR I 161 4.52 32.80 -8.16
N THR I 162 4.85 33.22 -6.94
CA THR I 162 6.17 33.10 -6.32
C THR I 162 6.05 32.29 -5.04
N GLU I 163 7.17 32.14 -4.34
CA GLU I 163 7.18 31.38 -3.09
C GLU I 163 6.63 32.16 -1.90
N ILE I 164 5.46 32.79 -2.07
CA ILE I 164 4.73 33.42 -0.98
C ILE I 164 3.30 33.52 -1.50
N ARG I 165 2.33 33.32 -0.62
CA ARG I 165 0.95 33.23 -1.09
C ARG I 165 0.39 34.55 -1.61
N ASP I 166 0.88 35.69 -1.12
CA ASP I 166 0.32 37.00 -1.48
C ASP I 166 1.09 37.78 -2.53
N LYS I 167 1.99 37.17 -3.30
CA LYS I 167 2.73 37.91 -4.33
C LYS I 167 2.75 37.16 -5.66
N LYS I 168 2.80 37.95 -6.73
CA LYS I 168 2.89 37.50 -8.11
C LYS I 168 4.20 37.92 -8.74
N GLN I 169 4.56 37.24 -9.84
CA GLN I 169 5.74 37.55 -10.63
C GLN I 169 5.31 37.74 -12.07
N GLN I 170 5.95 38.69 -12.75
CA GLN I 170 5.81 38.84 -14.19
C GLN I 170 7.09 38.29 -14.81
N GLY I 171 6.96 37.19 -15.56
CA GLY I 171 8.10 36.54 -16.15
C GLY I 171 7.89 36.24 -17.61
N TYR I 172 8.80 35.46 -18.18
CA TYR I 172 8.71 35.12 -19.60
C TYR I 172 9.50 33.83 -19.83
N ALA I 173 9.19 33.20 -20.96
CA ALA I 173 9.95 32.03 -21.40
C ALA I 173 9.80 31.88 -22.90
N LEU I 174 10.75 31.17 -23.50
CA LEU I 174 10.67 30.81 -24.90
C LEU I 174 10.06 29.42 -25.02
N PHE I 175 9.04 29.29 -25.86
CA PHE I 175 8.37 28.02 -26.09
C PHE I 175 8.31 27.70 -27.58
N TYR I 176 8.25 26.41 -27.89
CA TYR I 176 8.07 25.99 -29.27
C TYR I 176 6.59 26.05 -29.61
N ARG I 177 6.29 26.57 -30.81
CA ARG I 177 4.93 26.77 -31.32
C ARG I 177 3.98 25.60 -31.09
N PRO I 178 4.40 24.33 -31.27
CA PRO I 178 3.43 23.22 -31.06
C PRO I 178 2.85 23.14 -29.66
N ASP I 179 3.47 23.76 -28.67
CA ASP I 179 3.00 23.72 -27.28
C ASP I 179 2.13 24.90 -26.89
N ILE I 180 1.81 25.79 -27.82
CA ILE I 180 1.05 27.00 -27.55
C ILE I 180 -0.29 26.94 -28.27
N VAL I 181 -1.38 27.19 -27.54
CA VAL I 181 -2.75 27.17 -28.08
C VAL I 181 -3.32 28.59 -27.97
N LEU I 182 -3.87 29.09 -29.08
CA LEU I 182 -4.44 30.43 -29.16
C LEU I 182 -5.87 30.54 -28.61
N LEU I 183 -6.09 31.63 -27.85
CA LEU I 183 -7.41 32.05 -27.36
C LEU I 183 -7.60 33.53 -27.64
N LYS I 184 -8.85 33.87 -28.01
CA LYS I 184 -9.34 35.25 -28.11
C LYS I 184 -8.38 36.18 -28.86
N GLU I 185 -8.08 35.80 -30.10
CA GLU I 185 -7.16 36.59 -30.92
C GLU I 185 -7.62 38.03 -30.98
N ASN I 186 -6.70 38.94 -30.68
CA ASN I 186 -6.98 40.38 -30.64
C ASN I 186 -6.67 40.98 -32.00
N ARG I 187 -7.72 41.45 -32.69
CA ARG I 187 -7.56 41.95 -34.05
C ARG I 187 -7.29 43.46 -34.07
N ASN I 188 -7.25 44.10 -32.90
CA ASN I 188 -6.93 45.53 -32.78
C ASN I 188 -5.45 45.71 -32.52
N ASN I 189 -4.86 44.78 -31.77
CA ASN I 189 -3.43 44.79 -31.43
C ASN I 189 -3.07 43.32 -31.24
N SER I 190 -2.42 42.74 -32.26
CA SER I 190 -2.17 41.30 -32.26
C SER I 190 -1.25 40.86 -31.13
N ASN I 191 -0.54 41.78 -30.48
CA ASN I 191 0.34 41.40 -29.39
C ASN I 191 -0.41 41.13 -28.09
N ASN I 192 -1.71 41.39 -28.05
CA ASN I 192 -2.54 41.14 -26.87
C ASN I 192 -3.36 39.86 -26.97
N SER I 193 -3.09 39.02 -27.96
CA SER I 193 -3.79 37.74 -28.07
C SER I 193 -3.41 36.86 -26.88
N GLU I 194 -4.34 35.98 -26.49
CA GLU I 194 -4.12 35.15 -25.33
C GLU I 194 -3.68 33.76 -25.77
N TYR I 195 -2.74 33.17 -25.04
CA TYR I 195 -2.31 31.81 -25.33
C TYR I 195 -2.20 31.01 -24.04
N ILE I 196 -2.31 29.69 -24.17
CA ILE I 196 -2.08 28.77 -23.05
C ILE I 196 -1.16 27.64 -23.48
N LEU I 197 -0.63 26.95 -22.48
CA LEU I 197 0.11 25.72 -22.75
C LEU I 197 -0.86 24.68 -23.26
N ILE I 198 -0.43 23.89 -24.25
CA ILE I 198 -1.33 22.94 -24.89
C ILE I 198 -1.87 21.94 -23.89
N ASN I 199 -3.19 21.78 -23.91
CA ASN I 199 -3.95 20.87 -23.06
C ASN I 199 -3.82 21.14 -21.57
N CYS I 200 -3.38 22.33 -21.13
CA CYS I 200 -3.34 22.55 -19.70
C CYS I 200 -4.75 22.76 -19.14
N ASN I 201 -5.73 23.05 -20.02
CA ASN I 201 -7.12 23.19 -19.63
C ASN I 201 -7.84 21.85 -19.53
N ALA I 202 -7.24 20.77 -20.02
CA ALA I 202 -7.84 19.44 -20.03
C ALA I 202 -7.34 18.57 -18.89
N SER I 203 -6.06 18.67 -18.54
CA SER I 203 -5.47 17.84 -17.51
C SER I 203 -4.34 18.63 -16.85
N THR I 204 -3.58 17.96 -15.98
CA THR I 204 -2.49 18.57 -15.25
C THR I 204 -1.16 18.20 -15.90
N ILE I 205 -0.34 19.20 -16.17
CA ILE I 205 0.98 19.00 -16.77
C ILE I 205 1.98 18.98 -15.63
N THR I 206 2.81 17.94 -15.59
CA THR I 206 3.80 17.74 -14.54
C THR I 206 5.19 17.85 -15.15
N GLN I 207 6.05 18.64 -14.52
CA GLN I 207 7.42 18.79 -14.98
C GLN I 207 8.23 17.59 -14.56
N ALA I 208 9.03 17.05 -15.47
CA ALA I 208 9.89 15.94 -15.12
C ALA I 208 10.92 16.39 -14.09
N CYS I 209 11.21 15.53 -13.13
CA CYS I 209 12.25 15.84 -12.16
C CYS I 209 13.61 15.84 -12.85
N PRO I 210 14.47 16.83 -12.63
CA PRO I 210 15.77 16.85 -13.33
C PRO I 210 16.70 15.71 -12.95
N LYS I 211 16.42 14.97 -11.89
CA LYS I 211 17.29 13.91 -11.40
C LYS I 211 16.87 12.51 -11.87
N VAL I 212 15.93 12.42 -12.82
CA VAL I 212 15.51 11.12 -13.35
C VAL I 212 16.35 10.80 -14.59
N ASN I 213 16.89 9.59 -14.61
CA ASN I 213 17.72 9.10 -15.71
C ASN I 213 16.82 8.38 -16.70
N PHE I 214 16.69 8.95 -17.90
CA PHE I 214 15.78 8.45 -18.93
C PHE I 214 16.50 7.53 -19.91
N ASP I 215 17.69 7.04 -19.56
CA ASP I 215 18.39 6.09 -20.40
C ASP I 215 17.66 4.75 -20.42
N PRO I 216 17.44 4.13 -21.59
CA PRO I 216 16.73 2.83 -21.63
C PRO I 216 17.62 1.67 -21.18
N ILE I 217 17.84 1.61 -19.87
CA ILE I 217 18.72 0.58 -19.29
C ILE I 217 18.04 -0.78 -19.44
N PRO I 218 18.74 -1.80 -19.96
CA PRO I 218 18.08 -3.10 -20.19
C PRO I 218 17.62 -3.73 -18.89
N ILE I 219 16.39 -4.28 -18.91
CA ILE I 219 15.79 -4.96 -17.78
C ILE I 219 15.61 -6.42 -18.13
N HIS I 220 16.04 -7.30 -17.23
CA HIS I 220 15.93 -8.75 -17.38
C HIS I 220 14.67 -9.22 -16.69
N TYR I 221 14.01 -10.21 -17.28
CA TYR I 221 12.82 -10.82 -16.68
C TYR I 221 13.13 -12.25 -16.23
N CYS I 222 12.91 -12.50 -14.94
CA CYS I 222 13.22 -13.77 -14.29
C CYS I 222 11.91 -14.47 -13.94
N ALA I 223 11.83 -15.76 -14.26
CA ALA I 223 10.64 -16.52 -13.94
C ALA I 223 10.57 -16.82 -12.44
N PRO I 224 9.37 -16.85 -11.85
CA PRO I 224 9.25 -17.24 -10.45
C PRO I 224 9.44 -18.74 -10.27
N ALA I 225 9.64 -19.14 -9.01
CA ALA I 225 9.79 -20.55 -8.70
C ALA I 225 8.57 -21.33 -9.17
N GLY I 226 8.81 -22.51 -9.73
CA GLY I 226 7.76 -23.33 -10.29
C GLY I 226 7.48 -23.05 -11.76
N TYR I 227 8.05 -21.99 -12.32
CA TYR I 227 7.87 -21.58 -13.69
C TYR I 227 9.23 -21.45 -14.35
N ALA I 228 9.26 -21.55 -15.68
CA ALA I 228 10.50 -21.35 -16.41
C ALA I 228 10.16 -20.78 -17.78
N ILE I 229 11.15 -20.14 -18.41
CA ILE I 229 10.95 -19.53 -19.72
C ILE I 229 11.62 -20.40 -20.77
N LEU I 230 10.88 -20.76 -21.82
CA LEU I 230 11.43 -21.50 -22.93
C LEU I 230 11.75 -20.51 -24.03
N LYS I 231 12.94 -20.67 -24.62
CA LYS I 231 13.43 -19.81 -25.68
C LYS I 231 13.61 -20.63 -26.96
N CYS I 232 13.26 -20.01 -28.08
CA CYS I 232 13.43 -20.57 -29.40
C CYS I 232 14.76 -20.12 -29.98
N ASN I 233 15.61 -21.08 -30.34
CA ASN I 233 16.93 -20.82 -30.90
C ASN I 233 16.98 -21.11 -32.39
N ASN I 234 15.82 -21.13 -33.05
CA ASN I 234 15.71 -21.35 -34.49
C ASN I 234 15.87 -19.99 -35.17
N LYS I 235 17.05 -19.78 -35.77
CA LYS I 235 17.45 -18.46 -36.25
C LYS I 235 16.52 -17.86 -37.31
N THR I 236 15.69 -18.67 -37.95
CA THR I 236 14.77 -18.21 -38.99
C THR I 236 13.31 -18.32 -38.56
N PHE I 237 13.06 -18.42 -37.26
CA PHE I 237 11.69 -18.56 -36.78
C PHE I 237 10.87 -17.32 -37.11
N SER I 238 9.69 -17.55 -37.70
CA SER I 238 8.80 -16.49 -38.16
C SER I 238 8.14 -15.71 -37.02
N GLY I 239 8.24 -16.19 -35.79
CA GLY I 239 7.58 -15.59 -34.66
C GLY I 239 6.31 -16.29 -34.23
N LYS I 240 5.81 -17.19 -35.06
CA LYS I 240 4.61 -17.97 -34.76
C LYS I 240 4.80 -19.35 -35.38
N GLY I 241 4.65 -20.40 -34.57
CA GLY I 241 4.78 -21.75 -35.06
C GLY I 241 5.59 -22.70 -34.19
N PRO I 242 5.72 -23.96 -34.65
CA PRO I 242 6.39 -25.07 -33.92
C PRO I 242 7.93 -25.06 -33.94
N CYS I 243 8.53 -24.25 -33.07
CA CYS I 243 9.98 -24.17 -33.00
C CYS I 243 10.55 -25.51 -32.54
N ASN I 244 11.46 -26.07 -33.35
CA ASN I 244 12.03 -27.39 -33.10
C ASN I 244 13.42 -27.35 -32.48
N ASN I 245 13.87 -26.19 -31.99
CA ASN I 245 15.16 -26.07 -31.30
C ASN I 245 14.93 -25.08 -30.17
N VAL I 246 14.75 -25.61 -28.96
CA VAL I 246 14.37 -24.82 -27.80
C VAL I 246 15.33 -25.08 -26.64
N SER I 247 15.32 -24.15 -25.69
CA SER I 247 16.14 -24.24 -24.49
C SER I 247 15.37 -23.66 -23.32
N THR I 248 15.77 -24.05 -22.11
CA THR I 248 15.14 -23.57 -20.89
C THR I 248 16.03 -22.52 -20.23
N VAL I 249 15.43 -21.37 -19.93
CA VAL I 249 16.09 -20.22 -19.34
C VAL I 249 15.36 -19.88 -18.03
N GLN I 250 16.12 -19.84 -16.93
CA GLN I 250 15.51 -19.43 -15.67
C GLN I 250 15.22 -17.93 -15.67
N CYS I 251 16.12 -17.13 -16.25
CA CYS I 251 15.96 -15.68 -16.33
C CYS I 251 16.53 -15.20 -17.66
N THR I 252 15.77 -14.34 -18.33
CA THR I 252 16.12 -13.91 -19.67
C THR I 252 17.17 -12.80 -19.66
N HIS I 253 17.64 -12.47 -20.86
CA HIS I 253 18.55 -11.36 -21.05
C HIS I 253 17.76 -10.06 -20.91
N GLY I 254 18.48 -8.94 -20.93
CA GLY I 254 17.84 -7.66 -20.78
C GLY I 254 17.30 -7.12 -22.08
N ILE I 255 16.18 -6.40 -21.97
CA ILE I 255 15.54 -5.72 -23.09
C ILE I 255 15.54 -4.24 -22.77
N LYS I 256 16.03 -3.43 -23.70
CA LYS I 256 16.05 -2.00 -23.48
C LYS I 256 14.66 -1.43 -23.75
N PRO I 257 14.04 -0.73 -22.78
CA PRO I 257 12.69 -0.18 -23.04
C PRO I 257 12.76 1.09 -23.88
N VAL I 258 13.18 0.93 -25.13
CA VAL I 258 13.35 2.06 -26.04
C VAL I 258 11.99 2.41 -26.62
N VAL I 259 11.67 3.71 -26.61
CA VAL I 259 10.42 4.23 -27.13
C VAL I 259 10.73 4.96 -28.44
N SER I 260 10.11 4.51 -29.52
CA SER I 260 10.28 5.11 -30.84
C SER I 260 9.06 4.73 -31.67
N THR I 261 8.89 5.44 -32.79
CA THR I 261 7.88 5.09 -33.78
C THR I 261 8.51 4.98 -35.16
N GLN I 262 7.80 4.26 -36.03
CA GLN I 262 8.15 4.01 -37.43
C GLN I 262 9.38 3.12 -37.60
N LEU I 263 10.48 3.47 -36.94
CA LEU I 263 11.71 2.68 -36.95
C LEU I 263 11.98 2.15 -35.54
N LEU I 264 12.62 0.99 -35.47
CA LEU I 264 13.03 0.42 -34.19
C LEU I 264 14.50 0.80 -33.98
N LEU I 265 14.83 1.22 -32.76
CA LEU I 265 16.18 1.61 -32.43
C LEU I 265 16.79 0.66 -31.40
N ASN I 266 18.12 0.58 -31.41
CA ASN I 266 18.91 -0.23 -30.48
C ASN I 266 18.35 -1.66 -30.47
N GLY I 267 18.13 -2.27 -29.31
CA GLY I 267 17.65 -3.65 -29.27
C GLY I 267 18.69 -4.64 -29.76
N SER I 268 18.34 -5.45 -30.75
CA SER I 268 19.28 -6.44 -31.27
C SER I 268 19.01 -6.67 -32.75
N LEU I 269 20.01 -7.26 -33.42
CA LEU I 269 19.95 -7.60 -34.83
C LEU I 269 19.65 -9.09 -35.03
N ALA I 270 19.04 -9.40 -36.18
CA ALA I 270 18.78 -10.78 -36.53
C ALA I 270 20.11 -11.51 -36.74
N GLU I 271 20.16 -12.77 -36.29
CA GLU I 271 21.39 -13.53 -36.37
C GLU I 271 21.79 -13.88 -37.80
N LYS I 272 20.81 -14.23 -38.66
CA LYS I 272 21.13 -14.74 -39.99
C LYS I 272 20.57 -13.91 -41.14
N GLU I 273 19.34 -13.43 -41.05
CA GLU I 273 18.72 -12.73 -42.18
C GLU I 273 17.66 -11.77 -41.66
N ILE I 274 17.18 -10.91 -42.57
CA ILE I 274 16.09 -10.00 -42.22
C ILE I 274 14.82 -10.83 -42.11
N ILE I 275 14.10 -10.67 -41.01
CA ILE I 275 12.90 -11.48 -40.73
C ILE I 275 11.67 -10.58 -40.73
N ILE I 276 10.61 -11.05 -41.40
CA ILE I 276 9.33 -10.29 -41.46
C ILE I 276 8.28 -11.03 -40.60
N ARG I 277 7.75 -10.39 -39.57
CA ARG I 277 6.70 -11.01 -38.71
C ARG I 277 5.42 -10.17 -38.78
N SER I 278 4.25 -10.80 -39.02
CA SER I 278 3.03 -9.98 -39.20
C SER I 278 1.71 -10.75 -38.99
N GLU I 279 1.54 -11.53 -37.91
CA GLU I 279 0.21 -12.13 -37.66
C GLU I 279 -0.20 -12.85 -38.95
N ASN I 280 -1.39 -12.60 -39.51
CA ASN I 280 -1.90 -13.34 -40.64
C ASN I 280 -1.16 -12.99 -41.92
N LEU I 281 -0.42 -11.88 -41.95
CA LEU I 281 0.34 -11.33 -43.08
C LEU I 281 -0.60 -10.70 -44.12
N THR I 282 -1.68 -11.38 -44.55
CA THR I 282 -2.61 -10.85 -45.54
C THR I 282 -3.66 -9.92 -44.94
N ASP I 283 -3.73 -9.81 -43.61
CA ASP I 283 -4.69 -8.95 -42.93
C ASP I 283 -4.13 -7.54 -42.84
N ASN I 284 -4.76 -6.60 -43.54
CA ASN I 284 -4.22 -5.25 -43.71
C ASN I 284 -4.28 -4.36 -42.46
N VAL I 285 -4.76 -4.82 -41.31
CA VAL I 285 -4.71 -4.02 -40.08
C VAL I 285 -3.67 -4.56 -39.11
N LYS I 286 -2.73 -5.36 -39.59
CA LYS I 286 -1.71 -5.99 -38.75
C LYS I 286 -0.35 -5.46 -39.15
N THR I 287 0.42 -5.03 -38.16
CA THR I 287 1.70 -4.42 -38.42
C THR I 287 2.66 -5.47 -38.99
N ILE I 288 3.58 -5.01 -39.83
CA ILE I 288 4.66 -5.84 -40.35
C ILE I 288 5.90 -5.37 -39.64
N ILE I 289 6.61 -6.29 -38.98
CA ILE I 289 7.79 -5.94 -38.21
C ILE I 289 9.00 -6.49 -38.96
N VAL I 290 9.90 -5.61 -39.35
CA VAL I 290 11.07 -5.96 -40.14
C VAL I 290 12.22 -5.98 -39.15
N HIS I 291 12.81 -7.16 -38.92
CA HIS I 291 13.91 -7.30 -37.98
C HIS I 291 15.18 -7.43 -38.81
N LEU I 292 16.04 -6.42 -38.73
CA LEU I 292 17.23 -6.39 -39.57
C LEU I 292 18.37 -7.19 -38.95
N ASN I 293 19.25 -7.69 -39.82
CA ASN I 293 20.48 -8.36 -39.42
C ASN I 293 21.68 -7.41 -39.45
N LYS I 294 21.48 -6.17 -39.87
CA LYS I 294 22.54 -5.17 -39.97
C LYS I 294 21.92 -3.84 -39.57
N SER I 295 22.61 -3.08 -38.73
CA SER I 295 22.09 -1.80 -38.27
C SER I 295 22.50 -0.67 -39.20
N VAL I 296 21.76 0.44 -39.12
CA VAL I 296 22.09 1.68 -39.81
C VAL I 296 22.31 2.76 -38.75
N GLU I 297 23.45 3.44 -38.81
CA GLU I 297 23.75 4.43 -37.78
C GLU I 297 23.05 5.75 -38.11
N ILE I 298 22.40 6.33 -37.11
CA ILE I 298 21.69 7.61 -37.24
C ILE I 298 22.21 8.55 -36.17
N VAL I 299 22.55 9.78 -36.56
CA VAL I 299 23.02 10.80 -35.63
C VAL I 299 22.03 11.96 -35.65
N CYS I 300 21.51 12.34 -34.48
CA CYS I 300 20.52 13.39 -34.36
C CYS I 300 21.04 14.49 -33.46
N THR I 301 20.61 15.73 -33.72
CA THR I 301 21.10 16.84 -32.93
C THR I 301 20.15 18.04 -32.88
N ARG I 302 20.32 18.78 -31.78
CA ARG I 302 19.74 20.10 -31.51
C ARG I 302 20.94 21.05 -31.42
N PRO I 303 21.30 21.77 -32.50
CA PRO I 303 22.55 22.53 -32.48
C PRO I 303 22.53 23.79 -31.62
N ASN I 304 21.38 24.20 -31.09
CA ASN I 304 21.29 25.48 -30.39
C ASN I 304 21.74 25.35 -28.93
N ASN I 305 22.19 26.49 -28.38
CA ASN I 305 22.66 26.51 -26.99
C ASN I 305 21.52 26.49 -26.00
N ASN I 306 20.43 27.20 -26.29
CA ASN I 306 19.23 27.25 -25.47
C ASN I 306 19.53 27.49 -23.98
N THR I 307 20.14 28.64 -23.71
CA THR I 307 20.50 29.00 -22.34
C THR I 307 19.24 29.00 -21.48
N ARG I 308 19.32 28.26 -20.37
CA ARG I 308 18.21 28.01 -19.46
C ARG I 308 18.06 29.03 -18.35
N LYS I 309 16.81 29.33 -18.02
CA LYS I 309 16.44 30.20 -16.91
C LYS I 309 15.59 29.37 -15.94
N SER I 310 15.78 29.60 -14.65
CA SER I 310 15.02 28.92 -13.59
C SER I 310 14.17 29.93 -12.84
N MET I 311 12.85 29.69 -12.80
CA MET I 311 11.90 30.56 -12.14
C MET I 311 11.18 29.78 -11.04
N ARG I 312 11.11 30.36 -9.84
CA ARG I 312 10.42 29.73 -8.73
C ARG I 312 8.92 30.01 -8.81
N ILE I 313 8.12 28.98 -8.55
CA ILE I 313 6.66 29.11 -8.50
C ILE I 313 6.15 29.12 -7.07
N GLY I 314 6.63 28.21 -6.23
CA GLY I 314 6.10 28.08 -4.89
C GLY I 314 7.13 27.60 -3.86
N PRO I 315 6.65 27.15 -2.69
CA PRO I 315 7.57 26.81 -1.60
C PRO I 315 8.33 25.52 -1.89
N GLY I 316 9.37 25.63 -2.71
CA GLY I 316 10.16 24.51 -3.13
C GLY I 316 9.76 23.91 -4.46
N GLN I 317 8.87 24.59 -5.19
CA GLN I 317 8.37 24.15 -6.48
C GLN I 317 8.98 25.08 -7.52
N THR I 318 9.87 24.55 -8.36
CA THR I 318 10.59 25.37 -9.32
C THR I 318 10.29 24.88 -10.73
N PHE I 319 10.38 25.82 -11.67
CA PHE I 319 10.10 25.59 -13.08
C PHE I 319 11.29 26.00 -13.93
N TYR I 320 11.63 25.16 -14.90
CA TYR I 320 12.75 25.40 -15.80
C TYR I 320 12.23 25.64 -17.20
N ALA I 321 12.80 26.65 -17.87
CA ALA I 321 12.42 26.98 -19.23
C ALA I 321 13.58 27.67 -19.91
N THR I 322 13.55 27.68 -21.24
CA THR I 322 14.61 28.33 -21.99
C THR I 322 14.58 29.83 -21.70
N GLY I 323 15.75 30.38 -21.39
CA GLY I 323 15.88 31.79 -21.10
C GLY I 323 16.14 32.57 -22.37
N ASP I 324 17.24 32.27 -23.02
CA ASP I 324 17.63 32.94 -24.25
C ASP I 324 18.51 32.00 -25.05
N ILE I 325 18.92 32.42 -26.25
CA ILE I 325 19.78 31.61 -27.10
C ILE I 325 20.99 32.43 -27.50
N ILE I 326 22.18 31.89 -27.26
CA ILE I 326 23.44 32.52 -27.62
C ILE I 326 23.83 31.99 -28.99
N GLY I 327 24.19 32.89 -29.90
CA GLY I 327 24.57 32.46 -31.23
C GLY I 327 23.36 32.46 -32.15
N ASP I 328 23.48 31.73 -33.26
CA ASP I 328 22.42 31.72 -34.26
C ASP I 328 21.46 30.56 -33.95
N ILE I 329 20.42 30.43 -34.77
CA ILE I 329 19.38 29.43 -34.53
C ILE I 329 19.21 28.60 -35.80
N ARG I 330 19.24 27.27 -35.63
CA ARG I 330 19.11 26.32 -36.71
C ARG I 330 18.08 25.28 -36.31
N GLN I 331 17.50 24.60 -37.31
CA GLN I 331 16.59 23.51 -37.03
C GLN I 331 17.35 22.29 -36.51
N ALA I 332 16.66 21.49 -35.72
CA ALA I 332 17.20 20.19 -35.31
C ALA I 332 17.14 19.24 -36.49
N TYR I 333 18.03 18.25 -36.51
CA TYR I 333 18.00 17.33 -37.65
C TYR I 333 18.65 16.00 -37.31
N CYS I 334 18.39 15.01 -38.17
CA CYS I 334 19.05 13.71 -38.11
C CYS I 334 19.76 13.40 -39.42
N ASN I 335 20.88 12.67 -39.31
CA ASN I 335 21.75 12.29 -40.41
C ASN I 335 21.80 10.77 -40.51
N ILE I 336 21.33 10.24 -41.65
CA ILE I 336 21.33 8.81 -41.95
C ILE I 336 22.21 8.58 -43.17
N SER I 337 23.16 7.65 -43.07
CA SER I 337 24.04 7.37 -44.21
C SER I 337 23.22 6.95 -45.42
N GLY I 338 23.50 7.57 -46.57
CA GLY I 338 22.75 7.28 -47.78
C GLY I 338 22.90 5.86 -48.30
N SER I 339 24.14 5.40 -48.46
CA SER I 339 24.36 4.09 -49.05
C SER I 339 23.91 2.95 -48.14
N LYS I 340 24.02 3.12 -46.82
CA LYS I 340 23.60 2.05 -45.93
C LYS I 340 22.09 1.92 -45.97
N TRP I 341 21.39 3.06 -45.99
CA TRP I 341 19.94 3.04 -46.07
C TRP I 341 19.49 2.42 -47.39
N ASN I 342 20.14 2.80 -48.49
CA ASN I 342 19.74 2.27 -49.79
C ASN I 342 19.94 0.76 -49.86
N GLU I 343 21.04 0.26 -49.29
CA GLU I 343 21.26 -1.18 -49.24
C GLU I 343 20.20 -1.86 -48.37
N THR I 344 19.90 -1.24 -47.23
CA THR I 344 18.92 -1.82 -46.31
C THR I 344 17.57 -1.93 -46.98
N LEU I 345 17.15 -0.87 -47.68
CA LEU I 345 15.84 -0.94 -48.33
C LEU I 345 15.84 -1.95 -49.46
N LYS I 346 16.95 -2.07 -50.20
CA LYS I 346 17.00 -3.10 -51.24
C LYS I 346 16.77 -4.49 -50.65
N ARG I 347 17.44 -4.78 -49.52
CA ARG I 347 17.30 -6.10 -48.92
C ARG I 347 15.90 -6.31 -48.34
N VAL I 348 15.32 -5.24 -47.76
CA VAL I 348 13.97 -5.35 -47.23
C VAL I 348 12.98 -5.62 -48.36
N LYS I 349 13.14 -4.92 -49.48
CA LYS I 349 12.25 -5.16 -50.61
C LYS I 349 12.36 -6.60 -51.09
N GLU I 350 13.58 -7.13 -51.16
CA GLU I 350 13.74 -8.51 -51.61
C GLU I 350 13.06 -9.50 -50.65
N LYS I 351 13.21 -9.28 -49.35
CA LYS I 351 12.60 -10.23 -48.41
C LYS I 351 11.09 -10.06 -48.35
N LEU I 352 10.58 -8.85 -48.52
CA LEU I 352 9.14 -8.69 -48.57
C LEU I 352 8.59 -9.36 -49.81
N GLN I 353 9.29 -9.24 -50.93
CA GLN I 353 8.83 -9.85 -52.17
C GLN I 353 8.78 -11.37 -52.02
N GLU I 354 9.73 -11.94 -51.28
CA GLU I 354 9.72 -13.38 -51.08
C GLU I 354 8.52 -13.90 -50.29
N ASN I 355 7.82 -13.03 -49.56
CA ASN I 355 6.69 -13.44 -48.73
C ASN I 355 5.32 -13.21 -49.38
N TYR I 356 5.28 -12.83 -50.65
CA TYR I 356 4.03 -12.57 -51.37
C TYR I 356 4.15 -13.15 -52.76
N ASN I 357 3.08 -12.99 -53.55
CA ASN I 357 3.07 -13.44 -54.93
C ASN I 357 4.25 -12.85 -55.68
N ASN I 358 4.90 -13.67 -56.50
CA ASN I 358 6.10 -13.23 -57.20
C ASN I 358 5.82 -12.14 -58.22
N ASN I 359 4.58 -12.02 -58.72
CA ASN I 359 4.25 -11.01 -59.71
C ASN I 359 3.79 -9.71 -59.04
N LYS I 360 4.64 -9.19 -58.16
CA LYS I 360 4.35 -7.93 -57.47
C LYS I 360 5.63 -7.17 -57.20
N THR I 361 5.61 -5.88 -57.50
CA THR I 361 6.71 -4.99 -57.20
C THR I 361 6.50 -4.44 -55.79
N ILE I 362 7.59 -4.36 -55.02
CA ILE I 362 7.55 -3.82 -53.67
C ILE I 362 8.08 -2.39 -53.71
N LYS I 363 7.28 -1.45 -53.22
CA LYS I 363 7.62 -0.05 -53.16
C LYS I 363 7.24 0.50 -51.79
N PHE I 364 7.91 1.58 -51.42
CA PHE I 364 7.62 2.32 -50.19
C PHE I 364 6.97 3.65 -50.56
N ALA I 365 6.22 4.20 -49.62
CA ALA I 365 5.59 5.50 -49.78
C ALA I 365 5.61 6.25 -48.46
N PRO I 366 5.51 7.58 -48.48
CA PRO I 366 5.48 8.34 -47.23
C PRO I 366 4.29 7.96 -46.36
N SER I 367 4.42 8.23 -45.06
CA SER I 367 3.35 7.94 -44.12
C SER I 367 2.06 8.65 -44.53
N SER I 368 0.94 7.94 -44.35
CA SER I 368 -0.37 8.45 -44.72
C SER I 368 -0.88 9.57 -43.82
N GLY I 369 -0.24 9.80 -42.68
CA GLY I 369 -0.64 10.84 -41.75
C GLY I 369 -1.23 10.27 -40.48
N GLY I 370 -1.82 11.17 -39.69
CA GLY I 370 -2.32 10.84 -38.36
C GLY I 370 -1.70 11.77 -37.34
N ASP I 371 -1.67 11.35 -36.07
CA ASP I 371 -1.09 12.20 -35.06
C ASP I 371 0.40 12.36 -35.30
N LEU I 372 0.95 13.46 -34.77
CA LEU I 372 2.37 13.76 -34.93
C LEU I 372 3.25 12.60 -34.48
N GLU I 373 2.84 11.91 -33.40
CA GLU I 373 3.65 10.83 -32.86
C GLU I 373 3.88 9.69 -33.84
N ILE I 374 3.01 9.52 -34.84
CA ILE I 374 3.18 8.49 -35.85
C ILE I 374 3.48 9.04 -37.23
N THR I 375 3.15 10.31 -37.50
CA THR I 375 3.50 10.90 -38.79
C THR I 375 5.00 10.98 -38.93
N THR I 376 5.67 11.38 -37.86
CA THR I 376 7.11 11.53 -37.77
C THR I 376 7.71 10.49 -36.84
N HIS I 377 9.03 10.35 -36.92
CA HIS I 377 9.79 9.43 -36.10
C HIS I 377 10.01 10.06 -34.73
N SER I 378 9.71 9.32 -33.66
CA SER I 378 9.88 9.82 -32.30
C SER I 378 11.16 9.27 -31.67
N PHE I 379 11.94 10.17 -31.08
CA PHE I 379 13.18 9.87 -30.37
C PHE I 379 13.02 10.23 -28.89
N ASN I 380 14.00 9.85 -28.09
CA ASN I 380 14.19 10.50 -26.79
C ASN I 380 15.70 10.56 -26.53
N CYS I 381 16.30 11.72 -26.74
CA CYS I 381 17.74 11.95 -26.53
C CYS I 381 17.91 12.94 -25.37
N ARG I 382 18.31 12.42 -24.22
CA ARG I 382 18.51 13.22 -23.01
C ARG I 382 17.27 14.04 -22.63
N GLY I 383 16.09 13.46 -22.81
CA GLY I 383 14.85 14.12 -22.45
C GLY I 383 14.23 14.99 -23.53
N GLU I 384 14.91 15.20 -24.65
CA GLU I 384 14.37 16.00 -25.74
C GLU I 384 13.63 15.07 -26.69
N PHE I 385 12.38 15.43 -26.99
CA PHE I 385 11.50 14.62 -27.84
C PHE I 385 11.46 15.23 -29.23
N PHE I 386 12.03 14.48 -30.18
CA PHE I 386 12.20 14.87 -31.58
C PHE I 386 11.12 14.21 -32.42
N TYR I 387 10.57 14.96 -33.36
CA TYR I 387 9.57 14.51 -34.33
C TYR I 387 10.12 14.80 -35.72
N CYS I 388 10.79 13.79 -36.29
CA CYS I 388 11.57 13.95 -37.50
C CYS I 388 10.77 13.52 -38.74
N ASN I 389 10.90 14.32 -39.80
CA ASN I 389 10.19 14.11 -41.04
C ASN I 389 10.93 13.07 -41.85
N THR I 390 10.31 11.89 -42.04
CA THR I 390 10.93 10.75 -42.69
C THR I 390 10.45 10.56 -44.13
N THR I 391 9.86 11.59 -44.75
CA THR I 391 9.37 11.42 -46.11
C THR I 391 10.49 11.33 -47.14
N ARG I 392 11.73 11.61 -46.76
CA ARG I 392 12.87 11.48 -47.65
C ARG I 392 13.47 10.08 -47.64
N LEU I 393 13.00 9.21 -46.74
CA LEU I 393 13.49 7.84 -46.64
C LEU I 393 12.57 6.83 -47.30
N PHE I 394 11.27 7.06 -47.27
CA PHE I 394 10.27 6.12 -47.76
C PHE I 394 9.55 6.59 -49.02
N ASN I 395 10.14 7.52 -49.77
CA ASN I 395 9.54 8.00 -51.01
C ASN I 395 10.03 7.23 -52.24
N ASN I 396 10.81 6.17 -52.05
CA ASN I 396 11.33 5.36 -53.16
C ASN I 396 12.19 6.20 -54.10
N ASN I 397 12.77 7.28 -53.59
CA ASN I 397 13.67 8.15 -54.35
C ASN I 397 15.10 7.76 -54.01
N ALA I 398 15.79 7.15 -54.97
CA ALA I 398 17.17 6.68 -54.72
C ALA I 398 18.10 7.90 -54.85
N THR I 399 18.01 8.75 -53.84
CA THR I 399 18.71 10.03 -53.85
C THR I 399 20.21 9.80 -53.79
N GLU I 400 20.95 10.47 -54.66
CA GLU I 400 22.40 10.31 -54.75
C GLU I 400 23.16 10.87 -53.54
N ASP I 401 22.49 11.51 -52.59
CA ASP I 401 23.17 12.17 -51.49
C ASP I 401 23.92 11.15 -50.66
N GLU I 402 25.16 11.48 -50.28
CA GLU I 402 25.91 10.59 -49.41
C GLU I 402 25.24 10.47 -48.04
N THR I 403 24.75 11.58 -47.48
CA THR I 403 24.07 11.57 -46.19
C THR I 403 22.69 12.20 -46.33
N ILE I 404 21.65 11.42 -46.03
CA ILE I 404 20.31 11.99 -45.98
C ILE I 404 20.20 12.79 -44.68
N THR I 405 19.66 14.00 -44.76
CA THR I 405 19.40 14.81 -43.58
C THR I 405 17.91 15.07 -43.48
N LEU I 406 17.34 14.80 -42.29
CA LEU I 406 15.91 14.91 -42.08
C LEU I 406 15.60 16.03 -41.08
N PRO I 407 14.81 17.04 -41.44
CA PRO I 407 14.48 18.09 -40.46
C PRO I 407 13.68 17.49 -39.31
N CYS I 408 13.81 18.07 -38.13
CA CYS I 408 13.07 17.58 -36.96
C CYS I 408 12.46 18.74 -36.19
N ARG I 409 11.33 18.46 -35.56
CA ARG I 409 10.69 19.36 -34.61
C ARG I 409 11.01 18.84 -33.22
N ILE I 410 11.08 19.74 -32.25
CA ILE I 410 11.26 19.36 -30.85
C ILE I 410 10.07 19.88 -30.07
N LYS I 411 9.47 19.00 -29.27
CA LYS I 411 8.26 19.35 -28.51
C LYS I 411 8.54 19.08 -27.04
N GLN I 412 7.98 19.94 -26.17
CA GLN I 412 8.21 19.81 -24.74
C GLN I 412 7.07 19.21 -23.92
N ILE I 413 5.82 19.31 -24.37
CA ILE I 413 4.68 18.78 -23.61
C ILE I 413 4.26 17.48 -24.30
N ILE I 414 4.59 16.36 -23.66
CA ILE I 414 4.48 15.04 -24.27
C ILE I 414 3.48 14.20 -23.50
N ASN I 415 2.52 13.62 -24.21
CA ASN I 415 1.58 12.65 -23.64
C ASN I 415 1.95 11.35 -24.38
N MET I 416 2.82 10.56 -23.75
CA MET I 416 3.48 9.47 -24.46
C MET I 416 2.57 8.30 -24.80
N TRP I 417 1.69 7.89 -23.88
CA TRP I 417 1.03 6.59 -24.04
C TRP I 417 -0.35 6.75 -24.72
N GLN I 418 -0.29 7.19 -25.96
CA GLN I 418 -1.47 7.40 -26.82
C GLN I 418 -2.57 8.20 -26.11
N GLY I 419 -2.20 9.25 -25.39
CA GLY I 419 -3.15 10.07 -24.69
C GLY I 419 -3.40 9.67 -23.24
N VAL I 420 -2.95 8.49 -22.82
CA VAL I 420 -3.15 8.00 -21.47
C VAL I 420 -1.96 8.40 -20.62
N GLY I 421 -2.24 8.91 -19.43
CA GLY I 421 -1.22 9.29 -18.48
C GLY I 421 -1.17 10.80 -18.28
N ARG I 422 -0.28 11.21 -17.38
CA ARG I 422 -0.12 12.61 -17.09
C ARG I 422 0.70 13.25 -18.19
N ALA I 423 0.33 14.45 -18.61
CA ALA I 423 1.16 15.18 -19.56
C ALA I 423 2.46 15.55 -18.87
N MET I 424 3.59 15.33 -19.54
CA MET I 424 4.90 15.65 -19.00
C MET I 424 5.48 16.84 -19.73
N TYR I 425 6.09 17.74 -18.96
CA TYR I 425 6.84 18.87 -19.49
C TYR I 425 8.32 18.51 -19.41
N ALA I 426 9.01 18.51 -20.55
CA ALA I 426 10.42 18.17 -20.59
C ALA I 426 11.23 19.45 -20.41
N PRO I 427 11.99 19.63 -19.32
CA PRO I 427 12.73 20.87 -19.15
C PRO I 427 13.89 20.94 -20.14
N PRO I 428 14.33 22.14 -20.50
CA PRO I 428 15.47 22.24 -21.42
C PRO I 428 16.79 21.93 -20.73
N ILE I 429 17.78 21.63 -21.57
CA ILE I 429 19.16 21.45 -21.15
C ILE I 429 19.99 22.50 -21.89
N ALA I 430 20.76 23.28 -21.16
CA ALA I 430 21.58 24.29 -21.82
C ALA I 430 22.71 23.60 -22.58
N GLY I 431 23.03 24.15 -23.75
CA GLY I 431 24.04 23.60 -24.62
C GLY I 431 23.41 22.81 -25.75
N ASN I 432 24.19 22.56 -26.79
CA ASN I 432 23.67 21.80 -27.92
C ASN I 432 23.71 20.32 -27.55
N ILE I 433 22.79 19.55 -28.11
CA ILE I 433 22.67 18.12 -27.83
C ILE I 433 22.90 17.32 -29.10
N THR I 434 23.75 16.31 -29.00
CA THR I 434 23.96 15.35 -30.07
C THR I 434 23.71 13.96 -29.48
N CYS I 435 23.26 13.05 -30.33
CA CYS I 435 23.07 11.66 -29.92
C CYS I 435 23.23 10.79 -31.15
N LYS I 436 23.53 9.52 -30.91
CA LYS I 436 23.69 8.54 -31.97
C LYS I 436 22.99 7.25 -31.56
N SER I 437 22.39 6.58 -32.53
CA SER I 437 21.69 5.33 -32.26
C SER I 437 21.76 4.45 -33.49
N ASN I 438 21.41 3.18 -33.29
CA ASN I 438 21.36 2.19 -34.35
C ASN I 438 19.92 1.90 -34.72
N ILE I 439 19.62 1.95 -36.01
CA ILE I 439 18.32 1.57 -36.54
C ILE I 439 18.41 0.08 -36.84
N THR I 440 17.59 -0.71 -36.14
CA THR I 440 17.65 -2.17 -36.22
C THR I 440 16.38 -2.81 -36.74
N GLY I 441 15.39 -2.04 -37.16
CA GLY I 441 14.17 -2.62 -37.66
C GLY I 441 13.19 -1.54 -38.09
N LEU I 442 12.12 -2.00 -38.74
CA LEU I 442 11.08 -1.12 -39.26
C LEU I 442 9.69 -1.64 -38.91
N LEU I 443 8.75 -0.71 -38.77
CA LEU I 443 7.33 -1.02 -38.62
C LEU I 443 6.62 -0.54 -39.88
N LEU I 444 6.12 -1.48 -40.68
CA LEU I 444 5.48 -1.18 -41.96
C LEU I 444 4.02 -1.58 -41.90
N VAL I 445 3.20 -0.85 -42.65
CA VAL I 445 1.78 -1.14 -42.81
C VAL I 445 1.49 -1.24 -44.29
N ARG I 446 0.74 -2.28 -44.69
CA ARG I 446 0.37 -2.44 -46.08
C ARG I 446 -0.67 -1.41 -46.48
N ASP I 447 -0.50 -0.84 -47.67
CA ASP I 447 -1.37 0.22 -48.17
C ASP I 447 -2.66 -0.38 -48.73
N GLY I 448 -3.48 -0.91 -47.82
CA GLY I 448 -4.77 -1.46 -48.21
C GLY I 448 -4.63 -2.59 -49.19
N GLY I 449 -5.48 -2.58 -50.21
CA GLY I 449 -5.46 -3.62 -51.22
C GLY I 449 -6.56 -3.52 -52.25
N GLU I 450 -6.30 -4.03 -53.45
CA GLU I 450 -7.23 -3.99 -54.56
C GLU I 450 -6.86 -5.10 -55.53
N ASP I 451 -7.65 -5.24 -56.59
CA ASP I 451 -7.33 -6.12 -57.70
C ASP I 451 -6.77 -5.27 -58.83
N ASN I 452 -6.37 -5.93 -59.93
CA ASN I 452 -5.82 -5.25 -61.10
C ASN I 452 -4.67 -4.33 -60.70
N LYS I 453 -3.83 -4.83 -59.79
CA LYS I 453 -2.69 -4.10 -59.28
C LYS I 453 -1.47 -5.01 -59.30
N THR I 454 -0.33 -4.46 -59.75
CA THR I 454 0.91 -5.20 -59.89
C THR I 454 2.00 -4.78 -58.91
N GLU I 455 1.66 -3.95 -57.92
CA GLU I 455 2.64 -3.47 -56.95
C GLU I 455 1.98 -3.43 -55.58
N GLU I 456 2.80 -3.55 -54.54
CA GLU I 456 2.35 -3.47 -53.16
C GLU I 456 3.10 -2.32 -52.49
N ILE I 457 2.36 -1.42 -51.85
CA ILE I 457 2.92 -0.22 -51.24
C ILE I 457 2.90 -0.40 -49.73
N PHE I 458 4.05 -0.17 -49.10
CA PHE I 458 4.20 -0.22 -47.65
C PHE I 458 4.49 1.18 -47.15
N ARG I 459 3.94 1.53 -46.01
CA ARG I 459 4.16 2.85 -45.40
C ARG I 459 4.64 2.70 -43.97
N PRO I 460 5.37 3.69 -43.44
CA PRO I 460 5.70 3.66 -42.01
C PRO I 460 4.45 3.66 -41.14
N GLY I 461 4.50 2.88 -40.06
CA GLY I 461 3.41 2.80 -39.12
C GLY I 461 3.90 2.84 -37.69
N GLY I 462 3.34 1.99 -36.84
CA GLY I 462 3.68 1.97 -35.44
C GLY I 462 2.77 2.85 -34.61
N GLY I 463 3.29 3.24 -33.45
CA GLY I 463 2.56 4.00 -32.45
C GLY I 463 2.03 3.15 -31.32
N ASN I 464 1.96 1.84 -31.50
CA ASN I 464 1.53 0.90 -30.48
C ASN I 464 2.79 0.34 -29.85
N MET I 465 3.10 0.77 -28.62
CA MET I 465 4.38 0.44 -27.99
C MET I 465 4.55 -1.07 -27.80
N LYS I 466 3.46 -1.82 -27.85
CA LYS I 466 3.57 -3.24 -27.58
C LYS I 466 4.33 -3.89 -28.72
N ASP I 467 4.16 -3.37 -29.95
CA ASP I 467 4.81 -4.03 -31.07
C ASP I 467 6.32 -3.94 -30.90
N ASN I 468 6.83 -2.78 -30.44
CA ASN I 468 8.27 -2.65 -30.28
C ASN I 468 8.75 -3.64 -29.25
N TRP I 469 7.97 -3.80 -28.17
CA TRP I 469 8.38 -4.74 -27.10
C TRP I 469 8.30 -6.18 -27.62
N ARG I 470 7.36 -6.47 -28.52
CA ARG I 470 7.27 -7.83 -29.13
C ARG I 470 8.53 -8.12 -29.93
N SER I 471 9.05 -7.12 -30.67
CA SER I 471 10.22 -7.34 -31.55
C SER I 471 11.42 -7.90 -30.77
N GLU I 472 11.28 -8.06 -29.45
CA GLU I 472 12.35 -8.62 -28.65
C GLU I 472 11.83 -9.79 -27.83
N LEU I 473 10.61 -9.68 -27.28
CA LEU I 473 10.08 -10.73 -26.44
C LEU I 473 9.65 -11.96 -27.23
N TYR I 474 9.51 -11.85 -28.56
CA TYR I 474 9.10 -12.97 -29.40
C TYR I 474 9.93 -14.23 -29.25
N LYS I 475 11.17 -14.12 -28.77
CA LYS I 475 12.03 -15.30 -28.66
C LYS I 475 11.58 -16.31 -27.62
N TYR I 476 10.72 -15.95 -26.68
CA TYR I 476 10.43 -16.89 -25.60
C TYR I 476 9.05 -16.71 -24.97
N LYS I 477 8.64 -17.78 -24.27
CA LYS I 477 7.34 -17.90 -23.62
C LYS I 477 7.56 -18.49 -22.24
N VAL I 478 6.57 -18.36 -21.36
CA VAL I 478 6.66 -18.87 -19.99
C VAL I 478 5.79 -20.11 -19.83
N ILE I 479 6.35 -21.12 -19.15
CA ILE I 479 5.71 -22.40 -18.88
C ILE I 479 5.63 -22.65 -17.38
N GLU I 480 4.61 -23.43 -16.98
CA GLU I 480 4.38 -23.83 -15.60
C GLU I 480 4.77 -25.29 -15.45
N LEU I 481 5.68 -25.56 -14.52
CA LEU I 481 6.13 -26.92 -14.24
C LEU I 481 5.01 -27.71 -13.57
N LYS I 482 4.83 -28.96 -14.00
CA LYS I 482 3.83 -29.87 -13.45
C LYS I 482 4.55 -31.15 -13.06
N PRO I 483 5.25 -31.16 -11.91
CA PRO I 483 6.21 -32.23 -11.61
C PRO I 483 5.59 -33.57 -11.25
N LEU I 484 4.29 -33.66 -10.98
CA LEU I 484 3.66 -34.89 -10.50
C LEU I 484 3.08 -35.70 -11.66
N GLY I 485 3.59 -36.91 -11.84
CA GLY I 485 3.14 -37.79 -12.90
C GLY I 485 3.00 -39.20 -12.37
N ILE I 486 2.27 -40.01 -13.12
CA ILE I 486 2.05 -41.41 -12.76
C ILE I 486 2.36 -42.29 -13.97
N ALA I 487 2.70 -43.56 -13.69
CA ALA I 487 2.93 -44.50 -14.78
C ALA I 487 2.84 -45.92 -14.25
N PRO I 488 2.49 -46.90 -15.09
CA PRO I 488 2.52 -48.28 -14.62
C PRO I 488 3.94 -48.84 -14.56
N THR I 489 4.16 -49.72 -13.60
CA THR I 489 5.37 -50.53 -13.52
C THR I 489 5.08 -51.72 -12.59
N GLY I 490 6.12 -52.45 -12.21
CA GLY I 490 6.00 -53.62 -11.36
C GLY I 490 6.14 -53.34 -9.87
N CYS I 491 6.05 -52.08 -9.47
CA CYS I 491 6.30 -51.65 -8.10
C CYS I 491 5.05 -51.90 -7.26
N LYS I 492 5.15 -52.82 -6.31
CA LYS I 492 4.06 -53.16 -5.40
C LYS I 492 4.53 -52.93 -3.97
N ARG I 493 3.64 -52.44 -3.12
CA ARG I 493 3.97 -52.26 -1.72
C ARG I 493 4.04 -53.60 -1.00
N ARG I 494 4.95 -53.68 -0.03
CA ARG I 494 5.08 -54.90 0.77
C ARG I 494 3.89 -55.09 1.71
N VAL I 495 3.32 -53.98 2.21
CA VAL I 495 2.20 -53.95 3.17
C VAL I 495 1.21 -55.11 3.07
N LEU J 9 22.59 -32.02 -15.69
CA LEU J 9 22.08 -31.39 -16.89
C LEU J 9 21.38 -30.06 -16.59
N GLY J 10 20.85 -29.95 -15.38
CA GLY J 10 20.13 -28.75 -14.95
C GLY J 10 18.63 -28.94 -15.08
N PHE J 11 17.91 -27.84 -14.80
CA PHE J 11 16.45 -27.89 -14.73
C PHE J 11 15.86 -28.41 -16.03
N LEU J 12 15.00 -29.43 -15.90
CA LEU J 12 14.34 -30.17 -16.97
C LEU J 12 15.32 -31.10 -17.69
N GLY J 13 16.50 -30.59 -18.04
CA GLY J 13 17.56 -31.43 -18.56
C GLY J 13 17.13 -32.14 -19.83
N ALA J 14 17.14 -33.46 -19.75
CA ALA J 14 16.80 -34.33 -20.88
C ALA J 14 15.28 -34.44 -21.02
N ALA J 15 14.65 -33.30 -21.32
CA ALA J 15 13.19 -33.27 -21.42
C ALA J 15 12.68 -34.17 -22.54
N GLY J 16 13.44 -34.30 -23.62
CA GLY J 16 13.02 -35.12 -24.75
C GLY J 16 13.45 -36.56 -24.69
N SER J 17 14.10 -36.99 -23.62
CA SER J 17 14.55 -38.35 -23.48
C SER J 17 13.42 -39.26 -23.03
N THR J 18 13.69 -40.55 -23.02
CA THR J 18 12.65 -41.51 -22.70
C THR J 18 12.27 -41.41 -21.22
N MET J 19 11.09 -41.97 -20.90
CA MET J 19 10.58 -41.93 -19.54
C MET J 19 11.54 -42.59 -18.55
N GLY J 20 12.21 -43.67 -18.96
CA GLY J 20 13.13 -44.32 -18.06
C GLY J 20 14.32 -43.45 -17.69
N ALA J 21 14.99 -42.90 -18.70
CA ALA J 21 16.17 -42.08 -18.45
C ALA J 21 15.85 -40.85 -17.60
N ALA J 22 14.69 -40.24 -17.83
CA ALA J 22 14.34 -39.01 -17.12
C ALA J 22 14.12 -39.23 -15.63
N SER J 23 13.91 -40.48 -15.18
CA SER J 23 13.67 -40.73 -13.78
C SER J 23 14.89 -40.45 -12.90
N MET J 24 16.08 -40.35 -13.49
CA MET J 24 17.30 -40.12 -12.74
C MET J 24 17.56 -38.65 -12.43
N THR J 25 16.71 -37.73 -12.87
CA THR J 25 16.87 -36.30 -12.61
C THR J 25 15.71 -35.71 -11.82
N LEU J 26 14.92 -36.54 -11.13
CA LEU J 26 13.76 -36.03 -10.42
C LEU J 26 14.14 -35.03 -9.35
N THR J 27 15.33 -35.17 -8.75
CA THR J 27 15.73 -34.21 -7.72
C THR J 27 16.07 -32.87 -8.34
N VAL J 28 16.51 -32.87 -9.61
CA VAL J 28 16.94 -31.63 -10.23
C VAL J 28 15.73 -30.72 -10.40
N GLN J 29 14.60 -31.28 -10.81
CA GLN J 29 13.39 -30.48 -10.95
C GLN J 29 12.78 -30.20 -9.57
N ALA J 30 12.85 -31.18 -8.66
CA ALA J 30 12.26 -30.99 -7.34
C ALA J 30 12.90 -29.81 -6.59
N ARG J 31 14.20 -29.59 -6.76
CA ARG J 31 14.84 -28.50 -6.04
C ARG J 31 14.50 -27.11 -6.57
N GLN J 32 13.84 -27.00 -7.74
CA GLN J 32 13.49 -25.71 -8.33
C GLN J 32 12.08 -25.25 -7.98
N LEU J 33 11.34 -26.00 -7.16
CA LEU J 33 9.99 -25.59 -6.80
C LEU J 33 9.98 -24.49 -5.73
N LEU J 34 11.02 -24.43 -4.90
CA LEU J 34 11.12 -23.44 -3.83
C LEU J 34 12.31 -22.55 -4.12
N SER J 35 12.05 -21.24 -4.24
CA SER J 35 13.06 -20.22 -4.54
C SER J 35 14.04 -20.63 -5.65
N THR J 58 7.18 -0.10 -4.28
CA THR J 58 6.59 -0.76 -3.13
C THR J 58 5.49 -1.72 -3.59
N VAL J 59 4.74 -1.31 -4.61
CA VAL J 59 3.69 -2.17 -5.17
C VAL J 59 4.32 -3.43 -5.76
N TRP J 60 5.50 -3.26 -6.38
CA TRP J 60 6.17 -4.40 -7.01
C TRP J 60 6.50 -5.45 -5.97
N GLY J 61 6.87 -5.00 -4.77
CA GLY J 61 7.10 -5.94 -3.69
C GLY J 61 5.83 -6.72 -3.39
N ILE J 62 4.66 -6.04 -3.43
CA ILE J 62 3.42 -6.75 -3.15
C ILE J 62 3.22 -7.84 -4.20
N LYS J 63 3.50 -7.52 -5.47
CA LYS J 63 3.31 -8.54 -6.51
C LYS J 63 4.24 -9.71 -6.26
N GLN J 64 5.50 -9.41 -5.89
CA GLN J 64 6.45 -10.49 -5.68
C GLN J 64 5.98 -11.35 -4.53
N LEU J 65 5.49 -10.70 -3.47
CA LEU J 65 4.98 -11.44 -2.32
C LEU J 65 3.95 -12.44 -2.79
N GLN J 66 2.90 -11.92 -3.46
CA GLN J 66 1.81 -12.73 -4.01
C GLN J 66 2.34 -13.95 -4.75
N THR J 67 3.42 -13.70 -5.51
CA THR J 67 4.05 -14.77 -6.28
C THR J 67 4.64 -15.83 -5.35
N ARG J 68 5.33 -15.37 -4.29
CA ARG J 68 5.94 -16.30 -3.35
C ARG J 68 4.87 -17.12 -2.66
N VAL J 69 3.76 -16.48 -2.30
CA VAL J 69 2.68 -17.17 -1.62
C VAL J 69 2.08 -18.23 -2.54
N LEU J 70 1.87 -17.89 -3.81
CA LEU J 70 1.30 -18.88 -4.72
C LEU J 70 2.25 -20.05 -4.92
N ALA J 71 3.55 -19.79 -5.01
CA ALA J 71 4.51 -20.88 -5.15
C ALA J 71 4.49 -21.79 -3.93
N ILE J 72 4.38 -21.18 -2.74
CA ILE J 72 4.32 -21.97 -1.51
C ILE J 72 3.06 -22.81 -1.50
N GLU J 73 1.93 -22.21 -1.88
CA GLU J 73 0.67 -22.97 -1.87
C GLU J 73 0.74 -24.14 -2.83
N ARG J 74 1.32 -23.95 -4.02
CA ARG J 74 1.39 -25.06 -4.96
C ARG J 74 2.28 -26.18 -4.41
N TYR J 75 3.42 -25.81 -3.81
CA TYR J 75 4.31 -26.81 -3.22
C TYR J 75 3.58 -27.58 -2.13
N LEU J 76 2.90 -26.86 -1.23
CA LEU J 76 2.22 -27.51 -0.13
C LEU J 76 1.08 -28.40 -0.62
N LYS J 77 0.37 -27.98 -1.66
CA LYS J 77 -0.70 -28.83 -2.18
C LYS J 77 -0.12 -30.12 -2.76
N ASP J 78 1.02 -30.03 -3.44
CA ASP J 78 1.61 -31.26 -3.97
C ASP J 78 2.10 -32.16 -2.85
N GLN J 79 2.68 -31.57 -1.79
CA GLN J 79 3.17 -32.38 -0.69
C GLN J 79 2.01 -33.02 0.07
N GLN J 80 0.92 -32.28 0.24
CA GLN J 80 -0.25 -32.82 0.92
C GLN J 80 -0.84 -33.97 0.12
N LEU J 81 -0.87 -33.83 -1.21
CA LEU J 81 -1.43 -34.87 -2.03
C LEU J 81 -0.57 -36.13 -1.95
N LEU J 82 0.76 -35.97 -1.98
CA LEU J 82 1.63 -37.14 -1.84
C LEU J 82 1.46 -37.76 -0.45
N GLY J 83 1.28 -36.93 0.57
CA GLY J 83 1.06 -37.46 1.92
C GLY J 83 -0.20 -38.30 2.00
N ILE J 84 -1.29 -37.80 1.42
CA ILE J 84 -2.56 -38.53 1.44
C ILE J 84 -2.40 -39.89 0.77
N TRP J 85 -1.61 -39.94 -0.31
CA TRP J 85 -1.39 -41.20 -1.00
C TRP J 85 -0.44 -42.13 -0.26
N GLY J 86 0.16 -41.68 0.83
CA GLY J 86 1.12 -42.48 1.57
C GLY J 86 2.52 -42.50 0.99
N CYS J 87 2.89 -41.47 0.23
CA CYS J 87 4.19 -41.37 -0.41
C CYS J 87 5.03 -40.21 0.13
N SER J 88 4.72 -39.73 1.34
CA SER J 88 5.44 -38.60 1.89
C SER J 88 6.91 -38.91 2.07
N GLY J 89 7.76 -37.96 1.67
CA GLY J 89 9.19 -38.07 1.83
C GLY J 89 9.90 -38.88 0.77
N LYS J 90 9.18 -39.39 -0.22
CA LYS J 90 9.74 -40.21 -1.28
C LYS J 90 9.45 -39.60 -2.64
N LEU J 91 10.32 -39.91 -3.60
CA LEU J 91 10.12 -39.56 -4.99
C LEU J 91 9.56 -40.71 -5.81
N ILE J 92 9.86 -41.94 -5.41
CA ILE J 92 9.36 -43.15 -6.05
C ILE J 92 8.59 -43.91 -4.97
N CYS J 93 7.35 -44.30 -5.26
CA CYS J 93 6.61 -45.11 -4.33
C CYS J 93 5.67 -46.07 -5.04
N CYS J 94 5.53 -47.26 -4.48
CA CYS J 94 4.56 -48.22 -4.97
C CYS J 94 3.23 -47.81 -4.35
N THR J 95 2.12 -47.94 -5.10
CA THR J 95 0.81 -47.57 -4.57
C THR J 95 -0.15 -48.74 -4.37
N ASN J 96 0.21 -49.96 -4.75
CA ASN J 96 -0.66 -51.11 -4.54
C ASN J 96 -2.03 -50.95 -5.19
N VAL J 97 -2.07 -50.33 -6.36
CA VAL J 97 -3.29 -50.18 -7.15
C VAL J 97 -3.06 -50.83 -8.52
N PRO J 98 -3.82 -51.86 -8.91
CA PRO J 98 -3.61 -52.47 -10.23
C PRO J 98 -3.87 -51.48 -11.35
N TRP J 99 -3.13 -51.66 -12.45
CA TRP J 99 -3.32 -50.83 -13.64
C TRP J 99 -4.47 -51.38 -14.47
N ASN J 100 -5.36 -50.50 -14.90
CA ASN J 100 -6.50 -50.87 -15.72
C ASN J 100 -6.14 -50.81 -17.19
N SER J 101 -6.58 -51.81 -17.95
CA SER J 101 -6.35 -51.85 -19.39
C SER J 101 -7.10 -50.74 -20.13
N SER J 102 -8.09 -50.11 -19.49
CA SER J 102 -8.82 -49.02 -20.11
C SER J 102 -8.05 -47.71 -20.08
N TRP J 103 -7.04 -47.59 -19.23
CA TRP J 103 -6.26 -46.35 -19.14
C TRP J 103 -5.22 -46.30 -20.25
N SER J 104 -4.51 -47.41 -20.47
CA SER J 104 -3.54 -47.54 -21.54
C SER J 104 -3.34 -49.02 -21.78
N ASN J 105 -2.80 -49.36 -22.96
CA ASN J 105 -2.47 -50.75 -23.28
C ASN J 105 -1.14 -50.78 -24.03
N LYS J 106 -0.05 -50.66 -23.28
CA LYS J 106 1.30 -50.62 -23.83
C LYS J 106 2.20 -51.50 -22.96
N SER J 107 3.24 -52.05 -23.58
CA SER J 107 4.22 -52.82 -22.84
C SER J 107 5.11 -51.88 -22.03
N GLN J 108 5.84 -52.45 -21.08
CA GLN J 108 6.76 -51.64 -20.29
C GLN J 108 7.88 -51.08 -21.17
N THR J 109 8.32 -51.85 -22.16
CA THR J 109 9.38 -51.38 -23.04
C THR J 109 8.91 -50.16 -23.83
N ASP J 110 7.68 -50.22 -24.36
CA ASP J 110 7.17 -49.11 -25.15
C ASP J 110 7.06 -47.84 -24.32
N ILE J 111 6.59 -47.95 -23.08
CA ILE J 111 6.38 -46.77 -22.25
C ILE J 111 7.71 -46.20 -21.80
N TRP J 112 8.61 -47.05 -21.31
CA TRP J 112 9.83 -46.53 -20.70
C TRP J 112 10.94 -46.21 -21.69
N ASN J 113 10.97 -46.86 -22.86
CA ASN J 113 12.01 -46.63 -23.86
C ASN J 113 11.53 -45.97 -25.15
N ASN J 114 10.23 -45.94 -25.42
CA ASN J 114 9.70 -45.40 -26.67
C ASN J 114 8.79 -44.19 -26.50
N MET J 115 8.72 -43.60 -25.31
CA MET J 115 7.87 -42.44 -25.06
C MET J 115 8.58 -41.46 -24.14
N THR J 116 8.22 -40.18 -24.29
CA THR J 116 8.66 -39.13 -23.38
C THR J 116 7.57 -38.88 -22.35
N TRP J 117 7.91 -38.11 -21.31
CA TRP J 117 6.91 -37.84 -20.29
C TRP J 117 5.79 -36.92 -20.79
N MET J 118 6.07 -36.04 -21.75
CA MET J 118 5.01 -35.20 -22.29
C MET J 118 3.97 -36.04 -23.02
N GLU J 119 4.44 -37.01 -23.81
CA GLU J 119 3.53 -37.86 -24.57
C GLU J 119 2.71 -38.71 -23.62
N TRP J 120 3.33 -39.24 -22.57
CA TRP J 120 2.59 -40.04 -21.60
C TRP J 120 1.55 -39.18 -20.88
N ASP J 121 1.94 -37.96 -20.49
CA ASP J 121 1.02 -37.06 -19.80
C ASP J 121 -0.22 -36.81 -20.65
N ARG J 122 -0.03 -36.60 -21.94
CA ARG J 122 -1.19 -36.44 -22.81
C ARG J 122 -1.97 -37.75 -22.93
N GLU J 123 -1.25 -38.87 -23.04
CA GLU J 123 -1.86 -40.17 -23.27
C GLU J 123 -2.92 -40.54 -22.23
N ILE J 124 -2.70 -40.21 -20.96
CA ILE J 124 -3.63 -40.55 -19.88
C ILE J 124 -4.21 -39.32 -19.20
N SER J 125 -4.23 -38.17 -19.88
CA SER J 125 -4.70 -36.94 -19.25
C SER J 125 -6.12 -37.08 -18.68
N ASN J 126 -7.02 -37.73 -19.43
CA ASN J 126 -8.42 -37.76 -19.03
C ASN J 126 -8.70 -38.68 -17.86
N TYR J 127 -7.70 -39.42 -17.39
CA TYR J 127 -7.84 -40.31 -16.25
C TYR J 127 -7.12 -39.77 -15.03
N THR J 128 -6.55 -38.55 -15.13
CA THR J 128 -5.71 -38.01 -14.06
C THR J 128 -6.44 -38.00 -12.72
N ASP J 129 -7.71 -37.57 -12.71
CA ASP J 129 -8.40 -37.49 -11.44
C ASP J 129 -8.94 -38.83 -10.99
N THR J 130 -9.32 -39.70 -11.94
CA THR J 130 -9.89 -40.99 -11.57
C THR J 130 -8.88 -41.81 -10.79
N ILE J 131 -7.66 -41.83 -11.28
CA ILE J 131 -6.62 -42.65 -10.66
C ILE J 131 -6.34 -42.09 -9.27
N TYR J 132 -6.33 -40.75 -9.16
CA TYR J 132 -6.04 -40.14 -7.87
C TYR J 132 -7.04 -40.59 -6.82
N ARG J 133 -8.33 -40.70 -7.21
CA ARG J 133 -9.32 -41.14 -6.25
C ARG J 133 -9.01 -42.54 -5.76
N LEU J 134 -8.60 -43.42 -6.68
CA LEU J 134 -8.29 -44.78 -6.28
C LEU J 134 -7.10 -44.79 -5.33
N LEU J 135 -6.13 -43.90 -5.57
CA LEU J 135 -4.96 -43.87 -4.71
C LEU J 135 -5.38 -43.47 -3.30
N GLU J 136 -6.30 -42.52 -3.19
CA GLU J 136 -6.75 -42.11 -1.86
C GLU J 136 -7.45 -43.27 -1.19
N ASP J 137 -8.24 -44.02 -1.96
CA ASP J 137 -8.98 -45.12 -1.38
C ASP J 137 -8.01 -46.19 -0.92
N SER J 138 -6.91 -46.38 -1.68
CA SER J 138 -5.94 -47.38 -1.26
C SER J 138 -5.38 -47.02 0.10
N GLN J 139 -5.03 -45.74 0.30
CA GLN J 139 -4.48 -45.37 1.59
C GLN J 139 -5.55 -45.50 2.65
N THR J 140 -6.82 -45.27 2.27
CA THR J 140 -7.88 -45.43 3.24
C THR J 140 -8.00 -46.89 3.65
N GLN J 141 -7.85 -47.81 2.68
CA GLN J 141 -7.93 -49.22 3.04
C GLN J 141 -6.72 -49.62 3.89
N GLN J 142 -5.54 -49.12 3.55
CA GLN J 142 -4.36 -49.35 4.35
C GLN J 142 -4.33 -48.37 5.53
N GLU J 143 -3.29 -48.49 6.35
CA GLU J 143 -3.04 -47.65 7.52
C GLU J 143 -4.03 -47.84 8.65
N LYS J 144 -5.34 -47.81 8.37
CA LYS J 144 -6.35 -48.06 9.39
C LYS J 144 -6.96 -49.45 9.29
N ASN J 145 -7.70 -49.70 8.22
CA ASN J 145 -8.50 -50.93 8.15
C ASN J 145 -7.62 -52.17 8.06
N GLU J 146 -6.49 -52.11 7.36
CA GLU J 146 -5.61 -53.25 7.22
C GLU J 146 -4.41 -53.26 8.16
N LYS J 147 -4.20 -52.21 8.95
CA LYS J 147 -3.05 -52.12 9.85
C LYS J 147 -3.45 -51.94 11.30
N ASP J 148 -4.56 -51.24 11.58
CA ASP J 148 -4.93 -51.00 12.97
C ASP J 148 -5.29 -52.30 13.64
N LEU J 149 -5.85 -53.25 12.88
CA LEU J 149 -6.26 -54.54 13.44
C LEU J 149 -5.07 -55.41 13.81
N LEU J 150 -3.88 -55.11 13.28
CA LEU J 150 -2.69 -55.89 13.57
C LEU J 150 -1.95 -55.34 14.78
N ALA J 151 -1.97 -54.02 14.97
CA ALA J 151 -1.36 -53.43 16.15
C ALA J 151 -2.03 -53.95 17.42
N LEU J 152 -3.33 -54.22 17.36
CA LEU J 152 -4.07 -54.76 18.49
C LEU J 152 -3.46 -56.08 18.95
N GLN K 1 -24.58 0.24 -25.10
CA GLN K 1 -25.23 0.04 -26.43
C GLN K 1 -24.41 0.70 -27.52
N VAL K 2 -23.91 -0.12 -28.45
CA VAL K 2 -23.08 0.40 -29.53
C VAL K 2 -23.95 1.22 -30.47
N GLN K 3 -23.53 2.45 -30.77
CA GLN K 3 -24.29 3.31 -31.67
C GLN K 3 -23.37 4.11 -32.56
N LEU K 4 -23.70 4.14 -33.85
CA LEU K 4 -23.02 4.95 -34.86
C LEU K 4 -24.05 5.83 -35.56
N LEU K 5 -23.91 7.14 -35.43
CA LEU K 5 -24.81 8.11 -36.04
C LEU K 5 -24.09 8.76 -37.21
N GLN K 6 -24.82 9.10 -38.27
CA GLN K 6 -24.21 9.76 -39.43
C GLN K 6 -24.99 11.01 -39.83
N SER K 7 -24.28 11.91 -40.50
CA SER K 7 -24.86 13.12 -41.04
C SER K 7 -25.76 12.81 -42.23
N GLY K 8 -26.60 13.78 -42.58
CA GLY K 8 -27.52 13.62 -43.68
C GLY K 8 -26.85 13.81 -45.03
N ALA K 9 -27.65 13.65 -46.08
CA ALA K 9 -27.14 13.72 -47.44
C ALA K 9 -26.63 15.11 -47.76
N ALA K 10 -25.64 15.16 -48.65
CA ALA K 10 -25.05 16.41 -49.13
C ALA K 10 -24.99 16.38 -50.65
N VAL K 11 -25.24 17.54 -51.26
CA VAL K 11 -25.18 17.71 -52.72
C VAL K 11 -24.23 18.86 -53.01
N THR K 12 -23.25 18.62 -53.88
CA THR K 12 -22.26 19.62 -54.24
C THR K 12 -21.92 19.46 -55.72
N LYS K 13 -20.84 20.11 -56.15
CA LYS K 13 -20.38 20.15 -57.53
C LYS K 13 -18.97 19.56 -57.64
N PRO K 14 -18.58 19.03 -58.81
CA PRO K 14 -17.23 18.47 -58.97
C PRO K 14 -16.13 19.45 -58.57
N GLY K 15 -15.13 18.94 -57.85
CA GLY K 15 -14.01 19.73 -57.38
C GLY K 15 -14.18 20.33 -56.00
N ALA K 16 -15.40 20.32 -55.45
CA ALA K 16 -15.66 20.87 -54.13
C ALA K 16 -15.50 19.78 -53.09
N SER K 17 -14.61 20.01 -52.12
CA SER K 17 -14.38 19.02 -51.08
C SER K 17 -15.65 18.79 -50.28
N VAL K 18 -15.90 17.53 -49.92
CA VAL K 18 -17.08 17.15 -49.14
C VAL K 18 -16.64 16.36 -47.92
N ARG K 19 -17.24 16.68 -46.78
CA ARG K 19 -16.99 16.00 -45.52
C ARG K 19 -18.20 15.15 -45.13
N VAL K 20 -17.94 13.89 -44.80
CA VAL K 20 -18.95 12.96 -44.28
C VAL K 20 -18.50 12.57 -42.89
N SER K 21 -19.38 12.73 -41.90
CA SER K 21 -19.04 12.40 -40.52
C SER K 21 -19.82 11.20 -40.02
N CYS K 22 -19.23 10.56 -39.01
CA CYS K 22 -19.81 9.44 -38.29
C CYS K 22 -19.44 9.62 -36.82
N GLU K 23 -20.42 9.55 -35.93
CA GLU K 23 -20.19 9.71 -34.50
C GLU K 23 -20.43 8.40 -33.80
N ALA K 24 -19.41 7.91 -33.10
CA ALA K 24 -19.48 6.66 -32.36
C ALA K 24 -19.70 6.96 -30.89
N SER K 25 -20.58 6.17 -30.26
CA SER K 25 -20.86 6.32 -28.84
C SER K 25 -21.37 5.01 -28.27
N GLY K 26 -21.33 4.94 -26.93
CA GLY K 26 -21.91 3.86 -26.16
C GLY K 26 -21.03 2.65 -25.95
N TYR K 27 -19.75 2.71 -26.29
CA TYR K 27 -18.86 1.58 -26.13
C TYR K 27 -17.43 2.12 -26.05
N ASN K 28 -16.49 1.23 -25.76
CA ASN K 28 -15.09 1.65 -25.69
C ASN K 28 -14.55 1.73 -27.11
N ILE K 29 -14.56 2.96 -27.64
CA ILE K 29 -14.20 3.22 -29.03
C ILE K 29 -12.74 2.88 -29.29
N ARG K 30 -11.86 3.18 -28.34
CA ARG K 30 -10.43 3.02 -28.52
C ARG K 30 -9.99 1.59 -28.82
N ASP K 31 -10.82 0.59 -28.54
CA ASP K 31 -10.44 -0.81 -28.74
C ASP K 31 -10.78 -1.39 -30.13
N TYR K 32 -11.47 -0.65 -31.00
CA TYR K 32 -11.90 -1.19 -32.29
C TYR K 32 -11.59 -0.23 -33.43
N PHE K 33 -11.17 -0.79 -34.57
CA PHE K 33 -10.91 0.01 -35.75
C PHE K 33 -12.22 0.44 -36.38
N ILE K 34 -12.24 1.63 -36.98
CA ILE K 34 -13.40 2.11 -37.73
C ILE K 34 -13.07 2.09 -39.21
N HIS K 35 -13.93 1.45 -39.99
CA HIS K 35 -13.75 1.33 -41.43
C HIS K 35 -14.80 2.15 -42.16
N TRP K 36 -14.42 2.65 -43.34
CA TRP K 36 -15.31 3.34 -44.24
C TRP K 36 -15.44 2.53 -45.52
N TRP K 37 -16.69 2.50 -46.03
CA TRP K 37 -17.08 1.80 -47.24
C TRP K 37 -17.89 2.73 -48.15
N ARG K 38 -17.75 2.52 -49.48
CA ARG K 38 -18.49 3.30 -50.47
C ARG K 38 -19.33 2.35 -51.32
N GLN K 39 -20.65 2.58 -51.34
CA GLN K 39 -21.61 1.78 -52.10
C GLN K 39 -22.22 2.62 -53.23
N ALA K 40 -21.71 2.43 -54.45
CA ALA K 40 -22.28 3.13 -55.58
C ALA K 40 -23.65 2.52 -55.89
N PRO K 41 -24.59 3.29 -56.45
CA PRO K 41 -25.92 2.73 -56.76
C PRO K 41 -25.84 1.51 -57.66
N GLY K 42 -26.52 0.44 -57.24
CA GLY K 42 -26.60 -0.78 -58.02
C GLY K 42 -25.38 -1.67 -57.95
N GLN K 43 -24.35 -1.27 -57.23
CA GLN K 43 -23.07 -1.95 -57.12
C GLN K 43 -22.92 -2.59 -55.74
N GLY K 44 -21.79 -3.26 -55.56
CA GLY K 44 -21.45 -3.83 -54.27
C GLY K 44 -20.77 -2.77 -53.42
N LEU K 45 -20.11 -3.22 -52.35
CA LEU K 45 -19.47 -2.29 -51.44
C LEU K 45 -17.98 -2.21 -51.75
N GLN K 46 -17.50 -1.00 -52.02
CA GLN K 46 -16.08 -0.76 -52.21
C GLN K 46 -15.48 -0.38 -50.87
N TRP K 47 -14.28 -0.89 -50.60
CA TRP K 47 -13.59 -0.52 -49.39
C TRP K 47 -12.98 0.86 -49.57
N VAL K 48 -13.18 1.74 -48.59
CA VAL K 48 -12.61 3.08 -48.62
C VAL K 48 -11.40 3.19 -47.72
N GLY K 49 -11.44 2.59 -46.53
CA GLY K 49 -10.28 2.67 -45.68
C GLY K 49 -10.59 2.35 -44.24
N TRP K 50 -9.53 2.31 -43.42
CA TRP K 50 -9.70 2.14 -41.98
C TRP K 50 -8.95 3.23 -41.26
N ILE K 51 -9.44 3.57 -40.07
CA ILE K 51 -8.78 4.50 -39.16
C ILE K 51 -8.71 3.87 -37.77
N ASN K 52 -7.53 3.99 -37.17
CA ASN K 52 -7.28 3.54 -35.81
C ASN K 52 -7.73 4.64 -34.84
N PRO K 53 -8.73 4.40 -33.98
CA PRO K 53 -9.24 5.51 -33.16
C PRO K 53 -8.25 6.03 -32.13
N LYS K 54 -7.15 5.32 -31.86
CA LYS K 54 -6.21 5.74 -30.82
C LYS K 54 -5.01 6.48 -31.38
N THR K 55 -4.54 6.10 -32.57
CA THR K 55 -3.36 6.73 -33.16
C THR K 55 -3.70 7.65 -34.32
N GLY K 56 -4.88 7.52 -34.91
CA GLY K 56 -5.27 8.37 -36.01
C GLY K 56 -4.74 7.95 -37.37
N GLN K 57 -4.04 6.82 -37.45
CA GLN K 57 -3.42 6.42 -38.71
C GLN K 57 -4.46 6.04 -39.75
N PRO K 58 -4.55 6.73 -40.89
CA PRO K 58 -5.47 6.28 -41.94
C PRO K 58 -4.81 5.22 -42.81
N ASN K 59 -5.65 4.40 -43.43
CA ASN K 59 -5.18 3.46 -44.44
C ASN K 59 -6.23 3.38 -45.54
N ASN K 60 -5.90 3.88 -46.73
CA ASN K 60 -6.78 3.94 -47.88
C ASN K 60 -6.21 3.09 -49.01
N PRO K 61 -7.05 2.53 -49.89
CA PRO K 61 -6.52 1.84 -51.06
C PRO K 61 -6.03 2.83 -52.11
N ARG K 62 -5.23 2.29 -53.05
CA ARG K 62 -4.62 3.06 -54.12
C ARG K 62 -5.56 4.05 -54.79
N GLN K 63 -6.79 3.62 -55.11
CA GLN K 63 -7.69 4.48 -55.87
C GLN K 63 -8.12 5.73 -55.10
N PHE K 64 -7.96 5.77 -53.78
CA PHE K 64 -8.34 6.91 -52.96
C PHE K 64 -7.15 7.68 -52.40
N GLN K 65 -5.92 7.38 -52.81
CA GLN K 65 -4.78 8.09 -52.26
C GLN K 65 -4.72 9.50 -52.83
N GLY K 66 -4.53 10.48 -51.94
CA GLY K 66 -4.47 11.86 -52.34
C GLY K 66 -5.83 12.51 -52.49
N ARG K 67 -6.91 11.75 -52.33
CA ARG K 67 -8.28 12.22 -52.48
C ARG K 67 -9.09 12.10 -51.21
N VAL K 68 -8.88 11.05 -50.42
CA VAL K 68 -9.65 10.79 -49.21
C VAL K 68 -8.72 10.95 -48.01
N SER K 69 -9.10 11.83 -47.09
CA SER K 69 -8.41 12.04 -45.83
C SER K 69 -9.34 11.64 -44.70
N LEU K 70 -8.95 10.60 -43.95
CA LEU K 70 -9.74 10.12 -42.84
C LEU K 70 -9.12 10.67 -41.56
N THR K 71 -9.97 11.20 -40.67
CA THR K 71 -9.48 11.72 -39.40
C THR K 71 -10.47 11.37 -38.30
N ARG K 72 -10.06 11.67 -37.06
CA ARG K 72 -10.89 11.43 -35.89
C ARG K 72 -10.62 12.53 -34.87
N HIS K 73 -11.67 12.88 -34.13
CA HIS K 73 -11.62 13.84 -33.04
C HIS K 73 -12.26 13.23 -31.80
N ALA K 74 -11.45 13.05 -30.75
CA ALA K 74 -11.95 12.50 -29.51
C ALA K 74 -12.65 13.58 -28.71
N SER K 75 -13.77 13.22 -28.09
CA SER K 75 -14.49 14.10 -27.21
C SER K 75 -13.97 13.97 -25.77
N TRP K 76 -14.47 14.84 -24.91
CA TRP K 76 -14.06 14.84 -23.50
C TRP K 76 -14.32 13.49 -22.84
N ASP K 77 -13.32 13.00 -22.11
CA ASP K 77 -13.31 11.73 -21.39
C ASP K 77 -13.41 10.52 -22.31
N PHE K 78 -13.26 10.71 -23.62
CA PHE K 78 -13.28 9.63 -24.60
C PHE K 78 -14.62 8.88 -24.59
N ASP K 79 -15.70 9.55 -24.19
CA ASP K 79 -17.01 8.91 -24.19
C ASP K 79 -17.55 8.73 -25.61
N THR K 80 -17.24 9.66 -26.50
CA THR K 80 -17.68 9.60 -27.89
C THR K 80 -16.53 10.02 -28.78
N TYR K 81 -16.59 9.60 -30.05
CA TYR K 81 -15.64 10.04 -31.06
C TYR K 81 -16.36 10.50 -32.32
N SER K 82 -15.85 11.58 -32.93
CA SER K 82 -16.34 12.05 -34.22
C SER K 82 -15.31 11.69 -35.26
N PHE K 83 -15.69 10.86 -36.23
CA PHE K 83 -14.83 10.42 -37.31
C PHE K 83 -15.26 11.15 -38.57
N TYR K 84 -14.29 11.52 -39.41
CA TYR K 84 -14.59 12.26 -40.62
C TYR K 84 -13.87 11.67 -41.82
N MET K 85 -14.55 11.74 -42.95
CA MET K 85 -14.02 11.41 -44.28
C MET K 85 -14.10 12.66 -45.13
N ASP K 86 -12.95 13.23 -45.48
CA ASP K 86 -12.88 14.43 -46.31
C ASP K 86 -12.42 14.00 -47.70
N LEU K 87 -13.33 14.11 -48.67
CA LEU K 87 -13.05 13.73 -50.05
C LEU K 87 -12.79 15.01 -50.83
N LYS K 88 -11.58 15.14 -51.36
CA LYS K 88 -11.11 16.39 -51.98
C LYS K 88 -11.43 16.52 -53.46
N ALA K 89 -10.76 15.71 -54.30
CA ALA K 89 -10.91 15.83 -55.75
C ALA K 89 -12.19 15.09 -56.17
N LEU K 90 -13.30 15.68 -55.80
CA LEU K 90 -14.61 15.06 -56.02
C LEU K 90 -14.98 15.07 -57.49
N ARG K 91 -15.55 13.96 -57.95
CA ARG K 91 -15.99 13.80 -59.34
C ARG K 91 -17.40 13.26 -59.35
N SER K 92 -18.04 13.34 -60.53
CA SER K 92 -19.39 12.79 -60.67
C SER K 92 -19.43 11.28 -60.49
N ASP K 93 -18.30 10.61 -60.66
CA ASP K 93 -18.21 9.15 -60.50
C ASP K 93 -18.30 8.72 -59.05
N ASP K 94 -18.22 9.66 -58.09
CA ASP K 94 -18.20 9.35 -56.68
C ASP K 94 -19.58 9.40 -56.03
N THR K 95 -20.66 9.50 -56.82
CA THR K 95 -21.99 9.46 -56.23
C THR K 95 -22.20 8.09 -55.60
N ALA K 96 -22.49 8.08 -54.30
CA ALA K 96 -22.59 6.81 -53.59
C ALA K 96 -23.07 7.06 -52.17
N VAL K 97 -23.42 5.95 -51.49
CA VAL K 97 -23.69 5.98 -50.06
C VAL K 97 -22.42 5.58 -49.32
N TYR K 98 -21.99 6.41 -48.38
CA TYR K 98 -20.77 6.21 -47.60
C TYR K 98 -21.13 5.73 -46.20
N PHE K 99 -20.64 4.54 -45.83
CA PHE K 99 -20.96 3.91 -44.57
C PHE K 99 -19.72 3.85 -43.67
N CYS K 100 -19.95 3.93 -42.36
CA CYS K 100 -18.97 3.68 -41.33
C CYS K 100 -19.33 2.37 -40.64
N ALA K 101 -18.32 1.61 -40.21
CA ALA K 101 -18.58 0.37 -39.50
C ALA K 101 -17.46 0.02 -38.54
N ARG K 102 -17.81 -0.71 -37.48
CA ARG K 102 -16.86 -1.21 -36.48
C ARG K 102 -16.31 -2.57 -36.82
N GLN K 103 -15.00 -2.74 -36.68
CA GLN K 103 -14.35 -4.04 -36.83
C GLN K 103 -14.21 -4.64 -35.43
N ARG K 104 -14.99 -5.69 -35.15
CA ARG K 104 -15.00 -6.28 -33.81
C ARG K 104 -14.14 -7.53 -33.67
N SER K 105 -13.47 -7.99 -34.73
CA SER K 105 -12.77 -9.25 -34.67
C SER K 105 -11.64 -9.28 -35.70
N ASP K 106 -10.86 -10.35 -35.66
CA ASP K 106 -9.75 -10.55 -36.58
C ASP K 106 -10.20 -11.08 -37.93
N TYR K 107 -11.51 -11.23 -38.15
CA TYR K 107 -12.08 -11.71 -39.40
C TYR K 107 -12.72 -10.57 -40.19
N TRP K 108 -12.56 -9.33 -39.72
CA TRP K 108 -13.20 -8.16 -40.33
C TRP K 108 -14.72 -8.31 -40.31
N ASP K 109 -15.23 -8.74 -39.17
CA ASP K 109 -16.67 -8.89 -38.97
C ASP K 109 -17.23 -7.53 -38.54
N PHE K 110 -18.15 -6.99 -39.34
CA PHE K 110 -18.73 -5.68 -39.07
C PHE K 110 -20.14 -5.87 -38.52
N ASP K 111 -20.30 -5.66 -37.21
CA ASP K 111 -21.57 -5.90 -36.54
C ASP K 111 -22.50 -4.71 -36.66
N VAL K 112 -22.01 -3.51 -36.34
CA VAL K 112 -22.81 -2.29 -36.34
C VAL K 112 -22.34 -1.39 -37.47
N TRP K 113 -23.30 -0.95 -38.27
CA TRP K 113 -23.11 -0.09 -39.42
C TRP K 113 -23.87 1.21 -39.19
N GLY K 114 -23.38 2.30 -39.76
CA GLY K 114 -24.10 3.54 -39.68
C GLY K 114 -25.24 3.56 -40.68
N SER K 115 -26.02 4.64 -40.65
CA SER K 115 -27.18 4.71 -41.52
C SER K 115 -26.82 4.94 -42.99
N GLY K 116 -25.62 5.47 -43.26
CA GLY K 116 -25.21 5.70 -44.63
C GLY K 116 -25.46 7.14 -45.04
N THR K 117 -24.45 7.83 -45.56
CA THR K 117 -24.59 9.20 -46.02
C THR K 117 -24.59 9.21 -47.53
N GLN K 118 -25.65 9.75 -48.12
CA GLN K 118 -25.76 9.83 -49.58
C GLN K 118 -25.01 11.05 -50.07
N VAL K 119 -24.08 10.85 -51.00
CA VAL K 119 -23.34 11.94 -51.63
C VAL K 119 -23.68 11.89 -53.12
N THR K 120 -24.19 13.02 -53.63
CA THR K 120 -24.57 13.19 -55.02
C THR K 120 -23.67 14.26 -55.63
N VAL K 121 -23.17 14.00 -56.84
CA VAL K 121 -22.25 14.92 -57.50
C VAL K 121 -22.65 15.02 -58.96
N ASP L 1 -2.65 -12.76 -53.04
CA ASP L 1 -4.04 -12.28 -53.27
C ASP L 1 -5.05 -13.36 -52.96
N ILE L 2 -6.26 -12.94 -52.62
CA ILE L 2 -7.38 -13.83 -52.29
C ILE L 2 -8.34 -13.81 -53.47
N GLN L 3 -8.61 -14.98 -54.04
CA GLN L 3 -9.50 -15.13 -55.17
C GLN L 3 -10.88 -15.50 -54.65
N MET L 4 -11.92 -15.02 -55.34
CA MET L 4 -13.29 -15.35 -54.95
C MET L 4 -14.20 -15.59 -56.15
N THR L 5 -15.21 -16.42 -55.92
CA THR L 5 -16.30 -16.60 -56.86
C THR L 5 -17.61 -16.51 -56.08
N GLN L 6 -18.70 -16.26 -56.80
CA GLN L 6 -20.03 -16.18 -56.22
C GLN L 6 -21.05 -16.68 -57.24
N SER L 7 -21.94 -17.58 -56.80
CA SER L 7 -22.96 -18.14 -57.68
C SER L 7 -24.13 -18.61 -56.84
N PRO L 8 -25.39 -18.46 -57.30
CA PRO L 8 -25.86 -17.90 -58.59
C PRO L 8 -25.88 -16.38 -58.58
N SER L 9 -26.11 -15.73 -59.73
CA SER L 9 -26.28 -14.28 -59.73
C SER L 9 -27.64 -13.87 -59.19
N SER L 10 -28.65 -14.75 -59.31
CA SER L 10 -29.97 -14.47 -58.79
C SER L 10 -30.62 -15.78 -58.38
N LEU L 11 -31.55 -15.70 -57.43
CA LEU L 11 -32.24 -16.87 -56.90
C LEU L 11 -33.72 -16.56 -56.77
N SER L 12 -34.56 -17.55 -57.10
CA SER L 12 -36.01 -17.44 -56.98
C SER L 12 -36.54 -18.69 -56.28
N ALA L 13 -37.34 -18.50 -55.25
CA ALA L 13 -37.81 -19.60 -54.42
C ALA L 13 -39.23 -19.32 -53.94
N SER L 14 -39.85 -20.34 -53.36
CA SER L 14 -41.16 -20.25 -52.74
C SER L 14 -41.01 -20.16 -51.23
N VAL L 15 -42.08 -19.71 -50.56
CA VAL L 15 -42.03 -19.57 -49.11
C VAL L 15 -42.00 -20.96 -48.48
N GLY L 16 -41.06 -21.15 -47.56
CA GLY L 16 -40.87 -22.42 -46.87
C GLY L 16 -39.78 -23.28 -47.47
N ASP L 17 -39.29 -22.94 -48.65
CA ASP L 17 -38.24 -23.70 -49.31
C ASP L 17 -36.91 -23.55 -48.56
N THR L 18 -36.06 -24.55 -48.72
CA THR L 18 -34.68 -24.49 -48.26
C THR L 18 -33.82 -24.20 -49.47
N VAL L 19 -33.00 -23.14 -49.39
CA VAL L 19 -32.17 -22.70 -50.49
C VAL L 19 -30.74 -22.53 -50.01
N THR L 20 -29.81 -22.56 -50.97
CA THR L 20 -28.40 -22.29 -50.70
C THR L 20 -27.84 -21.30 -51.70
N ILE L 21 -26.84 -20.56 -51.26
CA ILE L 21 -26.10 -19.59 -52.06
C ILE L 21 -24.64 -19.95 -51.89
N THR L 22 -23.90 -20.10 -52.99
CA THR L 22 -22.52 -20.56 -52.91
C THR L 22 -21.54 -19.43 -53.17
N CYS L 23 -20.55 -19.33 -52.29
CA CYS L 23 -19.43 -18.40 -52.38
C CYS L 23 -18.17 -19.22 -52.18
N GLN L 24 -17.13 -18.95 -52.96
CA GLN L 24 -15.85 -19.65 -52.83
C GLN L 24 -14.78 -18.63 -52.54
N ALA L 25 -13.93 -18.90 -51.55
CA ALA L 25 -12.82 -18.02 -51.22
C ALA L 25 -11.77 -18.78 -50.42
N ASN L 26 -10.50 -18.44 -50.67
CA ASN L 26 -9.35 -18.95 -49.90
C ASN L 26 -9.01 -18.01 -48.74
N GLY L 27 -9.93 -17.92 -47.78
CA GLY L 27 -9.70 -17.00 -46.66
C GLY L 27 -10.90 -16.96 -45.74
N TYR L 28 -10.77 -16.15 -44.70
CA TYR L 28 -11.87 -16.01 -43.74
C TYR L 28 -13.03 -15.32 -44.44
N LEU L 29 -14.23 -15.86 -44.26
CA LEU L 29 -15.44 -15.27 -44.80
C LEU L 29 -16.45 -14.87 -43.75
N ASN L 30 -17.24 -13.87 -44.14
CA ASN L 30 -18.47 -13.61 -43.42
C ASN L 30 -19.54 -13.32 -44.46
N TRP L 31 -20.79 -13.30 -44.00
CA TRP L 31 -21.96 -13.08 -44.83
C TRP L 31 -22.84 -12.00 -44.21
N TYR L 32 -23.40 -11.15 -45.09
CA TYR L 32 -24.30 -10.06 -44.70
C TYR L 32 -25.58 -10.07 -45.51
N GLN L 33 -26.66 -9.62 -44.86
CA GLN L 33 -27.96 -9.44 -45.49
C GLN L 33 -28.12 -7.96 -45.84
N GLN L 34 -28.08 -7.63 -47.13
CA GLN L 34 -28.17 -6.25 -47.59
C GLN L 34 -29.56 -6.02 -48.14
N ARG L 35 -30.25 -5.05 -47.57
CA ARG L 35 -31.58 -4.64 -47.95
C ARG L 35 -31.48 -3.27 -48.62
N ARG L 36 -32.55 -2.87 -49.30
CA ARG L 36 -32.60 -1.53 -49.87
C ARG L 36 -32.96 -0.61 -48.70
N GLY L 37 -31.96 -0.32 -47.89
CA GLY L 37 -32.21 0.38 -46.64
C GLY L 37 -30.95 0.87 -45.98
N LYS L 38 -31.09 1.16 -44.69
CA LYS L 38 -30.03 1.87 -43.94
C LYS L 38 -28.68 1.16 -43.96
N ALA L 39 -28.64 -0.16 -43.85
CA ALA L 39 -27.35 -0.82 -43.76
C ALA L 39 -27.52 -2.32 -43.99
N PRO L 40 -26.45 -3.01 -44.43
CA PRO L 40 -26.46 -4.48 -44.37
C PRO L 40 -26.37 -4.98 -42.94
N LYS L 41 -27.07 -6.09 -42.69
CA LYS L 41 -27.04 -6.78 -41.40
C LYS L 41 -26.15 -8.01 -41.50
N LEU L 42 -25.19 -8.11 -40.58
CA LEU L 42 -24.30 -9.26 -40.54
C LEU L 42 -25.07 -10.51 -40.11
N LEU L 43 -24.93 -11.58 -40.89
CA LEU L 43 -25.59 -12.85 -40.60
C LEU L 43 -24.61 -13.89 -40.07
N ILE L 44 -23.55 -14.20 -40.82
CA ILE L 44 -22.64 -15.30 -40.48
C ILE L 44 -21.22 -14.78 -40.42
N TYR L 45 -20.48 -15.22 -39.40
CA TYR L 45 -19.09 -14.87 -39.24
C TYR L 45 -18.34 -16.14 -38.90
N ASP L 46 -17.01 -16.13 -39.15
CA ASP L 46 -16.17 -17.30 -38.90
C ASP L 46 -16.63 -18.38 -39.88
N GLY L 47 -16.09 -19.59 -39.76
CA GLY L 47 -16.48 -20.68 -40.65
C GLY L 47 -17.99 -20.83 -40.69
N SER L 48 -18.61 -21.01 -39.52
CA SER L 48 -20.07 -21.09 -39.44
C SER L 48 -20.57 -20.74 -38.04
N LYS L 49 -20.70 -19.44 -37.75
CA LYS L 49 -21.23 -18.95 -36.49
C LYS L 49 -22.32 -17.92 -36.78
N LEU L 50 -23.36 -17.89 -35.95
CA LEU L 50 -24.43 -16.92 -36.08
C LEU L 50 -24.25 -15.77 -35.10
N GLU L 51 -24.68 -14.59 -35.52
CA GLU L 51 -24.73 -13.41 -34.67
C GLU L 51 -25.94 -13.43 -33.74
N ARG L 52 -25.83 -12.68 -32.66
CA ARG L 52 -26.97 -12.50 -31.74
C ARG L 52 -28.07 -11.71 -32.44
N GLY L 53 -29.30 -12.18 -32.30
CA GLY L 53 -30.43 -11.51 -32.91
C GLY L 53 -30.83 -12.04 -34.27
N VAL L 54 -30.11 -13.03 -34.79
CA VAL L 54 -30.41 -13.60 -36.09
C VAL L 54 -31.36 -14.78 -35.89
N PRO L 55 -32.53 -14.80 -36.53
CA PRO L 55 -33.45 -15.94 -36.36
C PRO L 55 -32.77 -17.23 -36.76
N SER L 56 -33.15 -18.33 -36.10
CA SER L 56 -32.54 -19.63 -36.35
C SER L 56 -33.10 -20.29 -37.62
N ARG L 57 -32.89 -19.58 -38.73
CA ARG L 57 -33.19 -20.03 -40.08
C ARG L 57 -31.95 -20.05 -40.95
N PHE L 58 -30.98 -19.20 -40.64
CA PHE L 58 -29.76 -19.06 -41.41
C PHE L 58 -28.69 -19.96 -40.82
N SER L 59 -27.96 -20.65 -41.69
CA SER L 59 -26.92 -21.56 -41.25
C SER L 59 -25.87 -21.65 -42.35
N GLY L 60 -24.84 -22.43 -42.10
CA GLY L 60 -23.82 -22.61 -43.11
C GLY L 60 -22.91 -23.77 -42.77
N ARG L 61 -22.16 -24.18 -43.79
CA ARG L 61 -21.23 -25.28 -43.72
C ARG L 61 -20.11 -24.95 -44.70
N ARG L 62 -18.91 -25.43 -44.40
CA ARG L 62 -17.79 -25.29 -45.31
C ARG L 62 -17.14 -26.64 -45.60
N TRP L 63 -16.68 -26.78 -46.82
CA TRP L 63 -15.98 -27.97 -47.28
C TRP L 63 -15.01 -27.50 -48.34
N GLY L 64 -13.72 -27.68 -48.10
CA GLY L 64 -12.75 -27.11 -49.01
C GLY L 64 -12.89 -25.59 -48.98
N GLN L 65 -13.02 -24.99 -50.15
CA GLN L 65 -13.16 -23.55 -50.28
C GLN L 65 -14.60 -23.08 -50.45
N GLU L 66 -15.59 -23.97 -50.46
CA GLU L 66 -16.98 -23.59 -50.70
C GLU L 66 -17.77 -23.45 -49.41
N TYR L 67 -18.68 -22.48 -49.39
CA TYR L 67 -19.61 -22.20 -48.31
C TYR L 67 -21.00 -22.11 -48.93
N ASN L 68 -22.02 -22.67 -48.26
CA ASN L 68 -23.35 -22.77 -48.87
C ASN L 68 -24.44 -21.83 -48.32
N LEU L 69 -24.28 -21.23 -47.16
CA LEU L 69 -25.30 -20.34 -46.58
C LEU L 69 -26.70 -20.97 -46.60
N THR L 70 -26.82 -22.19 -46.07
CA THR L 70 -28.11 -22.85 -46.14
C THR L 70 -29.13 -22.01 -45.37
N ILE L 71 -30.27 -21.71 -46.01
CA ILE L 71 -31.36 -20.95 -45.41
C ILE L 71 -32.58 -21.84 -45.32
N ASN L 72 -32.94 -22.26 -44.11
CA ASN L 72 -34.07 -23.15 -43.90
C ASN L 72 -35.34 -22.32 -43.69
N ASN L 73 -36.47 -22.90 -44.10
CA ASN L 73 -37.80 -22.32 -43.87
C ASN L 73 -37.88 -20.85 -44.30
N LEU L 74 -37.49 -20.59 -45.56
CA LEU L 74 -37.42 -19.24 -46.09
C LEU L 74 -38.75 -18.50 -45.92
N GLN L 75 -38.68 -17.30 -45.35
CA GLN L 75 -39.83 -16.45 -45.04
C GLN L 75 -39.83 -15.19 -45.90
N PRO L 76 -40.99 -14.52 -46.06
CA PRO L 76 -41.03 -13.24 -46.80
C PRO L 76 -40.03 -12.20 -46.33
N GLU L 77 -39.69 -12.19 -45.04
CA GLU L 77 -38.74 -11.23 -44.49
C GLU L 77 -37.31 -11.42 -44.99
N ASP L 78 -37.01 -12.55 -45.62
CA ASP L 78 -35.66 -12.87 -46.07
C ASP L 78 -35.36 -12.40 -47.49
N ILE L 79 -36.22 -11.59 -48.10
CA ILE L 79 -35.91 -11.08 -49.43
C ILE L 79 -34.83 -10.02 -49.27
N ALA L 80 -33.63 -10.31 -49.77
CA ALA L 80 -32.47 -9.45 -49.60
C ALA L 80 -31.38 -9.95 -50.54
N THR L 81 -30.34 -9.15 -50.71
CA THR L 81 -29.13 -9.56 -51.42
C THR L 81 -28.12 -10.01 -50.37
N TYR L 82 -27.56 -11.21 -50.56
CA TYR L 82 -26.64 -11.77 -49.57
C TYR L 82 -25.20 -11.59 -50.04
N PHE L 83 -24.45 -10.78 -49.30
CA PHE L 83 -23.08 -10.43 -49.64
C PHE L 83 -22.10 -11.37 -48.95
N CYS L 84 -20.95 -11.58 -49.60
CA CYS L 84 -19.88 -12.44 -49.12
C CYS L 84 -18.59 -11.61 -49.10
N GLN L 85 -17.85 -11.67 -47.98
CA GLN L 85 -16.65 -10.84 -47.78
C GLN L 85 -15.44 -11.60 -47.26
N VAL L 86 -14.27 -11.27 -47.83
CA VAL L 86 -12.94 -11.64 -47.29
C VAL L 86 -12.22 -10.31 -47.05
N TYR L 87 -12.00 -9.96 -45.77
CA TYR L 87 -11.30 -8.73 -45.42
C TYR L 87 -11.88 -7.52 -46.16
N GLU L 88 -11.08 -6.82 -46.98
CA GLU L 88 -11.54 -5.63 -47.68
C GLU L 88 -12.33 -5.92 -48.96
N PHE L 89 -12.39 -7.17 -49.40
CA PHE L 89 -13.03 -7.53 -50.66
C PHE L 89 -14.45 -8.04 -50.42
N VAL L 90 -15.43 -7.35 -51.00
CA VAL L 90 -16.85 -7.71 -50.90
C VAL L 90 -17.31 -8.04 -52.32
N VAL L 91 -17.88 -9.23 -52.50
CA VAL L 91 -18.32 -9.69 -53.81
C VAL L 91 -19.82 -9.43 -53.92
N PRO L 92 -20.30 -8.83 -55.03
CA PRO L 92 -21.75 -8.60 -55.17
C PRO L 92 -22.53 -9.89 -54.92
N GLY L 93 -23.63 -9.76 -54.19
CA GLY L 93 -24.36 -10.92 -53.72
C GLY L 93 -25.39 -11.44 -54.70
N THR L 94 -26.10 -12.46 -54.23
CA THR L 94 -27.18 -13.10 -54.97
C THR L 94 -28.50 -12.42 -54.62
N ARG L 95 -29.23 -11.98 -55.63
CA ARG L 95 -30.51 -11.32 -55.43
C ARG L 95 -31.58 -12.39 -55.31
N LEU L 96 -32.22 -12.47 -54.16
CA LEU L 96 -33.24 -13.48 -53.88
C LEU L 96 -34.62 -12.92 -54.18
N ASP L 97 -35.40 -13.69 -54.95
CA ASP L 97 -36.78 -13.37 -55.27
C ASP L 97 -37.70 -14.36 -54.57
N LEU L 98 -38.94 -13.93 -54.34
CA LEU L 98 -39.88 -14.70 -53.55
C LEU L 98 -41.29 -14.14 -53.67
C1 NAG M . -32.02 31.06 -12.46
C2 NAG M . -33.01 31.08 -13.62
C3 NAG M . -32.27 31.38 -14.91
C4 NAG M . -31.55 32.71 -14.78
C5 NAG M . -30.61 32.65 -13.57
C6 NAG M . -29.92 33.97 -13.29
C7 NAG M . -34.98 29.63 -13.27
C8 NAG M . -35.54 28.25 -13.46
N2 NAG M . -33.72 29.81 -13.72
O3 NAG M . -33.21 31.44 -15.98
O4 NAG M . -30.77 32.94 -15.95
O5 NAG M . -31.36 32.33 -12.39
O6 NAG M . -30.84 35.06 -13.29
O7 NAG M . -35.61 30.52 -12.73
C1 NAG M . -30.89 34.30 -16.40
C2 NAG M . -29.68 34.62 -17.27
C3 NAG M . -29.77 36.04 -17.79
C4 NAG M . -31.08 36.20 -18.57
C5 NAG M . -32.25 35.83 -17.66
C6 NAG M . -33.58 35.87 -18.38
C7 NAG M . -27.49 33.54 -16.87
C8 NAG M . -26.28 33.50 -15.99
N2 NAG M . -28.43 34.43 -16.53
O3 NAG M . -28.66 36.32 -18.63
O4 NAG M . -31.22 37.53 -19.01
O5 NAG M . -32.09 34.50 -17.16
O6 NAG M . -33.65 34.86 -19.39
O7 NAG M . -27.61 32.80 -17.84
C1 NAG N . -20.27 37.88 -8.74
C2 NAG N . -20.95 38.49 -7.51
C3 NAG N . -21.95 39.54 -7.96
C4 NAG N . -21.21 40.60 -8.77
C5 NAG N . -20.51 39.94 -9.95
C6 NAG N . -19.67 40.92 -10.74
C7 NAG N . -20.97 36.79 -5.74
C8 NAG N . -21.78 35.76 -5.01
N2 NAG N . -21.60 37.46 -6.71
O3 NAG N . -22.56 40.13 -6.83
O4 NAG N . -22.15 41.56 -9.26
O5 NAG N . -19.61 38.93 -9.49
O6 NAG N . -18.74 41.61 -9.91
O7 NAG N . -19.80 37.02 -5.45
C1 NAG N . -22.00 42.80 -8.56
C2 NAG N . -22.61 43.89 -9.43
C3 NAG N . -22.51 45.23 -8.71
C4 NAG N . -23.21 45.13 -7.37
C5 NAG N . -22.58 44.01 -6.55
C6 NAG N . -23.28 43.79 -5.23
C7 NAG N . -22.59 43.96 -11.89
C8 NAG N . -21.73 44.02 -13.12
N2 NAG N . -21.94 43.95 -10.73
O3 NAG N . -23.11 46.25 -9.52
O4 NAG N . -23.08 46.36 -6.67
O5 NAG N . -22.67 42.78 -7.28
O6 NAG N . -22.60 42.82 -4.45
O7 NAG N . -23.81 43.92 -11.96
C1 NAG O . -20.51 26.15 9.49
C2 NAG O . -20.09 25.93 10.93
C3 NAG O . -21.31 25.61 11.77
C4 NAG O . -22.29 26.77 11.68
C5 NAG O . -22.65 27.01 10.21
C6 NAG O . -23.54 28.20 10.00
C7 NAG O . -17.98 24.96 11.74
C8 NAG O . -17.09 23.75 11.73
N2 NAG O . -19.11 24.86 11.03
O3 NAG O . -20.93 25.40 13.13
O4 NAG O . -23.47 26.48 12.43
O5 NAG O . -21.46 27.23 9.43
O6 NAG O . -23.32 28.83 8.74
O7 NAG O . -17.67 25.98 12.35
C1 NAG O . -23.94 27.66 13.13
C2 NAG O . -25.45 27.57 13.32
C3 NAG O . -25.95 28.82 14.02
C4 NAG O . -25.23 28.98 15.35
C5 NAG O . -23.71 29.00 15.12
C6 NAG O . -22.92 29.05 16.40
C7 NAG O . -26.76 26.28 11.68
C8 NAG O . -27.40 26.30 10.32
N2 NAG O . -26.13 27.40 12.04
O3 NAG O . -27.35 28.73 14.23
O4 NAG O . -25.63 30.21 15.94
O5 NAG O . -23.30 27.82 14.43
O6 NAG O . -21.53 29.05 16.14
O7 NAG O . -26.81 25.29 12.41
C1 BMA O . -26.25 30.20 17.26
C2 BMA O . -27.36 31.27 17.21
C3 BMA O . -28.01 31.36 18.58
C4 BMA O . -28.57 29.98 18.99
C5 BMA O . -27.44 28.95 18.99
C6 BMA O . -27.92 27.54 19.28
O2 BMA O . -28.38 30.91 16.28
O3 BMA O . -29.05 32.32 18.60
O4 BMA O . -29.15 30.06 20.28
O5 BMA O . -26.82 28.93 17.68
O6 BMA O . -28.27 27.47 20.66
C1 FUC O . -22.70 30.17 8.57
C2 FUC O . -23.38 31.45 9.39
C3 FUC O . -22.94 31.58 10.85
C4 FUC O . -21.40 31.58 10.93
C5 FUC O . -20.81 30.32 10.25
C6 FUC O . -19.31 30.33 10.21
O2 FUC O . -24.79 31.42 9.31
O3 FUC O . -23.40 32.83 11.36
O4 FUC O . -20.89 32.76 10.31
O5 FUC O . -21.23 30.22 8.87
C1 NAG P . -36.68 -24.03 15.93
C2 NAG P . -37.59 -25.21 15.67
C3 NAG P . -38.70 -25.23 16.72
C4 NAG P . -38.08 -25.28 18.12
C5 NAG P . -37.08 -24.14 18.29
C6 NAG P . -36.31 -24.21 19.59
C7 NAG P . -38.31 -26.22 13.55
C8 NAG P . -38.91 -25.96 12.20
N2 NAG P . -38.17 -25.15 14.33
O3 NAG P . -39.53 -26.36 16.52
O4 NAG P . -39.10 -25.12 19.09
O5 NAG P . -36.10 -24.16 17.24
O6 NAG P . -35.72 -25.49 19.77
O7 NAG P . -37.97 -27.35 13.90
C1 NAG P . -39.12 -26.22 20.02
C2 NAG P . -39.74 -25.73 21.33
C3 NAG P . -39.80 -26.88 22.33
C4 NAG P . -40.59 -28.02 21.73
C5 NAG P . -39.94 -28.46 20.42
C6 NAG P . -40.72 -29.54 19.70
C7 NAG P . -39.30 -23.33 21.64
C8 NAG P . -38.42 -22.31 22.29
N2 NAG P . -39.00 -24.61 21.88
O3 NAG P . -40.42 -26.43 23.53
O4 NAG P . -40.63 -29.12 22.63
O5 NAG P . -39.88 -27.33 19.52
O6 NAG P . -39.90 -30.22 18.75
O7 NAG P . -40.24 -23.02 20.92
C1 NAG Q . -32.50 -28.98 8.27
C2 NAG Q . -33.88 -29.49 7.86
C3 NAG Q . -33.77 -30.22 6.53
C4 NAG Q . -33.17 -29.30 5.48
C5 NAG Q . -31.82 -28.78 5.97
C6 NAG Q . -31.21 -27.76 5.05
C7 NAG Q . -35.36 -29.96 9.77
C8 NAG Q . -35.82 -31.00 10.74
N2 NAG Q . -34.44 -30.37 8.88
O3 NAG Q . -35.06 -30.67 6.12
O4 NAG Q . -32.96 -30.03 4.27
O5 NAG Q . -31.99 -28.13 7.24
O6 NAG Q . -29.79 -27.79 5.10
O7 NAG Q . -35.79 -28.82 9.78
C1 NAG Q . -33.64 -29.42 3.15
C2 NAG Q . -32.92 -29.79 1.87
C3 NAG Q . -33.65 -29.18 0.68
C4 NAG Q . -35.09 -29.66 0.66
C5 NAG Q . -35.76 -29.28 1.99
C6 NAG Q . -37.17 -29.79 2.10
C7 NAG Q . -30.49 -30.15 1.67
C8 NAG Q . -29.14 -29.50 1.73
N2 NAG Q . -31.54 -29.34 1.89
O3 NAG Q . -33.01 -29.57 -0.53
O4 NAG Q . -35.80 -29.05 -0.41
O5 NAG Q . -35.02 -29.85 3.08
O6 NAG Q . -37.23 -31.21 2.00
O7 NAG Q . -30.63 -31.35 1.44
C1 NAG R . -34.65 -3.25 -4.66
C2 NAG R . -33.97 -1.88 -4.82
C3 NAG R . -34.61 -1.10 -5.97
C4 NAG R . -34.56 -1.92 -7.25
C5 NAG R . -35.22 -3.28 -7.01
C6 NAG R . -35.11 -4.22 -8.20
C7 NAG R . -33.25 -0.09 -3.30
C8 NAG R . -33.49 0.61 -2.00
N2 NAG R . -34.06 -1.12 -3.58
O3 NAG R . -33.91 0.13 -6.16
O4 NAG R . -35.26 -1.22 -8.28
O5 NAG R . -34.60 -3.95 -5.91
O6 NAG R . -33.83 -4.14 -8.81
O7 NAG R . -32.37 0.28 -4.08
C1 NAG R . -34.56 -1.31 -9.55
C2 NAG R . -35.42 -0.64 -10.63
C3 NAG R . -34.70 -0.72 -11.98
C4 NAG R . -33.31 -0.09 -11.86
C5 NAG R . -32.53 -0.75 -10.74
C6 NAG R . -31.20 -0.08 -10.49
C7 NAG R . -36.95 -2.54 -11.01
C8 NAG R . -38.38 -2.97 -11.04
N2 NAG R . -36.74 -1.25 -10.72
O3 NAG R . -35.47 -0.02 -12.95
O4 NAG R . -32.61 -0.28 -13.07
O5 NAG R . -33.26 -0.68 -9.50
O6 NAG R . -31.32 1.33 -10.41
O7 NAG R . -36.03 -3.32 -11.22
C1 BMA R . -32.41 0.95 -13.78
C2 BMA R . -31.15 0.78 -14.62
C3 BMA R . -30.93 2.02 -15.45
C4 BMA R . -32.15 2.31 -16.31
C5 BMA R . -33.40 2.43 -15.40
C6 BMA R . -34.69 2.58 -16.20
O2 BMA R . -31.29 -0.31 -15.51
O3 BMA R . -29.83 1.86 -16.33
O4 BMA R . -31.97 3.52 -17.01
O5 BMA R . -33.53 1.23 -14.60
O6 BMA R . -34.44 2.19 -17.54
C1 MAN R . -28.60 2.17 -15.66
C2 MAN R . -27.69 2.88 -16.66
C3 MAN R . -27.40 1.93 -17.81
C4 MAN R . -26.74 0.66 -17.25
C5 MAN R . -27.69 0.02 -16.21
C6 MAN R . -27.08 -1.19 -15.52
O2 MAN R . -26.44 3.21 -16.10
O3 MAN R . -26.53 2.53 -18.76
O4 MAN R . -26.50 -0.25 -18.30
O5 MAN R . -27.98 1.00 -15.18
O6 MAN R . -25.68 -1.24 -15.77
C1 MAN R . -26.27 4.64 -16.10
C2 MAN R . -24.85 4.93 -16.60
C3 MAN R . -23.85 4.33 -15.63
C4 MAN R . -24.09 4.91 -14.22
C5 MAN R . -25.54 4.61 -13.82
C6 MAN R . -25.91 5.22 -12.48
O2 MAN R . -24.58 6.34 -16.63
O3 MAN R . -22.51 4.58 -16.02
O4 MAN R . -23.22 4.29 -13.29
O5 MAN R . -26.45 5.17 -14.80
O6 MAN R . -25.25 4.48 -11.46
C1 MAN R . -24.97 6.85 -17.91
C2 MAN R . -23.87 7.83 -18.37
C3 MAN R . -23.84 9.02 -17.42
C4 MAN R . -25.22 9.68 -17.34
C5 MAN R . -26.27 8.62 -16.92
C6 MAN R . -27.70 9.15 -16.92
O2 MAN R . -24.14 8.37 -19.67
O3 MAN R . -22.87 9.98 -17.81
O4 MAN R . -25.21 10.74 -16.39
O5 MAN R . -26.23 7.51 -17.84
O6 MAN R . -27.75 10.41 -17.61
C1 MAN R . -35.52 2.50 -18.42
C2 MAN R . -35.86 1.21 -19.15
C3 MAN R . -34.64 0.75 -19.96
C4 MAN R . -34.23 1.86 -20.93
C5 MAN R . -33.94 3.15 -20.13
C6 MAN R . -33.63 4.34 -21.02
O2 MAN R . -36.92 1.39 -20.10
O3 MAN R . -34.89 -0.44 -20.68
O4 MAN R . -33.05 1.48 -21.61
O5 MAN R . -35.13 3.49 -19.34
O6 MAN R . -32.90 5.29 -20.24
C1 MAN R . -33.90 -1.43 -20.30
C2 MAN R . -33.99 -2.59 -21.31
C3 MAN R . -35.33 -3.30 -21.16
C4 MAN R . -35.53 -3.76 -19.71
C5 MAN R . -35.40 -2.55 -18.76
C6 MAN R . -35.44 -2.96 -17.30
O2 MAN R . -32.99 -3.58 -21.02
O3 MAN R . -35.42 -4.42 -22.02
O4 MAN R . -36.82 -4.31 -19.56
O5 MAN R . -34.13 -1.89 -18.98
O6 MAN R . -36.69 -3.58 -17.05
C1 MAN R . -33.22 6.62 -20.71
C2 MAN R . -31.97 7.51 -20.52
C3 MAN R . -31.69 7.68 -19.04
C4 MAN R . -32.93 8.23 -18.32
C5 MAN R . -34.14 7.31 -18.59
C6 MAN R . -35.43 7.87 -18.02
O2 MAN R . -32.18 8.83 -21.03
O3 MAN R . -30.60 8.57 -18.82
O4 MAN R . -32.69 8.28 -16.93
O5 MAN R . -34.34 7.15 -20.02
O6 MAN R . -36.51 7.13 -18.55
C1 NAG S . -49.70 6.91 -6.88
C2 NAG S . -49.59 6.91 -8.40
C3 NAG S . -50.27 8.15 -8.96
C4 NAG S . -51.71 8.18 -8.50
C5 NAG S . -51.76 8.14 -6.98
C6 NAG S . -53.17 8.09 -6.43
C7 NAG S . -47.58 5.74 -9.20
C8 NAG S . -46.14 5.88 -9.59
N2 NAG S . -48.20 6.87 -8.82
O3 NAG S . -50.21 8.13 -10.38
O4 NAG S . -52.35 9.37 -8.96
O5 NAG S . -51.09 6.97 -6.49
O6 NAG S . -53.41 9.13 -5.49
O7 NAG S . -48.14 4.65 -9.21
C1 NAG S . -53.30 9.02 -9.98
C2 NAG S . -54.30 10.17 -10.13
C3 NAG S . -55.30 9.84 -11.23
C4 NAG S . -54.56 9.59 -12.53
C5 NAG S . -53.56 8.45 -12.32
C6 NAG S . -52.71 8.18 -13.54
C7 NAG S . -54.47 11.21 -7.91
C8 NAG S . -55.31 11.36 -6.68
N2 NAG S . -54.99 10.42 -8.87
O3 NAG S . -56.20 10.93 -11.39
O4 NAG S . -55.47 9.23 -13.55
O5 NAG S . -52.65 8.78 -11.25
O6 NAG S . -51.69 7.22 -13.27
O7 NAG S . -53.39 11.76 -8.04
C1 NAG T . -45.32 14.33 8.16
C2 NAG T . -44.66 15.41 9.00
C3 NAG T . -45.51 15.70 10.23
C4 NAG T . -46.91 16.11 9.79
C5 NAG T . -47.50 15.00 8.90
C6 NAG T . -48.85 15.35 8.33
C7 NAG T . -42.20 15.47 8.82
C8 NAG T . -40.91 14.92 9.36
N2 NAG T . -43.32 15.00 9.39
O3 NAG T . -44.91 16.74 10.98
O4 NAG T . -47.72 16.25 10.96
O5 NAG T . -46.64 14.77 7.78
O6 NAG T . -49.23 14.44 7.30
O7 NAG T . -42.23 16.28 7.91
C1 NAG T . -48.78 17.25 10.95
C2 NAG T . -48.52 18.15 12.15
C3 NAG T . -49.63 19.18 12.27
C4 NAG T . -49.71 19.98 10.99
C5 NAG T . -49.93 19.04 9.80
C6 NAG T . -49.94 19.76 8.47
C7 NAG T . -47.59 17.68 14.39
C8 NAG T . -47.62 16.76 15.57
N2 NAG T . -48.41 17.37 13.37
O3 NAG T . -49.37 20.04 13.37
O4 NAG T . -50.79 20.91 11.06
O5 NAG T . -48.87 18.08 9.75
O6 NAG T . -50.19 18.86 7.40
O7 NAG T . -46.88 18.68 14.35
C1 NAG U . -33.76 -10.65 29.51
C2 NAG U . -33.44 -12.10 29.13
C3 NAG U . -33.64 -13.02 30.33
C4 NAG U . -32.85 -12.49 31.52
C5 NAG U . -33.33 -11.08 31.83
C6 NAG U . -32.60 -10.44 32.99
C7 NAG U . -33.73 -12.59 26.76
C8 NAG U . -34.70 -12.93 25.67
N2 NAG U . -34.23 -12.55 28.00
O3 NAG U . -33.25 -14.34 29.97
O4 NAG U . -33.05 -13.32 32.66
O5 NAG U . -33.10 -10.23 30.70
O6 NAG U . -32.90 -9.06 33.09
O7 NAG U . -32.55 -12.33 26.53
C1 NAG U . -31.90 -14.16 32.86
C2 NAG U . -31.79 -14.40 34.37
C3 NAG U . -31.14 -15.74 34.70
C4 NAG U . -31.65 -16.81 33.76
C5 NAG U . -31.23 -16.44 32.34
C6 NAG U . -31.53 -17.50 31.32
C7 NAG U . -31.66 -12.37 35.74
C8 NAG U . -30.76 -11.34 36.34
N2 NAG U . -31.07 -13.32 35.01
O3 NAG U . -31.40 -16.06 36.06
O4 NAG U . -31.12 -18.10 34.10
O5 NAG U . -31.99 -15.27 31.96
O6 NAG U . -32.90 -17.89 31.38
O7 NAG U . -32.87 -12.35 35.92
C1 BMA U . -32.15 -18.92 34.71
C2 BMA U . -31.77 -20.45 34.67
C3 BMA U . -32.90 -21.24 35.30
C4 BMA U . -33.25 -20.73 36.68
C5 BMA U . -33.53 -19.20 36.68
C6 BMA U . -33.68 -18.66 38.11
O2 BMA U . -30.61 -20.70 35.46
O3 BMA U . -32.52 -22.60 35.44
O4 BMA U . -34.41 -21.41 37.13
O5 BMA U . -32.47 -18.48 36.06
O6 BMA U . -32.42 -18.06 38.62
C1 MAN U . -31.31 -19.00 38.73
C2 MAN U . -31.58 -20.06 39.86
C3 MAN U . -31.58 -19.38 41.21
C4 MAN U . -30.23 -18.67 41.40
C5 MAN U . -30.00 -17.64 40.25
C6 MAN U . -28.63 -16.97 40.30
O2 MAN U . -30.53 -21.03 39.90
O3 MAN U . -31.79 -20.30 42.27
O4 MAN U . -30.24 -17.97 42.63
O5 MAN U . -30.07 -18.33 38.99
O6 MAN U . -27.80 -17.73 41.23
C1 MAN U . -33.04 -19.91 42.90
C2 MAN U . -33.11 -20.59 44.28
C3 MAN U . -33.23 -22.10 44.10
C4 MAN U . -34.41 -22.43 43.19
C5 MAN U . -34.30 -21.68 41.83
C6 MAN U . -35.52 -21.85 40.95
O2 MAN U . -34.28 -20.19 45.00
O3 MAN U . -33.39 -22.75 45.34
O4 MAN U . -34.45 -23.82 42.94
O5 MAN U . -34.14 -20.27 42.08
O6 MAN U . -36.70 -21.67 41.74
C1 MAN U . -26.36 -17.92 41.06
C2 MAN U . -25.74 -17.66 39.62
C3 MAN U . -26.19 -18.72 38.61
C4 MAN U . -25.90 -20.12 39.13
C5 MAN U . -26.49 -20.34 40.55
C6 MAN U . -26.08 -21.66 41.15
O2 MAN U . -24.32 -17.75 39.65
O3 MAN U . -25.52 -18.53 37.37
O4 MAN U . -26.49 -21.07 38.25
O5 MAN U . -26.06 -19.29 41.47
O6 MAN U . -26.61 -21.73 42.47
C1 MAN U . -32.86 -23.36 34.28
C2 MAN U . -33.25 -24.77 34.76
C3 MAN U . -32.05 -25.41 35.42
C4 MAN U . -30.87 -25.45 34.43
C5 MAN U . -30.57 -24.01 33.96
C6 MAN U . -29.50 -23.97 32.90
O2 MAN U . -33.62 -25.62 33.68
O3 MAN U . -32.34 -26.74 35.84
O4 MAN U . -29.72 -25.97 35.07
O5 MAN U . -31.77 -23.44 33.39
O6 MAN U . -29.52 -22.68 32.29
C1 NAG V . -1.21 42.09 19.29
C2 NAG V . -1.79 42.59 20.61
C3 NAG V . -3.30 42.63 20.50
C4 NAG V . -3.70 43.54 19.34
C5 NAG V . -3.04 43.03 18.06
C6 NAG V . -3.30 43.93 16.87
C7 NAG V . -0.40 42.04 22.57
C8 NAG V . -0.12 41.03 23.64
N2 NAG V . -1.38 41.73 21.71
O3 NAG V . -3.84 43.13 21.72
O4 NAG V . -5.12 43.49 19.18
O5 NAG V . -1.61 42.98 18.23
O6 NAG V . -3.04 45.30 17.19
O7 NAG V . 0.24 43.08 22.48
C1 NAG V . -5.66 44.81 18.96
C2 NAG V . -7.02 44.65 18.28
C3 NAG V . -7.63 46.02 18.05
C4 NAG V . -7.76 46.74 19.39
C5 NAG V . -6.39 46.84 20.04
C6 NAG V . -6.43 47.46 21.42
C7 NAG V . -7.48 42.76 16.77
C8 NAG V . -7.23 42.18 15.41
N2 NAG V . -6.89 43.93 17.02
O3 NAG V . -8.91 45.87 17.45
O4 NAG V . -8.28 48.04 19.20
O5 NAG V . -5.82 45.53 20.20
O6 NAG V . -7.14 46.62 22.33
O7 NAG V . -8.17 42.18 17.60
C1 NAG W . -4.14 43.30 5.56
C2 NAG W . -2.85 44.05 5.30
C3 NAG W . -2.95 45.45 5.90
C4 NAG W . -4.14 46.16 5.27
C5 NAG W . -5.40 45.34 5.52
C6 NAG W . -6.62 45.93 4.84
C7 NAG W . -1.02 42.42 5.14
C8 NAG W . 0.14 41.76 5.85
N2 NAG W . -1.69 43.33 5.84
O3 NAG W . -1.75 46.17 5.63
O4 NAG W . -4.29 47.44 5.88
O5 NAG W . -5.25 44.02 4.98
O6 NAG W . -6.39 46.13 3.45
O7 NAG W . -1.33 42.12 3.99
C1 NAG W . -3.92 48.47 4.96
C2 NAG W . -4.58 49.76 5.42
C3 NAG W . -4.19 50.90 4.49
C4 NAG W . -2.67 51.02 4.46
C5 NAG W . -2.06 49.70 4.01
C6 NAG W . -0.56 49.70 4.04
C7 NAG W . -6.77 49.96 6.53
C8 NAG W . -8.25 49.73 6.39
N2 NAG W . -6.03 49.62 5.47
O3 NAG W . -4.76 52.12 4.94
O4 NAG W . -2.28 52.04 3.55
O5 NAG W . -2.49 48.65 4.90
O6 NAG W . -0.03 48.49 3.51
O7 NAG W . -6.28 50.43 7.54
C1 NAG X . 13.77 31.65 1.81
C2 NAG X . 14.88 31.20 0.89
C3 NAG X . 16.21 31.35 1.60
C4 NAG X . 16.40 32.82 1.97
C5 NAG X . 15.23 33.27 2.85
C6 NAG X . 15.27 34.73 3.19
C7 NAG X . 14.79 29.40 -0.80
C8 NAG X . 14.56 27.94 -1.03
N2 NAG X . 14.68 29.82 0.47
O3 NAG X . 17.27 30.93 0.73
O4 NAG X . 17.62 33.00 2.67
O5 NAG X . 13.98 33.03 2.17
O6 NAG X . 13.97 35.29 3.36
O7 NAG X . 15.05 30.17 -1.71
C1 NAG X . 18.29 34.22 2.26
C2 NAG X . 19.14 34.74 3.42
C3 NAG X . 19.81 36.04 3.00
C4 NAG X . 20.63 35.82 1.75
C5 NAG X . 19.76 35.24 0.64
C6 NAG X . 20.52 34.88 -0.61
C7 NAG X . 18.46 34.20 5.72
C8 NAG X . 17.55 34.56 6.86
N2 NAG X . 18.34 34.94 4.61
O3 NAG X . 20.63 36.52 4.05
O4 NAG X . 21.16 37.07 1.31
O5 NAG X . 19.13 34.03 1.10
O6 NAG X . 19.68 34.33 -1.59
O7 NAG X . 19.27 33.28 5.81
C1 BMA X . 22.60 37.24 1.20
C2 BMA X . 22.90 38.67 1.69
C3 BMA X . 24.39 38.94 1.55
C4 BMA X . 25.19 37.89 2.32
C5 BMA X . 24.84 36.48 1.82
C6 BMA X . 25.52 35.38 2.62
O2 BMA X . 22.58 38.82 3.08
O3 BMA X . 24.73 40.24 2.00
O4 BMA X . 26.59 38.13 2.16
O5 BMA X . 23.41 36.29 1.95
O6 BMA X . 26.90 35.38 2.28
C1 FUC X . 13.35 36.27 2.43
C2 FUC X . 14.18 37.65 2.09
C3 FUC X . 15.26 37.51 1.01
C4 FUC X . 14.65 36.88 -0.25
C5 FUC X . 13.97 35.53 0.09
C6 FUC X . 13.26 34.93 -1.10
O2 FUC X . 14.75 38.22 3.26
O3 FUC X . 15.73 38.81 0.66
O4 FUC X . 13.71 37.78 -0.82
O5 FUC X . 12.95 35.69 1.11
C1 NAG Y . 33.89 -7.82 31.10
C2 NAG Y . 34.25 -8.51 32.40
C3 NAG Y . 35.67 -8.14 32.79
C4 NAG Y . 36.63 -8.52 31.68
C5 NAG Y . 36.17 -7.90 30.36
C6 NAG Y . 36.99 -8.34 29.17
C7 NAG Y . 32.82 -9.02 34.34
C8 NAG Y . 31.86 -8.45 35.35
N2 NAG Y . 33.31 -8.14 33.45
O3 NAG Y . 36.01 -8.81 34.00
O4 NAG Y . 37.92 -8.01 31.98
O5 NAG Y . 34.80 -8.25 30.07
O6 NAG Y . 37.06 -9.76 29.11
O7 NAG Y . 33.14 -10.20 34.35
C1 NAG Y . 38.91 -9.05 31.98
C2 NAG Y . 40.27 -8.43 31.69
C3 NAG Y . 41.35 -9.50 31.71
C4 NAG Y . 41.33 -10.19 33.07
C5 NAG Y . 39.94 -10.78 33.32
C6 NAG Y . 39.82 -11.41 34.68
C7 NAG Y . 40.00 -6.44 30.26
C8 NAG Y . 40.03 -5.91 28.85
N2 NAG Y . 40.27 -7.75 30.40
O3 NAG Y . 42.62 -8.91 31.47
O4 NAG Y . 42.30 -11.24 33.09
O5 NAG Y . 38.96 -9.73 33.25
O6 NAG Y . 38.72 -12.31 34.74
O7 NAG Y . 39.73 -5.73 31.22
C1 NAG Z . 25.97 -13.59 33.24
C2 NAG Z . 26.30 -13.47 34.73
C3 NAG Z . 25.18 -14.11 35.54
C4 NAG Z . 23.86 -13.45 35.20
C5 NAG Z . 23.61 -13.56 33.69
C6 NAG Z . 22.37 -12.83 33.24
C7 NAG Z . 28.71 -13.41 35.21
C8 NAG Z . 29.93 -14.22 35.53
N2 NAG Z . 27.57 -14.10 35.04
O3 NAG Z . 25.45 -13.96 36.93
O4 NAG Z . 22.80 -14.13 35.87
O5 NAG Z . 24.72 -12.97 32.98
O6 NAG Z . 21.79 -13.44 32.09
O7 NAG Z . 28.76 -12.19 35.11
C1 NAG Z . 22.04 -13.23 36.70
C2 NAG Z . 20.61 -13.79 36.87
C3 NAG Z . 19.81 -12.87 37.77
C4 NAG Z . 20.51 -12.72 39.10
C5 NAG Z . 21.92 -12.17 38.87
C6 NAG Z . 22.73 -12.07 40.14
C7 NAG Z . 19.41 -15.10 35.17
C8 NAG Z . 18.78 -15.07 33.81
N2 NAG Z . 19.96 -13.95 35.58
O3 NAG Z . 18.51 -13.42 37.97
O4 NAG Z . 19.79 -11.81 39.94
O5 NAG Z . 22.64 -13.06 37.99
O6 NAG Z . 22.86 -13.34 40.78
O7 NAG Z . 19.44 -16.13 35.84
C1 NAG AA . 11.80 11.47 31.02
C2 NAG AA . 11.17 12.45 30.02
C3 NAG AA . 10.31 13.48 30.76
C4 NAG AA . 9.28 12.79 31.64
C5 NAG AA . 9.98 11.80 32.58
C6 NAG AA . 9.02 10.97 33.40
C7 NAG AA . 11.92 13.70 28.05
C8 NAG AA . 13.08 14.35 27.36
N2 NAG AA . 12.18 13.11 29.22
O3 NAG AA . 9.66 14.33 29.83
O4 NAG AA . 8.58 13.77 32.40
O5 NAG AA . 10.78 10.88 31.82
O6 NAG AA . 7.89 10.56 32.64
O7 NAG AA . 10.79 13.72 27.57
C1 NAG AA . 7.16 13.48 32.47
C2 NAG AA . 6.49 14.50 33.39
C3 NAG AA . 4.99 14.21 33.48
C4 NAG AA . 4.39 14.22 32.08
C5 NAG AA . 5.12 13.23 31.19
C6 NAG AA . 4.65 13.27 29.75
C7 NAG AA . 7.13 13.42 35.53
C8 NAG AA . 7.79 13.61 36.85
N2 NAG AA . 7.09 14.49 34.72
O3 NAG AA . 4.38 15.22 34.27
O4 NAG AA . 3.03 13.82 32.15
O5 NAG AA . 6.53 13.51 31.17
O6 NAG AA . 4.58 14.61 29.28
O7 NAG AA . 6.63 12.34 35.19
C1 BMA AA . 2.15 14.91 31.85
C2 BMA AA . 0.87 14.28 31.30
C3 BMA AA . -0.16 15.37 31.04
C4 BMA AA . -0.40 16.18 32.29
C5 BMA AA . 0.94 16.75 32.82
C6 BMA AA . 0.79 17.46 34.17
O2 BMA AA . 0.29 13.40 32.25
O3 BMA AA . -1.40 14.82 30.63
O4 BMA AA . -1.27 17.25 32.01
O5 BMA AA . 1.88 15.67 33.01
O6 BMA AA . -0.46 17.08 34.73
C1 MAN AA . -1.39 14.56 29.22
C2 MAN AA . -2.79 14.89 28.68
C3 MAN AA . -3.80 13.98 29.35
C4 MAN AA . -3.42 12.52 29.06
C5 MAN AA . -1.98 12.27 29.58
C6 MAN AA . -1.46 10.87 29.25
O2 MAN AA . -2.89 14.66 27.29
O3 MAN AA . -5.11 14.22 28.88
O4 MAN AA . -4.32 11.65 29.71
O5 MAN AA . -1.08 13.22 28.96
O6 MAN AA . -2.30 10.27 28.26
C1 MAN AA . -3.18 15.88 26.61
C2 MAN AA . -4.29 15.60 25.60
C3 MAN AA . -3.80 14.59 24.59
C4 MAN AA . -2.53 15.13 23.91
C5 MAN AA . -1.48 15.44 24.99
C6 MAN AA . -0.22 16.06 24.42
O2 MAN AA . -4.64 16.78 24.86
O3 MAN AA . -4.78 14.29 23.61
O4 MAN AA . -2.01 14.16 23.01
O5 MAN AA . -2.03 16.37 25.95
O6 MAN AA . 0.49 15.05 23.72
C1 MAN AA . -5.68 17.48 25.57
C2 MAN AA . -6.71 17.95 24.52
C3 MAN AA . -6.06 18.96 23.59
C4 MAN AA . -5.47 20.12 24.41
C5 MAN AA . -4.47 19.56 25.46
C6 MAN AA . -3.92 20.63 26.40
O2 MAN AA . -7.82 18.62 25.13
O3 MAN AA . -6.98 19.46 22.64
O4 MAN AA . -4.79 21.03 23.55
O5 MAN AA . -5.14 18.58 26.28
O6 MAN AA . -4.68 21.84 26.27
C1 MAN AA . -0.80 17.85 35.88
C2 MAN AA . -1.10 16.85 36.99
C3 MAN AA . -2.29 15.99 36.57
C4 MAN AA . -3.50 16.89 36.27
C5 MAN AA . -3.10 17.90 35.17
C6 MAN AA . -4.20 18.90 34.88
O2 MAN AA . -1.49 17.50 38.20
O3 MAN AA . -2.64 15.05 37.58
O4 MAN AA . -4.57 16.10 35.79
O5 MAN AA . -1.93 18.65 35.61
O6 MAN AA . -3.97 19.43 33.57
C1 MAN AA . -2.61 13.72 36.99
C2 MAN AA . -3.29 12.75 37.97
C3 MAN AA . -2.47 12.65 39.25
C4 MAN AA . -1.03 12.23 38.91
C5 MAN AA . -0.42 13.22 37.90
C6 MAN AA . 0.94 12.78 37.41
O2 MAN AA . -3.35 11.43 37.43
O3 MAN AA . -3.02 11.72 40.15
O4 MAN AA . -0.24 12.25 40.09
O5 MAN AA . -1.28 13.31 36.74
O6 MAN AA . 1.82 12.72 38.54
C1 MAN AA . -4.44 20.80 33.53
C2 MAN AA . -4.95 21.08 32.10
C3 MAN AA . -3.80 21.04 31.12
C4 MAN AA . -2.69 22.01 31.57
C5 MAN AA . -2.25 21.68 33.01
C6 MAN AA . -1.26 22.68 33.55
O2 MAN AA . -5.50 22.40 31.99
O3 MAN AA . -4.21 21.39 29.81
O4 MAN AA . -1.57 21.88 30.71
O5 MAN AA . -3.41 21.70 33.89
O6 MAN AA . -1.14 22.48 34.95
C1 NAG BA . 15.09 27.00 40.11
C2 NAG BA . 13.69 27.04 40.72
C3 NAG BA . 13.32 28.48 41.05
C4 NAG BA . 14.38 29.07 41.98
C5 NAG BA . 15.75 28.97 41.32
C6 NAG BA . 16.86 29.46 42.21
C7 NAG BA . 12.27 25.20 39.95
C8 NAG BA . 11.25 24.76 38.93
N2 NAG BA . 12.71 26.46 39.83
O3 NAG BA . 12.04 28.52 41.67
O4 NAG BA . 14.08 30.44 42.23
O5 NAG BA . 16.03 27.60 41.01
O6 NAG BA . 17.65 30.45 41.55
O7 NAG BA . 12.67 24.44 40.83
C1 NAG BA . 13.65 30.57 43.60
C2 NAG BA . 13.80 32.03 44.02
C3 NAG BA . 13.33 32.21 45.45
C4 NAG BA . 11.88 31.75 45.56
C5 NAG BA . 11.77 30.28 45.11
C6 NAG BA . 10.36 29.77 45.10
C7 NAG BA . 15.68 32.92 42.73
C8 NAG BA . 17.13 33.33 42.76
N2 NAG BA . 15.18 32.47 43.89
O3 NAG BA . 13.43 33.58 45.83
O4 NAG BA . 11.43 31.85 46.91
O5 NAG BA . 12.27 30.16 43.77
O6 NAG BA . 10.29 28.46 44.55
O7 NAG BA . 15.02 32.99 41.71
C1 NAG CA . 25.35 31.10 26.76
C2 NAG CA . 25.64 31.77 25.42
C3 NAG CA . 27.06 32.30 25.42
C4 NAG CA . 27.25 33.27 26.58
C5 NAG CA . 26.88 32.56 27.88
C6 NAG CA . 26.93 33.46 29.09
C7 NAG CA . 24.38 30.83 23.53
C8 NAG CA . 24.36 29.77 22.46
N2 NAG CA . 25.44 30.82 24.32
O3 NAG CA . 27.31 32.96 24.19
O4 NAG CA . 28.61 33.67 26.62
O5 NAG CA . 25.54 32.06 27.80
O6 NAG CA . 26.31 32.85 30.22
O7 NAG CA . 23.47 31.63 23.66
C1 NAG CA . 28.93 35.01 27.08
C2 NAG CA . 29.76 35.66 25.97
C3 NAG CA . 30.21 37.04 26.39
C4 NAG CA . 28.99 37.88 26.76
C5 NAG CA . 28.18 37.18 27.84
C6 NAG CA . 26.89 37.91 28.18
C7 NAG CA . 31.39 34.73 24.38
C8 NAG CA . 32.56 33.83 24.21
N2 NAG CA . 30.90 34.83 25.62
O3 NAG CA . 30.93 37.66 25.34
O4 NAG CA . 29.40 39.16 27.22
O5 NAG CA . 27.80 35.87 27.39
O6 NAG CA . 26.20 37.26 29.24
O7 NAG CA . 30.88 35.34 23.43
C1 NAG DA . 42.66 2.39 17.28
C2 NAG DA . 42.39 0.96 17.76
C3 NAG DA . 43.67 0.14 17.72
C4 NAG DA . 44.29 0.23 16.34
C5 NAG DA . 44.58 1.69 16.02
C6 NAG DA . 45.19 1.91 14.65
C7 NAG DA . 40.49 0.78 19.29
C8 NAG DA . 40.02 0.93 20.70
N2 NAG DA . 41.80 0.94 19.09
O3 NAG DA . 43.37 -1.20 18.09
O4 NAG DA . 45.50 -0.51 16.28
O5 NAG DA . 43.35 2.43 16.04
O6 NAG DA . 45.21 3.29 14.32
O7 NAG DA . 39.73 0.54 18.35
C1 NAG DA . 45.30 -1.76 15.60
C2 NAG DA . 46.62 -2.11 14.90
C3 NAG DA . 46.80 -3.61 14.75
C4 NAG DA . 46.35 -4.32 16.02
C5 NAG DA . 44.87 -4.07 16.19
C6 NAG DA . 44.26 -4.86 17.32
C7 NAG DA . 47.48 -0.39 13.37
C8 NAG DA . 47.45 0.14 11.98
N2 NAG DA . 46.71 -1.46 13.61
O3 NAG DA . 48.17 -3.87 14.45
O4 NAG DA . 46.61 -5.73 15.92
O5 NAG DA . 44.71 -2.68 16.52
O6 NAG DA . 44.98 -4.66 18.53
O7 NAG DA . 48.17 0.12 14.26
C1 BMA DA . 47.72 -6.10 16.78
C2 BMA DA . 47.74 -7.65 17.08
C3 BMA DA . 48.91 -7.94 18.00
C4 BMA DA . 50.22 -7.42 17.44
C5 BMA DA . 50.12 -5.91 17.07
C6 BMA DA . 51.38 -5.43 16.31
O2 BMA DA . 47.96 -8.39 15.89
O3 BMA DA . 49.07 -9.34 18.16
O4 BMA DA . 51.23 -7.58 18.42
O5 BMA DA . 49.00 -5.65 16.24
O6 BMA DA . 51.18 -5.43 14.85
C1 MAN DA . 50.91 -6.75 14.27
C2 MAN DA . 52.18 -7.67 14.38
C3 MAN DA . 53.28 -7.13 13.48
C4 MAN DA . 52.74 -7.04 12.05
C5 MAN DA . 51.48 -6.13 11.99
C6 MAN DA . 50.82 -6.08 10.62
O2 MAN DA . 51.89 -8.98 13.89
O3 MAN DA . 54.45 -7.94 13.51
O4 MAN DA . 53.74 -6.47 11.21
O5 MAN DA . 50.50 -6.66 12.90
O6 MAN DA . 51.37 -7.17 9.83
C1 MAN DA . 55.50 -7.11 14.06
C2 MAN DA . 56.85 -7.78 13.75
C3 MAN DA . 56.96 -9.10 14.49
C4 MAN DA . 56.73 -8.86 15.99
C5 MAN DA . 55.37 -8.14 16.23
C6 MAN DA . 55.17 -7.75 17.69
O2 MAN DA . 57.95 -6.98 14.19
O3 MAN DA . 58.22 -9.69 14.30
O4 MAN DA . 56.73 -10.10 16.68
O5 MAN DA . 55.31 -6.94 15.46
O6 MAN DA . 56.35 -7.15 18.19
C1 MAN DA . 50.61 -7.92 8.82
C2 MAN DA . 49.02 -7.85 8.91
C3 MAN DA . 48.49 -8.58 10.13
C4 MAN DA . 49.02 -9.99 10.21
C5 MAN DA . 50.56 -10.04 10.11
C6 MAN DA . 51.10 -11.44 10.02
O2 MAN DA . 48.43 -8.52 7.79
O3 MAN DA . 47.06 -8.61 10.11
O4 MAN DA . 48.64 -10.57 11.45
O5 MAN DA . 51.02 -9.31 8.93
O6 MAN DA . 52.51 -11.37 9.84
C1 MAN DA . 48.30 -9.82 19.27
C2 MAN DA . 49.10 -10.98 19.90
C3 MAN DA . 49.23 -12.09 18.88
C4 MAN DA . 47.86 -12.55 18.41
C5 MAN DA . 47.09 -11.34 17.84
C6 MAN DA . 45.67 -11.68 17.46
O2 MAN DA . 48.44 -11.54 21.02
O3 MAN DA . 49.94 -13.21 19.42
O4 MAN DA . 47.99 -13.53 17.40
O5 MAN DA . 47.04 -10.29 18.84
O6 MAN DA . 44.96 -10.46 17.26
C1 NAG EA . 11.51 37.72 -24.29
C2 NAG EA . 12.86 38.33 -24.63
C3 NAG EA . 13.44 39.00 -23.39
C4 NAG EA . 12.46 40.06 -22.89
C5 NAG EA . 11.11 39.40 -22.61
C6 NAG EA . 10.04 40.39 -22.21
C7 NAG EA . 14.06 37.16 -26.43
C8 NAG EA . 15.03 36.06 -26.77
N2 NAG EA . 13.78 37.32 -25.13
O3 NAG EA . 14.69 39.61 -23.72
O4 NAG EA . 12.95 40.60 -21.66
O5 NAG EA . 10.63 38.76 -23.81
O6 NAG EA . 10.01 41.51 -23.09
O7 NAG EA . 13.54 37.85 -27.30
C1 NAG EA . 12.82 42.03 -21.63
C2 NAG EA . 12.84 42.49 -20.17
C3 NAG EA . 12.73 44.00 -20.11
C4 NAG EA . 13.85 44.63 -20.91
C5 NAG EA . 13.80 44.11 -22.35
C6 NAG EA . 14.95 44.62 -23.19
C7 NAG EA . 11.99 41.03 -18.38
C8 NAG EA . 10.76 40.49 -17.71
N2 NAG EA . 11.77 41.85 -19.41
O3 NAG EA . 12.79 44.42 -18.76
O4 NAG EA . 13.73 46.04 -20.91
O5 NAG EA . 13.88 42.68 -22.36
O6 NAG EA . 16.19 44.10 -22.72
O7 NAG EA . 13.11 40.75 -17.99
C1 NAG FA . 0.53 40.81 -16.04
C2 NAG FA . -0.40 40.99 -17.23
C3 NAG FA . -0.03 42.26 -17.97
C4 NAG FA . -0.15 43.43 -17.01
C5 NAG FA . 0.75 43.19 -15.79
C6 NAG FA . 0.61 44.26 -14.75
C7 NAG FA . -1.11 38.76 -17.98
C8 NAG FA . -0.92 37.65 -18.97
N2 NAG FA . -0.33 39.83 -18.12
O3 NAG FA . -0.89 42.44 -19.08
O4 NAG FA . 0.27 44.63 -17.66
O5 NAG FA . 0.40 41.95 -15.16
O6 NAG FA . -0.74 44.43 -14.35
O7 NAG FA . -1.96 38.68 -17.08
C1 NAG FA . -0.86 45.47 -17.93
C2 NAG FA . -0.35 46.89 -18.12
C3 NAG FA . -1.50 47.82 -18.43
C4 NAG FA . -2.23 47.31 -19.67
C5 NAG FA . -2.70 45.88 -19.44
C6 NAG FA . -3.35 45.26 -20.66
C7 NAG FA . 1.58 47.90 -16.95
C8 NAG FA . 2.15 48.30 -15.63
N2 NAG FA . 0.37 47.35 -16.93
O3 NAG FA . -1.02 49.14 -18.65
O4 NAG FA . -3.35 48.13 -19.96
O5 NAG FA . -1.57 45.05 -19.11
O6 NAG FA . -3.88 43.98 -20.36
O7 NAG FA . 2.20 48.06 -18.00
C1 NAG GA . -9.10 23.10 -24.04
C2 NAG GA . -10.34 22.29 -24.32
C3 NAG GA . -10.34 21.84 -25.78
C4 NAG GA . -10.30 23.08 -26.67
C5 NAG GA . -9.06 23.92 -26.32
C6 NAG GA . -9.00 25.21 -27.07
C7 NAG GA . -11.53 20.79 -22.77
C8 NAG GA . -11.43 19.56 -21.92
N2 NAG GA . -10.42 21.13 -23.44
O3 NAG GA . -11.50 21.08 -26.05
O4 NAG GA . -10.26 22.70 -28.03
O5 NAG GA . -9.07 24.25 -24.91
O6 NAG GA . -8.35 26.24 -26.33
O7 NAG GA . -12.57 21.43 -22.86
C1 NAG GA . -11.09 23.57 -28.85
C2 NAG GA . -10.53 23.63 -30.27
C3 NAG GA . -11.37 24.57 -31.10
C4 NAG GA . -12.82 24.10 -31.10
C5 NAG GA . -13.32 23.99 -29.65
C6 NAG GA . -14.71 23.42 -29.56
C7 NAG GA . -8.11 23.28 -30.59
C8 NAG GA . -6.75 23.91 -30.53
N2 NAG GA . -9.14 24.06 -30.26
O3 NAG GA . -10.87 24.61 -32.44
O4 NAG GA . -13.62 25.05 -31.79
O5 NAG GA . -12.47 23.12 -28.90
O6 NAG GA . -15.13 23.32 -28.20
O7 NAG GA . -8.26 22.10 -30.92
C1 BMA GA . -14.38 24.61 -32.96
C2 BMA GA . -14.29 25.77 -33.99
C3 BMA GA . -15.12 25.42 -35.20
C4 BMA GA . -14.64 24.08 -35.79
C5 BMA GA . -14.72 22.98 -34.74
C6 BMA GA . -14.16 21.65 -35.22
O2 BMA GA . -12.95 25.95 -34.43
O3 BMA GA . -15.06 26.44 -36.18
O4 BMA GA . -15.43 23.74 -36.92
O5 BMA GA . -13.95 23.38 -33.58
O6 BMA GA . -15.07 21.11 -36.16
C1 FUC GA . -9.03 27.44 -25.78
C2 FUC GA . -9.90 28.38 -26.83
C3 FUC GA . -11.33 27.87 -27.13
C4 FUC GA . -12.06 27.63 -25.81
C5 FUC GA . -11.27 26.65 -24.91
C6 FUC GA . -11.91 26.46 -23.55
O2 FUC GA . -9.20 28.60 -28.05
O3 FUC GA . -12.03 28.88 -27.84
O4 FUC GA . -12.28 28.86 -25.14
O5 FUC GA . -9.95 27.16 -24.62
C1 NAG HA . 13.48 -22.77 -38.43
C2 NAG HA . 14.59 -23.61 -39.05
C3 NAG HA . 14.24 -23.87 -40.51
C4 NAG HA . 12.88 -24.55 -40.61
C5 NAG HA . 11.83 -23.72 -39.87
C6 NAG HA . 10.48 -24.40 -39.79
C7 NAG HA . 17.01 -23.60 -38.63
C8 NAG HA . 18.25 -22.75 -38.55
N2 NAG HA . 15.87 -22.96 -38.93
O3 NAG HA . 15.24 -24.70 -41.09
O4 NAG HA . 12.50 -24.63 -41.97
O5 NAG HA . 12.24 -23.47 -38.52
O6 NAG HA . 10.60 -25.71 -39.27
O7 NAG HA . 17.03 -24.81 -38.42
C1 NAG HA . 12.21 -25.99 -42.36
C2 NAG HA . 11.25 -25.96 -43.55
C3 NAG HA . 10.95 -27.38 -44.00
C4 NAG HA . 12.26 -28.08 -44.35
C5 NAG HA . 13.18 -28.07 -43.15
C6 NAG HA . 14.53 -28.66 -43.43
C7 NAG HA . 9.82 -23.95 -43.44
C8 NAG HA . 8.49 -23.41 -43.02
N2 NAG HA . 10.02 -25.26 -43.21
O3 NAG HA . 10.09 -27.34 -45.13
O4 NAG HA . 11.99 -29.43 -44.73
O5 NAG HA . 13.41 -26.70 -42.73
O6 NAG HA . 15.20 -29.03 -42.23
O7 NAG HA . 10.69 -23.26 -43.95
C1 NAG IA . 19.75 -24.91 -30.89
C2 NAG IA . 20.90 -25.02 -31.88
C3 NAG IA . 22.20 -25.19 -31.13
C4 NAG IA . 22.40 -24.03 -30.16
C5 NAG IA . 21.19 -23.94 -29.23
C6 NAG IA . 21.24 -22.74 -28.31
C7 NAG IA . 20.23 -25.97 -34.05
C8 NAG IA . 20.09 -27.23 -34.86
N2 NAG IA . 20.69 -26.13 -32.80
O3 NAG IA . 23.29 -25.25 -32.05
O4 NAG IA . 23.57 -24.25 -29.37
O5 NAG IA . 19.99 -23.82 -30.00
O6 NAG IA . 20.57 -22.99 -27.08
O7 NAG IA . 19.94 -24.88 -34.51
C1 NAG IA . 24.51 -23.17 -29.50
C2 NAG IA . 25.37 -23.11 -28.23
C3 NAG IA . 26.38 -22.00 -28.36
C4 NAG IA . 27.23 -22.22 -29.61
C5 NAG IA . 26.32 -22.28 -30.83
C6 NAG IA . 27.07 -22.60 -32.11
C7 NAG IA . 24.58 -23.72 -25.97
C8 NAG IA . 23.67 -23.35 -24.85
N2 NAG IA . 24.54 -22.91 -27.04
O3 NAG IA . 27.21 -21.97 -27.21
O4 NAG IA . 28.16 -21.15 -29.76
O5 NAG IA . 25.35 -23.33 -30.65
O6 NAG IA . 27.75 -23.84 -32.01
O7 NAG IA . 25.32 -24.70 -25.92
C1 NAG JA . 20.49 3.84 -28.25
C2 NAG JA . 19.75 5.05 -27.66
C3 NAG JA . 20.64 6.29 -27.73
C4 NAG JA . 21.97 6.03 -27.05
C5 NAG JA . 22.63 4.79 -27.66
C6 NAG JA . 23.90 4.38 -26.96
C7 NAG JA . 17.49 5.99 -27.83
C8 NAG JA . 16.27 6.15 -28.69
N2 NAG JA . 18.49 5.28 -28.36
O3 NAG JA . 19.98 7.39 -27.10
O4 NAG JA . 22.81 7.17 -27.22
O5 NAG JA . 21.75 3.67 -27.59
O6 NAG JA . 23.79 4.51 -25.55
O7 NAG JA . 17.57 6.50 -26.71
C1 NAG JA . 23.54 7.48 -26.01
C2 NAG JA . 24.52 8.63 -26.31
C3 NAG JA . 25.30 8.98 -25.05
C4 NAG JA . 24.33 9.31 -23.91
C5 NAG JA . 23.36 8.16 -23.70
C6 NAG JA . 22.29 8.47 -22.68
C7 NAG JA . 26.27 7.27 -27.38
C8 NAG JA . 27.13 7.09 -28.61
N2 NAG JA . 25.43 8.30 -27.40
O3 NAG JA . 26.14 10.10 -25.30
O4 NAG JA . 25.06 9.50 -22.70
O5 NAG JA . 22.67 7.84 -24.92
O6 NAG JA . 21.72 9.75 -22.91
O7 NAG JA . 26.36 6.50 -26.42
C1 BMA JA . 25.03 10.87 -22.28
C2 BMA JA . 25.21 10.85 -20.77
C3 BMA JA . 25.28 12.28 -20.25
C4 BMA JA . 26.38 13.04 -20.95
C5 BMA JA . 26.16 12.98 -22.48
C6 BMA JA . 27.32 13.61 -23.26
O2 BMA JA . 26.43 10.23 -20.41
O3 BMA JA . 25.55 12.31 -18.87
O4 BMA JA . 26.36 14.39 -20.54
O5 BMA JA . 26.07 11.60 -22.91
O6 BMA JA . 28.43 13.74 -22.39
C1 MAN JA . 24.33 12.15 -18.11
C2 MAN JA . 24.44 13.06 -16.88
C3 MAN JA . 25.61 12.59 -16.03
C4 MAN JA . 25.39 11.13 -15.63
C5 MAN JA . 25.24 10.28 -16.92
C6 MAN JA . 24.92 8.82 -16.64
O2 MAN JA . 23.29 12.96 -16.06
O3 MAN JA . 25.74 13.38 -14.86
O4 MAN JA . 26.50 10.67 -14.88
O5 MAN JA . 24.16 10.82 -17.71
O6 MAN JA . 24.51 8.67 -15.28
C1 MAN JA . 22.64 14.23 -15.99
C2 MAN JA . 22.28 14.49 -14.52
C3 MAN JA . 21.31 13.42 -14.05
C4 MAN JA . 20.07 13.44 -14.96
C5 MAN JA . 20.50 13.22 -16.41
C6 MAN JA . 19.36 13.31 -17.39
O2 MAN JA . 21.61 15.74 -14.36
O3 MAN JA . 20.92 13.61 -12.70
O4 MAN JA . 19.19 12.40 -14.58
O5 MAN JA . 21.47 14.24 -16.77
O6 MAN JA . 18.56 12.15 -17.24
C1 MAN JA . 22.60 16.77 -14.12
C2 MAN JA . 22.07 17.68 -13.00
C3 MAN JA . 20.81 18.38 -13.48
C4 MAN JA . 21.10 19.16 -14.77
C5 MAN JA . 21.66 18.18 -15.85
C6 MAN JA . 22.09 18.88 -17.13
O2 MAN JA . 23.00 18.71 -12.66
O3 MAN JA . 20.30 19.27 -12.50
O4 MAN JA . 19.90 19.75 -15.27
O5 MAN JA . 22.84 17.51 -15.31
O6 MAN JA . 22.14 20.29 -16.93
C1 MAN JA . 29.49 14.52 -22.95
C2 MAN JA . 30.75 13.67 -22.84
C3 MAN JA . 31.03 13.39 -21.37
C4 MAN JA . 31.17 14.72 -20.61
C5 MAN JA . 29.88 15.54 -20.81
C6 MAN JA . 29.96 16.92 -20.19
O2 MAN JA . 31.90 14.35 -23.35
O3 MAN JA . 32.21 12.62 -21.19
O4 MAN JA . 31.34 14.47 -19.23
O5 MAN JA . 29.64 15.72 -22.23
O6 MAN JA . 28.63 17.39 -19.97
C1 MAN JA . 31.86 11.43 -20.43
C2 MAN JA . 33.18 10.77 -19.97
C3 MAN JA . 33.95 10.27 -21.17
C4 MAN JA . 33.07 9.32 -22.00
C5 MAN JA . 31.76 10.03 -22.40
C6 MAN JA . 30.79 9.10 -23.09
O2 MAN JA . 32.92 9.62 -19.16
O3 MAN JA . 35.13 9.59 -20.79
O4 MAN JA . 33.75 8.95 -23.19
O5 MAN JA . 31.11 10.53 -21.21
O6 MAN JA . 31.40 8.62 -24.29
C1 MAN JA . 28.60 18.83 -20.09
C2 MAN JA . 27.53 19.38 -19.14
C3 MAN JA . 26.16 18.92 -19.59
C4 MAN JA . 25.92 19.33 -21.05
C5 MAN JA . 27.04 18.77 -21.94
C6 MAN JA . 26.92 19.24 -23.37
O2 MAN JA . 27.50 20.81 -19.16
O3 MAN JA . 25.13 19.49 -18.77
O4 MAN JA . 24.67 18.80 -21.49
O5 MAN JA . 28.33 19.20 -21.43
O6 MAN JA . 28.15 18.93 -24.04
C1 NAG KA . 24.82 16.12 -41.10
C2 NAG KA . 25.98 16.69 -40.30
C3 NAG KA . 26.21 18.13 -40.72
C4 NAG KA . 26.49 18.19 -42.20
C5 NAG KA . 25.31 17.57 -42.96
C6 NAG KA . 25.52 17.51 -44.45
C7 NAG KA . 26.19 15.64 -38.08
C8 NAG KA . 25.81 15.72 -36.63
N2 NAG KA . 25.71 16.61 -38.87
O3 NAG KA . 27.33 18.65 -40.00
O4 NAG KA . 26.65 19.54 -42.62
O5 NAG KA . 25.10 16.22 -42.51
O6 NAG KA . 24.46 18.13 -45.16
O7 NAG KA . 26.89 14.74 -38.52
C1 NAG KA . 28.03 19.76 -42.97
C2 NAG KA . 28.12 21.00 -43.85
C3 NAG KA . 29.58 21.28 -44.20
C4 NAG KA . 30.39 21.44 -42.92
C5 NAG KA . 30.25 20.18 -42.07
C6 NAG KA . 30.94 20.29 -40.73
C7 NAG KA . 26.01 21.12 -45.09
C8 NAG KA . 25.34 20.90 -46.42
N2 NAG KA . 27.32 20.85 -45.05
O3 NAG KA . 29.66 22.46 -44.99
O4 NAG KA . 31.76 21.64 -43.24
O5 NAG KA . 28.85 19.94 -41.79
O6 NAG KA . 30.67 19.15 -39.92
O7 NAG KA . 25.40 21.51 -44.11
C1 NAG LA . 7.86 16.43 -44.66
C2 NAG LA . 6.45 16.99 -44.52
C3 NAG LA . 5.74 16.90 -45.86
C4 NAG LA . 6.54 17.65 -46.92
C5 NAG LA . 7.95 17.07 -46.97
C6 NAG LA . 8.88 17.80 -47.92
C7 NAG LA . 5.47 16.77 -42.27
C8 NAG LA . 4.69 15.87 -41.35
N2 NAG LA . 5.71 16.28 -43.50
O3 NAG LA . 4.44 17.47 -45.75
O4 NAG LA . 5.91 17.45 -48.19
O5 NAG LA . 8.56 17.17 -45.66
O6 NAG LA . 10.23 17.43 -47.71
O7 NAG LA . 5.88 17.86 -41.92
C1 NAG LA . 5.98 18.51 -49.18
C2 NAG LA . 4.54 18.83 -49.56
C3 NAG LA . 4.52 19.88 -50.66
C4 NAG LA . 5.26 21.12 -50.17
C5 NAG LA . 6.68 20.75 -49.77
C6 NAG LA . 7.44 21.92 -49.18
C7 NAG LA . 2.54 17.41 -49.75
C8 NAG LA . 1.99 16.11 -50.27
N2 NAG LA . 3.84 17.62 -49.99
O3 NAG LA . 3.17 20.20 -50.98
O4 NAG LA . 5.30 22.09 -51.22
O5 NAG LA . 6.64 19.74 -48.74
O6 NAG LA . 8.78 21.55 -48.87
O7 NAG LA . 1.84 18.22 -49.15
C1 NAG MA . -4.09 -16.25 -42.94
C2 NAG MA . -3.35 -17.47 -42.39
C3 NAG MA . -3.84 -18.74 -43.08
C4 NAG MA . -5.36 -18.83 -42.95
C5 NAG MA . -5.97 -17.60 -43.61
C6 NAG MA . -7.47 -17.57 -43.54
C7 NAG MA . -1.13 -16.95 -41.52
C8 NAG MA . 0.31 -16.70 -41.85
N2 NAG MA . -1.91 -17.32 -42.53
O3 NAG MA . -3.19 -19.86 -42.49
O4 NAG MA . -5.83 -20.00 -43.61
O5 NAG MA . -5.50 -16.42 -42.92
O6 NAG MA . -7.98 -16.30 -43.93
O7 NAG MA . -1.57 -16.80 -40.38
C1 NAG MA . -6.16 -21.01 -42.65
C2 NAG MA . -7.31 -21.83 -43.24
C3 NAG MA . -7.32 -23.26 -42.74
C4 NAG MA . -5.90 -23.80 -42.69
C5 NAG MA . -5.12 -22.97 -41.68
C6 NAG MA . -3.74 -23.51 -41.42
C7 NAG MA . -9.29 -20.53 -43.88
C8 NAG MA . -10.60 -19.95 -43.41
N2 NAG MA . -8.59 -21.20 -42.97
O3 NAG MA . -8.15 -24.04 -43.58
O4 NAG MA . -5.89 -25.18 -42.31
O5 NAG MA . -4.96 -21.66 -42.25
O6 NAG MA . -3.02 -23.69 -42.63
O7 NAG MA . -8.90 -20.40 -45.04
C1 BMA MA . -5.58 -26.02 -43.45
C2 BMA MA . -5.10 -27.46 -43.00
C3 BMA MA . -4.75 -28.26 -44.25
C4 BMA MA . -5.91 -28.28 -45.24
C5 BMA MA . -6.41 -26.84 -45.57
C6 BMA MA . -7.72 -26.88 -46.40
O2 BMA MA . -6.13 -28.15 -42.34
O3 BMA MA . -4.49 -29.60 -43.91
O4 BMA MA . -5.48 -28.90 -46.43
O5 BMA MA . -6.70 -26.10 -44.39
O6 BMA MA . -8.92 -26.71 -45.56
C1 MAN MA . -9.12 -27.77 -44.57
C2 MAN MA . -9.47 -29.14 -45.28
C3 MAN MA . -10.82 -29.04 -45.94
C4 MAN MA . -11.86 -28.66 -44.89
C5 MAN MA . -11.48 -27.31 -44.20
C6 MAN MA . -12.40 -26.92 -43.05
O2 MAN MA . -9.57 -30.18 -44.31
O3 MAN MA . -11.20 -30.26 -46.58
O4 MAN MA . -13.13 -28.50 -45.51
O5 MAN MA . -10.16 -27.45 -43.64
O6 MAN MA . -13.19 -28.09 -42.71
C1 MAN MA . -11.30 -29.96 -47.98
C2 MAN MA . -12.08 -31.11 -48.66
C3 MAN MA . -11.27 -32.39 -48.58
C4 MAN MA . -9.88 -32.17 -49.19
C5 MAN MA . -9.17 -30.98 -48.50
C6 MAN MA . -7.85 -30.62 -49.17
O2 MAN MA . -12.30 -30.85 -50.04
O3 MAN MA . -11.93 -33.44 -49.27
O4 MAN MA . -9.11 -33.34 -49.03
O5 MAN MA . -10.01 -29.81 -48.57
O6 MAN MA . -8.03 -30.59 -50.58
C1 MAN MA . -13.63 -28.40 -41.34
C2 MAN MA . -12.86 -27.69 -40.15
C3 MAN MA . -11.43 -28.21 -40.01
C4 MAN MA . -11.40 -29.72 -39.92
C5 MAN MA . -12.17 -30.39 -41.09
C6 MAN MA . -12.28 -31.88 -40.94
O2 MAN MA . -13.49 -28.00 -38.90
O3 MAN MA . -10.81 -27.66 -38.85
O4 MAN MA . -10.05 -30.17 -39.98
O5 MAN MA . -13.53 -29.84 -41.19
O6 MAN MA . -13.08 -32.38 -42.00
C1 MAN MA . -3.10 -29.79 -43.63
C2 MAN MA . -2.73 -31.21 -44.11
C3 MAN MA . -3.54 -32.22 -43.31
C4 MAN MA . -3.26 -32.05 -41.82
C5 MAN MA . -3.60 -30.60 -41.42
C6 MAN MA . -3.25 -30.30 -39.98
O2 MAN MA . -1.36 -31.51 -43.89
O3 MAN MA . -3.20 -33.56 -43.69
O4 MAN MA . -4.08 -32.93 -41.08
O5 MAN MA . -2.85 -29.68 -42.25
O6 MAN MA . -3.29 -28.90 -39.79
C1 NAG NA . -28.01 -39.59 14.43
C2 NAG NA . -27.10 -40.35 13.48
C3 NAG NA . -27.89 -41.44 12.79
C4 NAG NA . -28.48 -42.36 13.83
C5 NAG NA . -29.36 -41.55 14.79
C6 NAG NA . -29.92 -42.36 15.93
C7 NAG NA . -25.33 -39.73 11.89
C8 NAG NA . -24.85 -38.69 10.92
N2 NAG NA . -26.49 -39.46 12.50
O3 NAG NA . -27.04 -42.18 11.92
O4 NAG NA . -29.28 -43.37 13.22
O5 NAG NA . -28.58 -40.49 15.39
O6 NAG NA . -30.67 -43.47 15.44
O7 NAG NA . -24.71 -40.76 12.11
C1 NAG OA . -40.58 34.30 -2.85
C2 NAG OA . -40.51 35.81 -2.86
C3 NAG OA . -41.09 36.37 -1.56
C4 NAG OA . -42.51 35.86 -1.39
C5 NAG OA . -42.51 34.33 -1.40
C6 NAG OA . -43.90 33.74 -1.32
C7 NAG OA . -38.76 37.11 -4.01
C8 NAG OA . -37.31 37.46 -4.02
N2 NAG OA . -39.15 36.28 -3.03
O3 NAG OA . -41.08 37.79 -1.60
O4 NAG OA . -43.06 36.33 -0.17
O5 NAG OA . -41.93 33.87 -2.64
O6 NAG OA . -43.94 32.65 -0.41
O7 NAG OA . -39.55 37.56 -4.84
C1 NAG PA . -47.03 -15.51 7.04
C2 NAG PA . -47.91 -16.41 6.19
C3 NAG PA . -49.35 -16.34 6.67
C4 NAG PA . -49.40 -16.73 8.13
C5 NAG PA . -48.49 -15.81 8.94
C6 NAG PA . -48.42 -16.19 10.41
C7 NAG PA . -47.17 -16.78 3.87
C8 NAG PA . -47.19 -16.24 2.46
N2 NAG PA . -47.83 -16.05 4.78
O3 NAG PA . -50.16 -17.21 5.90
O4 NAG PA . -50.74 -16.63 8.62
O5 NAG PA . -47.15 -15.88 8.43
O6 NAG PA . -48.06 -15.08 11.21
O7 NAG PA . -46.58 -17.82 4.16
C1 NAG QA . -39.19 16.38 -20.55
C2 NAG QA . -38.08 15.60 -21.23
C3 NAG QA . -38.56 15.13 -22.59
C4 NAG QA . -39.79 14.25 -22.39
C5 NAG QA . -40.87 15.04 -21.65
C6 NAG QA . -42.08 14.20 -21.33
C7 NAG QA . -35.87 16.39 -20.48
C8 NAG QA . -34.71 17.29 -20.79
N2 NAG QA . -36.88 16.41 -21.36
O3 NAG QA . -37.53 14.38 -23.23
O4 NAG QA . -40.30 13.83 -23.66
O5 NAG QA . -40.34 15.52 -20.40
O6 NAG QA . -43.11 15.00 -20.75
O7 NAG QA . -35.90 15.67 -19.49
C1 NAG RA . -57.38 -3.33 8.55
C2 NAG RA . -58.75 -2.96 7.99
C3 NAG RA . -59.75 -2.85 9.13
C4 NAG RA . -59.80 -4.16 9.90
C5 NAG RA . -58.39 -4.49 10.41
C6 NAG RA . -58.31 -5.82 11.11
C7 NAG RA . -58.50 -1.67 5.91
C8 NAG RA . -58.47 -0.30 5.30
N2 NAG RA . -58.70 -1.72 7.23
O3 NAG RA . -61.04 -2.54 8.61
O4 NAG RA . -60.68 -4.04 11.01
O5 NAG RA . -57.48 -4.56 9.29
O6 NAG RA . -57.15 -5.92 11.92
O7 NAG RA . -58.34 -2.69 5.24
C1 NAG SA . -42.20 9.19 -15.92
C2 NAG SA . -42.43 9.59 -17.36
C3 NAG SA . -43.34 8.57 -18.02
C4 NAG SA . -42.66 7.20 -17.94
C5 NAG SA . -42.36 6.86 -16.48
C6 NAG SA . -41.60 5.57 -16.32
C7 NAG SA . -42.36 12.01 -17.83
C8 NAG SA . -43.14 13.29 -17.84
N2 NAG SA . -43.03 10.92 -17.44
O3 NAG SA . -43.56 8.93 -19.38
O4 NAG SA . -43.52 6.20 -18.48
O5 NAG SA . -41.56 7.89 -15.89
O6 NAG SA . -40.21 5.81 -16.12
O7 NAG SA . -41.18 11.96 -18.16
C1 NAG TA . -41.02 -8.71 -4.77
C2 NAG TA . -40.07 -8.69 -5.96
C3 NAG TA . -40.73 -9.40 -7.14
C4 NAG TA . -41.09 -10.82 -6.74
C5 NAG TA . -42.02 -10.77 -5.52
C6 NAG TA . -42.37 -12.15 -4.99
C7 NAG TA . -38.45 -6.90 -6.39
C8 NAG TA . -38.27 -5.46 -6.77
N2 NAG TA . -39.71 -7.33 -6.32
O3 NAG TA . -39.83 -9.41 -8.24
O4 NAG TA . -41.76 -11.48 -7.81
O5 NAG TA . -41.38 -10.07 -4.45
O6 NAG TA . -41.20 -12.85 -4.58
O7 NAG TA . -37.49 -7.63 -6.16
C1 NAG UA . -1.92 -40.16 35.97
C2 NAG UA . -0.62 -40.80 36.45
C3 NAG UA . -0.48 -40.55 37.95
C4 NAG UA . -0.49 -39.05 38.21
C5 NAG UA . -1.78 -38.45 37.66
C6 NAG UA . -1.84 -36.95 37.80
C7 NAG UA . 0.44 -42.87 35.67
C8 NAG UA . 0.25 -44.34 35.43
N2 NAG UA . -0.62 -42.22 36.16
O3 NAG UA . 0.75 -41.12 38.40
O4 NAG UA . -0.41 -38.80 39.61
O5 NAG UA . -1.89 -38.74 36.26
O6 NAG UA . -1.08 -36.31 36.79
O7 NAG UA . 1.50 -42.31 35.42
C1 NAG VA . -25.04 -43.87 24.75
C2 NAG VA . -25.23 -44.07 26.25
C3 NAG VA . -26.71 -44.30 26.56
C4 NAG VA . -27.51 -43.11 26.04
C5 NAG VA . -27.26 -42.94 24.55
C6 NAG VA . -27.95 -41.73 23.97
C7 NAG VA . -23.20 -45.04 27.23
C8 NAG VA . -22.52 -46.30 27.69
N2 NAG VA . -24.43 -45.19 26.74
O3 NAG VA . -26.88 -44.44 27.97
O4 NAG VA . -28.89 -43.33 26.27
O5 NAG VA . -25.85 -42.76 24.31
O6 NAG VA . -27.69 -41.59 22.58
O7 NAG VA . -22.64 -43.94 27.31
C1 NAG WA . -11.07 -27.98 33.16
C2 NAG WA . -12.23 -28.90 33.48
C3 NAG WA . -13.48 -28.08 33.74
C4 NAG WA . -13.21 -27.10 34.89
C5 NAG WA . -12.01 -26.23 34.53
C6 NAG WA . -11.62 -25.30 35.66
C7 NAG WA . -11.93 -31.07 32.38
C8 NAG WA . -12.28 -31.91 31.18
N2 NAG WA . -12.46 -29.84 32.40
O3 NAG WA . -14.57 -28.94 34.07
O4 NAG WA . -14.36 -26.29 35.11
O5 NAG WA . -10.86 -27.06 34.27
O6 NAG WA . -10.60 -24.40 35.25
O7 NAG WA . -11.21 -31.49 33.28
C1 NAG XA . -30.67 -12.28 52.90
C2 NAG XA . -30.61 -13.64 52.21
C3 NAG XA . -31.74 -14.50 52.71
C4 NAG XA . -31.63 -14.65 54.22
C5 NAG XA . -31.65 -13.27 54.87
C6 NAG XA . -31.45 -13.30 56.36
C7 NAG XA . -29.60 -13.39 49.98
C8 NAG XA . -29.86 -13.24 48.51
N2 NAG XA . -30.68 -13.49 50.76
O3 NAG XA . -31.68 -15.78 52.09
O4 NAG XA . -32.71 -15.42 54.72
O5 NAG XA . -30.59 -12.46 54.32
O6 NAG XA . -32.25 -14.31 56.97
O7 NAG XA . -28.45 -13.40 50.44
C1 NAG YA . 30.93 -25.45 30.91
C2 NAG YA . 29.80 -26.46 30.92
C3 NAG YA . 29.71 -27.09 32.29
C4 NAG YA . 31.03 -27.74 32.63
C5 NAG YA . 32.15 -26.70 32.57
C6 NAG YA . 33.52 -27.28 32.81
C7 NAG YA . 27.52 -26.52 30.02
C8 NAG YA . 26.30 -25.72 29.68
N2 NAG YA . 28.54 -25.84 30.54
O3 NAG YA . 28.66 -28.06 32.30
O4 NAG YA . 30.98 -28.30 33.94
O5 NAG YA . 32.17 -26.10 31.27
O6 NAG YA . 33.58 -27.96 34.06
O7 NAG YA . 27.59 -27.73 29.81
C1 NAG ZA . 10.63 47.98 20.37
C2 NAG ZA . 10.38 49.34 19.74
C3 NAG ZA . 11.70 50.01 19.39
C4 NAG ZA . 12.56 50.11 20.64
C5 NAG ZA . 12.76 48.72 21.23
C6 NAG ZA . 13.55 48.75 22.53
C7 NAG ZA . 8.39 49.87 18.38
C8 NAG ZA . 7.67 49.60 17.10
N2 NAG ZA . 9.55 49.22 18.55
O3 NAG ZA . 11.46 51.30 18.85
O4 NAG ZA . 13.82 50.69 20.33
O5 NAG ZA . 11.49 48.14 21.52
O6 NAG ZA . 14.53 47.72 22.56
O7 NAG ZA . 7.94 50.65 19.22
C1 NAG AB . 29.43 4.68 40.18
C2 NAG AB . 29.19 4.27 41.63
C3 NAG AB . 30.25 4.89 42.52
C4 NAG AB . 31.63 4.48 42.03
C5 NAG AB . 31.80 4.90 40.58
C6 NAG AB . 33.11 4.44 39.98
C7 NAG AB . 26.87 3.77 42.26
C8 NAG AB . 25.56 4.35 42.72
N2 NAG AB . 27.86 4.64 42.07
O3 NAG AB . 30.05 4.48 43.86
O4 NAG AB . 32.64 5.09 42.82
O5 NAG AB . 30.76 4.31 39.77
O6 NAG AB . 33.51 5.26 38.89
O7 NAG AB . 27.00 2.56 42.05
C1 NAG BB . -3.05 32.11 34.44
C2 NAG BB . -4.03 30.99 34.17
C3 NAG BB . -4.95 30.84 35.37
C4 NAG BB . -4.10 30.53 36.60
C5 NAG BB . -3.08 31.65 36.80
C6 NAG BB . -2.12 31.36 37.94
C7 NAG BB . -4.46 30.76 31.75
C8 NAG BB . -5.37 31.13 30.63
N2 NAG BB . -4.79 31.25 32.96
O3 NAG BB . -5.86 29.77 35.13
O4 NAG BB . -4.93 30.43 37.74
O5 NAG BB . -2.27 31.80 35.62
O6 NAG BB . -1.27 32.47 38.19
O7 NAG BB . -3.47 30.07 31.59
C1 NAG CB . 33.61 19.92 43.01
C2 NAG CB . 33.69 20.85 44.22
C3 NAG CB . 35.12 21.30 44.44
C4 NAG CB . 36.01 20.07 44.62
C5 NAG CB . 35.87 19.16 43.40
C6 NAG CB . 36.65 17.88 43.53
C7 NAG CB . 31.55 22.04 44.48
C8 NAG CB . 30.80 23.31 44.22
N2 NAG CB . 32.81 22.00 44.05
O3 NAG CB . 35.19 22.13 45.59
O4 NAG CB . 37.36 20.48 44.77
O5 NAG CB . 34.50 18.80 43.22
O6 NAG CB . 36.86 17.27 42.27
O7 NAG CB . 31.02 21.09 45.06
C1 NAG DB . 3.43 26.53 37.46
C2 NAG DB . 2.21 27.08 38.16
C3 NAG DB . 2.17 26.55 39.58
C4 NAG DB . 2.14 25.02 39.53
C5 NAG DB . 3.34 24.51 38.74
C6 NAG DB . 3.33 23.01 38.56
C7 NAG DB . 1.41 29.27 37.37
C8 NAG DB . 1.56 30.76 37.51
N2 NAG DB . 2.21 28.53 38.16
O3 NAG DB . 1.02 27.05 40.25
O4 NAG DB . 2.18 24.50 40.85
O5 NAG DB . 3.36 25.09 37.43
O6 NAG DB . 2.84 22.65 37.27
O7 NAG DB . 0.60 28.77 36.61
C1 NAG EB . 15.34 9.11 38.26
C2 NAG EB . 13.85 8.80 38.05
C3 NAG EB . 13.20 8.50 39.39
C4 NAG EB . 13.93 7.33 40.04
C5 NAG EB . 15.41 7.67 40.20
C6 NAG EB . 16.23 6.53 40.76
C7 NAG EB . 12.49 9.79 36.26
C8 NAG EB . 11.86 11.05 35.75
N2 NAG EB . 13.18 9.91 37.40
O3 NAG EB . 11.83 8.17 39.19
O4 NAG EB . 13.37 7.06 41.33
O5 NAG EB . 15.97 7.99 38.91
O6 NAG EB . 16.17 5.39 39.91
O7 NAG EB . 12.37 8.72 35.67
C1 NAG FB . 38.42 -37.87 0.32
C2 NAG FB . 38.36 -39.01 -0.68
C3 NAG FB . 39.58 -38.93 -1.60
C4 NAG FB . 39.61 -37.57 -2.28
C5 NAG FB . 39.61 -36.47 -1.23
C6 NAG FB . 39.54 -35.08 -1.82
C7 NAG FB . 37.50 -41.28 -0.36
C8 NAG FB . 37.59 -42.54 0.47
N2 NAG FB . 38.31 -40.29 0.00
O3 NAG FB . 39.52 -39.97 -2.55
O4 NAG FB . 40.77 -37.46 -3.09
O5 NAG FB . 38.46 -36.61 -0.38
O6 NAG FB . 38.21 -34.75 -2.21
O7 NAG FB . 36.72 -41.19 -1.31
C1 NAG GB . 39.36 -31.16 25.40
C2 NAG GB . 40.79 -31.34 24.92
C3 NAG GB . 41.76 -30.97 26.04
C4 NAG GB . 41.49 -29.53 26.46
C5 NAG GB . 40.03 -29.39 26.89
C6 NAG GB . 39.66 -27.97 27.25
C7 NAG GB . 40.89 -33.12 23.22
C8 NAG GB . 41.17 -34.57 22.97
N2 NAG GB . 41.03 -32.72 24.49
O3 NAG GB . 43.09 -31.11 25.58
O4 NAG GB . 42.34 -29.17 27.55
O5 NAG GB . 39.16 -29.79 25.82
O6 NAG GB . 38.28 -27.87 27.63
O7 NAG GB . 40.55 -32.35 22.33
C1 NAG HB . 38.27 -22.87 4.21
C2 NAG HB . 39.20 -23.25 5.35
C3 NAG HB . 39.87 -22.01 5.90
C4 NAG HB . 40.62 -21.30 4.78
C5 NAG HB . 39.65 -20.98 3.65
C6 NAG HB . 40.33 -20.35 2.45
C7 NAG HB . 38.40 -25.29 6.47
C8 NAG HB . 37.62 -25.85 7.62
N2 NAG HB . 38.48 -23.96 6.40
O3 NAG HB . 40.76 -22.37 6.95
O4 NAG HB . 41.21 -20.11 5.27
O5 NAG HB . 39.02 -22.18 3.19
O6 NAG HB . 39.39 -19.93 1.48
O7 NAG HB . 38.93 -26.02 5.63
C1 NAG IB . 62.17 -1.71 4.57
C2 NAG IB . 61.73 -2.93 5.37
C3 NAG IB . 62.80 -3.28 6.37
C4 NAG IB . 64.12 -3.55 5.64
C5 NAG IB . 64.49 -2.32 4.82
C6 NAG IB . 65.73 -2.52 3.99
C7 NAG IB . 59.28 -2.98 5.50
C8 NAG IB . 58.07 -2.66 6.34
N2 NAG IB . 60.46 -2.68 6.04
O3 NAG IB . 62.42 -4.44 7.11
O4 NAG IB . 65.15 -3.83 6.57
O5 NAG IB . 63.43 -1.99 3.91
O6 NAG IB . 66.77 -3.14 4.73
O7 NAG IB . 59.18 -3.49 4.39
C1 NAG JB . 17.18 -37.60 -29.17
C2 NAG JB . 17.83 -38.06 -27.88
C3 NAG JB . 19.19 -38.67 -28.20
C4 NAG JB . 18.99 -39.83 -29.17
C5 NAG JB . 18.29 -39.33 -30.42
C6 NAG JB . 17.97 -40.44 -31.40
C7 NAG JB . 18.07 -37.13 -25.62
C8 NAG JB . 18.21 -35.88 -24.80
N2 NAG JB . 17.97 -36.96 -26.95
O3 NAG JB . 19.80 -39.14 -27.00
O4 NAG JB . 20.25 -40.39 -29.51
O5 NAG JB . 17.04 -38.72 -30.07
O6 NAG JB . 19.14 -41.15 -31.78
O7 NAG JB . 18.03 -38.25 -25.11
C1 NAG KB . 6.34 38.19 -36.50
C2 NAG KB . 5.71 39.57 -36.52
C3 NAG KB . 4.70 39.65 -37.67
C4 NAG KB . 5.41 39.33 -38.98
C5 NAG KB . 6.04 37.94 -38.88
C6 NAG KB . 6.84 37.57 -40.12
C7 NAG KB . 5.31 40.94 -34.51
C8 NAG KB . 4.53 41.06 -33.24
N2 NAG KB . 5.05 39.86 -35.26
O3 NAG KB . 4.15 40.96 -37.73
O4 NAG KB . 4.48 39.36 -40.06
O5 NAG KB . 6.95 37.91 -37.77
O6 NAG KB . 6.57 36.23 -40.52
O7 NAG KB . 6.14 41.78 -34.85
C1 NAG LB . 21.70 -10.07 -43.93
C2 NAG LB . 23.14 -10.44 -44.25
C3 NAG LB . 23.36 -10.36 -45.76
C4 NAG LB . 22.38 -11.27 -46.46
C5 NAG LB . 20.96 -10.87 -46.09
C6 NAG LB . 19.92 -11.79 -46.68
C7 NAG LB . 24.81 -9.98 -42.51
C8 NAG LB . 25.72 -8.95 -41.90
N2 NAG LB . 24.08 -9.58 -43.55
O3 NAG LB . 24.70 -10.73 -46.06
O4 NAG LB . 22.55 -11.17 -47.88
O5 NAG LB . 20.80 -10.93 -44.66
O6 NAG LB . 18.66 -11.14 -46.80
O7 NAG LB . 24.75 -11.12 -42.05
C1 NAG MB . 27.16 28.51 -26.01
C2 NAG MB . 27.51 27.91 -24.67
C3 NAG MB . 29.01 28.07 -24.43
C4 NAG MB . 29.76 27.37 -25.55
C5 NAG MB . 29.32 27.96 -26.90
C6 NAG MB . 29.95 27.25 -28.08
C7 NAG MB . 25.61 28.02 -23.11
C8 NAG MB . 24.97 28.79 -21.99
N2 NAG MB . 26.75 28.53 -23.59
O3 NAG MB . 29.36 27.49 -23.18
O4 NAG MB . 31.15 27.56 -25.39
O5 NAG MB . 27.89 27.84 -27.05
O6 NAG MB . 29.62 27.90 -29.30
O7 NAG MB . 25.12 26.98 -23.56
C1 NAG NB . 20.14 1.93 -54.47
C2 NAG NB . 21.04 2.68 -55.44
C3 NAG NB . 20.53 2.49 -56.87
C4 NAG NB . 20.47 1.00 -57.19
C5 NAG NB . 19.58 0.30 -56.17
C6 NAG NB . 19.53 -1.19 -56.35
C7 NAG NB . 22.05 4.62 -54.33
C8 NAG NB . 21.98 6.10 -54.10
N2 NAG NB . 21.12 4.09 -55.12
O3 NAG NB . 21.40 3.15 -57.79
O4 NAG NB . 19.94 0.81 -58.50
O5 NAG NB . 20.09 0.53 -54.84
O6 NAG NB . 18.42 -1.76 -55.69
O7 NAG NB . 22.94 3.93 -53.82
C1 NAG OB . 27.73 20.60 -30.41
C2 NAG OB . 28.83 21.57 -29.97
C3 NAG OB . 30.17 21.02 -30.40
C4 NAG OB . 30.37 19.64 -29.76
C5 NAG OB . 29.21 18.72 -30.15
C6 NAG OB . 29.26 17.38 -29.48
C7 NAG OB . 28.17 23.93 -29.83
C8 NAG OB . 28.01 25.22 -30.58
N2 NAG OB . 28.61 22.89 -30.53
O3 NAG OB . 31.20 21.90 -29.99
O4 NAG OB . 31.60 19.07 -30.21
O5 NAG OB . 27.95 19.32 -29.78
O6 NAG OB . 28.39 17.32 -28.36
O7 NAG OB . 27.93 23.85 -28.63
C1 NAG PB . 25.65 -0.18 -33.52
C2 NAG PB . 26.17 0.17 -32.13
C3 NAG PB . 27.68 0.07 -32.12
C4 NAG PB . 28.11 -1.32 -32.54
C5 NAG PB . 27.54 -1.62 -33.93
C6 NAG PB . 27.83 -3.03 -34.40
C7 NAG PB . 25.05 1.73 -30.59
C8 NAG PB . 24.69 3.16 -30.34
N2 NAG PB . 25.73 1.48 -31.72
O3 NAG PB . 28.17 0.35 -30.81
O4 NAG PB . 29.53 -1.42 -32.59
O5 NAG PB . 26.11 -1.49 -33.91
O6 NAG PB . 27.28 -3.99 -33.52
O7 NAG PB . 24.74 0.84 -29.82
C1 NAG QB . -11.38 -50.21 -16.10
C2 NAG QB . -12.08 -51.17 -15.15
C3 NAG QB . -13.44 -51.54 -15.73
C4 NAG QB . -14.26 -50.28 -15.95
C5 NAG QB . -13.49 -49.33 -16.87
C6 NAG QB . -14.19 -48.00 -17.07
C7 NAG QB . -11.08 -52.90 -13.73
C8 NAG QB . -10.21 -54.13 -13.70
N2 NAG QB . -11.27 -52.36 -14.93
O3 NAG QB . -14.11 -52.41 -14.83
O4 NAG QB . -15.51 -50.60 -16.55
O5 NAG QB . -12.20 -49.04 -16.30
O6 NAG QB . -13.98 -47.14 -15.97
O7 NAG QB . -11.59 -52.45 -12.71
C1 NAG RB . 9.39 -45.93 -31.11
C2 NAG RB . 8.35 -46.66 -31.96
C3 NAG RB . 8.85 -46.77 -33.39
C4 NAG RB . 9.14 -45.38 -33.92
C5 NAG RB . 10.15 -44.68 -33.03
C6 NAG RB . 10.43 -43.25 -33.44
C7 NAG RB . 7.05 -48.22 -30.56
C8 NAG RB . 6.91 -49.64 -30.10
N2 NAG RB . 8.06 -47.98 -31.41
O3 NAG RB . 7.88 -47.42 -34.19
O4 NAG RB . 9.67 -45.46 -35.25
O5 NAG RB . 9.64 -44.63 -31.68
O6 NAG RB . 11.36 -42.62 -32.56
O7 NAG RB . 6.31 -47.32 -30.17
C1 NAG SB . -10.04 -36.71 -23.59
C2 NAG SB . -9.40 -37.50 -24.71
C3 NAG SB . -9.39 -36.68 -25.98
C4 NAG SB . -10.82 -36.27 -26.33
C5 NAG SB . -11.43 -35.52 -25.16
C6 NAG SB . -12.88 -35.16 -25.39
C7 NAG SB . -7.77 -39.11 -23.81
C8 NAG SB . -6.32 -39.35 -23.51
N2 NAG SB . -8.05 -37.92 -24.36
O3 NAG SB . -8.81 -37.44 -27.05
O4 NAG SB . -10.82 -35.46 -27.49
O5 NAG SB . -11.38 -36.33 -23.97
O6 NAG SB . -13.38 -34.33 -24.35
O7 NAG SB . -8.64 -39.94 -23.56
C1 NAG TB . -23.43 -27.22 -50.98
C2 NAG TB . -22.36 -28.20 -50.53
C3 NAG TB . -21.90 -29.02 -51.72
C4 NAG TB . -23.09 -29.76 -52.31
C5 NAG TB . -24.16 -28.74 -52.71
C6 NAG TB . -25.43 -29.38 -53.23
C7 NAG TB . -21.14 -27.26 -48.62
C8 NAG TB . -19.91 -26.51 -48.17
N2 NAG TB . -21.23 -27.49 -49.93
O3 NAG TB . -20.91 -29.95 -51.30
O4 NAG TB . -22.70 -30.49 -53.46
O5 NAG TB . -24.53 -27.95 -51.57
O6 NAG TB . -25.13 -30.42 -54.15
O7 NAG TB . -22.00 -27.61 -47.82
#